data_1IVZ
#
_entry.id   1IVZ
#
_entity_poly.entity_id   1
_entity_poly.type   'polypeptide(L)'
_entity_poly.pdbx_seq_one_letter_code
;GSSGSSGSSSSQHFNLNFTITNLPYSQDIAQPSTTKYQQTKRSIENALNQLFRNSSIKSYFSDCQVLAFRSVSNNNNHTG
VDSLCNFSPLARRVDRVAIYEEFLRMTHNGTQLLNFTLDRKSVFVDSGPSSG
;
_entity_poly.pdbx_strand_id   A
#
# COMPACT_ATOMS: atom_id res chain seq x y z
N GLY A 1 25.53 31.16 -2.76
CA GLY A 1 24.89 29.85 -2.45
C GLY A 1 24.44 29.13 -3.70
N SER A 2 23.23 28.55 -3.64
CA SER A 2 22.67 27.82 -4.78
C SER A 2 23.57 26.65 -5.16
N SER A 3 23.19 25.46 -4.71
CA SER A 3 23.95 24.25 -5.00
C SER A 3 23.15 23.28 -5.86
N GLY A 4 22.29 23.84 -6.70
CA GLY A 4 21.47 23.02 -7.57
C GLY A 4 20.16 23.69 -7.95
N SER A 5 19.06 22.98 -7.79
CA SER A 5 17.74 23.51 -8.12
C SER A 5 17.68 23.93 -9.58
N SER A 6 16.98 23.14 -10.40
CA SER A 6 16.84 23.43 -11.82
C SER A 6 15.68 22.65 -12.42
N GLY A 7 14.66 22.40 -11.61
CA GLY A 7 13.49 21.66 -12.07
C GLY A 7 13.75 20.17 -12.16
N SER A 8 14.03 19.56 -11.01
CA SER A 8 14.29 18.12 -10.96
C SER A 8 13.58 17.48 -9.77
N SER A 9 13.27 16.20 -9.90
CA SER A 9 12.59 15.47 -8.84
C SER A 9 12.90 13.97 -8.91
N SER A 10 12.69 13.39 -10.08
CA SER A 10 12.94 11.97 -10.29
C SER A 10 12.08 11.12 -9.36
N SER A 11 11.98 9.83 -9.67
CA SER A 11 11.19 8.91 -8.87
C SER A 11 9.72 9.34 -8.84
N GLN A 12 8.84 8.40 -8.51
CA GLN A 12 7.41 8.67 -8.46
C GLN A 12 6.78 8.01 -7.24
N HIS A 13 5.69 8.61 -6.76
CA HIS A 13 4.98 8.08 -5.58
C HIS A 13 3.53 7.76 -5.93
N PHE A 14 3.10 6.55 -5.58
CA PHE A 14 1.73 6.12 -5.85
C PHE A 14 0.97 5.88 -4.55
N ASN A 15 -0.25 6.40 -4.46
CA ASN A 15 -1.07 6.23 -3.27
C ASN A 15 -1.71 4.85 -3.23
N LEU A 16 -1.26 4.02 -2.29
CA LEU A 16 -1.79 2.67 -2.14
C LEU A 16 -2.86 2.63 -1.06
N ASN A 17 -4.03 2.10 -1.41
CA ASN A 17 -5.14 2.01 -0.47
C ASN A 17 -5.93 0.72 -0.65
N PHE A 18 -6.33 0.12 0.47
CA PHE A 18 -7.10 -1.12 0.44
C PHE A 18 -7.45 -1.56 1.86
N THR A 19 -8.74 -1.52 2.18
CA THR A 19 -9.22 -1.90 3.51
C THR A 19 -9.07 -3.40 3.74
N ILE A 20 -8.60 -3.77 4.92
CA ILE A 20 -8.43 -5.17 5.28
C ILE A 20 -9.52 -5.63 6.25
N THR A 21 -10.48 -6.37 5.74
CA THR A 21 -11.58 -6.87 6.56
C THR A 21 -11.05 -7.68 7.75
N ASN A 22 -9.86 -8.23 7.60
CA ASN A 22 -9.24 -9.03 8.66
C ASN A 22 -8.41 -8.15 9.58
N LEU A 23 -9.02 -7.07 10.07
CA LEU A 23 -8.32 -6.15 10.97
C LEU A 23 -9.31 -5.16 11.58
N PRO A 24 -9.80 -5.44 12.81
CA PRO A 24 -10.76 -4.56 13.49
C PRO A 24 -10.12 -3.24 13.91
N TYR A 25 -10.89 -2.17 13.83
CA TYR A 25 -10.41 -0.84 14.21
C TYR A 25 -10.57 -0.60 15.70
N SER A 26 -9.57 -1.01 16.48
CA SER A 26 -9.59 -0.84 17.93
C SER A 26 -8.91 0.46 18.34
N GLN A 27 -8.93 0.75 19.64
CA GLN A 27 -8.30 1.95 20.16
C GLN A 27 -6.80 1.95 19.91
N ASP A 28 -6.21 0.76 19.92
CA ASP A 28 -4.78 0.62 19.70
C ASP A 28 -4.40 1.09 18.29
N ILE A 29 -5.19 0.68 17.30
CA ILE A 29 -4.94 1.07 15.92
C ILE A 29 -5.07 2.58 15.74
N ALA A 30 -5.70 3.25 16.70
CA ALA A 30 -5.88 4.69 16.63
C ALA A 30 -4.67 5.43 17.18
N GLN A 31 -3.95 4.78 18.10
CA GLN A 31 -2.77 5.38 18.71
C GLN A 31 -1.51 4.65 18.27
N PRO A 32 -0.56 5.37 17.63
CA PRO A 32 0.70 4.77 17.16
C PRO A 32 1.56 4.23 18.30
N SER A 33 1.20 4.57 19.53
CA SER A 33 1.94 4.11 20.71
C SER A 33 1.34 2.84 21.27
N THR A 34 0.84 1.98 20.39
CA THR A 34 0.23 0.72 20.82
C THR A 34 0.89 -0.47 20.11
N THR A 35 0.56 -1.68 20.56
CA THR A 35 1.11 -2.88 19.97
C THR A 35 0.35 -3.28 18.71
N LYS A 36 -0.98 -3.27 18.81
CA LYS A 36 -1.83 -3.63 17.68
C LYS A 36 -1.55 -2.74 16.47
N TYR A 37 -1.08 -1.53 16.74
CA TYR A 37 -0.76 -0.58 15.67
C TYR A 37 0.59 -0.89 15.04
N GLN A 38 1.64 -0.86 15.85
CA GLN A 38 2.99 -1.15 15.37
C GLN A 38 3.07 -2.52 14.72
N GLN A 39 2.43 -3.50 15.35
CA GLN A 39 2.44 -4.87 14.84
C GLN A 39 1.83 -4.92 13.44
N THR A 40 0.56 -4.53 13.34
CA THR A 40 -0.13 -4.53 12.05
C THR A 40 0.57 -3.64 11.04
N LYS A 41 1.12 -2.53 11.52
CA LYS A 41 1.83 -1.59 10.66
C LYS A 41 3.01 -2.26 9.97
N ARG A 42 3.77 -3.04 10.74
CA ARG A 42 4.93 -3.73 10.20
C ARG A 42 4.52 -5.03 9.52
N SER A 43 3.45 -5.64 10.02
CA SER A 43 2.96 -6.90 9.45
C SER A 43 2.57 -6.73 7.99
N ILE A 44 1.77 -5.70 7.71
CA ILE A 44 1.34 -5.42 6.35
C ILE A 44 2.50 -4.95 5.48
N GLU A 45 3.30 -4.03 6.01
CA GLU A 45 4.44 -3.51 5.29
C GLU A 45 5.42 -4.62 4.94
N ASN A 46 5.49 -5.64 5.80
CA ASN A 46 6.38 -6.77 5.58
C ASN A 46 5.83 -7.69 4.51
N ALA A 47 4.50 -7.87 4.51
CA ALA A 47 3.85 -8.73 3.53
C ALA A 47 3.91 -8.12 2.14
N LEU A 48 3.81 -6.79 2.06
CA LEU A 48 3.86 -6.09 0.79
C LEU A 48 5.25 -6.17 0.19
N ASN A 49 6.27 -6.20 1.04
CA ASN A 49 7.65 -6.27 0.59
C ASN A 49 7.89 -7.56 -0.21
N GLN A 50 7.70 -8.69 0.44
CA GLN A 50 7.88 -9.99 -0.22
C GLN A 50 6.95 -10.15 -1.41
N LEU A 51 5.87 -9.36 -1.43
CA LEU A 51 4.91 -9.43 -2.52
C LEU A 51 5.43 -8.72 -3.76
N PHE A 52 6.18 -7.65 -3.55
CA PHE A 52 6.75 -6.87 -4.65
C PHE A 52 7.79 -7.70 -5.41
N ARG A 53 8.76 -8.23 -4.68
CA ARG A 53 9.83 -9.02 -5.28
C ARG A 53 9.25 -10.19 -6.07
N ASN A 54 8.03 -10.61 -5.71
CA ASN A 54 7.38 -11.72 -6.39
C ASN A 54 6.47 -11.21 -7.51
N SER A 55 5.98 -9.99 -7.37
CA SER A 55 5.10 -9.39 -8.37
C SER A 55 5.80 -9.31 -9.72
N SER A 56 5.04 -8.96 -10.76
CA SER A 56 5.58 -8.85 -12.10
C SER A 56 6.51 -7.64 -12.22
N ILE A 57 6.24 -6.61 -11.42
CA ILE A 57 7.04 -5.40 -11.44
C ILE A 57 8.14 -5.46 -10.38
N LYS A 58 8.83 -6.59 -10.31
CA LYS A 58 9.91 -6.78 -9.34
C LYS A 58 11.24 -6.29 -9.90
N SER A 59 11.25 -5.03 -10.36
CA SER A 59 12.46 -4.44 -10.91
C SER A 59 12.45 -2.92 -10.74
N TYR A 60 11.32 -2.30 -11.06
CA TYR A 60 11.18 -0.86 -10.93
C TYR A 60 10.59 -0.48 -9.58
N PHE A 61 9.74 -1.36 -9.05
CA PHE A 61 9.11 -1.13 -7.75
C PHE A 61 10.11 -1.29 -6.62
N SER A 62 10.32 -0.21 -5.85
CA SER A 62 11.25 -0.24 -4.74
C SER A 62 10.61 -0.85 -3.50
N ASP A 63 9.71 -0.10 -2.87
CA ASP A 63 9.03 -0.57 -1.68
C ASP A 63 7.75 0.23 -1.43
N CYS A 64 7.10 -0.04 -0.29
CA CYS A 64 5.86 0.66 0.06
C CYS A 64 6.05 1.45 1.35
N GLN A 65 5.18 2.44 1.55
CA GLN A 65 5.24 3.26 2.75
C GLN A 65 3.88 3.32 3.45
N VAL A 66 3.72 2.55 4.52
CA VAL A 66 2.48 2.51 5.26
C VAL A 66 2.29 3.79 6.07
N LEU A 67 1.52 4.72 5.52
CA LEU A 67 1.26 5.99 6.19
C LEU A 67 0.54 5.77 7.52
N ALA A 68 -0.67 5.23 7.44
CA ALA A 68 -1.47 4.96 8.63
C ALA A 68 -2.70 4.14 8.30
N PHE A 69 -3.65 4.09 9.24
CA PHE A 69 -4.88 3.33 9.04
C PHE A 69 -6.11 4.24 9.17
N ARG A 70 -7.14 3.94 8.39
CA ARG A 70 -8.36 4.73 8.42
C ARG A 70 -9.55 3.89 8.89
N SER A 71 -10.53 4.54 9.51
CA SER A 71 -11.71 3.85 10.00
C SER A 71 -12.89 4.03 9.05
N VAL A 72 -13.15 3.03 8.22
CA VAL A 72 -14.24 3.08 7.26
C VAL A 72 -15.58 3.27 7.97
N SER A 73 -16.54 3.86 7.26
CA SER A 73 -17.86 4.09 7.81
C SER A 73 -18.72 2.83 7.72
N ASN A 74 -20.00 2.97 8.06
CA ASN A 74 -20.93 1.85 8.02
C ASN A 74 -20.61 0.83 9.11
N ASN A 75 -19.47 0.18 8.98
CA ASN A 75 -19.03 -0.82 9.95
C ASN A 75 -17.65 -0.49 10.51
N ASN A 76 -17.50 -0.64 11.81
CA ASN A 76 -16.23 -0.35 12.47
C ASN A 76 -15.43 -1.63 12.71
N ASN A 77 -15.64 -2.62 11.83
CA ASN A 77 -14.94 -3.89 11.94
C ASN A 77 -13.92 -4.05 10.81
N HIS A 78 -13.42 -2.93 10.30
CA HIS A 78 -12.45 -2.96 9.21
C HIS A 78 -11.34 -1.94 9.47
N THR A 79 -10.44 -1.81 8.50
CA THR A 79 -9.32 -0.87 8.63
C THR A 79 -8.78 -0.49 7.25
N GLY A 80 -8.78 0.80 6.96
CA GLY A 80 -8.27 1.28 5.67
C GLY A 80 -6.77 1.41 5.66
N VAL A 81 -6.11 0.60 4.86
CA VAL A 81 -4.65 0.63 4.76
C VAL A 81 -4.18 1.78 3.89
N ASP A 82 -3.51 2.75 4.50
CA ASP A 82 -3.01 3.91 3.78
C ASP A 82 -1.52 3.72 3.48
N SER A 83 -1.22 3.04 2.38
CA SER A 83 0.16 2.79 1.99
C SER A 83 0.58 3.68 0.83
N LEU A 84 1.83 3.56 0.42
CA LEU A 84 2.36 4.35 -0.68
C LEU A 84 3.23 3.51 -1.60
N CYS A 85 2.69 3.16 -2.77
CA CYS A 85 3.42 2.35 -3.74
C CYS A 85 4.61 3.13 -4.29
N ASN A 86 5.66 3.24 -3.48
CA ASN A 86 6.86 3.96 -3.88
C ASN A 86 7.61 3.21 -4.98
N PHE A 87 8.29 3.96 -5.85
CA PHE A 87 9.04 3.37 -6.94
C PHE A 87 10.47 3.92 -6.98
N SER A 88 11.26 3.42 -7.93
CA SER A 88 12.65 3.86 -8.07
C SER A 88 12.77 4.94 -9.13
N PRO A 89 13.92 5.64 -9.17
CA PRO A 89 14.16 6.71 -10.15
C PRO A 89 14.15 6.19 -11.58
N LEU A 90 14.51 4.92 -11.76
CA LEU A 90 14.55 4.30 -13.07
C LEU A 90 13.13 4.11 -13.62
N ALA A 91 12.18 3.88 -12.71
CA ALA A 91 10.79 3.67 -13.10
C ALA A 91 10.23 4.91 -13.81
N ARG A 92 9.92 4.75 -15.09
CA ARG A 92 9.37 5.84 -15.88
C ARG A 92 8.01 5.48 -16.46
N ARG A 93 7.89 4.25 -16.93
CA ARG A 93 6.64 3.77 -17.52
C ARG A 93 5.86 2.92 -16.51
N VAL A 94 5.15 3.59 -15.60
CA VAL A 94 4.37 2.90 -14.59
C VAL A 94 2.96 3.50 -14.49
N ASP A 95 1.95 2.67 -14.69
CA ASP A 95 0.57 3.12 -14.61
C ASP A 95 -0.06 2.77 -13.26
N ARG A 96 -1.22 3.34 -13.00
CA ARG A 96 -1.92 3.09 -11.73
C ARG A 96 -2.46 1.67 -11.68
N VAL A 97 -3.17 1.26 -12.72
CA VAL A 97 -3.75 -0.08 -12.81
C VAL A 97 -2.65 -1.14 -12.72
N ALA A 98 -1.44 -0.77 -13.12
CA ALA A 98 -0.31 -1.70 -13.09
C ALA A 98 -0.13 -2.31 -11.71
N ILE A 99 0.16 -1.47 -10.72
CA ILE A 99 0.36 -1.92 -9.35
C ILE A 99 -0.94 -2.47 -8.77
N TYR A 100 -2.06 -2.02 -9.32
CA TYR A 100 -3.37 -2.46 -8.86
C TYR A 100 -3.63 -3.92 -9.26
N GLU A 101 -3.27 -4.26 -10.49
CA GLU A 101 -3.45 -5.61 -11.01
C GLU A 101 -2.38 -6.55 -10.47
N GLU A 102 -1.16 -6.02 -10.34
CA GLU A 102 -0.04 -6.82 -9.85
C GLU A 102 -0.28 -7.26 -8.40
N PHE A 103 -1.01 -6.44 -7.65
CA PHE A 103 -1.31 -6.74 -6.26
C PHE A 103 -2.50 -7.68 -6.14
N LEU A 104 -3.42 -7.59 -7.10
CA LEU A 104 -4.62 -8.41 -7.10
C LEU A 104 -4.29 -9.85 -7.51
N ARG A 105 -3.30 -9.99 -8.39
CA ARG A 105 -2.90 -11.31 -8.87
C ARG A 105 -2.29 -12.14 -7.75
N MET A 106 -1.52 -11.50 -6.88
CA MET A 106 -0.89 -12.19 -5.76
C MET A 106 -1.86 -12.34 -4.59
N THR A 107 -2.83 -11.43 -4.50
CA THR A 107 -3.81 -11.48 -3.42
C THR A 107 -5.07 -12.22 -3.86
N HIS A 108 -4.95 -13.05 -4.89
CA HIS A 108 -6.09 -13.82 -5.40
C HIS A 108 -7.29 -12.90 -5.66
N ASN A 109 -7.16 -12.03 -6.66
CA ASN A 109 -8.23 -11.10 -7.00
C ASN A 109 -8.55 -10.18 -5.83
N GLY A 110 -7.54 -9.88 -5.03
CA GLY A 110 -7.73 -9.01 -3.89
C GLY A 110 -8.70 -9.58 -2.88
N THR A 111 -8.32 -10.69 -2.23
CA THR A 111 -9.17 -11.32 -1.24
C THR A 111 -8.36 -11.74 -0.02
N GLN A 112 -7.21 -12.37 -0.25
CA GLN A 112 -6.36 -12.82 0.85
C GLN A 112 -4.91 -12.39 0.63
N LEU A 113 -4.49 -11.36 1.36
CA LEU A 113 -3.13 -10.85 1.25
C LEU A 113 -2.21 -11.60 2.20
N LEU A 114 -1.65 -12.72 1.72
CA LEU A 114 -0.74 -13.53 2.53
C LEU A 114 -1.46 -14.07 3.77
N ASN A 115 -1.56 -13.23 4.81
CA ASN A 115 -2.22 -13.63 6.04
C ASN A 115 -3.18 -12.54 6.51
N PHE A 116 -3.80 -11.85 5.57
CA PHE A 116 -4.74 -10.79 5.89
C PHE A 116 -5.83 -10.68 4.82
N THR A 117 -6.99 -11.28 5.10
CA THR A 117 -8.10 -11.25 4.17
C THR A 117 -8.63 -9.84 4.01
N LEU A 118 -8.57 -9.32 2.79
CA LEU A 118 -9.06 -7.97 2.50
C LEU A 118 -9.95 -7.95 1.27
N ASP A 119 -10.78 -6.92 1.15
CA ASP A 119 -11.68 -6.78 0.03
C ASP A 119 -10.94 -6.42 -1.25
N ARG A 120 -11.65 -6.41 -2.37
CA ARG A 120 -11.06 -6.09 -3.66
C ARG A 120 -11.56 -4.73 -4.17
N LYS A 121 -12.88 -4.55 -4.15
CA LYS A 121 -13.49 -3.31 -4.61
C LYS A 121 -12.98 -2.12 -3.79
N SER A 122 -12.73 -2.35 -2.51
CA SER A 122 -12.25 -1.31 -1.63
C SER A 122 -10.86 -0.85 -2.04
N VAL A 123 -10.05 -1.79 -2.53
CA VAL A 123 -8.69 -1.47 -2.97
C VAL A 123 -8.70 -0.44 -4.09
N PHE A 124 -7.67 0.39 -4.13
CA PHE A 124 -7.55 1.42 -5.15
C PHE A 124 -6.21 2.14 -5.05
N VAL A 125 -5.57 2.36 -6.20
CA VAL A 125 -4.29 3.04 -6.23
C VAL A 125 -4.34 4.29 -7.11
N ASP A 126 -3.74 5.37 -6.63
CA ASP A 126 -3.72 6.63 -7.36
C ASP A 126 -2.35 7.27 -7.31
N SER A 127 -2.26 8.50 -7.81
CA SER A 127 -0.99 9.23 -7.81
C SER A 127 -0.95 10.26 -6.69
N GLY A 128 0.09 10.18 -5.87
CA GLY A 128 0.23 11.11 -4.76
C GLY A 128 0.51 12.52 -5.21
N PRO A 129 1.77 12.85 -5.55
CA PRO A 129 2.16 14.18 -6.00
C PRO A 129 1.53 14.54 -7.35
N SER A 130 0.54 15.41 -7.31
CA SER A 130 -0.14 15.83 -8.53
C SER A 130 -0.83 17.19 -8.34
N SER A 131 -0.29 17.99 -7.44
CA SER A 131 -0.84 19.31 -7.15
C SER A 131 -2.31 19.20 -6.73
N GLY A 132 -2.53 18.90 -5.46
CA GLY A 132 -3.89 18.79 -4.95
C GLY A 132 -3.94 18.76 -3.44
N GLY A 1 19.29 7.82 -16.23
CA GLY A 1 20.41 7.49 -15.30
C GLY A 1 21.75 7.39 -16.01
N SER A 2 22.45 8.51 -16.10
CA SER A 2 23.75 8.56 -16.76
C SER A 2 24.56 9.75 -16.27
N SER A 3 23.93 10.91 -16.23
CA SER A 3 24.59 12.14 -15.79
C SER A 3 23.57 13.20 -15.43
N GLY A 4 22.59 13.40 -16.30
CA GLY A 4 21.56 14.39 -16.05
C GLY A 4 20.70 14.04 -14.86
N SER A 5 19.46 13.62 -15.12
CA SER A 5 18.53 13.25 -14.06
C SER A 5 18.78 11.81 -13.61
N SER A 6 19.87 11.60 -12.89
CA SER A 6 20.23 10.27 -12.40
C SER A 6 19.65 10.05 -11.00
N GLY A 7 19.96 10.96 -10.08
CA GLY A 7 19.47 10.85 -8.73
C GLY A 7 18.50 11.96 -8.38
N SER A 8 18.73 12.60 -7.23
CA SER A 8 17.86 13.68 -6.78
C SER A 8 16.43 13.20 -6.59
N SER A 9 16.29 11.93 -6.22
CA SER A 9 14.96 11.34 -6.00
C SER A 9 14.13 11.40 -7.28
N SER A 10 14.49 10.56 -8.26
CA SER A 10 13.77 10.51 -9.52
C SER A 10 12.79 9.35 -9.55
N SER A 11 12.26 8.99 -8.38
CA SER A 11 11.32 7.89 -8.27
C SER A 11 9.90 8.40 -8.07
N GLN A 12 8.94 7.73 -8.70
CA GLN A 12 7.54 8.13 -8.59
C GLN A 12 6.87 7.45 -7.40
N HIS A 13 5.81 8.07 -6.89
CA HIS A 13 5.08 7.53 -5.76
C HIS A 13 3.60 7.35 -6.08
N PHE A 14 2.98 6.33 -5.50
CA PHE A 14 1.57 6.05 -5.74
C PHE A 14 0.86 5.68 -4.43
N ASN A 15 -0.22 6.38 -4.13
CA ASN A 15 -0.98 6.14 -2.91
C ASN A 15 -1.65 4.77 -2.95
N LEU A 16 -1.21 3.89 -2.04
CA LEU A 16 -1.76 2.54 -1.95
C LEU A 16 -2.85 2.48 -0.88
N ASN A 17 -4.01 1.94 -1.24
CA ASN A 17 -5.12 1.83 -0.30
C ASN A 17 -5.97 0.59 -0.58
N PHE A 18 -6.46 -0.02 0.48
CA PHE A 18 -7.31 -1.21 0.37
C PHE A 18 -7.80 -1.65 1.74
N THR A 19 -9.11 -1.53 1.96
CA THR A 19 -9.72 -1.91 3.23
C THR A 19 -9.64 -3.42 3.46
N ILE A 20 -9.18 -3.81 4.64
CA ILE A 20 -9.06 -5.22 4.99
C ILE A 20 -10.17 -5.62 5.96
N THR A 21 -10.81 -6.76 5.67
CA THR A 21 -11.89 -7.26 6.51
C THR A 21 -11.37 -8.32 7.49
N ASN A 22 -10.11 -8.20 7.87
CA ASN A 22 -9.50 -9.15 8.79
C ASN A 22 -8.94 -8.43 10.02
N LEU A 23 -8.29 -7.31 9.79
CA LEU A 23 -7.71 -6.53 10.88
C LEU A 23 -8.78 -5.71 11.59
N PRO A 24 -9.08 -6.04 12.86
CA PRO A 24 -10.09 -5.33 13.64
C PRO A 24 -9.61 -3.96 14.10
N TYR A 25 -10.22 -2.91 13.57
CA TYR A 25 -9.86 -1.54 13.93
C TYR A 25 -10.25 -1.24 15.37
N SER A 26 -9.31 -0.69 16.14
CA SER A 26 -9.57 -0.35 17.53
C SER A 26 -8.84 0.93 17.92
N GLN A 27 -8.89 1.27 19.20
CA GLN A 27 -8.24 2.47 19.70
C GLN A 27 -6.72 2.37 19.55
N ASP A 28 -6.20 1.15 19.70
CA ASP A 28 -4.76 0.92 19.58
C ASP A 28 -4.29 1.22 18.16
N ILE A 29 -4.97 0.65 17.17
CA ILE A 29 -4.61 0.87 15.78
C ILE A 29 -4.96 2.28 15.31
N ALA A 30 -5.86 2.94 16.05
CA ALA A 30 -6.28 4.29 15.72
C ALA A 30 -5.48 5.33 16.50
N GLN A 31 -4.24 4.98 16.82
CA GLN A 31 -3.36 5.89 17.56
C GLN A 31 -1.90 5.44 17.44
N PRO A 32 -1.09 6.18 16.65
CA PRO A 32 0.33 5.84 16.46
C PRO A 32 1.15 6.04 17.73
N SER A 33 0.84 5.25 18.75
CA SER A 33 1.55 5.33 20.02
C SER A 33 1.27 4.11 20.88
N THR A 34 1.03 2.97 20.24
CA THR A 34 0.74 1.73 20.95
C THR A 34 1.55 0.57 20.36
N THR A 35 1.43 -0.60 20.97
CA THR A 35 2.13 -1.79 20.50
C THR A 35 1.38 -2.46 19.37
N LYS A 36 0.06 -2.40 19.42
CA LYS A 36 -0.78 -3.01 18.40
C LYS A 36 -0.69 -2.23 17.09
N TYR A 37 -0.53 -0.92 17.20
CA TYR A 37 -0.42 -0.06 16.03
C TYR A 37 0.82 -0.40 15.20
N GLN A 38 1.99 -0.30 15.82
CA GLN A 38 3.23 -0.60 15.13
C GLN A 38 3.35 -2.08 14.81
N GLN A 39 2.72 -2.91 15.64
CA GLN A 39 2.75 -4.36 15.44
C GLN A 39 2.22 -4.73 14.05
N THR A 40 0.94 -4.47 13.83
CA THR A 40 0.31 -4.78 12.55
C THR A 40 0.87 -3.90 11.43
N LYS A 41 1.29 -2.69 11.79
CA LYS A 41 1.84 -1.76 10.81
C LYS A 41 3.06 -2.36 10.12
N ARG A 42 3.82 -3.16 10.87
CA ARG A 42 5.01 -3.80 10.32
C ARG A 42 4.66 -5.06 9.54
N SER A 43 3.60 -5.74 9.97
CA SER A 43 3.15 -6.96 9.30
C SER A 43 2.71 -6.66 7.88
N ILE A 44 1.81 -5.69 7.72
CA ILE A 44 1.32 -5.32 6.40
C ILE A 44 2.45 -4.79 5.52
N GLU A 45 3.28 -3.93 6.08
CA GLU A 45 4.40 -3.36 5.35
C GLU A 45 5.34 -4.45 4.84
N ASN A 46 5.40 -5.55 5.59
CA ASN A 46 6.26 -6.67 5.22
C ASN A 46 5.65 -7.46 4.07
N ALA A 47 4.35 -7.73 4.17
CA ALA A 47 3.64 -8.48 3.13
C ALA A 47 3.65 -7.73 1.81
N LEU A 48 3.60 -6.41 1.87
CA LEU A 48 3.59 -5.58 0.68
C LEU A 48 4.96 -5.60 0.00
N ASN A 49 6.02 -5.69 0.80
CA ASN A 49 7.38 -5.72 0.29
C ASN A 49 7.61 -6.95 -0.59
N GLN A 50 7.43 -8.13 0.01
CA GLN A 50 7.62 -9.39 -0.71
C GLN A 50 6.74 -9.45 -1.96
N LEU A 51 5.59 -8.80 -1.89
CA LEU A 51 4.65 -8.76 -3.01
C LEU A 51 5.26 -8.07 -4.21
N PHE A 52 5.90 -6.93 -3.96
CA PHE A 52 6.52 -6.16 -5.04
C PHE A 52 7.63 -6.97 -5.71
N ARG A 53 8.26 -7.85 -4.95
CA ARG A 53 9.33 -8.70 -5.47
C ARG A 53 8.78 -9.95 -6.13
N ASN A 54 7.60 -10.39 -5.69
CA ASN A 54 6.97 -11.58 -6.24
C ASN A 54 5.94 -11.22 -7.29
N SER A 55 6.12 -10.05 -7.92
CA SER A 55 5.20 -9.60 -8.97
C SER A 55 5.94 -9.35 -10.27
N SER A 56 5.17 -9.11 -11.33
CA SER A 56 5.76 -8.85 -12.65
C SER A 56 6.66 -7.62 -12.61
N ILE A 57 6.30 -6.66 -11.77
CA ILE A 57 7.08 -5.43 -11.63
C ILE A 57 8.08 -5.55 -10.48
N LYS A 58 8.79 -6.67 -10.44
CA LYS A 58 9.79 -6.90 -9.39
C LYS A 58 11.17 -6.50 -9.87
N SER A 59 11.27 -5.35 -10.52
CA SER A 59 12.54 -4.85 -11.03
C SER A 59 12.69 -3.35 -10.74
N TYR A 60 11.64 -2.59 -11.03
CA TYR A 60 11.65 -1.16 -10.81
C TYR A 60 11.11 -0.82 -9.42
N PHE A 61 10.17 -1.62 -8.93
CA PHE A 61 9.58 -1.40 -7.62
C PHE A 61 10.64 -1.47 -6.53
N SER A 62 10.61 -0.51 -5.62
CA SER A 62 11.58 -0.47 -4.51
C SER A 62 10.95 -0.98 -3.22
N ASP A 63 10.02 -0.21 -2.66
CA ASP A 63 9.35 -0.59 -1.43
C ASP A 63 8.06 0.20 -1.25
N CYS A 64 7.46 0.07 -0.07
CA CYS A 64 6.21 0.77 0.24
C CYS A 64 6.37 1.63 1.48
N GLN A 65 5.34 2.40 1.81
CA GLN A 65 5.36 3.27 2.98
C GLN A 65 3.98 3.34 3.63
N VAL A 66 3.80 2.58 4.70
CA VAL A 66 2.53 2.56 5.41
C VAL A 66 2.30 3.85 6.18
N LEU A 67 1.43 4.71 5.66
CA LEU A 67 1.13 5.99 6.29
C LEU A 67 0.32 5.78 7.57
N ALA A 68 -0.84 5.14 7.43
CA ALA A 68 -1.70 4.89 8.58
C ALA A 68 -2.92 4.06 8.18
N PHE A 69 -3.81 3.82 9.12
CA PHE A 69 -5.02 3.04 8.88
C PHE A 69 -6.26 3.90 9.04
N ARG A 70 -7.16 3.84 8.07
CA ARG A 70 -8.40 4.60 8.12
C ARG A 70 -9.42 3.93 9.03
N SER A 71 -10.37 4.72 9.53
CA SER A 71 -11.41 4.20 10.41
C SER A 71 -12.65 3.78 9.62
N VAL A 72 -13.30 2.71 10.07
CA VAL A 72 -14.49 2.21 9.41
C VAL A 72 -15.64 2.03 10.39
N SER A 73 -16.32 3.13 10.71
CA SER A 73 -17.44 3.10 11.64
C SER A 73 -18.60 2.28 11.09
N ASN A 74 -18.63 2.11 9.78
CA ASN A 74 -19.69 1.35 9.11
C ASN A 74 -19.83 -0.04 9.74
N ASN A 75 -18.74 -0.79 9.75
CA ASN A 75 -18.74 -2.14 10.30
C ASN A 75 -17.93 -2.20 11.59
N ASN A 76 -16.98 -1.29 11.74
CA ASN A 76 -16.14 -1.24 12.93
C ASN A 76 -15.34 -2.53 13.07
N ASN A 77 -15.18 -3.26 11.98
CA ASN A 77 -14.42 -4.51 11.99
C ASN A 77 -13.28 -4.47 10.99
N HIS A 78 -13.49 -3.80 9.86
CA HIS A 78 -12.47 -3.68 8.84
C HIS A 78 -11.47 -2.59 9.19
N THR A 79 -10.50 -2.38 8.31
CA THR A 79 -9.47 -1.36 8.54
C THR A 79 -8.93 -0.84 7.22
N GLY A 80 -9.20 0.44 6.92
CA GLY A 80 -8.73 1.03 5.68
C GLY A 80 -7.23 1.16 5.64
N VAL A 81 -6.59 0.47 4.69
CA VAL A 81 -5.15 0.53 4.55
C VAL A 81 -4.71 1.78 3.81
N ASP A 82 -3.66 2.43 4.31
CA ASP A 82 -3.14 3.64 3.69
C ASP A 82 -1.64 3.52 3.46
N SER A 83 -1.27 2.73 2.45
CA SER A 83 0.13 2.51 2.12
C SER A 83 0.56 3.41 0.96
N LEU A 84 1.84 3.37 0.63
CA LEU A 84 2.38 4.18 -0.45
C LEU A 84 3.27 3.34 -1.37
N CYS A 85 2.76 3.04 -2.56
CA CYS A 85 3.51 2.26 -3.54
C CYS A 85 4.75 3.02 -4.00
N ASN A 86 5.79 3.01 -3.17
CA ASN A 86 7.03 3.71 -3.49
C ASN A 86 7.84 2.94 -4.53
N PHE A 87 8.43 3.67 -5.48
CA PHE A 87 9.22 3.06 -6.53
C PHE A 87 10.66 3.60 -6.50
N SER A 88 11.51 3.02 -7.34
CA SER A 88 12.91 3.44 -7.41
C SER A 88 13.11 4.45 -8.54
N PRO A 89 14.26 5.15 -8.54
CA PRO A 89 14.58 6.15 -9.56
C PRO A 89 14.70 5.54 -10.95
N LEU A 90 15.08 4.26 -11.00
CA LEU A 90 15.23 3.56 -12.26
C LEU A 90 13.88 3.37 -12.95
N ALA A 91 12.82 3.32 -12.16
CA ALA A 91 11.47 3.15 -12.69
C ALA A 91 11.13 4.26 -13.69
N ARG A 92 10.19 3.98 -14.58
CA ARG A 92 9.77 4.96 -15.58
C ARG A 92 8.46 4.53 -16.24
N ARG A 93 7.49 5.43 -16.27
CA ARG A 93 6.20 5.16 -16.88
C ARG A 93 5.50 4.00 -16.17
N VAL A 94 5.02 4.27 -14.95
CA VAL A 94 4.33 3.25 -14.17
C VAL A 94 2.94 3.75 -13.76
N ASP A 95 1.92 3.25 -14.44
CA ASP A 95 0.54 3.63 -14.14
C ASP A 95 0.10 3.07 -12.80
N ARG A 96 -0.83 3.77 -12.15
CA ARG A 96 -1.33 3.34 -10.85
C ARG A 96 -2.09 2.02 -10.98
N VAL A 97 -2.71 1.81 -12.14
CA VAL A 97 -3.48 0.59 -12.37
C VAL A 97 -2.56 -0.63 -12.43
N ALA A 98 -1.32 -0.42 -12.84
CA ALA A 98 -0.35 -1.51 -12.93
C ALA A 98 -0.14 -2.17 -11.57
N ILE A 99 0.26 -1.37 -10.58
CA ILE A 99 0.49 -1.88 -9.25
C ILE A 99 -0.79 -2.47 -8.66
N TYR A 100 -1.93 -1.95 -9.11
CA TYR A 100 -3.23 -2.41 -8.64
C TYR A 100 -3.54 -3.80 -9.20
N GLU A 101 -3.38 -3.96 -10.51
CA GLU A 101 -3.64 -5.23 -11.17
C GLU A 101 -2.75 -6.34 -10.59
N GLU A 102 -1.45 -6.09 -10.58
CA GLU A 102 -0.49 -7.07 -10.07
C GLU A 102 -0.81 -7.46 -8.63
N PHE A 103 -1.42 -6.54 -7.89
CA PHE A 103 -1.79 -6.79 -6.51
C PHE A 103 -2.97 -7.74 -6.42
N LEU A 104 -4.00 -7.49 -7.22
CA LEU A 104 -5.19 -8.32 -7.23
C LEU A 104 -4.87 -9.76 -7.63
N ARG A 105 -4.05 -9.91 -8.67
CA ARG A 105 -3.66 -11.23 -9.14
C ARG A 105 -2.98 -12.05 -8.04
N MET A 106 -1.94 -11.48 -7.45
CA MET A 106 -1.21 -12.15 -6.38
C MET A 106 -2.07 -12.35 -5.15
N THR A 107 -3.06 -11.47 -4.96
CA THR A 107 -3.96 -11.57 -3.82
C THR A 107 -5.24 -12.34 -4.18
N HIS A 108 -5.18 -13.12 -5.24
CA HIS A 108 -6.33 -13.91 -5.69
C HIS A 108 -7.56 -13.02 -5.84
N ASN A 109 -7.55 -12.17 -6.86
CA ASN A 109 -8.68 -11.27 -7.12
C ASN A 109 -8.95 -10.36 -5.93
N GLY A 110 -7.87 -9.97 -5.23
CA GLY A 110 -8.01 -9.11 -4.08
C GLY A 110 -8.92 -9.70 -3.02
N THR A 111 -8.55 -10.85 -2.48
CA THR A 111 -9.34 -11.52 -1.45
C THR A 111 -8.50 -11.85 -0.23
N GLN A 112 -7.29 -12.37 -0.48
CA GLN A 112 -6.38 -12.74 0.60
C GLN A 112 -4.95 -12.35 0.27
N LEU A 113 -4.43 -11.37 1.00
CA LEU A 113 -3.07 -10.91 0.78
C LEU A 113 -2.10 -11.59 1.76
N LEU A 114 -1.46 -12.66 1.29
CA LEU A 114 -0.52 -13.41 2.11
C LEU A 114 -1.22 -14.01 3.34
N ASN A 115 -1.45 -13.18 4.35
CA ASN A 115 -2.12 -13.64 5.57
C ASN A 115 -3.06 -12.57 6.11
N PHE A 116 -3.74 -11.88 5.20
CA PHE A 116 -4.68 -10.83 5.57
C PHE A 116 -5.83 -10.74 4.59
N THR A 117 -6.92 -11.44 4.89
CA THR A 117 -8.10 -11.43 4.02
C THR A 117 -8.66 -10.02 3.87
N LEU A 118 -8.64 -9.51 2.64
CA LEU A 118 -9.16 -8.17 2.37
C LEU A 118 -10.04 -8.17 1.14
N ASP A 119 -10.88 -7.14 1.01
CA ASP A 119 -11.78 -7.02 -0.12
C ASP A 119 -11.07 -6.47 -1.35
N ARG A 120 -11.67 -6.69 -2.52
CA ARG A 120 -11.09 -6.21 -3.77
C ARG A 120 -11.76 -4.92 -4.21
N LYS A 121 -13.04 -4.78 -3.91
CA LYS A 121 -13.79 -3.59 -4.27
C LYS A 121 -13.28 -2.36 -3.52
N SER A 122 -12.62 -2.60 -2.39
CA SER A 122 -12.08 -1.50 -1.58
C SER A 122 -10.66 -1.13 -2.03
N VAL A 123 -9.93 -2.11 -2.53
CA VAL A 123 -8.56 -1.89 -2.99
C VAL A 123 -8.52 -0.86 -4.10
N PHE A 124 -7.53 0.03 -4.06
CA PHE A 124 -7.39 1.06 -5.06
C PHE A 124 -6.09 1.85 -4.87
N VAL A 125 -5.55 2.39 -5.95
CA VAL A 125 -4.32 3.15 -5.90
C VAL A 125 -4.34 4.30 -6.90
N ASP A 126 -4.08 5.51 -6.41
CA ASP A 126 -4.07 6.70 -7.26
C ASP A 126 -2.80 7.52 -7.03
N SER A 127 -2.66 8.60 -7.80
CA SER A 127 -1.50 9.47 -7.68
C SER A 127 -1.34 9.99 -6.26
N GLY A 128 -0.39 9.41 -5.53
CA GLY A 128 -0.15 9.84 -4.15
C GLY A 128 0.47 11.22 -4.06
N PRO A 129 1.67 11.42 -4.63
CA PRO A 129 2.35 12.70 -4.60
C PRO A 129 1.55 13.81 -5.28
N SER A 130 1.04 14.75 -4.48
CA SER A 130 0.26 15.86 -5.00
C SER A 130 -0.12 16.83 -3.89
N SER A 131 -0.46 16.29 -2.73
CA SER A 131 -0.84 17.11 -1.59
C SER A 131 0.33 17.99 -1.14
N GLY A 132 0.18 18.60 0.03
CA GLY A 132 1.24 19.46 0.55
C GLY A 132 1.55 19.17 2.01
N GLY A 1 26.16 20.44 2.19
CA GLY A 1 25.02 21.17 1.57
C GLY A 1 23.68 20.79 2.20
N SER A 2 22.78 21.75 2.30
CA SER A 2 21.46 21.52 2.88
C SER A 2 20.39 21.50 1.80
N SER A 3 20.76 21.04 0.60
CA SER A 3 19.82 20.96 -0.50
C SER A 3 18.85 19.80 -0.33
N GLY A 4 17.56 20.13 -0.28
CA GLY A 4 16.55 19.10 -0.11
C GLY A 4 15.71 18.89 -1.36
N SER A 5 15.10 19.97 -1.84
CA SER A 5 14.26 19.90 -3.04
C SER A 5 15.11 20.03 -4.29
N SER A 6 15.58 18.89 -4.81
CA SER A 6 16.40 18.88 -6.01
C SER A 6 16.11 17.64 -6.85
N GLY A 7 15.42 17.83 -7.97
CA GLY A 7 15.10 16.72 -8.84
C GLY A 7 13.63 16.34 -8.78
N SER A 8 12.78 17.20 -9.32
CA SER A 8 11.34 16.96 -9.32
C SER A 8 10.95 16.02 -10.47
N SER A 9 11.69 16.09 -11.57
CA SER A 9 11.43 15.25 -12.72
C SER A 9 12.12 13.90 -12.59
N SER A 10 11.81 13.19 -11.51
CA SER A 10 12.41 11.88 -11.27
C SER A 10 11.57 11.08 -10.26
N SER A 11 11.53 9.77 -10.46
CA SER A 11 10.76 8.89 -9.58
C SER A 11 9.28 9.26 -9.61
N GLN A 12 8.43 8.32 -9.17
CA GLN A 12 7.00 8.54 -9.14
C GLN A 12 6.37 7.88 -7.93
N HIS A 13 5.21 8.39 -7.50
CA HIS A 13 4.51 7.83 -6.35
C HIS A 13 3.12 7.35 -6.74
N PHE A 14 2.68 6.27 -6.12
CA PHE A 14 1.36 5.69 -6.41
C PHE A 14 0.58 5.46 -5.12
N ASN A 15 -0.37 6.35 -4.83
CA ASN A 15 -1.19 6.24 -3.62
C ASN A 15 -1.85 4.87 -3.53
N LEU A 16 -1.43 4.08 -2.55
CA LEU A 16 -1.99 2.76 -2.33
C LEU A 16 -3.08 2.78 -1.27
N ASN A 17 -4.24 2.22 -1.58
CA ASN A 17 -5.35 2.20 -0.63
C ASN A 17 -6.15 0.91 -0.76
N PHE A 18 -6.51 0.32 0.38
CA PHE A 18 -7.28 -0.92 0.41
C PHE A 18 -7.60 -1.32 1.85
N THR A 19 -8.89 -1.34 2.17
CA THR A 19 -9.32 -1.71 3.52
C THR A 19 -9.24 -3.22 3.73
N ILE A 20 -8.79 -3.62 4.92
CA ILE A 20 -8.68 -5.04 5.26
C ILE A 20 -9.79 -5.46 6.21
N THR A 21 -10.81 -6.11 5.67
CA THR A 21 -11.94 -6.58 6.47
C THR A 21 -11.47 -7.52 7.58
N ASN A 22 -10.37 -8.22 7.33
CA ASN A 22 -9.83 -9.16 8.31
C ASN A 22 -9.17 -8.43 9.47
N LEU A 23 -8.52 -7.30 9.17
CA LEU A 23 -7.86 -6.51 10.20
C LEU A 23 -8.82 -5.50 10.81
N PRO A 24 -9.21 -5.71 12.08
CA PRO A 24 -10.14 -4.80 12.77
C PRO A 24 -9.47 -3.51 13.21
N TYR A 25 -10.26 -2.57 13.74
CA TYR A 25 -9.73 -1.29 14.20
C TYR A 25 -10.09 -1.05 15.66
N SER A 26 -9.11 -1.29 16.54
CA SER A 26 -9.33 -1.10 17.97
C SER A 26 -8.72 0.23 18.44
N GLN A 27 -8.85 0.51 19.72
CA GLN A 27 -8.31 1.74 20.29
C GLN A 27 -6.78 1.75 20.25
N ASP A 28 -6.19 0.56 20.34
CA ASP A 28 -4.74 0.42 20.29
C ASP A 28 -4.17 0.99 19.00
N ILE A 29 -4.82 0.68 17.89
CA ILE A 29 -4.38 1.16 16.58
C ILE A 29 -4.46 2.68 16.50
N ALA A 30 -5.22 3.29 17.40
CA ALA A 30 -5.37 4.74 17.42
C ALA A 30 -4.19 5.41 18.14
N GLN A 31 -3.49 4.64 18.96
CA GLN A 31 -2.35 5.16 19.71
C GLN A 31 -1.08 4.36 19.42
N PRO A 32 -0.11 4.95 18.71
CA PRO A 32 1.14 4.28 18.37
C PRO A 32 1.85 3.73 19.61
N SER A 33 1.58 4.32 20.76
CA SER A 33 2.18 3.89 22.02
C SER A 33 1.92 2.41 22.27
N THR A 34 0.78 1.92 21.79
CA THR A 34 0.41 0.52 21.96
C THR A 34 1.20 -0.37 21.00
N THR A 35 1.18 -1.67 21.27
CA THR A 35 1.88 -2.64 20.42
C THR A 35 1.05 -3.01 19.20
N LYS A 36 -0.27 -3.00 19.37
CA LYS A 36 -1.18 -3.34 18.28
C LYS A 36 -0.93 -2.47 17.06
N TYR A 37 -0.47 -1.24 17.29
CA TYR A 37 -0.19 -0.31 16.22
C TYR A 37 1.10 -0.68 15.49
N GLN A 38 2.15 -0.92 16.26
CA GLN A 38 3.45 -1.29 15.69
C GLN A 38 3.40 -2.67 15.07
N GLN A 39 2.73 -3.60 15.74
CA GLN A 39 2.61 -4.97 15.24
C GLN A 39 1.93 -5.00 13.88
N THR A 40 0.69 -4.51 13.83
CA THR A 40 -0.07 -4.48 12.59
C THR A 40 0.63 -3.63 11.53
N LYS A 41 1.08 -2.44 11.95
CA LYS A 41 1.78 -1.54 11.03
C LYS A 41 3.00 -2.21 10.42
N ARG A 42 3.69 -3.01 11.22
CA ARG A 42 4.88 -3.71 10.75
C ARG A 42 4.51 -4.98 9.99
N SER A 43 3.39 -5.57 10.35
CA SER A 43 2.92 -6.79 9.70
C SER A 43 2.49 -6.52 8.26
N ILE A 44 1.60 -5.55 8.09
CA ILE A 44 1.11 -5.19 6.76
C ILE A 44 2.24 -4.70 5.87
N GLU A 45 3.11 -3.86 6.43
CA GLU A 45 4.23 -3.33 5.68
C GLU A 45 5.16 -4.45 5.20
N ASN A 46 5.21 -5.53 5.95
CA ASN A 46 6.05 -6.67 5.61
C ASN A 46 5.42 -7.48 4.49
N ALA A 47 4.12 -7.75 4.61
CA ALA A 47 3.40 -8.52 3.60
C ALA A 47 3.48 -7.85 2.23
N LEU A 48 3.37 -6.53 2.22
CA LEU A 48 3.42 -5.77 0.98
C LEU A 48 4.83 -5.82 0.37
N ASN A 49 5.83 -5.84 1.24
CA ASN A 49 7.23 -5.89 0.80
C ASN A 49 7.49 -7.14 -0.03
N GLN A 50 7.02 -8.28 0.45
CA GLN A 50 7.20 -9.55 -0.23
C GLN A 50 6.48 -9.54 -1.58
N LEU A 51 5.19 -9.21 -1.55
CA LEU A 51 4.39 -9.17 -2.77
C LEU A 51 5.08 -8.37 -3.87
N PHE A 52 5.79 -7.32 -3.48
CA PHE A 52 6.50 -6.48 -4.44
C PHE A 52 7.56 -7.28 -5.19
N ARG A 53 8.53 -7.80 -4.45
CA ARG A 53 9.61 -8.58 -5.06
C ARG A 53 9.06 -9.77 -5.84
N ASN A 54 7.89 -10.24 -5.45
CA ASN A 54 7.26 -11.37 -6.13
C ASN A 54 6.56 -10.92 -7.41
N SER A 55 6.10 -9.69 -7.43
CA SER A 55 5.42 -9.14 -8.60
C SER A 55 6.34 -9.14 -9.82
N SER A 56 5.76 -8.94 -10.99
CA SER A 56 6.52 -8.92 -12.23
C SER A 56 7.46 -7.72 -12.27
N ILE A 57 7.07 -6.66 -11.58
CA ILE A 57 7.88 -5.44 -11.54
C ILE A 57 8.81 -5.44 -10.33
N LYS A 58 9.48 -6.57 -10.10
CA LYS A 58 10.40 -6.71 -8.98
C LYS A 58 11.79 -6.20 -9.36
N SER A 59 11.86 -4.96 -9.81
CA SER A 59 13.13 -4.35 -10.21
C SER A 59 13.08 -2.84 -10.05
N TYR A 60 12.01 -2.23 -10.55
CA TYR A 60 11.84 -0.79 -10.48
C TYR A 60 11.19 -0.39 -9.16
N PHE A 61 10.35 -1.28 -8.63
CA PHE A 61 9.65 -1.02 -7.38
C PHE A 61 10.64 -0.84 -6.22
N SER A 62 10.62 0.32 -5.60
CA SER A 62 11.51 0.62 -4.49
C SER A 62 10.94 0.09 -3.18
N ASP A 63 9.80 0.63 -2.78
CA ASP A 63 9.14 0.21 -1.54
C ASP A 63 7.83 0.94 -1.34
N CYS A 64 7.16 0.64 -0.23
CA CYS A 64 5.87 1.27 0.07
C CYS A 64 5.96 2.08 1.36
N GLN A 65 4.97 2.94 1.59
CA GLN A 65 4.93 3.77 2.79
C GLN A 65 3.53 3.82 3.37
N VAL A 66 3.34 3.16 4.50
CA VAL A 66 2.04 3.14 5.16
C VAL A 66 1.76 4.45 5.88
N LEU A 67 0.99 5.32 5.23
CA LEU A 67 0.66 6.62 5.80
C LEU A 67 -0.06 6.46 7.14
N ALA A 68 -1.19 5.75 7.11
CA ALA A 68 -1.97 5.52 8.32
C ALA A 68 -3.12 4.55 8.05
N PHE A 69 -3.87 4.23 9.10
CA PHE A 69 -5.00 3.32 8.98
C PHE A 69 -6.32 4.08 9.08
N ARG A 70 -7.33 3.61 8.36
CA ARG A 70 -8.65 4.24 8.37
C ARG A 70 -9.59 3.52 9.33
N SER A 71 -10.26 4.29 10.18
CA SER A 71 -11.19 3.72 11.15
C SER A 71 -12.57 3.54 10.53
N VAL A 72 -13.12 2.34 10.67
CA VAL A 72 -14.44 2.03 10.12
C VAL A 72 -15.48 1.91 11.23
N SER A 73 -16.67 2.46 10.99
CA SER A 73 -17.74 2.41 11.97
C SER A 73 -18.88 1.50 11.49
N ASN A 74 -19.00 1.33 10.18
CA ASN A 74 -20.03 0.50 9.59
C ASN A 74 -19.99 -0.91 10.19
N ASN A 75 -18.95 -1.66 9.86
CA ASN A 75 -18.79 -3.02 10.35
C ASN A 75 -18.04 -3.04 11.69
N ASN A 76 -17.17 -2.05 11.88
CA ASN A 76 -16.39 -1.95 13.11
C ASN A 76 -15.47 -3.15 13.27
N ASN A 77 -15.07 -3.75 12.14
CA ASN A 77 -14.20 -4.91 12.16
C ASN A 77 -13.20 -4.87 11.00
N HIS A 78 -13.03 -3.70 10.41
CA HIS A 78 -12.12 -3.52 9.28
C HIS A 78 -11.06 -2.46 9.59
N THR A 79 -10.22 -2.15 8.62
CA THR A 79 -9.17 -1.16 8.79
C THR A 79 -8.61 -0.71 7.45
N GLY A 80 -8.77 0.57 7.15
CA GLY A 80 -8.28 1.11 5.90
C GLY A 80 -6.76 1.10 5.83
N VAL A 81 -6.21 0.77 4.67
CA VAL A 81 -4.76 0.72 4.49
C VAL A 81 -4.28 1.81 3.55
N ASP A 82 -4.00 2.99 4.11
CA ASP A 82 -3.52 4.12 3.31
C ASP A 82 -2.01 4.03 3.13
N SER A 83 -1.59 3.28 2.11
CA SER A 83 -0.17 3.11 1.82
C SER A 83 0.25 3.95 0.62
N LEU A 84 1.51 3.81 0.23
CA LEU A 84 2.05 4.57 -0.90
C LEU A 84 2.98 3.70 -1.75
N CYS A 85 2.47 3.21 -2.88
CA CYS A 85 3.26 2.38 -3.77
C CYS A 85 4.37 3.20 -4.41
N ASN A 86 5.41 3.49 -3.63
CA ASN A 86 6.54 4.27 -4.13
C ASN A 86 7.36 3.49 -5.14
N PHE A 87 8.06 4.21 -6.01
CA PHE A 87 8.89 3.58 -7.04
C PHE A 87 10.21 4.32 -7.19
N SER A 88 11.24 3.60 -7.64
CA SER A 88 12.56 4.19 -7.84
C SER A 88 12.60 5.03 -9.12
N PRO A 89 13.65 5.84 -9.30
CA PRO A 89 13.80 6.69 -10.48
C PRO A 89 14.04 5.88 -11.75
N LEU A 90 14.61 4.70 -11.59
CA LEU A 90 14.90 3.84 -12.73
C LEU A 90 13.62 3.47 -13.47
N ALA A 91 12.51 3.43 -12.74
CA ALA A 91 11.23 3.10 -13.35
C ALA A 91 10.88 4.06 -14.48
N ARG A 92 9.88 3.70 -15.27
CA ARG A 92 9.46 4.53 -16.39
C ARG A 92 8.15 4.02 -16.99
N ARG A 93 7.17 4.91 -17.09
CA ARG A 93 5.87 4.56 -17.66
C ARG A 93 5.18 3.49 -16.81
N VAL A 94 5.21 3.67 -15.50
CA VAL A 94 4.59 2.72 -14.58
C VAL A 94 3.10 3.03 -14.40
N ASP A 95 2.27 2.43 -15.25
CA ASP A 95 0.83 2.64 -15.19
C ASP A 95 0.27 2.11 -13.87
N ARG A 96 -0.79 2.76 -13.39
CA ARG A 96 -1.43 2.36 -12.13
C ARG A 96 -1.91 0.91 -12.21
N VAL A 97 -2.33 0.50 -13.41
CA VAL A 97 -2.83 -0.86 -13.62
C VAL A 97 -1.76 -1.89 -13.28
N ALA A 98 -0.49 -1.50 -13.39
CA ALA A 98 0.61 -2.40 -13.09
C ALA A 98 0.55 -2.89 -11.64
N ILE A 99 0.65 -1.95 -10.71
CA ILE A 99 0.60 -2.28 -9.29
C ILE A 99 -0.77 -2.78 -8.88
N TYR A 100 -1.79 -2.37 -9.64
CA TYR A 100 -3.16 -2.77 -9.36
C TYR A 100 -3.40 -4.23 -9.77
N GLU A 101 -2.88 -4.60 -10.94
CA GLU A 101 -3.04 -5.95 -11.45
C GLU A 101 -2.12 -6.93 -10.71
N GLU A 102 -0.83 -6.61 -10.67
CA GLU A 102 0.15 -7.47 -10.00
C GLU A 102 -0.25 -7.73 -8.55
N PHE A 103 -0.95 -6.76 -7.95
CA PHE A 103 -1.39 -6.88 -6.56
C PHE A 103 -2.63 -7.77 -6.46
N LEU A 104 -3.59 -7.55 -7.35
CA LEU A 104 -4.83 -8.32 -7.36
C LEU A 104 -4.55 -9.81 -7.57
N ARG A 105 -3.82 -10.12 -8.63
CA ARG A 105 -3.49 -11.49 -8.96
C ARG A 105 -2.82 -12.20 -7.79
N MET A 106 -1.88 -11.51 -7.14
CA MET A 106 -1.17 -12.08 -6.00
C MET A 106 -2.06 -12.17 -4.78
N THR A 107 -3.04 -11.27 -4.69
CA THR A 107 -3.96 -11.27 -3.56
C THR A 107 -5.21 -12.09 -3.84
N HIS A 108 -5.15 -12.91 -4.90
CA HIS A 108 -6.29 -13.75 -5.27
C HIS A 108 -7.54 -12.92 -5.51
N ASN A 109 -7.62 -12.29 -6.68
CA ASN A 109 -8.77 -11.47 -7.03
C ASN A 109 -8.98 -10.34 -6.02
N GLY A 110 -7.89 -9.90 -5.40
CA GLY A 110 -7.98 -8.82 -4.42
C GLY A 110 -8.93 -9.16 -3.29
N THR A 111 -8.90 -10.39 -2.82
CA THR A 111 -9.77 -10.82 -1.73
C THR A 111 -8.96 -11.31 -0.53
N GLN A 112 -7.79 -11.90 -0.79
CA GLN A 112 -6.94 -12.40 0.27
C GLN A 112 -5.49 -11.99 0.06
N LEU A 113 -4.97 -11.16 0.97
CA LEU A 113 -3.59 -10.69 0.89
C LEU A 113 -2.69 -11.52 1.81
N LEU A 114 -2.03 -12.52 1.24
CA LEU A 114 -1.13 -13.38 2.01
C LEU A 114 -1.90 -14.14 3.10
N ASN A 115 -2.17 -13.45 4.20
CA ASN A 115 -2.90 -14.05 5.31
C ASN A 115 -3.89 -13.06 5.91
N PHE A 116 -4.40 -12.17 5.07
CA PHE A 116 -5.35 -11.16 5.52
C PHE A 116 -6.41 -10.91 4.44
N THR A 117 -7.62 -11.39 4.70
CA THR A 117 -8.73 -11.21 3.75
C THR A 117 -9.19 -9.76 3.72
N LEU A 118 -8.98 -9.11 2.58
CA LEU A 118 -9.38 -7.71 2.42
C LEU A 118 -10.30 -7.54 1.22
N ASP A 119 -11.05 -6.44 1.21
CA ASP A 119 -11.97 -6.16 0.12
C ASP A 119 -11.22 -5.92 -1.19
N ARG A 120 -11.92 -6.12 -2.31
CA ARG A 120 -11.31 -5.93 -3.62
C ARG A 120 -11.63 -4.54 -4.17
N LYS A 121 -12.91 -4.18 -4.17
CA LYS A 121 -13.35 -2.89 -4.67
C LYS A 121 -12.66 -1.76 -3.92
N SER A 122 -12.31 -2.01 -2.66
CA SER A 122 -11.64 -1.01 -1.84
C SER A 122 -10.23 -0.73 -2.36
N VAL A 123 -9.62 -1.75 -2.95
CA VAL A 123 -8.27 -1.61 -3.50
C VAL A 123 -8.25 -0.60 -4.65
N PHE A 124 -7.40 0.41 -4.51
CA PHE A 124 -7.29 1.45 -5.54
C PHE A 124 -5.90 2.10 -5.49
N VAL A 125 -5.25 2.14 -6.64
CA VAL A 125 -3.92 2.74 -6.73
C VAL A 125 -3.89 3.89 -7.74
N ASP A 126 -3.76 5.11 -7.23
CA ASP A 126 -3.74 6.29 -8.09
C ASP A 126 -2.38 6.98 -8.01
N SER A 127 -2.05 7.74 -9.06
CA SER A 127 -0.78 8.46 -9.11
C SER A 127 -0.72 9.54 -8.04
N GLY A 128 -0.10 9.21 -6.91
CA GLY A 128 0.01 10.17 -5.82
C GLY A 128 -1.33 10.65 -5.32
N PRO A 129 -1.35 11.56 -4.33
CA PRO A 129 -2.59 12.09 -3.77
C PRO A 129 -3.23 13.16 -4.66
N SER A 130 -4.52 13.39 -4.45
CA SER A 130 -5.24 14.39 -5.24
C SER A 130 -5.19 14.06 -6.72
N SER A 131 -6.25 13.44 -7.23
CA SER A 131 -6.32 13.08 -8.64
C SER A 131 -7.65 13.53 -9.25
N GLY A 132 -8.74 13.25 -8.55
CA GLY A 132 -10.05 13.62 -9.02
C GLY A 132 -11.08 12.52 -8.84
N GLY A 1 7.93 33.93 -9.11
CA GLY A 1 7.51 32.70 -8.37
C GLY A 1 8.70 31.82 -8.00
N SER A 2 8.63 30.56 -8.42
CA SER A 2 9.69 29.61 -8.13
C SER A 2 10.62 29.45 -9.34
N SER A 3 11.90 29.72 -9.13
CA SER A 3 12.89 29.61 -10.20
C SER A 3 13.22 28.15 -10.49
N GLY A 4 12.55 27.58 -11.49
CA GLY A 4 12.79 26.19 -11.85
C GLY A 4 12.11 25.22 -10.90
N SER A 5 11.04 24.60 -11.36
CA SER A 5 10.29 23.65 -10.54
C SER A 5 9.96 22.39 -11.34
N SER A 6 9.46 22.58 -12.56
CA SER A 6 9.10 21.46 -13.42
C SER A 6 10.29 20.53 -13.64
N GLY A 7 10.17 19.30 -13.16
CA GLY A 7 11.25 18.33 -13.32
C GLY A 7 11.91 17.99 -12.00
N SER A 8 11.15 18.10 -10.91
CA SER A 8 11.67 17.80 -9.58
C SER A 8 11.78 16.30 -9.37
N SER A 9 12.97 15.83 -9.02
CA SER A 9 13.20 14.42 -8.79
C SER A 9 12.91 13.61 -10.05
N SER A 10 13.04 12.29 -9.93
CA SER A 10 12.79 11.40 -11.07
C SER A 10 12.14 10.11 -10.61
N SER A 11 11.35 10.19 -9.54
CA SER A 11 10.67 9.02 -9.00
C SER A 11 9.16 9.13 -9.20
N GLN A 12 8.45 8.06 -8.84
CA GLN A 12 6.99 8.04 -8.99
C GLN A 12 6.33 7.48 -7.73
N HIS A 13 5.22 8.10 -7.32
CA HIS A 13 4.50 7.67 -6.13
C HIS A 13 3.03 7.40 -6.46
N PHE A 14 2.53 6.26 -6.01
CA PHE A 14 1.14 5.88 -6.26
C PHE A 14 0.43 5.58 -4.95
N ASN A 15 -0.53 6.41 -4.59
CA ASN A 15 -1.30 6.23 -3.36
C ASN A 15 -1.96 4.85 -3.32
N LEU A 16 -1.54 4.03 -2.37
CA LEU A 16 -2.08 2.69 -2.22
C LEU A 16 -3.12 2.64 -1.10
N ASN A 17 -4.34 2.26 -1.43
CA ASN A 17 -5.41 2.19 -0.45
C ASN A 17 -6.24 0.91 -0.62
N PHE A 18 -6.60 0.30 0.50
CA PHE A 18 -7.39 -0.92 0.50
C PHE A 18 -7.71 -1.36 1.92
N THR A 19 -8.99 -1.34 2.28
CA THR A 19 -9.41 -1.74 3.62
C THR A 19 -9.32 -3.26 3.81
N ILE A 20 -8.82 -3.67 4.96
CA ILE A 20 -8.68 -5.09 5.27
C ILE A 20 -9.78 -5.55 6.21
N THR A 21 -10.79 -6.23 5.64
CA THR A 21 -11.92 -6.73 6.43
C THR A 21 -11.44 -7.61 7.58
N ASN A 22 -10.29 -8.25 7.39
CA ASN A 22 -9.73 -9.12 8.41
C ASN A 22 -8.76 -8.37 9.32
N LEU A 23 -9.20 -7.21 9.82
CA LEU A 23 -8.38 -6.40 10.69
C LEU A 23 -9.23 -5.40 11.48
N PRO A 24 -9.74 -5.82 12.65
CA PRO A 24 -10.57 -4.95 13.49
C PRO A 24 -9.89 -3.63 13.81
N TYR A 25 -10.70 -2.59 14.02
CA TYR A 25 -10.18 -1.26 14.32
C TYR A 25 -10.44 -0.90 15.79
N SER A 26 -9.36 -0.75 16.55
CA SER A 26 -9.47 -0.41 17.96
C SER A 26 -8.62 0.82 18.29
N GLN A 27 -8.71 1.27 19.54
CA GLN A 27 -7.96 2.44 19.98
C GLN A 27 -6.46 2.22 19.82
N ASP A 28 -6.04 0.96 19.90
CA ASP A 28 -4.63 0.61 19.76
C ASP A 28 -4.08 1.08 18.41
N ILE A 29 -4.81 0.78 17.34
CA ILE A 29 -4.40 1.17 16.00
C ILE A 29 -4.47 2.68 15.82
N ALA A 30 -5.15 3.36 16.74
CA ALA A 30 -5.28 4.82 16.67
C ALA A 30 -4.17 5.51 17.44
N GLN A 31 -3.59 4.81 18.41
CA GLN A 31 -2.52 5.37 19.23
C GLN A 31 -1.19 4.68 18.92
N PRO A 32 -0.27 5.39 18.25
CA PRO A 32 1.05 4.84 17.88
C PRO A 32 1.93 4.61 19.11
N SER A 33 1.47 3.73 19.99
CA SER A 33 2.20 3.41 21.22
C SER A 33 2.04 1.94 21.57
N THR A 34 0.82 1.42 21.42
CA THR A 34 0.54 0.02 21.73
C THR A 34 1.27 -0.90 20.77
N THR A 35 1.11 -2.20 20.98
CA THR A 35 1.77 -3.19 20.14
C THR A 35 0.96 -3.45 18.87
N LYS A 36 -0.36 -3.32 18.99
CA LYS A 36 -1.26 -3.53 17.85
C LYS A 36 -0.93 -2.57 16.71
N TYR A 37 -0.57 -1.34 17.06
CA TYR A 37 -0.24 -0.33 16.06
C TYR A 37 1.12 -0.62 15.42
N GLN A 38 2.06 -1.08 16.23
CA GLN A 38 3.40 -1.41 15.74
C GLN A 38 3.41 -2.75 15.02
N GLN A 39 2.54 -3.65 15.45
CA GLN A 39 2.46 -4.98 14.85
C GLN A 39 1.88 -4.89 13.44
N THR A 40 0.69 -4.31 13.31
CA THR A 40 0.04 -4.17 12.01
C THR A 40 0.92 -3.39 11.04
N LYS A 41 1.45 -2.27 11.50
CA LYS A 41 2.30 -1.42 10.67
C LYS A 41 3.50 -2.21 10.15
N ARG A 42 4.03 -3.10 10.97
CA ARG A 42 5.19 -3.91 10.61
C ARG A 42 4.75 -5.12 9.79
N SER A 43 3.61 -5.70 10.15
CA SER A 43 3.09 -6.86 9.45
C SER A 43 2.79 -6.55 7.99
N ILE A 44 1.99 -5.50 7.77
CA ILE A 44 1.63 -5.09 6.43
C ILE A 44 2.86 -4.69 5.62
N GLU A 45 3.75 -3.93 6.25
CA GLU A 45 4.98 -3.48 5.59
C GLU A 45 5.81 -4.67 5.14
N ASN A 46 5.74 -5.76 5.91
CA ASN A 46 6.49 -6.97 5.59
C ASN A 46 5.81 -7.75 4.47
N ALA A 47 4.49 -7.83 4.53
CA ALA A 47 3.71 -8.56 3.54
C ALA A 47 3.82 -7.87 2.17
N LEU A 48 3.92 -6.55 2.18
CA LEU A 48 4.02 -5.78 0.95
C LEU A 48 5.41 -5.93 0.33
N ASN A 49 6.42 -6.10 1.19
CA ASN A 49 7.79 -6.25 0.73
C ASN A 49 7.94 -7.46 -0.17
N GLN A 50 7.59 -8.63 0.36
CA GLN A 50 7.68 -9.87 -0.41
C GLN A 50 6.79 -9.81 -1.64
N LEU A 51 5.68 -9.08 -1.54
CA LEU A 51 4.75 -8.95 -2.66
C LEU A 51 5.43 -8.30 -3.85
N PHE A 52 6.23 -7.27 -3.59
CA PHE A 52 6.93 -6.56 -4.65
C PHE A 52 8.03 -7.43 -5.26
N ARG A 53 8.63 -8.28 -4.43
CA ARG A 53 9.70 -9.17 -4.89
C ARG A 53 9.13 -10.33 -5.70
N ASN A 54 7.88 -10.69 -5.42
CA ASN A 54 7.22 -11.79 -6.13
C ASN A 54 6.38 -11.26 -7.29
N SER A 55 5.93 -10.02 -7.18
CA SER A 55 5.11 -9.40 -8.21
C SER A 55 5.81 -9.47 -9.57
N SER A 56 5.07 -9.14 -10.63
CA SER A 56 5.61 -9.16 -11.97
C SER A 56 6.60 -8.00 -12.18
N ILE A 57 6.37 -6.90 -11.48
CA ILE A 57 7.22 -5.73 -11.58
C ILE A 57 8.22 -5.68 -10.42
N LYS A 58 8.87 -6.79 -10.16
CA LYS A 58 9.85 -6.88 -9.08
C LYS A 58 11.22 -6.40 -9.55
N SER A 59 11.28 -5.17 -10.05
CA SER A 59 12.53 -4.60 -10.52
C SER A 59 12.59 -3.10 -10.23
N TYR A 60 11.52 -2.39 -10.54
CA TYR A 60 11.45 -0.95 -10.31
C TYR A 60 10.54 -0.62 -9.13
N PHE A 61 10.37 -1.59 -8.23
CA PHE A 61 9.52 -1.40 -7.05
C PHE A 61 10.36 -1.33 -5.79
N SER A 62 10.50 -0.13 -5.24
CA SER A 62 11.27 0.07 -4.02
C SER A 62 10.59 -0.60 -2.83
N ASP A 63 9.45 -0.04 -2.41
CA ASP A 63 8.71 -0.58 -1.28
C ASP A 63 7.42 0.20 -1.05
N CYS A 64 6.74 -0.08 0.06
CA CYS A 64 5.50 0.60 0.40
C CYS A 64 5.68 1.47 1.64
N GLN A 65 5.07 2.65 1.61
CA GLN A 65 5.16 3.58 2.74
C GLN A 65 3.80 3.74 3.41
N VAL A 66 3.55 2.93 4.42
CA VAL A 66 2.29 2.99 5.16
C VAL A 66 2.11 4.35 5.82
N LEU A 67 1.17 5.13 5.31
CA LEU A 67 0.90 6.46 5.85
C LEU A 67 0.17 6.35 7.20
N ALA A 68 -1.02 5.76 7.18
CA ALA A 68 -1.81 5.60 8.39
C ALA A 68 -3.04 4.72 8.13
N PHE A 69 -3.76 4.42 9.19
CA PHE A 69 -4.96 3.58 9.09
C PHE A 69 -6.22 4.44 9.17
N ARG A 70 -7.28 3.97 8.52
CA ARG A 70 -8.55 4.68 8.51
C ARG A 70 -9.66 3.85 9.15
N SER A 71 -10.74 4.52 9.54
CA SER A 71 -11.86 3.83 10.18
C SER A 71 -13.11 3.92 9.30
N VAL A 72 -13.40 2.83 8.59
CA VAL A 72 -14.57 2.78 7.72
C VAL A 72 -15.85 3.02 8.50
N SER A 73 -15.85 2.61 9.76
CA SER A 73 -17.02 2.78 10.63
C SER A 73 -18.23 2.05 10.05
N ASN A 74 -17.98 0.88 9.46
CA ASN A 74 -19.04 0.08 8.87
C ASN A 74 -19.54 -0.98 9.85
N ASN A 75 -18.73 -2.01 10.05
CA ASN A 75 -19.09 -3.10 10.97
C ASN A 75 -18.14 -3.14 12.18
N ASN A 76 -17.38 -2.06 12.38
CA ASN A 76 -16.44 -1.97 13.49
C ASN A 76 -15.50 -3.18 13.50
N ASN A 77 -15.23 -3.73 12.32
CA ASN A 77 -14.34 -4.88 12.20
C ASN A 77 -13.47 -4.77 10.96
N HIS A 78 -13.25 -3.55 10.49
CA HIS A 78 -12.43 -3.32 9.30
C HIS A 78 -11.47 -2.15 9.53
N THR A 79 -10.47 -2.04 8.65
CA THR A 79 -9.49 -0.97 8.77
C THR A 79 -9.00 -0.54 7.38
N GLY A 80 -9.04 0.76 7.13
CA GLY A 80 -8.59 1.28 5.85
C GLY A 80 -7.10 1.52 5.80
N VAL A 81 -6.40 0.78 4.93
CA VAL A 81 -4.96 0.92 4.80
C VAL A 81 -4.60 2.07 3.87
N ASP A 82 -3.75 2.97 4.36
CA ASP A 82 -3.31 4.12 3.57
C ASP A 82 -1.82 4.04 3.30
N SER A 83 -1.44 3.24 2.32
CA SER A 83 -0.03 3.07 1.96
C SER A 83 0.31 3.84 0.69
N LEU A 84 1.60 3.88 0.37
CA LEU A 84 2.07 4.58 -0.82
C LEU A 84 2.95 3.68 -1.67
N CYS A 85 2.43 3.25 -2.82
CA CYS A 85 3.18 2.38 -3.72
C CYS A 85 4.38 3.11 -4.30
N ASN A 86 5.45 3.20 -3.51
CA ASN A 86 6.67 3.88 -3.95
C ASN A 86 7.41 3.04 -4.98
N PHE A 87 8.05 3.72 -5.93
CA PHE A 87 8.81 3.04 -6.98
C PHE A 87 10.18 3.69 -7.17
N SER A 88 11.11 2.94 -7.75
CA SER A 88 12.45 3.44 -7.99
C SER A 88 12.46 4.45 -9.14
N PRO A 89 13.33 5.47 -9.07
CA PRO A 89 13.43 6.50 -10.12
C PRO A 89 13.83 5.91 -11.47
N LEU A 90 14.53 4.78 -11.44
CA LEU A 90 14.97 4.11 -12.66
C LEU A 90 13.81 3.88 -13.62
N ALA A 91 12.60 3.79 -13.07
CA ALA A 91 11.41 3.57 -13.88
C ALA A 91 10.84 4.88 -14.41
N ARG A 92 10.03 4.79 -15.45
CA ARG A 92 9.42 5.98 -16.05
C ARG A 92 8.26 5.60 -16.95
N ARG A 93 7.57 4.52 -16.59
CA ARG A 93 6.42 4.05 -17.37
C ARG A 93 5.49 3.20 -16.50
N VAL A 94 5.45 3.51 -15.22
CA VAL A 94 4.59 2.78 -14.28
C VAL A 94 3.25 3.48 -14.10
N ASP A 95 2.18 2.70 -14.08
CA ASP A 95 0.84 3.25 -13.91
C ASP A 95 0.12 2.56 -12.75
N ARG A 96 -0.96 3.18 -12.28
CA ARG A 96 -1.74 2.64 -11.18
C ARG A 96 -2.29 1.27 -11.53
N VAL A 97 -2.62 1.08 -12.80
CA VAL A 97 -3.17 -0.20 -13.27
C VAL A 97 -2.14 -1.32 -13.13
N ALA A 98 -0.89 -1.01 -13.43
CA ALA A 98 0.19 -1.99 -13.33
C ALA A 98 0.41 -2.43 -11.89
N ILE A 99 0.46 -1.46 -10.99
CA ILE A 99 0.66 -1.75 -9.57
C ILE A 99 -0.58 -2.38 -8.97
N TYR A 100 -1.73 -2.05 -9.53
CA TYR A 100 -3.01 -2.59 -9.06
C TYR A 100 -3.20 -4.03 -9.53
N GLU A 101 -2.88 -4.28 -10.80
CA GLU A 101 -3.01 -5.60 -11.37
C GLU A 101 -2.10 -6.60 -10.67
N GLU A 102 -0.82 -6.28 -10.60
CA GLU A 102 0.16 -7.15 -9.96
C GLU A 102 -0.22 -7.44 -8.52
N PHE A 103 -0.84 -6.45 -7.87
CA PHE A 103 -1.25 -6.59 -6.48
C PHE A 103 -2.44 -7.54 -6.35
N LEU A 104 -3.31 -7.52 -7.36
CA LEU A 104 -4.49 -8.38 -7.37
C LEU A 104 -4.10 -9.85 -7.42
N ARG A 105 -3.16 -10.19 -8.30
CA ARG A 105 -2.70 -11.56 -8.45
C ARG A 105 -2.23 -12.14 -7.11
N MET A 106 -1.23 -11.50 -6.51
CA MET A 106 -0.68 -11.97 -5.23
C MET A 106 -1.77 -11.98 -4.15
N THR A 107 -2.76 -11.12 -4.30
CA THR A 107 -3.85 -11.04 -3.33
C THR A 107 -5.03 -11.90 -3.75
N HIS A 108 -4.80 -12.83 -4.68
CA HIS A 108 -5.85 -13.71 -5.17
C HIS A 108 -7.06 -12.93 -5.64
N ASN A 109 -6.88 -12.18 -6.73
CA ASN A 109 -7.96 -11.38 -7.29
C ASN A 109 -8.41 -10.29 -6.30
N GLY A 110 -7.45 -9.75 -5.56
CA GLY A 110 -7.75 -8.71 -4.59
C GLY A 110 -8.75 -9.17 -3.55
N THR A 111 -8.41 -10.24 -2.84
CA THR A 111 -9.29 -10.78 -1.80
C THR A 111 -8.49 -11.26 -0.59
N GLN A 112 -7.38 -11.95 -0.85
CA GLN A 112 -6.54 -12.48 0.22
C GLN A 112 -5.10 -12.05 0.04
N LEU A 113 -4.68 -11.03 0.79
CA LEU A 113 -3.32 -10.52 0.72
C LEU A 113 -2.39 -11.36 1.60
N LEU A 114 -1.74 -12.34 0.99
CA LEU A 114 -0.83 -13.22 1.72
C LEU A 114 -1.56 -13.97 2.83
N ASN A 115 -1.72 -13.32 3.97
CA ASN A 115 -2.41 -13.92 5.10
C ASN A 115 -3.42 -12.95 5.72
N PHE A 116 -3.91 -12.02 4.89
CA PHE A 116 -4.89 -11.03 5.35
C PHE A 116 -6.00 -10.86 4.33
N THR A 117 -7.15 -11.44 4.61
CA THR A 117 -8.30 -11.36 3.71
C THR A 117 -8.89 -9.94 3.72
N LEU A 118 -8.78 -9.26 2.58
CA LEU A 118 -9.30 -7.90 2.46
C LEU A 118 -10.26 -7.79 1.28
N ASP A 119 -11.09 -6.76 1.31
CA ASP A 119 -12.07 -6.54 0.25
C ASP A 119 -11.39 -6.37 -1.11
N ARG A 120 -12.19 -6.33 -2.16
CA ARG A 120 -11.67 -6.17 -3.52
C ARG A 120 -12.05 -4.81 -4.08
N LYS A 121 -13.34 -4.50 -4.05
CA LYS A 121 -13.84 -3.22 -4.57
C LYS A 121 -13.19 -2.05 -3.83
N SER A 122 -12.91 -2.24 -2.55
CA SER A 122 -12.29 -1.20 -1.74
C SER A 122 -10.87 -0.91 -2.22
N VAL A 123 -10.21 -1.94 -2.75
CA VAL A 123 -8.85 -1.80 -3.25
C VAL A 123 -8.78 -0.81 -4.40
N PHE A 124 -7.80 0.09 -4.35
CA PHE A 124 -7.63 1.10 -5.40
C PHE A 124 -6.30 1.81 -5.25
N VAL A 125 -5.82 2.41 -6.33
CA VAL A 125 -4.55 3.12 -6.32
C VAL A 125 -4.54 4.23 -7.37
N ASP A 126 -4.16 5.44 -6.95
CA ASP A 126 -4.10 6.58 -7.85
C ASP A 126 -2.73 7.24 -7.80
N SER A 127 -2.49 8.16 -8.72
CA SER A 127 -1.22 8.88 -8.78
C SER A 127 -1.13 9.93 -7.67
N GLY A 128 -0.51 9.56 -6.56
CA GLY A 128 -0.36 10.48 -5.45
C GLY A 128 0.67 11.56 -5.71
N PRO A 129 0.67 12.64 -4.92
CA PRO A 129 1.62 13.73 -5.09
C PRO A 129 3.07 13.27 -4.99
N SER A 130 4.00 14.13 -5.39
CA SER A 130 5.41 13.81 -5.35
C SER A 130 6.27 15.06 -5.56
N SER A 131 5.90 15.86 -6.56
CA SER A 131 6.63 17.08 -6.86
C SER A 131 5.67 18.20 -7.25
N GLY A 132 4.76 17.90 -8.17
CA GLY A 132 3.80 18.88 -8.63
C GLY A 132 4.12 19.42 -10.01
N GLY A 1 10.60 13.13 -21.43
CA GLY A 1 9.35 12.60 -20.82
C GLY A 1 8.13 13.43 -21.19
N SER A 2 7.18 13.53 -20.27
CA SER A 2 5.97 14.29 -20.51
C SER A 2 5.90 15.53 -19.60
N SER A 3 5.44 16.64 -20.17
CA SER A 3 5.34 17.88 -19.41
C SER A 3 6.72 18.39 -19.00
N GLY A 4 7.26 17.79 -17.94
CA GLY A 4 8.58 18.20 -17.46
C GLY A 4 8.49 19.26 -16.37
N SER A 5 8.37 18.81 -15.12
CA SER A 5 8.29 19.72 -13.99
C SER A 5 9.46 19.53 -13.04
N SER A 6 9.85 18.28 -12.83
CA SER A 6 10.95 17.95 -11.94
C SER A 6 12.25 18.59 -12.43
N GLY A 7 13.36 18.27 -11.78
CA GLY A 7 14.64 18.82 -12.17
C GLY A 7 15.80 18.11 -11.51
N SER A 8 15.74 16.78 -11.47
CA SER A 8 16.79 15.98 -10.86
C SER A 8 16.67 14.51 -11.26
N SER A 9 15.69 13.84 -10.66
CA SER A 9 15.45 12.43 -10.95
C SER A 9 14.03 12.20 -11.45
N SER A 10 13.69 10.93 -11.69
CA SER A 10 12.36 10.58 -12.16
C SER A 10 11.72 9.53 -11.26
N SER A 11 11.17 9.98 -10.13
CA SER A 11 10.53 9.08 -9.19
C SER A 11 9.02 9.06 -9.39
N GLN A 12 8.33 8.22 -8.63
CA GLN A 12 6.87 8.11 -8.74
C GLN A 12 6.29 7.53 -7.46
N HIS A 13 5.19 8.12 -7.00
CA HIS A 13 4.51 7.66 -5.79
C HIS A 13 3.02 7.43 -6.05
N PHE A 14 2.62 6.17 -6.05
CA PHE A 14 1.23 5.81 -6.28
C PHE A 14 0.53 5.47 -4.97
N ASN A 15 -0.46 6.27 -4.61
CA ASN A 15 -1.21 6.06 -3.37
C ASN A 15 -1.85 4.68 -3.35
N LEU A 16 -1.48 3.87 -2.36
CA LEU A 16 -2.03 2.52 -2.22
C LEU A 16 -3.16 2.51 -1.19
N ASN A 17 -4.31 1.98 -1.59
CA ASN A 17 -5.46 1.91 -0.70
C ASN A 17 -6.23 0.60 -0.86
N PHE A 18 -6.63 0.02 0.26
CA PHE A 18 -7.38 -1.24 0.25
C PHE A 18 -7.75 -1.64 1.68
N THR A 19 -9.04 -1.61 1.99
CA THR A 19 -9.53 -1.96 3.31
C THR A 19 -9.42 -3.46 3.57
N ILE A 20 -9.03 -3.83 4.78
CA ILE A 20 -8.90 -5.22 5.17
C ILE A 20 -10.03 -5.65 6.10
N THR A 21 -10.53 -6.86 5.90
CA THR A 21 -11.62 -7.37 6.73
C THR A 21 -11.10 -8.35 7.77
N ASN A 22 -9.94 -8.04 8.32
CA ASN A 22 -9.32 -8.88 9.34
C ASN A 22 -8.45 -8.06 10.28
N LEU A 23 -8.89 -6.84 10.57
CA LEU A 23 -8.14 -5.95 11.45
C LEU A 23 -9.09 -4.97 12.16
N PRO A 24 -9.43 -5.24 13.42
CA PRO A 24 -10.33 -4.36 14.19
C PRO A 24 -9.68 -3.02 14.53
N TYR A 25 -10.47 -1.96 14.44
CA TYR A 25 -9.98 -0.61 14.74
C TYR A 25 -10.35 -0.20 16.16
N SER A 26 -9.35 -0.12 17.03
CA SER A 26 -9.56 0.26 18.42
C SER A 26 -8.66 1.43 18.80
N GLN A 27 -8.62 1.73 20.10
CA GLN A 27 -7.79 2.82 20.60
C GLN A 27 -6.31 2.54 20.36
N ASP A 28 -5.94 1.27 20.40
CA ASP A 28 -4.55 0.87 20.20
C ASP A 28 -4.06 1.29 18.82
N ILE A 29 -4.90 1.06 17.80
CA ILE A 29 -4.56 1.43 16.44
C ILE A 29 -4.46 2.95 16.27
N ALA A 30 -4.97 3.69 17.26
CA ALA A 30 -4.93 5.14 17.21
C ALA A 30 -3.65 5.69 17.82
N GLN A 31 -3.01 4.88 18.68
CA GLN A 31 -1.79 5.29 19.34
C GLN A 31 -0.62 4.40 18.93
N PRO A 32 0.32 4.93 18.10
CA PRO A 32 1.48 4.17 17.64
C PRO A 32 2.26 3.53 18.78
N SER A 33 2.17 4.14 19.96
CA SER A 33 2.87 3.64 21.14
C SER A 33 2.44 2.21 21.46
N THR A 34 1.21 1.88 21.13
CA THR A 34 0.68 0.54 21.38
C THR A 34 1.29 -0.48 20.42
N THR A 35 1.11 -1.75 20.74
CA THR A 35 1.63 -2.83 19.91
C THR A 35 0.69 -3.14 18.74
N LYS A 36 -0.61 -3.00 19.00
CA LYS A 36 -1.62 -3.26 17.98
C LYS A 36 -1.35 -2.45 16.72
N TYR A 37 -0.79 -1.25 16.90
CA TYR A 37 -0.49 -0.38 15.78
C TYR A 37 0.74 -0.88 15.02
N GLN A 38 1.85 -1.04 15.73
CA GLN A 38 3.09 -1.51 15.13
C GLN A 38 2.91 -2.92 14.54
N GLN A 39 2.17 -3.76 15.25
CA GLN A 39 1.94 -5.13 14.81
C GLN A 39 1.39 -5.16 13.38
N THR A 40 0.24 -4.54 13.18
CA THR A 40 -0.40 -4.50 11.86
C THR A 40 0.43 -3.69 10.87
N LYS A 41 0.98 -2.57 11.34
CA LYS A 41 1.78 -1.70 10.49
C LYS A 41 2.98 -2.46 9.91
N ARG A 42 3.59 -3.33 10.72
CA ARG A 42 4.73 -4.10 10.29
C ARG A 42 4.30 -5.35 9.53
N SER A 43 3.12 -5.87 9.88
CA SER A 43 2.60 -7.07 9.23
C SER A 43 2.25 -6.80 7.78
N ILE A 44 1.45 -5.76 7.54
CA ILE A 44 1.05 -5.40 6.19
C ILE A 44 2.24 -4.98 5.35
N GLU A 45 3.09 -4.12 5.90
CA GLU A 45 4.27 -3.64 5.19
C GLU A 45 5.18 -4.81 4.81
N ASN A 46 5.43 -5.69 5.77
CA ASN A 46 6.27 -6.86 5.54
C ASN A 46 5.70 -7.73 4.43
N ALA A 47 4.39 -7.91 4.45
CA ALA A 47 3.71 -8.72 3.44
C ALA A 47 3.85 -8.10 2.06
N LEU A 48 3.70 -6.78 2.00
CA LEU A 48 3.80 -6.05 0.73
C LEU A 48 5.24 -6.03 0.23
N ASN A 49 6.19 -6.09 1.16
CA ASN A 49 7.61 -6.08 0.81
C ASN A 49 7.94 -7.25 -0.11
N GLN A 50 7.70 -8.46 0.37
CA GLN A 50 7.98 -9.66 -0.42
C GLN A 50 7.15 -9.67 -1.71
N LEU A 51 5.98 -9.05 -1.66
CA LEU A 51 5.10 -8.99 -2.82
C LEU A 51 5.78 -8.31 -3.99
N PHE A 52 6.36 -7.14 -3.74
CA PHE A 52 7.06 -6.39 -4.78
C PHE A 52 8.28 -7.16 -5.28
N ARG A 53 8.88 -7.94 -4.40
CA ARG A 53 10.06 -8.72 -4.75
C ARG A 53 9.68 -9.89 -5.66
N ASN A 54 8.45 -10.38 -5.51
CA ASN A 54 7.97 -11.50 -6.31
C ASN A 54 6.84 -11.06 -7.25
N SER A 55 6.90 -9.80 -7.67
CA SER A 55 5.88 -9.25 -8.56
C SER A 55 6.44 -9.06 -9.97
N SER A 56 5.55 -8.86 -10.94
CA SER A 56 5.95 -8.65 -12.32
C SER A 56 6.86 -7.44 -12.45
N ILE A 57 6.64 -6.45 -11.60
CA ILE A 57 7.44 -5.23 -11.62
C ILE A 57 8.38 -5.18 -10.42
N LYS A 58 9.15 -6.25 -10.23
CA LYS A 58 10.10 -6.32 -9.13
C LYS A 58 11.48 -5.83 -9.54
N SER A 59 11.52 -4.93 -10.52
CA SER A 59 12.78 -4.38 -11.01
C SER A 59 12.86 -2.88 -10.74
N TYR A 60 11.72 -2.22 -10.75
CA TYR A 60 11.67 -0.78 -10.51
C TYR A 60 11.04 -0.48 -9.16
N PHE A 61 10.13 -1.34 -8.71
CA PHE A 61 9.47 -1.15 -7.43
C PHE A 61 10.48 -1.12 -6.29
N SER A 62 10.39 -0.06 -5.47
CA SER A 62 11.30 0.09 -4.34
C SER A 62 10.73 -0.55 -3.09
N ASP A 63 9.60 -0.02 -2.61
CA ASP A 63 8.95 -0.54 -1.41
C ASP A 63 7.62 0.15 -1.18
N CYS A 64 7.04 -0.09 -0.01
CA CYS A 64 5.75 0.50 0.35
C CYS A 64 5.85 1.32 1.64
N GLN A 65 5.09 2.40 1.72
CA GLN A 65 5.10 3.26 2.89
C GLN A 65 3.70 3.40 3.47
N VAL A 66 3.44 2.70 4.57
CA VAL A 66 2.14 2.75 5.22
C VAL A 66 1.94 4.08 5.94
N LEU A 67 1.12 4.95 5.36
CA LEU A 67 0.84 6.25 5.94
C LEU A 67 0.09 6.11 7.26
N ALA A 68 -1.04 5.42 7.22
CA ALA A 68 -1.85 5.21 8.42
C ALA A 68 -3.04 4.31 8.11
N PHE A 69 -3.85 4.03 9.14
CA PHE A 69 -5.02 3.18 8.98
C PHE A 69 -6.30 3.98 9.19
N ARG A 70 -7.21 3.90 8.23
CA ARG A 70 -8.48 4.61 8.31
C ARG A 70 -9.59 3.70 8.84
N SER A 71 -10.66 4.31 9.33
CA SER A 71 -11.79 3.55 9.87
C SER A 71 -12.98 3.62 8.92
N VAL A 72 -13.37 2.47 8.39
CA VAL A 72 -14.50 2.40 7.47
C VAL A 72 -15.78 2.91 8.12
N SER A 73 -15.88 2.73 9.43
CA SER A 73 -17.05 3.18 10.18
C SER A 73 -18.31 2.51 9.67
N ASN A 74 -18.17 1.29 9.15
CA ASN A 74 -19.30 0.54 8.62
C ASN A 74 -19.79 -0.48 9.63
N ASN A 75 -18.87 -1.29 10.15
CA ASN A 75 -19.21 -2.32 11.13
C ASN A 75 -18.26 -2.29 12.32
N ASN A 76 -17.43 -1.25 12.40
CA ASN A 76 -16.47 -1.12 13.49
C ASN A 76 -15.58 -2.36 13.59
N ASN A 77 -15.20 -2.90 12.44
CA ASN A 77 -14.35 -4.08 12.39
C ASN A 77 -13.28 -3.94 11.32
N HIS A 78 -13.70 -3.61 10.10
CA HIS A 78 -12.77 -3.44 8.99
C HIS A 78 -11.92 -2.20 9.18
N THR A 79 -10.81 -2.13 8.44
CA THR A 79 -9.91 -0.99 8.53
C THR A 79 -9.32 -0.65 7.16
N GLY A 80 -9.15 0.63 6.90
CA GLY A 80 -8.60 1.06 5.63
C GLY A 80 -7.09 1.12 5.63
N VAL A 81 -6.47 0.52 4.61
CA VAL A 81 -5.01 0.50 4.51
C VAL A 81 -4.52 1.62 3.60
N ASP A 82 -4.12 2.73 4.18
CA ASP A 82 -3.61 3.86 3.41
C ASP A 82 -2.10 3.76 3.23
N SER A 83 -1.68 2.97 2.26
CA SER A 83 -0.26 2.79 1.98
C SER A 83 0.18 3.64 0.79
N LEU A 84 1.45 3.52 0.42
CA LEU A 84 2.00 4.29 -0.69
C LEU A 84 2.91 3.42 -1.55
N CYS A 85 2.49 3.15 -2.78
CA CYS A 85 3.27 2.33 -3.69
C CYS A 85 4.52 3.09 -4.16
N ASN A 86 5.52 3.13 -3.28
CA ASN A 86 6.77 3.83 -3.59
C ASN A 86 7.53 3.16 -4.72
N PHE A 87 8.12 3.97 -5.59
CA PHE A 87 8.89 3.47 -6.72
C PHE A 87 10.27 4.11 -6.77
N SER A 88 11.21 3.46 -7.45
CA SER A 88 12.57 3.97 -7.56
C SER A 88 12.69 4.92 -8.75
N PRO A 89 13.78 5.71 -8.80
CA PRO A 89 14.01 6.67 -9.89
C PRO A 89 14.17 5.98 -11.24
N LEU A 90 14.72 4.77 -11.21
CA LEU A 90 14.93 3.99 -12.43
C LEU A 90 13.59 3.61 -13.07
N ALA A 91 12.53 3.61 -12.26
CA ALA A 91 11.20 3.25 -12.74
C ALA A 91 10.84 4.01 -14.01
N ARG A 92 10.41 3.28 -15.03
CA ARG A 92 10.04 3.88 -16.30
C ARG A 92 8.78 3.24 -16.86
N ARG A 93 7.85 4.07 -17.32
CA ARG A 93 6.59 3.58 -17.89
C ARG A 93 5.79 2.83 -16.84
N VAL A 94 5.16 3.57 -15.93
CA VAL A 94 4.36 2.97 -14.87
C VAL A 94 3.00 3.65 -14.77
N ASP A 95 1.99 2.91 -14.31
CA ASP A 95 0.65 3.45 -14.17
C ASP A 95 -0.04 2.85 -12.95
N ARG A 96 -1.06 3.55 -12.46
CA ARG A 96 -1.80 3.10 -11.30
C ARG A 96 -2.44 1.74 -11.55
N VAL A 97 -2.76 1.46 -12.81
CA VAL A 97 -3.37 0.19 -13.19
C VAL A 97 -2.38 -0.95 -13.07
N ALA A 98 -1.10 -0.65 -13.30
CA ALA A 98 -0.05 -1.66 -13.23
C ALA A 98 0.03 -2.25 -11.83
N ILE A 99 0.36 -1.42 -10.85
CA ILE A 99 0.47 -1.87 -9.46
C ILE A 99 -0.86 -2.41 -8.95
N TYR A 100 -1.96 -1.95 -9.56
CA TYR A 100 -3.29 -2.38 -9.15
C TYR A 100 -3.55 -3.83 -9.59
N GLU A 101 -3.19 -4.13 -10.83
CA GLU A 101 -3.38 -5.47 -11.36
C GLU A 101 -2.37 -6.46 -10.77
N GLU A 102 -1.12 -6.05 -10.73
CA GLU A 102 -0.05 -6.88 -10.18
C GLU A 102 -0.34 -7.26 -8.74
N PHE A 103 -1.05 -6.39 -8.03
CA PHE A 103 -1.40 -6.64 -6.64
C PHE A 103 -2.54 -7.64 -6.53
N LEU A 104 -3.58 -7.43 -7.32
CA LEU A 104 -4.74 -8.31 -7.31
C LEU A 104 -4.36 -9.73 -7.75
N ARG A 105 -3.45 -9.81 -8.71
CA ARG A 105 -3.01 -11.11 -9.23
C ARG A 105 -2.25 -11.90 -8.16
N MET A 106 -1.62 -11.19 -7.23
CA MET A 106 -0.88 -11.83 -6.15
C MET A 106 -1.73 -12.00 -4.91
N THR A 107 -2.73 -11.15 -4.75
CA THR A 107 -3.63 -11.21 -3.59
C THR A 107 -4.90 -11.98 -3.92
N HIS A 108 -4.81 -12.88 -4.90
CA HIS A 108 -5.96 -13.69 -5.29
C HIS A 108 -7.17 -12.81 -5.61
N ASN A 109 -7.05 -12.02 -6.68
CA ASN A 109 -8.13 -11.12 -7.09
C ASN A 109 -8.45 -10.11 -6.00
N GLY A 110 -7.42 -9.69 -5.27
CA GLY A 110 -7.61 -8.72 -4.21
C GLY A 110 -8.61 -9.19 -3.17
N THR A 111 -8.49 -10.45 -2.77
CA THR A 111 -9.39 -11.02 -1.77
C THR A 111 -8.63 -11.39 -0.49
N GLN A 112 -7.36 -11.74 -0.64
CA GLN A 112 -6.54 -12.11 0.51
C GLN A 112 -5.09 -11.66 0.32
N LEU A 113 -4.56 -10.96 1.31
CA LEU A 113 -3.18 -10.47 1.26
C LEU A 113 -2.30 -11.31 2.17
N LEU A 114 -1.75 -12.38 1.62
CA LEU A 114 -0.88 -13.27 2.39
C LEU A 114 -1.64 -13.91 3.55
N ASN A 115 -1.80 -13.16 4.64
CA ASN A 115 -2.51 -13.64 5.81
C ASN A 115 -3.50 -12.60 6.32
N PHE A 116 -4.03 -11.80 5.40
CA PHE A 116 -4.99 -10.76 5.75
C PHE A 116 -6.13 -10.69 4.73
N THR A 117 -7.25 -11.30 5.06
CA THR A 117 -8.41 -11.31 4.17
C THR A 117 -8.96 -9.90 3.97
N LEU A 118 -8.92 -9.42 2.74
CA LEU A 118 -9.42 -8.09 2.43
C LEU A 118 -10.28 -8.12 1.16
N ASP A 119 -11.12 -7.10 1.02
CA ASP A 119 -12.00 -6.99 -0.14
C ASP A 119 -11.23 -6.56 -1.38
N ARG A 120 -11.84 -6.76 -2.55
CA ARG A 120 -11.22 -6.39 -3.82
C ARG A 120 -11.72 -5.02 -4.28
N LYS A 121 -13.03 -4.82 -4.20
CA LYS A 121 -13.63 -3.56 -4.60
C LYS A 121 -13.07 -2.40 -3.79
N SER A 122 -12.79 -2.66 -2.53
CA SER A 122 -12.23 -1.63 -1.64
C SER A 122 -10.86 -1.19 -2.11
N VAL A 123 -10.13 -2.12 -2.74
CA VAL A 123 -8.80 -1.82 -3.24
C VAL A 123 -8.84 -0.69 -4.27
N PHE A 124 -7.80 0.14 -4.27
CA PHE A 124 -7.72 1.26 -5.20
C PHE A 124 -6.37 1.96 -5.09
N VAL A 125 -5.84 2.40 -6.23
CA VAL A 125 -4.56 3.10 -6.24
C VAL A 125 -4.56 4.24 -7.25
N ASP A 126 -4.05 5.39 -6.84
CA ASP A 126 -3.98 6.56 -7.71
C ASP A 126 -2.57 7.12 -7.75
N SER A 127 -2.43 8.32 -8.32
CA SER A 127 -1.14 8.97 -8.43
C SER A 127 -0.97 10.04 -7.35
N GLY A 128 -0.39 9.64 -6.23
CA GLY A 128 -0.17 10.57 -5.13
C GLY A 128 -1.48 11.02 -4.49
N PRO A 129 -1.77 12.33 -4.48
CA PRO A 129 -3.01 12.86 -3.89
C PRO A 129 -4.26 12.44 -4.67
N SER A 130 -5.42 12.60 -4.04
CA SER A 130 -6.68 12.23 -4.68
C SER A 130 -7.73 13.31 -4.43
N SER A 131 -8.56 13.57 -5.44
CA SER A 131 -9.61 14.57 -5.34
C SER A 131 -10.99 13.92 -5.27
N GLY A 132 -11.69 14.16 -4.17
CA GLY A 132 -13.02 13.58 -4.01
C GLY A 132 -14.04 14.61 -3.57
N GLY A 1 20.39 25.16 -12.28
CA GLY A 1 19.00 24.67 -12.38
C GLY A 1 18.68 23.62 -11.33
N SER A 2 18.83 22.34 -11.71
CA SER A 2 18.55 21.23 -10.81
C SER A 2 19.27 19.97 -11.27
N SER A 3 20.57 19.89 -10.98
CA SER A 3 21.37 18.74 -11.37
C SER A 3 21.65 17.85 -10.17
N GLY A 4 22.16 18.45 -9.11
CA GLY A 4 22.47 17.69 -7.90
C GLY A 4 22.28 18.51 -6.64
N SER A 5 22.68 17.95 -5.50
CA SER A 5 22.55 18.63 -4.22
C SER A 5 21.10 18.74 -3.80
N SER A 6 20.33 19.51 -4.57
CA SER A 6 18.91 19.71 -4.28
C SER A 6 18.17 18.37 -4.28
N GLY A 7 18.08 17.76 -5.45
CA GLY A 7 17.40 16.48 -5.57
C GLY A 7 16.01 16.61 -6.18
N SER A 8 15.03 15.98 -5.54
CA SER A 8 13.66 16.04 -6.02
C SER A 8 13.54 15.44 -7.43
N SER A 9 12.35 15.50 -8.00
CA SER A 9 12.11 14.97 -9.33
C SER A 9 12.40 13.47 -9.38
N SER A 10 12.21 12.87 -10.55
CA SER A 10 12.46 11.45 -10.74
C SER A 10 11.58 10.62 -9.80
N SER A 11 11.54 9.31 -10.04
CA SER A 11 10.73 8.40 -9.23
C SER A 11 9.26 8.79 -9.28
N GLN A 12 8.39 7.85 -8.90
CA GLN A 12 6.95 8.10 -8.91
C GLN A 12 6.31 7.57 -7.63
N HIS A 13 5.15 8.12 -7.29
CA HIS A 13 4.43 7.71 -6.09
C HIS A 13 2.98 7.37 -6.42
N PHE A 14 2.53 6.21 -5.95
CA PHE A 14 1.16 5.77 -6.19
C PHE A 14 0.44 5.51 -4.87
N ASN A 15 -0.52 6.38 -4.55
CA ASN A 15 -1.30 6.25 -3.32
C ASN A 15 -1.93 4.87 -3.21
N LEU A 16 -1.44 4.06 -2.29
CA LEU A 16 -1.96 2.71 -2.09
C LEU A 16 -3.01 2.70 -0.97
N ASN A 17 -4.16 2.10 -1.25
CA ASN A 17 -5.23 2.03 -0.26
C ASN A 17 -6.10 0.79 -0.47
N PHE A 18 -6.57 0.22 0.64
CA PHE A 18 -7.41 -0.96 0.59
C PHE A 18 -7.84 -1.37 1.99
N THR A 19 -9.14 -1.41 2.22
CA THR A 19 -9.68 -1.78 3.53
C THR A 19 -9.46 -3.26 3.83
N ILE A 20 -8.94 -3.55 5.01
CA ILE A 20 -8.69 -4.92 5.42
C ILE A 20 -9.77 -5.42 6.37
N THR A 21 -10.66 -6.25 5.85
CA THR A 21 -11.76 -6.80 6.64
C THR A 21 -11.22 -7.63 7.81
N ASN A 22 -10.06 -8.23 7.62
CA ASN A 22 -9.44 -9.05 8.65
C ASN A 22 -8.55 -8.20 9.57
N LEU A 23 -9.12 -7.13 10.12
CA LEU A 23 -8.39 -6.24 11.00
C LEU A 23 -9.34 -5.29 11.73
N PRO A 24 -9.68 -5.58 13.00
CA PRO A 24 -10.58 -4.75 13.78
C PRO A 24 -9.94 -3.42 14.18
N TYR A 25 -10.75 -2.37 14.18
CA TYR A 25 -10.26 -1.04 14.53
C TYR A 25 -10.54 -0.72 16.00
N SER A 26 -9.56 -1.01 16.86
CA SER A 26 -9.69 -0.76 18.29
C SER A 26 -9.06 0.58 18.67
N GLN A 27 -9.04 0.86 19.97
CA GLN A 27 -8.45 2.10 20.47
C GLN A 27 -6.94 2.08 20.33
N ASP A 28 -6.35 0.89 20.42
CA ASP A 28 -4.91 0.74 20.31
C ASP A 28 -4.42 1.19 18.93
N ILE A 29 -5.12 0.76 17.89
CA ILE A 29 -4.76 1.12 16.52
C ILE A 29 -4.76 2.64 16.33
N ALA A 30 -5.51 3.34 17.18
CA ALA A 30 -5.59 4.79 17.11
C ALA A 30 -4.27 5.44 17.51
N GLN A 31 -3.48 4.73 18.33
CA GLN A 31 -2.20 5.25 18.80
C GLN A 31 -1.05 4.47 18.15
N PRO A 32 -0.22 5.16 17.33
CA PRO A 32 0.92 4.54 16.66
C PRO A 32 1.91 3.90 17.64
N SER A 33 1.84 4.31 18.90
CA SER A 33 2.72 3.78 19.93
C SER A 33 2.08 2.62 20.68
N THR A 34 1.31 1.81 19.96
CA THR A 34 0.64 0.66 20.56
C THR A 34 1.14 -0.65 19.97
N THR A 35 0.73 -1.76 20.57
CA THR A 35 1.15 -3.08 20.11
C THR A 35 0.33 -3.51 18.89
N LYS A 36 -0.99 -3.37 18.98
CA LYS A 36 -1.88 -3.75 17.90
C LYS A 36 -1.56 -2.96 16.63
N TYR A 37 -1.04 -1.75 16.81
CA TYR A 37 -0.69 -0.89 15.69
C TYR A 37 0.65 -1.30 15.09
N GLN A 38 1.69 -1.33 15.93
CA GLN A 38 3.02 -1.71 15.48
C GLN A 38 3.02 -3.12 14.90
N GLN A 39 2.17 -3.98 15.44
CA GLN A 39 2.07 -5.36 14.96
C GLN A 39 1.49 -5.42 13.55
N THR A 40 0.28 -4.86 13.40
CA THR A 40 -0.39 -4.85 12.10
C THR A 40 0.41 -4.04 11.08
N LYS A 41 1.02 -2.95 11.55
CA LYS A 41 1.81 -2.09 10.68
C LYS A 41 3.00 -2.84 10.09
N ARG A 42 3.65 -3.64 10.93
CA ARG A 42 4.80 -4.42 10.51
C ARG A 42 4.38 -5.58 9.61
N SER A 43 3.24 -6.18 9.93
CA SER A 43 2.72 -7.30 9.15
C SER A 43 2.46 -6.88 7.70
N ILE A 44 1.83 -5.72 7.53
CA ILE A 44 1.51 -5.19 6.21
C ILE A 44 2.78 -4.77 5.47
N GLU A 45 3.63 -4.00 6.15
CA GLU A 45 4.88 -3.53 5.56
C GLU A 45 5.77 -4.71 5.18
N ASN A 46 5.69 -5.78 5.95
CA ASN A 46 6.49 -6.98 5.69
C ASN A 46 5.87 -7.81 4.58
N ALA A 47 4.55 -7.95 4.61
CA ALA A 47 3.84 -8.72 3.60
C ALA A 47 3.95 -8.07 2.23
N LEU A 48 3.86 -6.74 2.21
CA LEU A 48 3.94 -5.99 0.95
C LEU A 48 5.36 -6.01 0.41
N ASN A 49 6.34 -6.09 1.31
CA ASN A 49 7.74 -6.12 0.91
C ASN A 49 8.02 -7.29 -0.02
N GLN A 50 7.89 -8.50 0.51
CA GLN A 50 8.13 -9.71 -0.27
C GLN A 50 7.19 -9.78 -1.46
N LEU A 51 6.00 -9.18 -1.32
CA LEU A 51 5.01 -9.18 -2.39
C LEU A 51 5.57 -8.52 -3.65
N PHE A 52 6.27 -7.41 -3.47
CA PHE A 52 6.86 -6.69 -4.60
C PHE A 52 8.01 -7.48 -5.21
N ARG A 53 8.88 -8.00 -4.36
CA ARG A 53 10.03 -8.78 -4.81
C ARG A 53 9.58 -9.99 -5.61
N ASN A 54 8.38 -10.49 -5.33
CA ASN A 54 7.84 -11.65 -6.02
C ASN A 54 6.65 -11.26 -6.90
N SER A 55 6.71 -10.05 -7.47
CA SER A 55 5.64 -9.56 -8.33
C SER A 55 6.10 -9.51 -9.79
N SER A 56 5.22 -9.02 -10.65
CA SER A 56 5.54 -8.92 -12.08
C SER A 56 6.44 -7.73 -12.35
N ILE A 57 6.31 -6.69 -11.53
CA ILE A 57 7.11 -5.48 -11.67
C ILE A 57 8.13 -5.37 -10.54
N LYS A 58 8.92 -6.42 -10.36
CA LYS A 58 9.94 -6.44 -9.30
C LYS A 58 11.29 -5.96 -9.84
N SER A 59 11.25 -5.07 -10.82
CA SER A 59 12.47 -4.54 -11.41
C SER A 59 12.58 -3.03 -11.19
N TYR A 60 11.44 -2.36 -11.22
CA TYR A 60 11.40 -0.91 -11.02
C TYR A 60 10.84 -0.56 -9.64
N PHE A 61 10.03 -1.46 -9.08
CA PHE A 61 9.44 -1.24 -7.77
C PHE A 61 10.51 -0.99 -6.72
N SER A 62 10.20 -0.12 -5.76
CA SER A 62 11.14 0.20 -4.70
C SER A 62 10.66 -0.38 -3.36
N ASP A 63 9.61 0.20 -2.80
CA ASP A 63 9.05 -0.26 -1.54
C ASP A 63 7.73 0.44 -1.23
N CYS A 64 7.09 0.02 -0.15
CA CYS A 64 5.82 0.60 0.26
C CYS A 64 6.01 1.61 1.39
N GLN A 65 4.95 2.34 1.72
CA GLN A 65 5.00 3.33 2.79
C GLN A 65 3.64 3.47 3.46
N VAL A 66 3.35 2.57 4.40
CA VAL A 66 2.09 2.60 5.12
C VAL A 66 1.96 3.88 5.95
N LEU A 67 1.26 4.86 5.40
CA LEU A 67 1.07 6.13 6.08
C LEU A 67 0.33 5.93 7.41
N ALA A 68 -0.91 5.47 7.32
CA ALA A 68 -1.72 5.23 8.51
C ALA A 68 -3.06 4.59 8.15
N PHE A 69 -3.75 4.04 9.14
CA PHE A 69 -5.03 3.40 8.93
C PHE A 69 -6.17 4.43 8.97
N ARG A 70 -7.36 4.00 8.56
CA ARG A 70 -8.52 4.87 8.55
C ARG A 70 -9.74 4.17 9.12
N SER A 71 -10.34 4.77 10.15
CA SER A 71 -11.52 4.19 10.79
C SER A 71 -12.66 4.03 9.78
N VAL A 72 -13.76 3.43 10.24
CA VAL A 72 -14.92 3.21 9.39
C VAL A 72 -16.21 3.53 10.12
N SER A 73 -17.23 3.94 9.37
CA SER A 73 -18.52 4.27 9.96
C SER A 73 -19.59 3.27 9.52
N ASN A 74 -19.50 2.82 8.28
CA ASN A 74 -20.45 1.87 7.73
C ASN A 74 -20.49 0.59 8.56
N ASN A 75 -19.30 0.04 8.84
CA ASN A 75 -19.19 -1.18 9.63
C ASN A 75 -18.05 -1.07 10.64
N ASN A 76 -18.42 -0.89 11.90
CA ASN A 76 -17.42 -0.77 12.97
C ASN A 76 -16.63 -2.06 13.12
N ASN A 77 -15.61 -2.23 12.28
CA ASN A 77 -14.78 -3.41 12.32
C ASN A 77 -13.65 -3.32 11.29
N HIS A 78 -14.02 -3.18 10.03
CA HIS A 78 -13.04 -3.07 8.95
C HIS A 78 -12.10 -1.89 9.18
N THR A 79 -10.93 -1.93 8.54
CA THR A 79 -9.94 -0.87 8.68
C THR A 79 -9.40 -0.45 7.32
N GLY A 80 -9.38 0.85 7.06
CA GLY A 80 -8.88 1.35 5.80
C GLY A 80 -7.39 1.58 5.82
N VAL A 81 -6.68 1.02 4.84
CA VAL A 81 -5.23 1.17 4.75
C VAL A 81 -4.84 2.33 3.85
N ASP A 82 -3.86 3.10 4.29
CA ASP A 82 -3.38 4.25 3.53
C ASP A 82 -1.87 4.16 3.31
N SER A 83 -1.47 3.34 2.34
CA SER A 83 -0.06 3.15 2.04
C SER A 83 0.34 3.87 0.76
N LEU A 84 1.62 3.80 0.42
CA LEU A 84 2.12 4.46 -0.80
C LEU A 84 2.98 3.49 -1.61
N CYS A 85 2.58 3.29 -2.87
CA CYS A 85 3.32 2.39 -3.76
C CYS A 85 4.50 3.12 -4.39
N ASN A 86 5.57 3.29 -3.61
CA ASN A 86 6.75 3.98 -4.09
C ASN A 86 7.52 3.12 -5.08
N PHE A 87 8.19 3.77 -6.04
CA PHE A 87 8.96 3.06 -7.05
C PHE A 87 10.34 3.70 -7.23
N SER A 88 11.23 2.99 -7.90
CA SER A 88 12.58 3.48 -8.14
C SER A 88 12.58 4.55 -9.24
N PRO A 89 13.54 5.48 -9.17
CA PRO A 89 13.64 6.57 -10.16
C PRO A 89 14.01 6.06 -11.55
N LEU A 90 14.61 4.88 -11.60
CA LEU A 90 15.01 4.28 -12.87
C LEU A 90 13.80 4.12 -13.80
N ALA A 91 12.64 3.83 -13.22
CA ALA A 91 11.42 3.66 -14.00
C ALA A 91 11.02 4.95 -14.68
N ARG A 92 10.21 4.84 -15.73
CA ARG A 92 9.75 6.00 -16.48
C ARG A 92 8.57 5.65 -17.38
N ARG A 93 7.76 4.69 -16.93
CA ARG A 93 6.60 4.26 -17.70
C ARG A 93 5.69 3.37 -16.86
N VAL A 94 5.57 3.70 -15.57
CA VAL A 94 4.73 2.93 -14.66
C VAL A 94 3.30 3.47 -14.64
N ASP A 95 2.34 2.57 -14.54
CA ASP A 95 0.93 2.95 -14.51
C ASP A 95 0.25 2.46 -13.23
N ARG A 96 -0.79 3.18 -12.80
CA ARG A 96 -1.51 2.81 -11.59
C ARG A 96 -2.11 1.41 -11.72
N VAL A 97 -2.48 1.04 -12.94
CA VAL A 97 -3.06 -0.28 -13.20
C VAL A 97 -2.01 -1.37 -13.05
N ALA A 98 -0.77 -1.05 -13.40
CA ALA A 98 0.32 -2.02 -13.32
C ALA A 98 0.53 -2.46 -11.88
N ILE A 99 0.53 -1.50 -10.96
CA ILE A 99 0.72 -1.80 -9.55
C ILE A 99 -0.54 -2.42 -8.94
N TYR A 100 -1.69 -2.06 -9.49
CA TYR A 100 -2.96 -2.57 -9.01
C TYR A 100 -3.17 -4.01 -9.47
N GLU A 101 -2.75 -4.31 -10.70
CA GLU A 101 -2.90 -5.64 -11.26
C GLU A 101 -1.91 -6.61 -10.62
N GLU A 102 -0.64 -6.20 -10.54
CA GLU A 102 0.40 -7.04 -9.95
C GLU A 102 0.05 -7.42 -8.50
N PHE A 103 -0.65 -6.52 -7.83
CA PHE A 103 -1.04 -6.76 -6.44
C PHE A 103 -2.23 -7.72 -6.36
N LEU A 104 -3.06 -7.70 -7.39
CA LEU A 104 -4.24 -8.56 -7.44
C LEU A 104 -3.84 -10.02 -7.69
N ARG A 105 -2.70 -10.22 -8.34
CA ARG A 105 -2.21 -11.56 -8.64
C ARG A 105 -1.69 -12.26 -7.38
N MET A 106 -1.15 -11.49 -6.45
CA MET A 106 -0.62 -12.04 -5.22
C MET A 106 -1.67 -12.01 -4.10
N THR A 107 -2.62 -11.09 -4.21
CA THR A 107 -3.67 -10.96 -3.19
C THR A 107 -4.91 -11.77 -3.56
N HIS A 108 -4.74 -12.74 -4.47
CA HIS A 108 -5.85 -13.58 -4.90
C HIS A 108 -7.03 -12.74 -5.38
N ASN A 109 -6.85 -12.05 -6.49
CA ASN A 109 -7.89 -11.20 -7.05
C ASN A 109 -8.26 -10.09 -6.09
N GLY A 110 -7.32 -9.68 -5.26
CA GLY A 110 -7.56 -8.62 -4.29
C GLY A 110 -8.57 -9.03 -3.24
N THR A 111 -8.48 -10.26 -2.77
CA THR A 111 -9.39 -10.77 -1.75
C THR A 111 -8.64 -11.17 -0.49
N GLN A 112 -7.42 -11.66 -0.65
CA GLN A 112 -6.61 -12.08 0.50
C GLN A 112 -5.15 -11.70 0.30
N LEU A 113 -4.65 -10.83 1.19
CA LEU A 113 -3.27 -10.38 1.12
C LEU A 113 -2.37 -11.30 1.96
N LEU A 114 -1.91 -12.38 1.34
CA LEU A 114 -1.04 -13.34 2.04
C LEU A 114 -1.74 -13.95 3.24
N ASN A 115 -1.77 -13.22 4.35
CA ASN A 115 -2.41 -13.69 5.57
C ASN A 115 -3.36 -12.63 6.13
N PHE A 116 -3.94 -11.84 5.23
CA PHE A 116 -4.88 -10.79 5.63
C PHE A 116 -6.02 -10.68 4.63
N THR A 117 -7.13 -11.37 4.93
CA THR A 117 -8.30 -11.35 4.06
C THR A 117 -8.90 -9.95 4.00
N LEU A 118 -8.86 -9.34 2.82
CA LEU A 118 -9.41 -7.99 2.63
C LEU A 118 -10.29 -7.94 1.39
N ASP A 119 -11.15 -6.94 1.34
CA ASP A 119 -12.07 -6.76 0.21
C ASP A 119 -11.31 -6.34 -1.05
N ARG A 120 -11.98 -6.41 -2.19
CA ARG A 120 -11.37 -6.03 -3.46
C ARG A 120 -11.88 -4.68 -3.92
N LYS A 121 -13.19 -4.45 -3.77
CA LYS A 121 -13.80 -3.19 -4.17
C LYS A 121 -13.22 -2.03 -3.38
N SER A 122 -12.71 -2.32 -2.19
CA SER A 122 -12.12 -1.29 -1.33
C SER A 122 -10.74 -0.88 -1.84
N VAL A 123 -10.01 -1.84 -2.40
CA VAL A 123 -8.69 -1.57 -2.94
C VAL A 123 -8.73 -0.51 -4.04
N PHE A 124 -7.75 0.39 -4.03
CA PHE A 124 -7.69 1.44 -5.03
C PHE A 124 -6.33 2.15 -4.99
N VAL A 125 -5.73 2.33 -6.17
CA VAL A 125 -4.43 2.99 -6.26
C VAL A 125 -4.48 4.15 -7.24
N ASP A 126 -3.98 5.30 -6.81
CA ASP A 126 -3.95 6.50 -7.65
C ASP A 126 -2.53 6.97 -7.90
N SER A 127 -2.39 8.04 -8.68
CA SER A 127 -1.08 8.60 -9.00
C SER A 127 -0.71 9.70 -8.01
N GLY A 128 -0.27 9.30 -6.82
CA GLY A 128 0.11 10.26 -5.81
C GLY A 128 -1.06 11.07 -5.31
N PRO A 129 -0.86 11.91 -4.27
CA PRO A 129 -1.91 12.74 -3.70
C PRO A 129 -2.11 14.05 -4.45
N SER A 130 -1.00 14.72 -4.76
CA SER A 130 -1.04 15.99 -5.48
C SER A 130 0.36 16.51 -5.77
N SER A 131 0.47 17.35 -6.78
CA SER A 131 1.76 17.92 -7.16
C SER A 131 1.66 19.43 -7.36
N GLY A 132 2.60 20.17 -6.79
CA GLY A 132 2.59 21.61 -6.92
C GLY A 132 1.58 22.28 -6.00
N GLY A 1 5.41 16.63 -3.03
CA GLY A 1 5.55 15.73 -4.20
C GLY A 1 5.89 16.49 -5.47
N SER A 2 7.13 16.96 -5.57
CA SER A 2 7.58 17.72 -6.73
C SER A 2 8.99 17.30 -7.13
N SER A 3 9.49 17.90 -8.21
CA SER A 3 10.83 17.60 -8.68
C SER A 3 11.90 18.29 -7.83
N GLY A 4 12.61 17.50 -7.03
CA GLY A 4 13.63 18.06 -6.17
C GLY A 4 14.89 18.43 -6.94
N SER A 5 15.46 19.58 -6.61
CA SER A 5 16.67 20.06 -7.27
C SER A 5 17.88 19.24 -6.84
N SER A 6 17.92 18.89 -5.56
CA SER A 6 19.02 18.12 -5.01
C SER A 6 18.67 16.63 -4.95
N GLY A 7 17.96 16.16 -5.96
CA GLY A 7 17.57 14.75 -6.00
C GLY A 7 17.68 14.16 -7.39
N SER A 8 17.19 12.93 -7.55
CA SER A 8 17.24 12.25 -8.83
C SER A 8 16.15 12.78 -9.77
N SER A 9 14.98 13.02 -9.21
CA SER A 9 13.86 13.53 -10.00
C SER A 9 13.48 12.55 -11.11
N SER A 10 13.54 11.26 -10.79
CA SER A 10 13.21 10.22 -11.75
C SER A 10 12.38 9.11 -11.10
N SER A 11 11.58 9.50 -10.12
CA SER A 11 10.72 8.54 -9.41
C SER A 11 9.27 9.02 -9.39
N GLN A 12 8.37 8.16 -8.92
CA GLN A 12 6.96 8.49 -8.86
C GLN A 12 6.33 7.92 -7.59
N HIS A 13 5.17 8.45 -7.23
CA HIS A 13 4.45 7.99 -6.04
C HIS A 13 3.00 7.67 -6.38
N PHE A 14 2.61 6.41 -6.20
CA PHE A 14 1.25 5.97 -6.50
C PHE A 14 0.50 5.66 -5.20
N ASN A 15 -0.45 6.53 -4.86
CA ASN A 15 -1.25 6.35 -3.65
C ASN A 15 -1.90 4.97 -3.61
N LEU A 16 -1.43 4.13 -2.70
CA LEU A 16 -1.98 2.78 -2.56
C LEU A 16 -3.02 2.76 -1.44
N ASN A 17 -4.22 2.27 -1.77
CA ASN A 17 -5.30 2.21 -0.79
C ASN A 17 -6.13 0.94 -0.95
N PHE A 18 -6.38 0.27 0.16
CA PHE A 18 -7.17 -0.96 0.18
C PHE A 18 -7.52 -1.36 1.61
N THR A 19 -8.80 -1.28 1.94
CA THR A 19 -9.26 -1.60 3.28
C THR A 19 -9.19 -3.10 3.55
N ILE A 20 -8.73 -3.46 4.75
CA ILE A 20 -8.61 -4.86 5.14
C ILE A 20 -9.62 -5.21 6.22
N THR A 21 -10.60 -6.04 5.88
CA THR A 21 -11.63 -6.44 6.82
C THR A 21 -11.06 -7.38 7.88
N ASN A 22 -9.98 -8.07 7.53
CA ASN A 22 -9.34 -9.01 8.45
C ASN A 22 -8.65 -8.28 9.60
N LEU A 23 -8.39 -6.98 9.42
CA LEU A 23 -7.73 -6.19 10.44
C LEU A 23 -8.75 -5.35 11.23
N PRO A 24 -9.14 -5.83 12.43
CA PRO A 24 -10.11 -5.13 13.27
C PRO A 24 -9.51 -3.88 13.91
N TYR A 25 -10.17 -2.74 13.68
CA TYR A 25 -9.70 -1.47 14.22
C TYR A 25 -10.07 -1.34 15.70
N SER A 26 -9.13 -1.74 16.56
CA SER A 26 -9.34 -1.67 18.01
C SER A 26 -8.81 -0.36 18.57
N GLN A 27 -8.87 -0.24 19.90
CA GLN A 27 -8.38 0.97 20.57
C GLN A 27 -6.86 1.06 20.48
N ASP A 28 -6.19 -0.09 20.50
CA ASP A 28 -4.73 -0.12 20.42
C ASP A 28 -4.26 0.45 19.09
N ILE A 29 -4.98 0.14 18.02
CA ILE A 29 -4.63 0.63 16.69
C ILE A 29 -4.80 2.14 16.59
N ALA A 30 -5.49 2.73 17.56
CA ALA A 30 -5.73 4.17 17.57
C ALA A 30 -4.71 4.89 18.44
N GLN A 31 -3.50 4.32 18.52
CA GLN A 31 -2.44 4.91 19.33
C GLN A 31 -1.11 4.21 19.05
N PRO A 32 -0.26 4.82 18.20
CA PRO A 32 1.05 4.26 17.84
C PRO A 32 1.86 3.83 19.07
N SER A 33 1.57 4.48 20.21
CA SER A 33 2.27 4.16 21.44
C SER A 33 2.11 2.69 21.81
N THR A 34 1.01 2.10 21.39
CA THR A 34 0.74 0.69 21.67
C THR A 34 1.50 -0.21 20.71
N THR A 35 1.55 -1.50 21.03
CA THR A 35 2.25 -2.47 20.20
C THR A 35 1.37 -2.94 19.04
N LYS A 36 0.06 -2.93 19.27
CA LYS A 36 -0.89 -3.37 18.26
C LYS A 36 -0.75 -2.54 16.98
N TYR A 37 -0.38 -1.27 17.14
CA TYR A 37 -0.20 -0.38 16.00
C TYR A 37 1.12 -0.66 15.29
N GLN A 38 2.17 -0.90 16.06
CA GLN A 38 3.48 -1.18 15.50
C GLN A 38 3.52 -2.57 14.87
N GLN A 39 2.80 -3.51 15.48
CA GLN A 39 2.76 -4.88 14.97
C GLN A 39 1.98 -4.94 13.67
N THR A 40 0.79 -4.36 13.65
CA THR A 40 -0.05 -4.36 12.46
C THR A 40 0.57 -3.51 11.35
N LYS A 41 1.31 -2.48 11.75
CA LYS A 41 1.96 -1.60 10.79
C LYS A 41 3.14 -2.28 10.13
N ARG A 42 3.83 -3.14 10.90
CA ARG A 42 4.99 -3.85 10.39
C ARG A 42 4.57 -5.13 9.66
N SER A 43 3.53 -5.79 10.17
CA SER A 43 3.03 -7.01 9.56
C SER A 43 2.58 -6.76 8.12
N ILE A 44 1.72 -5.76 7.95
CA ILE A 44 1.21 -5.42 6.63
C ILE A 44 2.33 -4.92 5.71
N GLU A 45 3.15 -4.03 6.24
CA GLU A 45 4.27 -3.48 5.47
C GLU A 45 5.22 -4.58 5.02
N ASN A 46 5.31 -5.64 5.82
CA ASN A 46 6.18 -6.77 5.51
C ASN A 46 5.60 -7.60 4.37
N ALA A 47 4.28 -7.69 4.33
CA ALA A 47 3.59 -8.45 3.29
C ALA A 47 3.67 -7.73 1.95
N LEU A 48 3.57 -6.41 1.98
CA LEU A 48 3.63 -5.61 0.76
C LEU A 48 5.02 -5.66 0.15
N ASN A 49 6.04 -5.69 1.00
CA ASN A 49 7.42 -5.74 0.54
C ASN A 49 7.67 -6.99 -0.30
N GLN A 50 7.44 -8.15 0.29
CA GLN A 50 7.63 -9.42 -0.39
C GLN A 50 6.75 -9.51 -1.64
N LEU A 51 5.58 -8.87 -1.57
CA LEU A 51 4.65 -8.88 -2.69
C LEU A 51 5.28 -8.26 -3.94
N PHE A 52 6.00 -7.16 -3.75
CA PHE A 52 6.66 -6.47 -4.85
C PHE A 52 7.80 -7.31 -5.40
N ARG A 53 8.54 -7.96 -4.50
CA ARG A 53 9.67 -8.80 -4.90
C ARG A 53 9.19 -10.03 -5.66
N ASN A 54 7.95 -10.44 -5.42
CA ASN A 54 7.39 -11.61 -6.09
C ASN A 54 6.68 -11.20 -7.37
N SER A 55 6.18 -9.97 -7.41
CA SER A 55 5.47 -9.47 -8.59
C SER A 55 6.41 -9.41 -9.79
N SER A 56 5.83 -9.09 -10.96
CA SER A 56 6.61 -9.00 -12.18
C SER A 56 7.43 -7.71 -12.22
N ILE A 57 6.99 -6.71 -11.48
CA ILE A 57 7.68 -5.44 -11.42
C ILE A 57 8.64 -5.38 -10.24
N LYS A 58 9.43 -6.45 -10.08
CA LYS A 58 10.40 -6.53 -8.99
C LYS A 58 11.75 -5.96 -9.40
N SER A 59 11.75 -5.08 -10.41
CA SER A 59 12.98 -4.48 -10.88
C SER A 59 12.93 -2.95 -10.76
N TYR A 60 11.73 -2.39 -10.87
CA TYR A 60 11.55 -0.95 -10.78
C TYR A 60 10.95 -0.55 -9.44
N PHE A 61 10.11 -1.41 -8.88
CA PHE A 61 9.47 -1.15 -7.61
C PHE A 61 10.51 -0.87 -6.52
N SER A 62 10.20 0.09 -5.64
CA SER A 62 11.10 0.45 -4.56
C SER A 62 10.56 -0.05 -3.23
N ASP A 63 9.50 0.58 -2.75
CA ASP A 63 8.90 0.19 -1.47
C ASP A 63 7.56 0.89 -1.27
N CYS A 64 6.86 0.52 -0.20
CA CYS A 64 5.56 1.10 0.12
C CYS A 64 5.59 1.80 1.48
N GLN A 65 5.07 3.02 1.51
CA GLN A 65 5.04 3.79 2.76
C GLN A 65 3.62 3.88 3.30
N VAL A 66 3.34 3.09 4.34
CA VAL A 66 2.02 3.08 4.95
C VAL A 66 1.77 4.37 5.73
N LEU A 67 0.96 5.26 5.16
CA LEU A 67 0.64 6.53 5.80
C LEU A 67 -0.03 6.31 7.15
N ALA A 68 -1.23 5.75 7.12
CA ALA A 68 -1.98 5.49 8.34
C ALA A 68 -3.15 4.54 8.08
N PHE A 69 -3.86 4.17 9.15
CA PHE A 69 -5.00 3.28 9.03
C PHE A 69 -6.31 4.04 9.14
N ARG A 70 -7.07 4.06 8.05
CA ARG A 70 -8.35 4.76 8.01
C ARG A 70 -9.41 3.98 8.78
N SER A 71 -10.30 4.70 9.44
CA SER A 71 -11.37 4.09 10.21
C SER A 71 -12.64 3.94 9.38
N VAL A 72 -13.66 3.34 9.96
CA VAL A 72 -14.93 3.14 9.26
C VAL A 72 -16.10 3.16 10.24
N SER A 73 -17.23 3.69 9.79
CA SER A 73 -18.43 3.76 10.62
C SER A 73 -19.20 2.46 10.57
N ASN A 74 -20.25 2.36 11.40
CA ASN A 74 -21.08 1.16 11.45
C ASN A 74 -20.27 -0.03 11.98
N ASN A 75 -19.44 -0.60 11.12
CA ASN A 75 -18.61 -1.74 11.51
C ASN A 75 -17.17 -1.30 11.73
N ASN A 76 -16.67 -1.52 12.95
CA ASN A 76 -15.31 -1.15 13.30
C ASN A 76 -14.36 -2.34 13.17
N ASN A 77 -14.60 -3.17 12.16
CA ASN A 77 -13.78 -4.35 11.92
C ASN A 77 -12.83 -4.14 10.74
N HIS A 78 -13.21 -3.24 9.84
CA HIS A 78 -12.41 -2.94 8.67
C HIS A 78 -11.32 -1.91 9.00
N THR A 79 -10.41 -1.71 8.06
CA THR A 79 -9.32 -0.75 8.25
C THR A 79 -8.74 -0.31 6.91
N GLY A 80 -8.90 0.97 6.59
CA GLY A 80 -8.39 1.49 5.34
C GLY A 80 -6.88 1.65 5.35
N VAL A 81 -6.20 0.88 4.51
CA VAL A 81 -4.74 0.93 4.44
C VAL A 81 -4.29 2.04 3.49
N ASP A 82 -3.95 3.19 4.06
CA ASP A 82 -3.51 4.33 3.27
C ASP A 82 -1.98 4.30 3.08
N SER A 83 -1.53 3.57 2.07
CA SER A 83 -0.10 3.45 1.80
C SER A 83 0.26 4.18 0.51
N LEU A 84 1.54 4.07 0.10
CA LEU A 84 2.01 4.72 -1.10
C LEU A 84 2.93 3.81 -1.90
N CYS A 85 2.47 3.37 -3.07
CA CYS A 85 3.26 2.50 -3.92
C CYS A 85 4.44 3.26 -4.52
N ASN A 86 5.41 3.59 -3.68
CA ASN A 86 6.59 4.34 -4.11
C ASN A 86 7.49 3.47 -4.98
N PHE A 87 8.22 4.12 -5.89
CA PHE A 87 9.12 3.42 -6.79
C PHE A 87 10.54 3.99 -6.70
N SER A 88 11.45 3.41 -7.48
CA SER A 88 12.84 3.86 -7.48
C SER A 88 13.11 4.75 -8.70
N PRO A 89 14.24 5.48 -8.70
CA PRO A 89 14.60 6.36 -9.80
C PRO A 89 14.69 5.63 -11.13
N LEU A 90 15.01 4.33 -11.06
CA LEU A 90 15.12 3.51 -12.26
C LEU A 90 13.75 3.25 -12.87
N ALA A 91 12.72 3.26 -12.02
CA ALA A 91 11.36 3.02 -12.49
C ALA A 91 10.94 4.06 -13.53
N ARG A 92 9.99 3.69 -14.38
CA ARG A 92 9.51 4.58 -15.42
C ARG A 92 8.37 3.93 -16.21
N ARG A 93 7.49 4.76 -16.74
CA ARG A 93 6.35 4.26 -17.53
C ARG A 93 5.47 3.35 -16.68
N VAL A 94 5.44 3.60 -15.37
CA VAL A 94 4.64 2.80 -14.45
C VAL A 94 3.19 3.30 -14.43
N ASP A 95 2.25 2.39 -14.68
CA ASP A 95 0.83 2.73 -14.68
C ASP A 95 0.17 2.31 -13.37
N ARG A 96 -1.08 2.73 -13.19
CA ARG A 96 -1.83 2.39 -11.98
C ARG A 96 -2.27 0.93 -12.00
N VAL A 97 -2.81 0.50 -13.15
CA VAL A 97 -3.28 -0.87 -13.31
C VAL A 97 -2.14 -1.87 -13.08
N ALA A 98 -0.91 -1.43 -13.34
CA ALA A 98 0.25 -2.29 -13.17
C ALA A 98 0.34 -2.82 -11.75
N ILE A 99 0.49 -1.91 -10.79
CA ILE A 99 0.59 -2.30 -9.39
C ILE A 99 -0.75 -2.82 -8.87
N TYR A 100 -1.83 -2.41 -9.51
CA TYR A 100 -3.17 -2.84 -9.11
C TYR A 100 -3.41 -4.29 -9.53
N GLU A 101 -2.97 -4.63 -10.73
CA GLU A 101 -3.14 -5.98 -11.25
C GLU A 101 -2.25 -6.98 -10.52
N GLU A 102 -0.95 -6.67 -10.45
CA GLU A 102 0.01 -7.54 -9.78
C GLU A 102 -0.40 -7.79 -8.33
N PHE A 103 -1.10 -6.82 -7.75
CA PHE A 103 -1.55 -6.94 -6.36
C PHE A 103 -2.74 -7.89 -6.25
N LEU A 104 -3.71 -7.72 -7.15
CA LEU A 104 -4.90 -8.55 -7.16
C LEU A 104 -4.53 -10.03 -7.29
N ARG A 105 -3.71 -10.35 -8.29
CA ARG A 105 -3.29 -11.72 -8.53
C ARG A 105 -2.67 -12.34 -7.27
N MET A 106 -1.69 -11.65 -6.71
CA MET A 106 -1.01 -12.13 -5.51
C MET A 106 -1.98 -12.19 -4.32
N THR A 107 -3.00 -11.34 -4.36
CA THR A 107 -4.00 -11.30 -3.29
C THR A 107 -5.22 -12.13 -3.64
N HIS A 108 -5.04 -13.10 -4.54
CA HIS A 108 -6.15 -13.97 -4.96
C HIS A 108 -7.34 -13.16 -5.45
N ASN A 109 -7.18 -12.51 -6.60
CA ASN A 109 -8.24 -11.70 -7.19
C ASN A 109 -8.64 -10.57 -6.23
N GLY A 110 -7.66 -10.03 -5.52
CA GLY A 110 -7.93 -8.95 -4.59
C GLY A 110 -8.94 -9.34 -3.53
N THR A 111 -8.66 -10.41 -2.81
CA THR A 111 -9.56 -10.89 -1.77
C THR A 111 -8.79 -11.21 -0.48
N GLN A 112 -7.68 -11.92 -0.64
CA GLN A 112 -6.86 -12.31 0.50
C GLN A 112 -5.38 -12.00 0.25
N LEU A 113 -4.83 -11.07 1.02
CA LEU A 113 -3.43 -10.69 0.89
C LEU A 113 -2.55 -11.54 1.78
N LEU A 114 -1.98 -12.60 1.21
CA LEU A 114 -1.12 -13.51 1.95
C LEU A 114 -1.89 -14.20 3.08
N ASN A 115 -2.07 -13.48 4.18
CA ASN A 115 -2.79 -14.02 5.33
C ASN A 115 -3.71 -12.96 5.93
N PHE A 116 -4.23 -12.07 5.09
CA PHE A 116 -5.13 -11.02 5.53
C PHE A 116 -6.24 -10.78 4.52
N THR A 117 -7.43 -11.27 4.83
CA THR A 117 -8.59 -11.11 3.95
C THR A 117 -9.01 -9.65 3.89
N LEU A 118 -8.96 -9.06 2.70
CA LEU A 118 -9.35 -7.66 2.52
C LEU A 118 -10.33 -7.52 1.36
N ASP A 119 -11.07 -6.41 1.36
CA ASP A 119 -12.06 -6.15 0.31
C ASP A 119 -11.38 -5.95 -1.04
N ARG A 120 -12.17 -6.04 -2.10
CA ARG A 120 -11.65 -5.86 -3.46
C ARG A 120 -12.13 -4.55 -4.06
N LYS A 121 -13.38 -4.21 -3.78
CA LYS A 121 -13.98 -2.97 -4.29
C LYS A 121 -13.35 -1.75 -3.62
N SER A 122 -12.71 -1.96 -2.48
CA SER A 122 -12.07 -0.87 -1.74
C SER A 122 -10.68 -0.58 -2.30
N VAL A 123 -10.01 -1.62 -2.78
CA VAL A 123 -8.67 -1.47 -3.35
C VAL A 123 -8.67 -0.50 -4.52
N PHE A 124 -7.68 0.38 -4.55
CA PHE A 124 -7.56 1.37 -5.62
C PHE A 124 -6.26 2.16 -5.50
N VAL A 125 -5.49 2.20 -6.59
CA VAL A 125 -4.22 2.91 -6.61
C VAL A 125 -4.27 4.09 -7.57
N ASP A 126 -4.24 5.30 -7.01
CA ASP A 126 -4.28 6.51 -7.83
C ASP A 126 -2.97 7.28 -7.72
N SER A 127 -2.75 8.20 -8.66
CA SER A 127 -1.53 9.01 -8.67
C SER A 127 -1.53 9.99 -7.50
N GLY A 128 -0.71 9.70 -6.49
CA GLY A 128 -0.63 10.57 -5.33
C GLY A 128 -1.96 10.75 -4.64
N PRO A 129 -1.97 11.27 -3.40
CA PRO A 129 -3.20 11.48 -2.64
C PRO A 129 -4.19 12.38 -3.37
N SER A 130 -5.46 11.99 -3.38
CA SER A 130 -6.50 12.77 -4.04
C SER A 130 -7.88 12.34 -3.54
N SER A 131 -8.88 13.20 -3.81
CA SER A 131 -10.24 12.93 -3.39
C SER A 131 -11.24 13.73 -4.21
N GLY A 132 -10.88 13.99 -5.47
CA GLY A 132 -11.76 14.76 -6.34
C GLY A 132 -12.03 16.15 -5.81
N GLY A 1 16.90 21.27 -19.52
CA GLY A 1 17.71 20.31 -20.30
C GLY A 1 18.30 19.21 -19.44
N SER A 2 18.96 19.59 -18.36
CA SER A 2 19.57 18.64 -17.45
C SER A 2 18.60 18.25 -16.33
N SER A 3 18.41 19.16 -15.38
CA SER A 3 17.50 18.92 -14.26
C SER A 3 17.95 17.70 -13.45
N GLY A 4 18.78 17.96 -12.44
CA GLY A 4 19.26 16.88 -11.61
C GLY A 4 20.27 17.35 -10.56
N SER A 5 21.15 16.45 -10.15
CA SER A 5 22.16 16.78 -9.15
C SER A 5 23.33 15.81 -9.21
N SER A 6 23.67 15.37 -10.42
CA SER A 6 24.76 14.43 -10.61
C SER A 6 24.49 13.12 -9.89
N GLY A 7 23.81 12.20 -10.57
CA GLY A 7 23.49 10.91 -9.98
C GLY A 7 22.20 10.34 -10.51
N SER A 8 21.23 10.11 -9.63
CA SER A 8 19.95 9.55 -10.03
C SER A 8 18.80 10.37 -9.45
N SER A 9 17.80 10.66 -10.28
CA SER A 9 16.64 11.43 -9.85
C SER A 9 15.41 11.07 -10.66
N SER A 10 14.36 11.88 -10.53
CA SER A 10 13.11 11.63 -11.25
C SER A 10 12.49 10.30 -10.85
N SER A 11 11.44 10.36 -10.05
CA SER A 11 10.75 9.15 -9.60
C SER A 11 9.24 9.31 -9.71
N GLN A 12 8.50 8.36 -9.13
CA GLN A 12 7.05 8.39 -9.17
C GLN A 12 6.46 7.68 -7.95
N HIS A 13 5.20 8.02 -7.63
CA HIS A 13 4.52 7.40 -6.49
C HIS A 13 3.05 7.18 -6.80
N PHE A 14 2.43 6.26 -6.07
CA PHE A 14 1.02 5.95 -6.26
C PHE A 14 0.35 5.60 -4.94
N ASN A 15 -0.64 6.39 -4.55
CA ASN A 15 -1.36 6.16 -3.31
C ASN A 15 -1.98 4.78 -3.26
N LEU A 16 -1.55 3.98 -2.28
CA LEU A 16 -2.06 2.63 -2.12
C LEU A 16 -3.15 2.59 -1.05
N ASN A 17 -4.34 2.14 -1.43
CA ASN A 17 -5.46 2.07 -0.49
C ASN A 17 -6.26 0.79 -0.69
N PHE A 18 -6.65 0.17 0.42
CA PHE A 18 -7.43 -1.05 0.40
C PHE A 18 -7.78 -1.50 1.81
N THR A 19 -9.07 -1.46 2.14
CA THR A 19 -9.54 -1.86 3.46
C THR A 19 -9.39 -3.36 3.67
N ILE A 20 -8.89 -3.75 4.84
CA ILE A 20 -8.70 -5.15 5.16
C ILE A 20 -9.77 -5.64 6.13
N THR A 21 -10.79 -6.31 5.59
CA THR A 21 -11.89 -6.83 6.40
C THR A 21 -11.37 -7.71 7.54
N ASN A 22 -10.19 -8.30 7.33
CA ASN A 22 -9.59 -9.17 8.34
C ASN A 22 -8.67 -8.36 9.25
N LEU A 23 -9.18 -7.25 9.76
CA LEU A 23 -8.41 -6.39 10.65
C LEU A 23 -9.33 -5.42 11.40
N PRO A 24 -9.81 -5.80 12.59
CA PRO A 24 -10.71 -4.96 13.38
C PRO A 24 -10.03 -3.69 13.87
N TYR A 25 -10.81 -2.62 13.99
CA TYR A 25 -10.27 -1.33 14.43
C TYR A 25 -10.32 -1.23 15.96
N SER A 26 -9.20 -0.84 16.55
CA SER A 26 -9.10 -0.71 18.01
C SER A 26 -8.39 0.58 18.38
N GLN A 27 -8.57 1.01 19.63
CA GLN A 27 -7.94 2.23 20.13
C GLN A 27 -6.43 2.15 20.01
N ASP A 28 -5.89 0.94 20.12
CA ASP A 28 -4.45 0.73 20.02
C ASP A 28 -3.92 1.18 18.68
N ILE A 29 -4.64 0.83 17.61
CA ILE A 29 -4.24 1.21 16.26
C ILE A 29 -4.34 2.71 16.04
N ALA A 30 -5.06 3.39 16.93
CA ALA A 30 -5.23 4.84 16.83
C ALA A 30 -4.03 5.57 17.41
N GLN A 31 -3.26 4.88 18.25
CA GLN A 31 -2.08 5.49 18.87
C GLN A 31 -0.79 4.88 18.31
N PRO A 32 -0.05 5.65 17.47
CA PRO A 32 1.19 5.17 16.86
C PRO A 32 2.30 4.98 17.90
N SER A 33 2.08 4.05 18.81
CA SER A 33 3.04 3.77 19.86
C SER A 33 2.79 2.41 20.49
N THR A 34 1.52 2.06 20.65
CA THR A 34 1.12 0.78 21.24
C THR A 34 1.75 -0.38 20.48
N THR A 35 1.42 -1.61 20.92
CA THR A 35 1.96 -2.80 20.29
C THR A 35 1.16 -3.18 19.05
N LYS A 36 -0.17 -3.10 19.17
CA LYS A 36 -1.06 -3.43 18.05
C LYS A 36 -0.73 -2.59 16.82
N TYR A 37 -0.41 -1.32 17.04
CA TYR A 37 -0.08 -0.42 15.95
C TYR A 37 1.22 -0.83 15.27
N GLN A 38 2.30 -0.88 16.05
CA GLN A 38 3.60 -1.26 15.52
C GLN A 38 3.57 -2.68 14.95
N GLN A 39 2.76 -3.54 15.56
CA GLN A 39 2.64 -4.92 15.12
C GLN A 39 1.83 -5.01 13.82
N THR A 40 0.61 -4.49 13.86
CA THR A 40 -0.26 -4.51 12.70
C THR A 40 0.35 -3.70 11.55
N LYS A 41 1.09 -2.66 11.90
CA LYS A 41 1.72 -1.80 10.91
C LYS A 41 2.86 -2.54 10.20
N ARG A 42 3.81 -3.05 10.99
CA ARG A 42 4.94 -3.78 10.44
C ARG A 42 4.50 -5.09 9.80
N SER A 43 3.44 -5.68 10.35
CA SER A 43 2.91 -6.94 9.84
C SER A 43 2.49 -6.80 8.37
N ILE A 44 1.74 -5.74 8.08
CA ILE A 44 1.27 -5.49 6.72
C ILE A 44 2.42 -5.10 5.81
N GLU A 45 3.32 -4.25 6.33
CA GLU A 45 4.48 -3.80 5.56
C GLU A 45 5.35 -4.98 5.14
N ASN A 46 5.38 -6.01 5.99
CA ASN A 46 6.18 -7.20 5.71
C ASN A 46 5.62 -7.97 4.52
N ALA A 47 4.29 -8.11 4.49
CA ALA A 47 3.64 -8.83 3.40
C ALA A 47 3.76 -8.07 2.09
N LEU A 48 3.83 -6.74 2.17
CA LEU A 48 3.95 -5.90 0.99
C LEU A 48 5.35 -6.02 0.38
N ASN A 49 6.37 -6.05 1.24
CA ASN A 49 7.75 -6.16 0.78
C ASN A 49 7.96 -7.44 -0.01
N GLN A 50 7.27 -8.51 0.40
CA GLN A 50 7.38 -9.79 -0.28
C GLN A 50 6.57 -9.80 -1.56
N LEU A 51 5.49 -9.01 -1.58
CA LEU A 51 4.62 -8.93 -2.76
C LEU A 51 5.36 -8.29 -3.93
N PHE A 52 6.19 -7.30 -3.62
CA PHE A 52 6.95 -6.60 -4.65
C PHE A 52 8.05 -7.49 -5.23
N ARG A 53 8.77 -8.18 -4.35
CA ARG A 53 9.84 -9.07 -4.78
C ARG A 53 9.29 -10.22 -5.64
N ASN A 54 8.02 -10.55 -5.43
CA ASN A 54 7.38 -11.63 -6.19
C ASN A 54 6.59 -11.06 -7.37
N SER A 55 6.14 -9.82 -7.23
CA SER A 55 5.36 -9.17 -8.29
C SER A 55 6.15 -9.13 -9.60
N SER A 56 5.44 -9.04 -10.71
CA SER A 56 6.06 -8.99 -12.02
C SER A 56 6.95 -7.76 -12.15
N ILE A 57 6.61 -6.70 -11.43
CA ILE A 57 7.38 -5.46 -11.46
C ILE A 57 8.42 -5.44 -10.34
N LYS A 58 9.14 -6.54 -10.20
CA LYS A 58 10.18 -6.64 -9.16
C LYS A 58 11.51 -6.13 -9.68
N SER A 59 11.51 -4.91 -10.22
CA SER A 59 12.73 -4.31 -10.74
C SER A 59 12.77 -2.82 -10.46
N TYR A 60 11.65 -2.14 -10.73
CA TYR A 60 11.56 -0.71 -10.51
C TYR A 60 10.93 -0.42 -9.15
N PHE A 61 10.05 -1.30 -8.71
CA PHE A 61 9.38 -1.14 -7.42
C PHE A 61 10.38 -1.22 -6.27
N SER A 62 10.41 -0.17 -5.45
CA SER A 62 11.32 -0.12 -4.32
C SER A 62 10.65 -0.66 -3.05
N ASP A 63 9.59 0.02 -2.61
CA ASP A 63 8.86 -0.39 -1.42
C ASP A 63 7.61 0.45 -1.22
N CYS A 64 6.86 0.16 -0.16
CA CYS A 64 5.64 0.90 0.14
C CYS A 64 5.82 1.75 1.40
N GLN A 65 4.80 2.53 1.71
CA GLN A 65 4.84 3.38 2.90
C GLN A 65 3.46 3.48 3.54
N VAL A 66 3.25 2.70 4.61
CA VAL A 66 1.98 2.70 5.32
C VAL A 66 1.78 4.00 6.09
N LEU A 67 1.07 4.94 5.48
CA LEU A 67 0.81 6.23 6.11
C LEU A 67 0.07 6.05 7.43
N ALA A 68 -1.15 5.52 7.36
CA ALA A 68 -1.96 5.30 8.55
C ALA A 68 -3.11 4.33 8.26
N PHE A 69 -4.04 4.24 9.20
CA PHE A 69 -5.20 3.36 9.05
C PHE A 69 -6.50 4.13 9.22
N ARG A 70 -7.44 3.89 8.31
CA ARG A 70 -8.73 4.57 8.35
C ARG A 70 -9.77 3.71 9.08
N SER A 71 -10.77 4.37 9.65
CA SER A 71 -11.82 3.66 10.37
C SER A 71 -13.05 3.46 9.50
N VAL A 72 -13.97 2.61 9.95
CA VAL A 72 -15.18 2.33 9.20
C VAL A 72 -16.38 2.20 10.14
N SER A 73 -17.52 2.77 9.73
CA SER A 73 -18.73 2.72 10.53
C SER A 73 -19.78 1.83 9.86
N ASN A 74 -19.32 0.78 9.19
CA ASN A 74 -20.21 -0.14 8.51
C ASN A 74 -20.34 -1.45 9.28
N ASN A 75 -19.22 -2.15 9.45
CA ASN A 75 -19.20 -3.41 10.17
C ASN A 75 -18.48 -3.27 11.51
N ASN A 76 -17.66 -2.23 11.63
CA ASN A 76 -16.91 -1.99 12.87
C ASN A 76 -15.91 -3.11 13.12
N ASN A 77 -15.42 -3.71 12.04
CA ASN A 77 -14.45 -4.79 12.15
C ASN A 77 -13.48 -4.78 10.97
N HIS A 78 -13.29 -3.61 10.38
CA HIS A 78 -12.40 -3.46 9.24
C HIS A 78 -11.36 -2.37 9.50
N THR A 79 -10.57 -2.06 8.47
CA THR A 79 -9.54 -1.04 8.59
C THR A 79 -9.06 -0.59 7.21
N GLY A 80 -9.21 0.70 6.92
CA GLY A 80 -8.78 1.23 5.64
C GLY A 80 -7.28 1.46 5.58
N VAL A 81 -6.59 0.66 4.78
CA VAL A 81 -5.14 0.78 4.63
C VAL A 81 -4.78 2.02 3.80
N ASP A 82 -3.86 2.82 4.34
CA ASP A 82 -3.41 4.03 3.64
C ASP A 82 -1.91 3.98 3.39
N SER A 83 -1.50 3.20 2.40
CA SER A 83 -0.10 3.06 2.05
C SER A 83 0.26 3.89 0.83
N LEU A 84 1.52 3.81 0.40
CA LEU A 84 1.98 4.56 -0.76
C LEU A 84 2.92 3.72 -1.61
N CYS A 85 2.47 3.38 -2.82
CA CYS A 85 3.27 2.57 -3.74
C CYS A 85 4.47 3.37 -4.25
N ASN A 86 5.52 3.42 -3.44
CA ASN A 86 6.73 4.16 -3.81
C ASN A 86 7.53 3.39 -4.87
N PHE A 87 8.12 4.14 -5.80
CA PHE A 87 8.92 3.54 -6.86
C PHE A 87 10.30 4.16 -6.92
N SER A 88 11.24 3.46 -7.56
CA SER A 88 12.61 3.95 -7.69
C SER A 88 12.72 4.95 -8.83
N PRO A 89 13.84 5.69 -8.89
CA PRO A 89 14.08 6.68 -9.95
C PRO A 89 14.24 6.04 -11.32
N LEU A 90 14.70 4.80 -11.34
CA LEU A 90 14.90 4.08 -12.59
C LEU A 90 13.57 3.90 -13.34
N ALA A 91 12.49 3.79 -12.58
CA ALA A 91 11.16 3.62 -13.16
C ALA A 91 10.81 4.79 -14.09
N ARG A 92 9.84 4.57 -14.96
CA ARG A 92 9.41 5.60 -15.90
C ARG A 92 8.13 5.18 -16.63
N ARG A 93 8.07 3.92 -17.02
CA ARG A 93 6.91 3.39 -17.74
C ARG A 93 5.96 2.69 -16.78
N VAL A 94 5.77 3.28 -15.60
CA VAL A 94 4.88 2.71 -14.60
C VAL A 94 3.48 3.30 -14.69
N ASP A 95 2.49 2.55 -14.24
CA ASP A 95 1.10 3.00 -14.28
C ASP A 95 0.34 2.54 -13.03
N ARG A 96 -0.73 3.25 -12.70
CA ARG A 96 -1.54 2.91 -11.54
C ARG A 96 -2.11 1.50 -11.66
N VAL A 97 -2.61 1.18 -12.85
CA VAL A 97 -3.19 -0.13 -13.11
C VAL A 97 -2.15 -1.23 -12.94
N ALA A 98 -0.89 -0.89 -13.21
CA ALA A 98 0.20 -1.85 -13.09
C ALA A 98 0.31 -2.39 -11.68
N ILE A 99 0.52 -1.48 -10.72
CA ILE A 99 0.65 -1.86 -9.32
C ILE A 99 -0.64 -2.48 -8.81
N TYR A 100 -1.77 -2.08 -9.40
CA TYR A 100 -3.07 -2.60 -9.00
C TYR A 100 -3.24 -4.05 -9.43
N GLU A 101 -2.87 -4.33 -10.68
CA GLU A 101 -2.99 -5.68 -11.23
C GLU A 101 -2.00 -6.63 -10.55
N GLU A 102 -0.74 -6.22 -10.50
CA GLU A 102 0.30 -7.04 -9.87
C GLU A 102 -0.04 -7.34 -8.42
N PHE A 103 -0.76 -6.42 -7.78
CA PHE A 103 -1.15 -6.58 -6.38
C PHE A 103 -2.40 -7.44 -6.26
N LEU A 104 -3.27 -7.34 -7.26
CA LEU A 104 -4.52 -8.11 -7.26
C LEU A 104 -4.24 -9.60 -7.46
N ARG A 105 -3.39 -9.91 -8.43
CA ARG A 105 -3.04 -11.30 -8.73
C ARG A 105 -2.43 -11.98 -7.51
N MET A 106 -1.66 -11.22 -6.73
CA MET A 106 -1.01 -11.76 -5.54
C MET A 106 -1.97 -11.79 -4.35
N THR A 107 -2.96 -10.90 -4.38
CA THR A 107 -3.94 -10.83 -3.30
C THR A 107 -5.19 -11.65 -3.61
N HIS A 108 -5.01 -12.71 -4.39
CA HIS A 108 -6.11 -13.59 -4.77
C HIS A 108 -7.27 -12.78 -5.38
N ASN A 109 -6.99 -12.11 -6.48
CA ASN A 109 -7.98 -11.30 -7.17
C ASN A 109 -8.47 -10.17 -6.27
N GLY A 110 -7.62 -9.75 -5.34
CA GLY A 110 -7.99 -8.67 -4.42
C GLY A 110 -8.96 -9.13 -3.36
N THR A 111 -8.78 -10.36 -2.88
CA THR A 111 -9.67 -10.91 -1.86
C THR A 111 -8.89 -11.20 -0.57
N GLN A 112 -7.64 -11.62 -0.72
CA GLN A 112 -6.80 -11.93 0.43
C GLN A 112 -5.33 -11.64 0.13
N LEU A 113 -4.72 -10.84 0.98
CA LEU A 113 -3.31 -10.48 0.81
C LEU A 113 -2.42 -11.35 1.70
N LEU A 114 -1.84 -12.39 1.09
CA LEU A 114 -0.96 -13.31 1.83
C LEU A 114 -1.72 -14.01 2.94
N ASN A 115 -1.89 -13.33 4.07
CA ASN A 115 -2.60 -13.90 5.21
C ASN A 115 -3.57 -12.88 5.81
N PHE A 116 -4.29 -12.18 4.94
CA PHE A 116 -5.25 -11.18 5.38
C PHE A 116 -6.36 -10.98 4.34
N THR A 117 -7.54 -11.50 4.64
CA THR A 117 -8.68 -11.39 3.72
C THR A 117 -9.19 -9.95 3.70
N LEU A 118 -9.04 -9.30 2.55
CA LEU A 118 -9.49 -7.92 2.39
C LEU A 118 -10.48 -7.79 1.23
N ASP A 119 -11.26 -6.72 1.24
CA ASP A 119 -12.24 -6.48 0.20
C ASP A 119 -11.58 -6.41 -1.18
N ARG A 120 -12.40 -6.28 -2.22
CA ARG A 120 -11.91 -6.21 -3.58
C ARG A 120 -12.09 -4.82 -4.15
N LYS A 121 -13.35 -4.40 -4.30
CA LYS A 121 -13.66 -3.08 -4.84
C LYS A 121 -12.99 -1.98 -4.02
N SER A 122 -12.69 -2.28 -2.76
CA SER A 122 -12.05 -1.32 -1.87
C SER A 122 -10.63 -1.00 -2.35
N VAL A 123 -9.92 -2.04 -2.79
CA VAL A 123 -8.55 -1.88 -3.27
C VAL A 123 -8.51 -0.94 -4.48
N PHE A 124 -7.55 -0.03 -4.48
CA PHE A 124 -7.39 0.92 -5.57
C PHE A 124 -6.12 1.75 -5.40
N VAL A 125 -5.39 1.93 -6.49
CA VAL A 125 -4.16 2.71 -6.46
C VAL A 125 -4.15 3.77 -7.55
N ASP A 126 -3.69 4.97 -7.20
CA ASP A 126 -3.62 6.07 -8.15
C ASP A 126 -2.46 7.00 -7.83
N SER A 127 -2.32 8.06 -8.63
CA SER A 127 -1.25 9.03 -8.42
C SER A 127 -1.52 9.89 -7.21
N GLY A 128 -0.82 9.60 -6.11
CA GLY A 128 -0.99 10.37 -4.89
C GLY A 128 -0.20 11.66 -4.89
N PRO A 129 -0.51 12.59 -3.98
CA PRO A 129 0.18 13.88 -3.88
C PRO A 129 1.68 13.71 -3.66
N SER A 130 2.32 14.77 -3.18
CA SER A 130 3.76 14.74 -2.92
C SER A 130 4.15 15.78 -1.87
N SER A 131 4.13 17.04 -2.27
CA SER A 131 4.48 18.13 -1.37
C SER A 131 3.24 18.67 -0.65
N GLY A 132 2.22 19.02 -1.44
CA GLY A 132 1.00 19.55 -0.86
C GLY A 132 0.82 21.03 -1.12
N GLY A 1 26.02 10.85 0.49
CA GLY A 1 26.27 10.94 -0.98
C GLY A 1 25.13 11.63 -1.72
N SER A 2 25.22 12.94 -1.85
CA SER A 2 24.19 13.71 -2.55
C SER A 2 24.22 13.43 -4.04
N SER A 3 23.30 14.06 -4.77
CA SER A 3 23.22 13.88 -6.22
C SER A 3 22.64 15.12 -6.89
N GLY A 4 23.52 15.97 -7.40
CA GLY A 4 23.08 17.19 -8.06
C GLY A 4 22.28 16.90 -9.32
N SER A 5 22.56 15.77 -9.96
CA SER A 5 21.86 15.39 -11.18
C SER A 5 20.37 15.23 -10.92
N SER A 6 20.03 14.40 -9.93
CA SER A 6 18.63 14.17 -9.58
C SER A 6 18.08 15.31 -8.75
N GLY A 7 18.92 15.88 -7.89
CA GLY A 7 18.50 16.97 -7.04
C GLY A 7 18.00 16.51 -5.68
N SER A 8 17.10 15.52 -5.69
CA SER A 8 16.56 14.99 -4.45
C SER A 8 15.78 13.69 -4.71
N SER A 9 14.69 13.80 -5.46
CA SER A 9 13.86 12.64 -5.78
C SER A 9 13.57 12.59 -7.27
N SER A 10 13.49 11.37 -7.81
CA SER A 10 13.21 11.18 -9.23
C SER A 10 12.41 9.91 -9.46
N SER A 11 11.60 9.55 -8.47
CA SER A 11 10.76 8.34 -8.57
C SER A 11 9.28 8.71 -8.55
N GLN A 12 8.44 7.70 -8.73
CA GLN A 12 6.99 7.92 -8.73
C GLN A 12 6.37 7.43 -7.43
N HIS A 13 5.37 8.17 -6.94
CA HIS A 13 4.69 7.82 -5.71
C HIS A 13 3.20 7.61 -5.94
N PHE A 14 2.76 6.37 -5.81
CA PHE A 14 1.35 6.03 -6.01
C PHE A 14 0.65 5.78 -4.68
N ASN A 15 -0.46 6.48 -4.45
CA ASN A 15 -1.21 6.33 -3.22
C ASN A 15 -1.88 4.96 -3.14
N LEU A 16 -1.40 4.12 -2.22
CA LEU A 16 -1.95 2.79 -2.04
C LEU A 16 -3.06 2.79 -1.01
N ASN A 17 -4.15 2.10 -1.31
CA ASN A 17 -5.29 2.04 -0.40
C ASN A 17 -6.11 0.76 -0.62
N PHE A 18 -6.35 0.04 0.47
CA PHE A 18 -7.13 -1.20 0.41
C PHE A 18 -7.55 -1.65 1.80
N THR A 19 -8.85 -1.60 2.06
CA THR A 19 -9.40 -1.99 3.35
C THR A 19 -9.27 -3.48 3.58
N ILE A 20 -8.82 -3.86 4.77
CA ILE A 20 -8.65 -5.27 5.12
C ILE A 20 -9.74 -5.72 6.09
N THR A 21 -10.72 -6.45 5.55
CA THR A 21 -11.83 -6.94 6.36
C THR A 21 -11.33 -7.82 7.51
N ASN A 22 -10.21 -8.48 7.29
CA ASN A 22 -9.63 -9.35 8.31
C ASN A 22 -9.04 -8.53 9.45
N LEU A 23 -8.23 -7.55 9.12
CA LEU A 23 -7.60 -6.69 10.11
C LEU A 23 -8.62 -5.73 10.72
N PRO A 24 -8.95 -5.89 12.02
CA PRO A 24 -9.91 -5.02 12.69
C PRO A 24 -9.31 -3.67 13.05
N TYR A 25 -10.11 -2.83 13.70
CA TYR A 25 -9.67 -1.50 14.09
C TYR A 25 -10.13 -1.16 15.51
N SER A 26 -9.16 -1.01 16.42
CA SER A 26 -9.48 -0.69 17.80
C SER A 26 -8.81 0.62 18.22
N GLN A 27 -8.95 0.96 19.49
CA GLN A 27 -8.35 2.19 20.03
C GLN A 27 -6.83 2.16 19.87
N ASP A 28 -6.25 0.97 19.95
CA ASP A 28 -4.82 0.81 19.83
C ASP A 28 -4.33 1.28 18.46
N ILE A 29 -5.02 0.84 17.41
CA ILE A 29 -4.67 1.21 16.05
C ILE A 29 -4.76 2.72 15.84
N ALA A 30 -5.45 3.41 16.74
CA ALA A 30 -5.60 4.85 16.65
C ALA A 30 -4.42 5.58 17.30
N GLN A 31 -3.75 4.91 18.25
CA GLN A 31 -2.62 5.50 18.94
C GLN A 31 -1.32 4.76 18.60
N PRO A 32 -0.36 5.43 17.94
CA PRO A 32 0.92 4.82 17.56
C PRO A 32 1.71 4.35 18.77
N SER A 33 1.37 4.87 19.96
CA SER A 33 2.07 4.49 21.18
C SER A 33 1.79 3.03 21.55
N THR A 34 0.60 2.55 21.21
CA THR A 34 0.22 1.18 21.51
C THR A 34 1.01 0.19 20.67
N THR A 35 0.94 -1.09 21.03
CA THR A 35 1.65 -2.13 20.30
C THR A 35 0.85 -2.59 19.08
N LYS A 36 -0.46 -2.58 19.21
CA LYS A 36 -1.34 -3.00 18.12
C LYS A 36 -1.07 -2.19 16.86
N TYR A 37 -0.64 -0.94 17.04
CA TYR A 37 -0.34 -0.07 15.91
C TYR A 37 1.00 -0.45 15.27
N GLN A 38 2.06 -0.44 16.08
CA GLN A 38 3.39 -0.78 15.59
C GLN A 38 3.42 -2.20 15.03
N GLN A 39 2.60 -3.07 15.58
CA GLN A 39 2.53 -4.46 15.14
C GLN A 39 1.84 -4.57 13.78
N THR A 40 0.59 -4.14 13.72
CA THR A 40 -0.18 -4.18 12.49
C THR A 40 0.50 -3.36 11.39
N LYS A 41 1.20 -2.31 11.79
CA LYS A 41 1.90 -1.45 10.85
C LYS A 41 3.08 -2.17 10.22
N ARG A 42 3.81 -2.92 11.03
CA ARG A 42 4.98 -3.66 10.56
C ARG A 42 4.56 -4.97 9.89
N SER A 43 3.45 -5.54 10.35
CA SER A 43 2.95 -6.79 9.80
C SER A 43 2.58 -6.63 8.32
N ILE A 44 1.80 -5.60 8.02
CA ILE A 44 1.38 -5.33 6.65
C ILE A 44 2.56 -4.91 5.78
N GLU A 45 3.40 -4.04 6.32
CA GLU A 45 4.57 -3.56 5.60
C GLU A 45 5.49 -4.72 5.19
N ASN A 46 5.49 -5.76 6.00
CA ASN A 46 6.32 -6.93 5.73
C ASN A 46 5.72 -7.77 4.59
N ALA A 47 4.40 -7.93 4.62
CA ALA A 47 3.71 -8.70 3.59
C ALA A 47 3.85 -8.04 2.22
N LEU A 48 3.56 -6.75 2.16
CA LEU A 48 3.64 -6.00 0.92
C LEU A 48 5.05 -6.03 0.36
N ASN A 49 6.04 -6.13 1.25
CA ASN A 49 7.44 -6.16 0.84
C ASN A 49 7.71 -7.35 -0.09
N GLN A 50 7.49 -8.56 0.44
CA GLN A 50 7.71 -9.78 -0.33
C GLN A 50 6.87 -9.78 -1.61
N LEU A 51 5.72 -9.12 -1.55
CA LEU A 51 4.82 -9.05 -2.70
C LEU A 51 5.50 -8.35 -3.88
N PHE A 52 6.28 -7.32 -3.56
CA PHE A 52 6.98 -6.56 -4.60
C PHE A 52 8.07 -7.41 -5.25
N ARG A 53 8.76 -8.20 -4.44
CA ARG A 53 9.83 -9.07 -4.93
C ARG A 53 9.27 -10.28 -5.66
N ASN A 54 7.96 -10.50 -5.53
CA ASN A 54 7.32 -11.64 -6.18
C ASN A 54 6.51 -11.19 -7.40
N SER A 55 6.00 -9.95 -7.35
CA SER A 55 5.21 -9.40 -8.44
C SER A 55 6.02 -9.38 -9.74
N SER A 56 5.32 -9.44 -10.87
CA SER A 56 5.97 -9.42 -12.17
C SER A 56 6.81 -8.15 -12.35
N ILE A 57 6.42 -7.09 -11.65
CA ILE A 57 7.15 -5.83 -11.71
C ILE A 57 8.18 -5.72 -10.60
N LYS A 58 8.96 -6.79 -10.42
CA LYS A 58 9.98 -6.82 -9.38
C LYS A 58 11.33 -6.34 -9.92
N SER A 59 11.29 -5.48 -10.93
CA SER A 59 12.50 -4.93 -11.52
C SER A 59 12.50 -3.41 -11.46
N TYR A 60 11.75 -2.87 -10.51
CA TYR A 60 11.66 -1.42 -10.33
C TYR A 60 11.11 -1.08 -8.95
N PHE A 61 10.08 -1.80 -8.52
CA PHE A 61 9.46 -1.57 -7.22
C PHE A 61 10.51 -1.59 -6.11
N SER A 62 10.70 -0.44 -5.48
CA SER A 62 11.67 -0.32 -4.40
C SER A 62 11.07 -0.78 -3.07
N ASP A 63 10.06 -0.05 -2.61
CA ASP A 63 9.40 -0.39 -1.35
C ASP A 63 8.09 0.38 -1.19
N CYS A 64 7.45 0.20 -0.05
CA CYS A 64 6.18 0.87 0.23
C CYS A 64 6.26 1.69 1.51
N GLN A 65 5.39 2.70 1.62
CA GLN A 65 5.36 3.56 2.80
C GLN A 65 3.95 3.65 3.38
N VAL A 66 3.73 2.96 4.49
CA VAL A 66 2.43 2.97 5.14
C VAL A 66 2.17 4.29 5.86
N LEU A 67 1.22 5.07 5.36
CA LEU A 67 0.89 6.36 5.94
C LEU A 67 0.17 6.17 7.27
N ALA A 68 -1.04 5.63 7.22
CA ALA A 68 -1.84 5.41 8.43
C ALA A 68 -2.98 4.44 8.16
N PHE A 69 -3.84 4.27 9.16
CA PHE A 69 -4.99 3.37 9.03
C PHE A 69 -6.30 4.13 9.26
N ARG A 70 -7.20 4.03 8.29
CA ARG A 70 -8.49 4.70 8.38
C ARG A 70 -9.56 3.76 8.96
N SER A 71 -10.02 4.08 10.17
CA SER A 71 -11.03 3.26 10.82
C SER A 71 -12.39 3.42 10.14
N VAL A 72 -12.88 2.33 9.56
CA VAL A 72 -14.17 2.35 8.87
C VAL A 72 -15.31 2.59 9.85
N SER A 73 -15.06 2.34 11.13
CA SER A 73 -16.08 2.53 12.16
C SER A 73 -17.25 1.58 11.95
N ASN A 74 -18.33 1.81 12.68
CA ASN A 74 -19.52 0.96 12.59
C ASN A 74 -19.23 -0.47 13.02
N ASN A 75 -18.61 -1.23 12.12
CA ASN A 75 -18.27 -2.62 12.40
C ASN A 75 -16.77 -2.77 12.62
N ASN A 76 -16.40 -3.26 13.80
CA ASN A 76 -14.98 -3.46 14.13
C ASN A 76 -14.45 -4.73 13.48
N ASN A 77 -13.92 -4.60 12.26
CA ASN A 77 -13.37 -5.74 11.54
C ASN A 77 -12.53 -5.27 10.35
N HIS A 78 -13.05 -4.29 9.62
CA HIS A 78 -12.34 -3.76 8.46
C HIS A 78 -11.38 -2.66 8.87
N THR A 79 -10.48 -2.29 7.97
CA THR A 79 -9.49 -1.25 8.23
C THR A 79 -8.86 -0.74 6.95
N GLY A 80 -9.09 0.53 6.64
CA GLY A 80 -8.53 1.11 5.43
C GLY A 80 -7.04 1.37 5.56
N VAL A 81 -6.25 0.59 4.83
CA VAL A 81 -4.80 0.73 4.86
C VAL A 81 -4.32 1.79 3.87
N ASP A 82 -3.99 2.97 4.38
CA ASP A 82 -3.50 4.06 3.55
C ASP A 82 -1.99 3.96 3.36
N SER A 83 -1.58 3.22 2.35
CA SER A 83 -0.16 3.02 2.06
C SER A 83 0.29 3.86 0.87
N LEU A 84 1.54 3.69 0.47
CA LEU A 84 2.09 4.43 -0.66
C LEU A 84 3.00 3.55 -1.51
N CYS A 85 2.52 3.19 -2.70
CA CYS A 85 3.30 2.36 -3.61
C CYS A 85 4.48 3.14 -4.17
N ASN A 86 5.63 3.05 -3.49
CA ASN A 86 6.83 3.76 -3.92
C ASN A 86 7.65 2.92 -4.89
N PHE A 87 8.27 3.58 -5.86
CA PHE A 87 9.10 2.90 -6.85
C PHE A 87 10.47 3.57 -6.96
N SER A 88 11.37 2.95 -7.71
CA SER A 88 12.71 3.49 -7.91
C SER A 88 12.71 4.55 -9.00
N PRO A 89 13.81 5.33 -9.10
CA PRO A 89 13.94 6.38 -10.11
C PRO A 89 14.13 5.82 -11.52
N LEU A 90 14.71 4.63 -11.59
CA LEU A 90 14.96 3.98 -12.88
C LEU A 90 13.65 3.76 -13.63
N ALA A 91 12.57 3.56 -12.88
CA ALA A 91 11.25 3.34 -13.48
C ALA A 91 10.63 4.66 -13.92
N ARG A 92 10.04 4.65 -15.12
CA ARG A 92 9.40 5.84 -15.66
C ARG A 92 8.21 5.47 -16.54
N ARG A 93 7.54 4.39 -16.19
CA ARG A 93 6.39 3.93 -16.96
C ARG A 93 5.50 3.01 -16.11
N VAL A 94 5.26 3.42 -14.86
CA VAL A 94 4.43 2.63 -13.96
C VAL A 94 3.09 3.31 -13.72
N ASP A 95 2.05 2.80 -14.36
CA ASP A 95 0.70 3.35 -14.22
C ASP A 95 0.02 2.83 -12.95
N ARG A 96 -0.97 3.56 -12.48
CA ARG A 96 -1.69 3.17 -11.27
C ARG A 96 -2.36 1.81 -11.45
N VAL A 97 -2.75 1.51 -12.69
CA VAL A 97 -3.39 0.24 -13.00
C VAL A 97 -2.42 -0.92 -12.86
N ALA A 98 -1.13 -0.65 -13.10
CA ALA A 98 -0.10 -1.67 -12.99
C ALA A 98 -0.07 -2.28 -11.60
N ILE A 99 0.19 -1.44 -10.60
CA ILE A 99 0.26 -1.90 -9.22
C ILE A 99 -1.11 -2.38 -8.73
N TYR A 100 -2.17 -1.84 -9.35
CA TYR A 100 -3.53 -2.22 -8.99
C TYR A 100 -3.87 -3.62 -9.48
N GLU A 101 -3.47 -3.91 -10.71
CA GLU A 101 -3.72 -5.22 -11.31
C GLU A 101 -2.80 -6.28 -10.71
N GLU A 102 -1.57 -5.88 -10.41
CA GLU A 102 -0.59 -6.80 -9.84
C GLU A 102 -0.96 -7.17 -8.41
N PHE A 103 -1.17 -6.15 -7.57
CA PHE A 103 -1.53 -6.37 -6.18
C PHE A 103 -2.81 -7.19 -6.06
N LEU A 104 -3.67 -7.07 -7.06
CA LEU A 104 -4.94 -7.80 -7.07
C LEU A 104 -4.77 -9.21 -7.64
N ARG A 105 -3.72 -9.40 -8.43
CA ARG A 105 -3.45 -10.69 -9.04
C ARG A 105 -2.76 -11.63 -8.07
N MET A 106 -1.96 -11.06 -7.17
CA MET A 106 -1.24 -11.85 -6.17
C MET A 106 -2.07 -12.05 -4.91
N THR A 107 -3.06 -11.20 -4.70
CA THR A 107 -3.92 -11.29 -3.52
C THR A 107 -5.19 -12.07 -3.82
N HIS A 108 -5.09 -13.03 -4.74
CA HIS A 108 -6.24 -13.86 -5.11
C HIS A 108 -7.42 -12.99 -5.54
N ASN A 109 -7.17 -12.09 -6.49
CA ASN A 109 -8.20 -11.19 -6.98
C ASN A 109 -8.65 -10.23 -5.89
N GLY A 110 -7.70 -9.77 -5.09
CA GLY A 110 -8.00 -8.84 -4.01
C GLY A 110 -8.88 -9.47 -2.95
N THR A 111 -8.63 -10.74 -2.65
CA THR A 111 -9.42 -11.45 -1.65
C THR A 111 -8.59 -11.71 -0.40
N GLN A 112 -7.34 -12.11 -0.59
CA GLN A 112 -6.44 -12.39 0.53
C GLN A 112 -5.00 -12.04 0.20
N LEU A 113 -4.44 -11.10 0.96
CA LEU A 113 -3.06 -10.68 0.74
C LEU A 113 -2.11 -11.51 1.61
N LEU A 114 -1.49 -12.50 1.00
CA LEU A 114 -0.56 -13.38 1.71
C LEU A 114 -1.26 -14.14 2.82
N ASN A 115 -1.52 -13.46 3.93
CA ASN A 115 -2.19 -14.08 5.07
C ASN A 115 -3.20 -13.12 5.69
N PHE A 116 -3.91 -12.37 4.84
CA PHE A 116 -4.90 -11.41 5.31
C PHE A 116 -6.01 -11.25 4.27
N THR A 117 -7.24 -11.57 4.67
CA THR A 117 -8.38 -11.45 3.78
C THR A 117 -8.88 -10.01 3.70
N LEU A 118 -8.85 -9.45 2.50
CA LEU A 118 -9.31 -8.07 2.30
C LEU A 118 -10.18 -7.98 1.04
N ASP A 119 -10.97 -6.91 0.97
CA ASP A 119 -11.86 -6.69 -0.17
C ASP A 119 -11.09 -6.21 -1.39
N ARG A 120 -11.52 -6.66 -2.57
CA ARG A 120 -10.87 -6.27 -3.81
C ARG A 120 -11.47 -5.00 -4.37
N LYS A 121 -12.80 -4.90 -4.30
CA LYS A 121 -13.51 -3.73 -4.80
C LYS A 121 -13.11 -2.48 -4.03
N SER A 122 -12.80 -2.66 -2.75
CA SER A 122 -12.40 -1.54 -1.89
C SER A 122 -11.01 -1.03 -2.27
N VAL A 123 -10.19 -1.92 -2.82
CA VAL A 123 -8.83 -1.55 -3.22
C VAL A 123 -8.84 -0.42 -4.24
N PHE A 124 -7.78 0.39 -4.22
CA PHE A 124 -7.67 1.51 -5.14
C PHE A 124 -6.31 2.17 -5.02
N VAL A 125 -5.75 2.60 -6.15
CA VAL A 125 -4.44 3.25 -6.16
C VAL A 125 -4.43 4.44 -7.11
N ASP A 126 -4.10 5.61 -6.59
CA ASP A 126 -4.05 6.82 -7.39
C ASP A 126 -2.61 7.29 -7.56
N SER A 127 -2.39 8.16 -8.55
CA SER A 127 -1.05 8.68 -8.83
C SER A 127 -0.74 9.87 -7.92
N GLY A 128 0.27 9.71 -7.08
CA GLY A 128 0.66 10.78 -6.18
C GLY A 128 1.12 12.02 -6.91
N PRO A 129 2.22 11.93 -7.68
CA PRO A 129 2.75 13.06 -8.44
C PRO A 129 1.84 13.48 -9.58
N SER A 130 1.11 14.59 -9.37
CA SER A 130 0.20 15.10 -10.38
C SER A 130 -0.34 16.47 -9.98
N SER A 131 0.44 17.50 -10.27
CA SER A 131 0.04 18.87 -9.94
C SER A 131 0.63 19.87 -10.92
N GLY A 132 -0.20 20.36 -11.84
CA GLY A 132 0.25 21.31 -12.82
C GLY A 132 0.20 22.74 -12.33
N GLY A 1 -5.23 16.42 0.03
CA GLY A 1 -5.44 17.50 -0.98
C GLY A 1 -4.16 18.24 -1.29
N SER A 2 -3.04 17.54 -1.27
CA SER A 2 -1.74 18.14 -1.55
C SER A 2 -1.18 17.63 -2.88
N SER A 3 -2.07 17.44 -3.85
CA SER A 3 -1.67 16.96 -5.17
C SER A 3 -1.35 18.13 -6.10
N GLY A 4 -0.07 18.50 -6.16
CA GLY A 4 0.35 19.59 -7.02
C GLY A 4 1.38 20.48 -6.36
N SER A 5 2.60 19.97 -6.24
CA SER A 5 3.68 20.72 -5.62
C SER A 5 4.76 21.08 -6.64
N SER A 6 5.74 21.89 -6.22
CA SER A 6 6.83 22.28 -7.10
C SER A 6 7.82 21.15 -7.29
N GLY A 7 7.74 20.48 -8.45
CA GLY A 7 8.64 19.38 -8.73
C GLY A 7 7.93 18.20 -9.36
N SER A 8 8.28 17.90 -10.62
CA SER A 8 7.67 16.78 -11.32
C SER A 8 8.73 15.89 -11.95
N SER A 9 8.29 14.84 -12.64
CA SER A 9 9.20 13.91 -13.29
C SER A 9 10.11 13.25 -12.26
N SER A 10 10.82 12.21 -12.70
CA SER A 10 11.73 11.48 -11.82
C SER A 10 10.98 10.83 -10.67
N SER A 11 11.04 9.50 -10.59
CA SER A 11 10.35 8.76 -9.54
C SER A 11 8.86 9.00 -9.59
N GLN A 12 8.10 8.10 -8.96
CA GLN A 12 6.64 8.21 -8.94
C GLN A 12 6.08 7.73 -7.61
N HIS A 13 4.88 8.19 -7.28
CA HIS A 13 4.22 7.81 -6.04
C HIS A 13 2.74 7.53 -6.27
N PHE A 14 2.34 6.27 -6.11
CA PHE A 14 0.96 5.87 -6.31
C PHE A 14 0.28 5.59 -4.97
N ASN A 15 -0.75 6.37 -4.66
CA ASN A 15 -1.49 6.22 -3.40
C ASN A 15 -2.09 4.83 -3.29
N LEU A 16 -1.53 4.02 -2.40
CA LEU A 16 -2.02 2.66 -2.17
C LEU A 16 -3.12 2.67 -1.11
N ASN A 17 -4.25 2.04 -1.42
CA ASN A 17 -5.37 2.00 -0.49
C ASN A 17 -6.16 0.70 -0.64
N PHE A 18 -6.60 0.16 0.49
CA PHE A 18 -7.39 -1.08 0.52
C PHE A 18 -7.77 -1.45 1.94
N THR A 19 -9.07 -1.38 2.23
CA THR A 19 -9.58 -1.70 3.56
C THR A 19 -9.46 -3.19 3.85
N ILE A 20 -8.92 -3.52 5.02
CA ILE A 20 -8.75 -4.92 5.42
C ILE A 20 -9.92 -5.37 6.27
N THR A 21 -10.84 -6.12 5.65
CA THR A 21 -12.02 -6.64 6.34
C THR A 21 -11.62 -7.43 7.58
N ASN A 22 -10.43 -8.02 7.55
CA ASN A 22 -9.95 -8.81 8.67
C ASN A 22 -8.94 -8.02 9.51
N LEU A 23 -9.39 -6.88 10.03
CA LEU A 23 -8.53 -6.03 10.85
C LEU A 23 -9.36 -5.05 11.67
N PRO A 24 -9.77 -5.45 12.88
CA PRO A 24 -10.57 -4.60 13.77
C PRO A 24 -9.92 -3.24 14.00
N TYR A 25 -10.73 -2.26 14.38
CA TYR A 25 -10.24 -0.90 14.64
C TYR A 25 -10.43 -0.53 16.09
N SER A 26 -9.50 -0.96 16.95
CA SER A 26 -9.57 -0.66 18.38
C SER A 26 -8.80 0.62 18.70
N GLN A 27 -8.89 1.05 19.95
CA GLN A 27 -8.19 2.25 20.40
C GLN A 27 -6.68 2.12 20.21
N ASP A 28 -6.19 0.89 20.28
CA ASP A 28 -4.77 0.63 20.12
C ASP A 28 -4.27 1.13 18.77
N ILE A 29 -4.97 0.76 17.70
CA ILE A 29 -4.61 1.18 16.36
C ILE A 29 -4.65 2.70 16.22
N ALA A 30 -5.51 3.33 17.01
CA ALA A 30 -5.65 4.79 16.98
C ALA A 30 -4.38 5.46 17.49
N GLN A 31 -3.61 4.75 18.31
CA GLN A 31 -2.38 5.29 18.87
C GLN A 31 -1.22 4.33 18.67
N PRO A 32 -0.19 4.74 17.91
CA PRO A 32 0.99 3.88 17.66
C PRO A 32 1.65 3.39 18.94
N SER A 33 1.42 4.12 20.03
CA SER A 33 1.99 3.76 21.32
C SER A 33 1.71 2.30 21.68
N THR A 34 0.60 1.78 21.17
CA THR A 34 0.22 0.39 21.43
C THR A 34 0.94 -0.55 20.48
N THR A 35 0.92 -1.84 20.81
CA THR A 35 1.58 -2.84 19.97
C THR A 35 0.69 -3.24 18.80
N LYS A 36 -0.62 -3.15 18.98
CA LYS A 36 -1.58 -3.50 17.94
C LYS A 36 -1.32 -2.68 16.67
N TYR A 37 -0.77 -1.49 16.84
CA TYR A 37 -0.47 -0.61 15.72
C TYR A 37 0.88 -0.96 15.10
N GLN A 38 1.88 -1.13 15.94
CA GLN A 38 3.22 -1.46 15.48
C GLN A 38 3.26 -2.85 14.84
N GLN A 39 2.39 -3.73 15.32
CA GLN A 39 2.33 -5.10 14.80
C GLN A 39 1.70 -5.12 13.41
N THR A 40 0.49 -4.56 13.30
CA THR A 40 -0.21 -4.52 12.03
C THR A 40 0.59 -3.78 10.97
N LYS A 41 1.25 -2.71 11.39
CA LYS A 41 2.07 -1.90 10.48
C LYS A 41 3.17 -2.74 9.85
N ARG A 42 3.93 -3.43 10.69
CA ARG A 42 5.03 -4.27 10.22
C ARG A 42 4.50 -5.47 9.42
N SER A 43 3.39 -6.03 9.88
CA SER A 43 2.78 -7.18 9.22
C SER A 43 2.41 -6.85 7.77
N ILE A 44 1.73 -5.71 7.60
CA ILE A 44 1.31 -5.28 6.27
C ILE A 44 2.50 -4.84 5.43
N GLU A 45 3.32 -3.95 5.97
CA GLU A 45 4.49 -3.44 5.28
C GLU A 45 5.42 -4.58 4.87
N ASN A 46 5.46 -5.63 5.68
CA ASN A 46 6.31 -6.79 5.41
C ASN A 46 5.71 -7.65 4.31
N ALA A 47 4.39 -7.80 4.33
CA ALA A 47 3.69 -8.61 3.34
C ALA A 47 3.81 -8.00 1.95
N LEU A 48 3.79 -6.67 1.89
CA LEU A 48 3.90 -5.96 0.62
C LEU A 48 5.31 -6.05 0.06
N ASN A 49 6.29 -6.11 0.96
CA ASN A 49 7.69 -6.20 0.56
C ASN A 49 7.93 -7.43 -0.31
N GLN A 50 7.70 -8.60 0.27
CA GLN A 50 7.90 -9.86 -0.44
C GLN A 50 7.03 -9.92 -1.71
N LEU A 51 5.88 -9.25 -1.65
CA LEU A 51 4.97 -9.22 -2.79
C LEU A 51 5.59 -8.51 -3.98
N PHE A 52 6.45 -7.53 -3.69
CA PHE A 52 7.11 -6.76 -4.74
C PHE A 52 8.18 -7.59 -5.43
N ARG A 53 8.90 -8.39 -4.65
CA ARG A 53 9.96 -9.24 -5.20
C ARG A 53 9.37 -10.42 -5.97
N ASN A 54 8.11 -10.74 -5.70
CA ASN A 54 7.44 -11.85 -6.38
C ASN A 54 6.43 -11.35 -7.41
N SER A 55 6.76 -10.23 -8.05
CA SER A 55 5.88 -9.65 -9.06
C SER A 55 6.65 -9.35 -10.34
N SER A 56 5.91 -9.02 -11.40
CA SER A 56 6.53 -8.71 -12.69
C SER A 56 7.34 -7.42 -12.61
N ILE A 57 6.91 -6.51 -11.74
CA ILE A 57 7.59 -5.23 -11.57
C ILE A 57 8.53 -5.28 -10.36
N LYS A 58 9.34 -6.32 -10.29
CA LYS A 58 10.29 -6.49 -9.19
C LYS A 58 11.65 -5.90 -9.54
N SER A 59 11.65 -4.77 -10.24
CA SER A 59 12.88 -4.12 -10.64
C SER A 59 12.80 -2.61 -10.41
N TYR A 60 11.69 -2.02 -10.84
CA TYR A 60 11.49 -0.58 -10.68
C TYR A 60 10.88 -0.27 -9.31
N PHE A 61 10.10 -1.20 -8.78
CA PHE A 61 9.47 -1.03 -7.47
C PHE A 61 10.53 -0.97 -6.37
N SER A 62 10.50 0.12 -5.61
CA SER A 62 11.45 0.30 -4.51
C SER A 62 10.92 -0.31 -3.22
N ASP A 63 9.82 0.23 -2.74
CA ASP A 63 9.20 -0.26 -1.50
C ASP A 63 7.87 0.43 -1.23
N CYS A 64 7.25 0.10 -0.12
CA CYS A 64 5.97 0.69 0.26
C CYS A 64 6.10 1.54 1.52
N GLN A 65 5.19 2.49 1.68
CA GLN A 65 5.22 3.38 2.84
C GLN A 65 3.81 3.55 3.42
N VAL A 66 3.48 2.71 4.40
CA VAL A 66 2.17 2.77 5.04
C VAL A 66 1.99 4.08 5.81
N LEU A 67 1.23 5.00 5.23
CA LEU A 67 0.97 6.30 5.85
C LEU A 67 0.28 6.12 7.19
N ALA A 68 -0.95 5.63 7.17
CA ALA A 68 -1.71 5.41 8.39
C ALA A 68 -2.89 4.48 8.16
N PHE A 69 -3.72 4.30 9.18
CA PHE A 69 -4.89 3.44 9.07
C PHE A 69 -6.18 4.24 9.12
N ARG A 70 -6.94 4.20 8.04
CA ARG A 70 -8.20 4.93 7.96
C ARG A 70 -9.30 4.20 8.71
N SER A 71 -10.19 4.97 9.33
CA SER A 71 -11.29 4.38 10.10
C SER A 71 -12.62 4.60 9.38
N VAL A 72 -13.45 3.57 9.37
CA VAL A 72 -14.75 3.63 8.72
C VAL A 72 -15.86 3.85 9.73
N SER A 73 -16.87 4.64 9.36
CA SER A 73 -17.99 4.93 10.24
C SER A 73 -19.02 3.80 10.19
N ASN A 74 -19.11 3.13 9.04
CA ASN A 74 -20.06 2.04 8.86
C ASN A 74 -19.82 0.95 9.91
N ASN A 75 -18.68 0.27 9.80
CA ASN A 75 -18.34 -0.81 10.73
C ASN A 75 -17.04 -0.50 11.46
N ASN A 76 -16.97 -0.89 12.73
CA ASN A 76 -15.78 -0.64 13.54
C ASN A 76 -14.91 -1.88 13.60
N ASN A 77 -14.92 -2.67 12.53
CA ASN A 77 -14.12 -3.89 12.46
C ASN A 77 -13.27 -3.93 11.20
N HIS A 78 -13.06 -2.76 10.59
CA HIS A 78 -12.26 -2.65 9.39
C HIS A 78 -11.09 -1.68 9.58
N THR A 79 -10.32 -1.48 8.53
CA THR A 79 -9.17 -0.58 8.59
C THR A 79 -8.72 -0.18 7.19
N GLY A 80 -9.04 1.04 6.79
CA GLY A 80 -8.65 1.51 5.47
C GLY A 80 -7.18 1.80 5.37
N VAL A 81 -6.43 0.84 4.83
CA VAL A 81 -4.98 1.00 4.68
C VAL A 81 -4.64 2.19 3.78
N ASP A 82 -3.71 3.02 4.24
CA ASP A 82 -3.29 4.18 3.48
C ASP A 82 -1.79 4.14 3.23
N SER A 83 -1.39 3.35 2.24
CA SER A 83 0.01 3.20 1.89
C SER A 83 0.34 3.95 0.59
N LEU A 84 1.62 3.97 0.24
CA LEU A 84 2.07 4.65 -0.97
C LEU A 84 3.04 3.78 -1.76
N CYS A 85 2.61 3.35 -2.95
CA CYS A 85 3.46 2.52 -3.80
C CYS A 85 4.70 3.30 -4.25
N ASN A 86 5.70 3.36 -3.37
CA ASN A 86 6.93 4.08 -3.68
C ASN A 86 7.75 3.34 -4.73
N PHE A 87 8.13 4.06 -5.78
CA PHE A 87 8.92 3.48 -6.86
C PHE A 87 10.29 4.14 -6.96
N SER A 88 11.28 3.37 -7.42
CA SER A 88 12.64 3.88 -7.56
C SER A 88 12.73 4.87 -8.72
N PRO A 89 13.82 5.64 -8.79
CA PRO A 89 14.03 6.63 -9.86
C PRO A 89 14.06 5.98 -11.24
N LEU A 90 14.59 4.76 -11.30
CA LEU A 90 14.68 4.04 -12.56
C LEU A 90 13.30 3.80 -13.15
N ALA A 91 12.29 3.74 -12.29
CA ALA A 91 10.92 3.53 -12.73
C ALA A 91 10.48 4.59 -13.73
N ARG A 92 9.46 4.27 -14.52
CA ARG A 92 8.94 5.20 -15.51
C ARG A 92 7.72 4.61 -16.22
N ARG A 93 7.78 3.31 -16.50
CA ARG A 93 6.69 2.63 -17.18
C ARG A 93 5.63 2.16 -16.18
N VAL A 94 5.12 3.10 -15.38
CA VAL A 94 4.11 2.80 -14.38
C VAL A 94 3.04 3.87 -14.33
N ASP A 95 1.77 3.45 -14.28
CA ASP A 95 0.66 4.38 -14.23
C ASP A 95 -0.15 4.20 -12.95
N ARG A 96 -0.74 3.02 -12.79
CA ARG A 96 -1.54 2.72 -11.62
C ARG A 96 -2.09 1.29 -11.69
N VAL A 97 -2.59 0.92 -12.87
CA VAL A 97 -3.15 -0.41 -13.07
C VAL A 97 -2.09 -1.49 -12.86
N ALA A 98 -0.82 -1.13 -13.08
CA ALA A 98 0.28 -2.07 -12.91
C ALA A 98 0.31 -2.61 -11.49
N ILE A 99 0.53 -1.72 -10.52
CA ILE A 99 0.59 -2.12 -9.12
C ILE A 99 -0.76 -2.66 -8.64
N TYR A 100 -1.82 -2.25 -9.31
CA TYR A 100 -3.17 -2.69 -8.96
C TYR A 100 -3.42 -4.11 -9.44
N GLU A 101 -3.03 -4.39 -10.68
CA GLU A 101 -3.22 -5.72 -11.26
C GLU A 101 -2.23 -6.71 -10.68
N GLU A 102 -0.97 -6.29 -10.57
CA GLU A 102 0.07 -7.16 -10.02
C GLU A 102 -0.28 -7.59 -8.60
N PHE A 103 -0.86 -6.68 -7.84
CA PHE A 103 -1.25 -6.98 -6.46
C PHE A 103 -2.47 -7.90 -6.41
N LEU A 104 -3.47 -7.58 -7.23
CA LEU A 104 -4.69 -8.38 -7.28
C LEU A 104 -4.39 -9.82 -7.70
N ARG A 105 -3.40 -9.97 -8.57
CA ARG A 105 -3.01 -11.29 -9.05
C ARG A 105 -2.31 -12.10 -7.96
N MET A 106 -1.63 -11.40 -7.05
CA MET A 106 -0.92 -12.04 -5.96
C MET A 106 -1.81 -12.17 -4.72
N THR A 107 -2.80 -11.30 -4.61
CA THR A 107 -3.72 -11.32 -3.47
C THR A 107 -5.00 -12.10 -3.81
N HIS A 108 -4.92 -12.96 -4.82
CA HIS A 108 -6.07 -13.76 -5.23
C HIS A 108 -7.29 -12.89 -5.48
N ASN A 109 -7.32 -12.22 -6.63
CA ASN A 109 -8.42 -11.35 -6.99
C ASN A 109 -8.62 -10.25 -5.95
N GLY A 110 -7.53 -9.90 -5.26
CA GLY A 110 -7.61 -8.87 -4.25
C GLY A 110 -8.59 -9.20 -3.14
N THR A 111 -8.47 -10.40 -2.59
CA THR A 111 -9.36 -10.84 -1.53
C THR A 111 -8.57 -11.30 -0.30
N GLN A 112 -7.45 -11.98 -0.54
CA GLN A 112 -6.61 -12.46 0.56
C GLN A 112 -5.15 -12.06 0.35
N LEU A 113 -4.71 -11.06 1.10
CA LEU A 113 -3.33 -10.59 1.02
C LEU A 113 -2.40 -11.46 1.85
N LEU A 114 -1.79 -12.46 1.20
CA LEU A 114 -0.89 -13.38 1.88
C LEU A 114 -1.62 -14.16 2.96
N ASN A 115 -1.81 -13.53 4.11
CA ASN A 115 -2.49 -14.17 5.23
C ASN A 115 -3.74 -13.37 5.63
N PHE A 116 -3.63 -12.05 5.59
CA PHE A 116 -4.74 -11.18 5.95
C PHE A 116 -5.77 -11.11 4.83
N THR A 117 -7.02 -11.38 5.17
CA THR A 117 -8.11 -11.34 4.20
C THR A 117 -8.73 -9.96 4.12
N LEU A 118 -8.66 -9.33 2.95
CA LEU A 118 -9.21 -8.00 2.77
C LEU A 118 -10.13 -7.96 1.55
N ASP A 119 -11.00 -6.95 1.51
CA ASP A 119 -11.94 -6.80 0.40
C ASP A 119 -11.20 -6.52 -0.92
N ARG A 120 -11.96 -6.40 -2.00
CA ARG A 120 -11.39 -6.14 -3.31
C ARG A 120 -11.88 -4.80 -3.87
N LYS A 121 -13.17 -4.53 -3.68
CA LYS A 121 -13.75 -3.28 -4.16
C LYS A 121 -13.06 -2.08 -3.53
N SER A 122 -12.62 -2.24 -2.29
CA SER A 122 -11.95 -1.16 -1.57
C SER A 122 -10.52 -0.98 -2.08
N VAL A 123 -9.90 -2.07 -2.53
CA VAL A 123 -8.54 -2.03 -3.04
C VAL A 123 -8.46 -1.17 -4.31
N PHE A 124 -7.48 -0.27 -4.35
CA PHE A 124 -7.30 0.60 -5.50
C PHE A 124 -6.02 1.42 -5.34
N VAL A 125 -5.56 2.00 -6.46
CA VAL A 125 -4.35 2.81 -6.45
C VAL A 125 -4.41 3.89 -7.53
N ASP A 126 -4.13 5.13 -7.13
CA ASP A 126 -4.17 6.25 -8.07
C ASP A 126 -2.80 6.92 -8.15
N SER A 127 -2.70 7.94 -9.00
CA SER A 127 -1.45 8.67 -9.18
C SER A 127 -1.28 9.73 -8.10
N GLY A 128 -0.26 9.56 -7.27
CA GLY A 128 0.01 10.51 -6.20
C GLY A 128 0.23 11.93 -6.72
N PRO A 129 1.29 12.14 -7.51
CA PRO A 129 1.61 13.46 -8.06
C PRO A 129 0.46 14.04 -8.87
N SER A 130 0.21 13.47 -10.04
CA SER A 130 -0.87 13.94 -10.91
C SER A 130 -1.09 12.97 -12.08
N SER A 131 -0.07 12.82 -12.90
CA SER A 131 -0.14 11.93 -14.06
C SER A 131 -1.23 12.39 -15.02
N GLY A 132 -0.93 13.41 -15.81
CA GLY A 132 -1.90 13.92 -16.77
C GLY A 132 -1.52 13.61 -18.20
N GLY A 1 27.49 10.46 -22.10
CA GLY A 1 26.86 11.50 -22.97
C GLY A 1 25.49 11.91 -22.48
N SER A 2 24.77 12.67 -23.31
CA SER A 2 23.43 13.13 -22.95
C SER A 2 22.48 13.00 -24.13
N SER A 3 21.89 11.81 -24.27
CA SER A 3 20.95 11.54 -25.36
C SER A 3 20.19 10.24 -25.11
N GLY A 4 18.91 10.25 -25.40
CA GLY A 4 18.09 9.07 -25.22
C GLY A 4 16.63 9.39 -24.93
N SER A 5 16.19 9.10 -23.72
CA SER A 5 14.81 9.37 -23.32
C SER A 5 14.76 10.25 -22.08
N SER A 6 14.23 11.46 -22.24
CA SER A 6 14.13 12.40 -21.13
C SER A 6 15.51 12.88 -20.68
N GLY A 7 16.27 11.98 -20.07
CA GLY A 7 17.60 12.32 -19.60
C GLY A 7 17.66 12.47 -18.09
N SER A 8 16.98 13.47 -17.56
CA SER A 8 16.95 13.72 -16.13
C SER A 8 16.34 12.54 -15.39
N SER A 9 15.22 12.03 -15.91
CA SER A 9 14.53 10.91 -15.29
C SER A 9 14.01 11.27 -13.91
N SER A 10 12.77 10.87 -13.62
CA SER A 10 12.16 11.16 -12.34
C SER A 10 11.52 9.91 -11.74
N SER A 11 11.33 9.92 -10.43
CA SER A 11 10.73 8.78 -9.73
C SER A 11 9.22 8.78 -9.89
N GLN A 12 8.55 7.92 -9.13
CA GLN A 12 7.09 7.83 -9.19
C GLN A 12 6.52 7.33 -7.87
N HIS A 13 5.45 7.98 -7.42
CA HIS A 13 4.81 7.62 -6.16
C HIS A 13 3.32 7.36 -6.37
N PHE A 14 2.89 6.12 -6.17
CA PHE A 14 1.50 5.75 -6.35
C PHE A 14 0.85 5.42 -5.01
N ASN A 15 -0.22 6.15 -4.67
CA ASN A 15 -0.92 5.94 -3.42
C ASN A 15 -1.53 4.54 -3.35
N LEU A 16 -1.15 3.79 -2.32
CA LEU A 16 -1.66 2.43 -2.14
C LEU A 16 -2.67 2.38 -1.00
N ASN A 17 -3.92 2.11 -1.33
CA ASN A 17 -4.98 2.05 -0.33
C ASN A 17 -5.89 0.85 -0.55
N PHE A 18 -6.36 0.26 0.55
CA PHE A 18 -7.23 -0.90 0.49
C PHE A 18 -7.64 -1.33 1.90
N THR A 19 -8.94 -1.33 2.16
CA THR A 19 -9.46 -1.71 3.46
C THR A 19 -9.37 -3.22 3.68
N ILE A 20 -8.93 -3.62 4.88
CA ILE A 20 -8.81 -5.03 5.21
C ILE A 20 -9.96 -5.49 6.09
N THR A 21 -10.43 -6.71 5.87
CA THR A 21 -11.53 -7.25 6.65
C THR A 21 -11.04 -8.34 7.62
N ASN A 22 -9.76 -8.29 7.95
CA ASN A 22 -9.18 -9.27 8.87
C ASN A 22 -8.61 -8.59 10.11
N LEU A 23 -8.16 -7.36 9.96
CA LEU A 23 -7.60 -6.60 11.07
C LEU A 23 -8.67 -5.76 11.77
N PRO A 24 -9.12 -6.18 12.96
CA PRO A 24 -10.16 -5.44 13.71
C PRO A 24 -9.62 -4.15 14.30
N TYR A 25 -10.14 -3.02 13.81
CA TYR A 25 -9.71 -1.72 14.29
C TYR A 25 -10.04 -1.55 15.77
N SER A 26 -9.01 -1.26 16.56
CA SER A 26 -9.18 -1.08 18.01
C SER A 26 -8.54 0.23 18.47
N GLN A 27 -8.66 0.51 19.76
CA GLN A 27 -8.08 1.73 20.32
C GLN A 27 -6.58 1.78 20.12
N ASP A 28 -5.95 0.60 20.08
CA ASP A 28 -4.51 0.50 19.89
C ASP A 28 -4.11 1.07 18.53
N ILE A 29 -4.80 0.64 17.49
CA ILE A 29 -4.52 1.11 16.14
C ILE A 29 -4.89 2.58 15.95
N ALA A 30 -5.64 3.13 16.91
CA ALA A 30 -6.06 4.53 16.84
C ALA A 30 -5.00 5.46 17.42
N GLN A 31 -4.08 4.91 18.20
CA GLN A 31 -3.02 5.70 18.81
C GLN A 31 -1.64 5.12 18.49
N PRO A 32 -0.78 5.88 17.79
CA PRO A 32 0.56 5.42 17.43
C PRO A 32 1.47 5.29 18.65
N SER A 33 1.10 4.40 19.56
CA SER A 33 1.87 4.17 20.77
C SER A 33 1.75 2.71 21.22
N THR A 34 0.54 2.16 21.13
CA THR A 34 0.29 0.79 21.51
C THR A 34 1.14 -0.18 20.68
N THR A 35 1.02 -1.47 21.00
CA THR A 35 1.77 -2.50 20.29
C THR A 35 1.05 -2.90 19.00
N LYS A 36 -0.28 -2.96 19.07
CA LYS A 36 -1.09 -3.34 17.91
C LYS A 36 -0.85 -2.38 16.75
N TYR A 37 -0.71 -1.09 17.07
CA TYR A 37 -0.48 -0.07 16.05
C TYR A 37 0.80 -0.37 15.27
N GLN A 38 1.88 -0.63 15.99
CA GLN A 38 3.16 -0.92 15.35
C GLN A 38 3.15 -2.32 14.74
N GLN A 39 2.48 -3.25 15.39
CA GLN A 39 2.40 -4.62 14.91
C GLN A 39 1.73 -4.68 13.53
N THR A 40 0.52 -4.14 13.45
CA THR A 40 -0.22 -4.13 12.19
C THR A 40 0.51 -3.30 11.14
N LYS A 41 1.07 -2.18 11.55
CA LYS A 41 1.80 -1.30 10.65
C LYS A 41 2.98 -2.04 10.01
N ARG A 42 3.62 -2.90 10.78
CA ARG A 42 4.76 -3.67 10.29
C ARG A 42 4.28 -4.94 9.58
N SER A 43 3.17 -5.50 10.05
CA SER A 43 2.62 -6.71 9.45
C SER A 43 2.27 -6.49 7.99
N ILE A 44 1.59 -5.38 7.70
CA ILE A 44 1.22 -5.06 6.33
C ILE A 44 2.43 -4.66 5.50
N GLU A 45 3.29 -3.82 6.07
CA GLU A 45 4.50 -3.38 5.38
C GLU A 45 5.38 -4.56 5.01
N ASN A 46 5.34 -5.60 5.84
CA ASN A 46 6.14 -6.79 5.60
C ASN A 46 5.51 -7.65 4.50
N ALA A 47 4.19 -7.76 4.53
CA ALA A 47 3.47 -8.54 3.53
C ALA A 47 3.54 -7.88 2.15
N LEU A 48 3.47 -6.55 2.13
CA LEU A 48 3.53 -5.81 0.88
C LEU A 48 4.94 -5.82 0.31
N ASN A 49 5.94 -5.87 1.20
CA ASN A 49 7.33 -5.90 0.78
C ASN A 49 7.62 -7.13 -0.08
N GLN A 50 7.37 -8.31 0.48
CA GLN A 50 7.60 -9.55 -0.23
C GLN A 50 6.74 -9.62 -1.49
N LEU A 51 5.57 -9.01 -1.44
CA LEU A 51 4.66 -8.99 -2.58
C LEU A 51 5.30 -8.33 -3.78
N PHE A 52 6.10 -7.29 -3.53
CA PHE A 52 6.78 -6.56 -4.59
C PHE A 52 7.92 -7.40 -5.18
N ARG A 53 8.59 -8.15 -4.33
CA ARG A 53 9.70 -9.00 -4.78
C ARG A 53 9.19 -10.20 -5.56
N ASN A 54 7.97 -10.63 -5.24
CA ASN A 54 7.37 -11.78 -5.92
C ASN A 54 6.53 -11.32 -7.11
N SER A 55 6.04 -10.08 -7.05
CA SER A 55 5.22 -9.53 -8.13
C SER A 55 5.94 -9.60 -9.47
N SER A 56 5.21 -9.31 -10.53
CA SER A 56 5.78 -9.34 -11.88
C SER A 56 6.67 -8.12 -12.11
N ILE A 57 6.35 -7.01 -11.45
CA ILE A 57 7.12 -5.79 -11.58
C ILE A 57 8.18 -5.69 -10.50
N LYS A 58 8.90 -6.79 -10.28
CA LYS A 58 9.95 -6.82 -9.27
C LYS A 58 11.29 -6.40 -9.86
N SER A 59 11.30 -5.24 -10.52
CA SER A 59 12.52 -4.72 -11.14
C SER A 59 12.69 -3.24 -10.83
N TYR A 60 11.60 -2.48 -10.98
CA TYR A 60 11.64 -1.04 -10.73
C TYR A 60 10.84 -0.68 -9.48
N PHE A 61 10.66 -1.64 -8.58
CA PHE A 61 9.90 -1.41 -7.36
C PHE A 61 10.84 -1.31 -6.16
N SER A 62 10.74 -0.20 -5.44
CA SER A 62 11.58 0.03 -4.27
C SER A 62 10.95 -0.58 -3.02
N ASP A 63 9.90 0.05 -2.52
CA ASP A 63 9.21 -0.42 -1.33
C ASP A 63 7.91 0.34 -1.11
N CYS A 64 7.23 0.03 -0.01
CA CYS A 64 5.97 0.69 0.32
C CYS A 64 6.17 1.73 1.42
N GLN A 65 5.08 2.39 1.81
CA GLN A 65 5.14 3.41 2.85
C GLN A 65 3.79 3.55 3.55
N VAL A 66 3.58 2.75 4.58
CA VAL A 66 2.33 2.79 5.34
C VAL A 66 2.15 4.14 6.04
N LEU A 67 1.28 4.98 5.49
CA LEU A 67 1.03 6.29 6.06
C LEU A 67 0.34 6.17 7.41
N ALA A 68 -0.87 5.62 7.42
CA ALA A 68 -1.63 5.45 8.66
C ALA A 68 -2.81 4.51 8.46
N PHE A 69 -3.65 4.40 9.47
CA PHE A 69 -4.83 3.53 9.41
C PHE A 69 -6.12 4.35 9.50
N ARG A 70 -7.05 4.10 8.59
CA ARG A 70 -8.31 4.81 8.57
C ARG A 70 -9.46 3.89 9.01
N SER A 71 -10.12 4.27 10.09
CA SER A 71 -11.23 3.48 10.61
C SER A 71 -12.47 3.63 9.74
N VAL A 72 -13.04 2.51 9.32
CA VAL A 72 -14.22 2.51 8.47
C VAL A 72 -15.47 2.84 9.27
N SER A 73 -16.57 3.14 8.57
CA SER A 73 -17.82 3.48 9.23
C SER A 73 -18.98 2.68 8.63
N ASN A 74 -19.09 1.41 9.03
CA ASN A 74 -20.15 0.54 8.53
C ASN A 74 -20.32 -0.67 9.43
N ASN A 75 -19.25 -1.46 9.58
CA ASN A 75 -19.28 -2.65 10.42
C ASN A 75 -18.43 -2.47 11.67
N ASN A 76 -17.54 -1.48 11.65
CA ASN A 76 -16.67 -1.21 12.79
C ASN A 76 -15.71 -2.38 13.03
N ASN A 77 -15.35 -3.07 11.96
CA ASN A 77 -14.45 -4.21 12.05
C ASN A 77 -13.30 -4.07 11.07
N HIS A 78 -13.62 -3.71 9.83
CA HIS A 78 -12.61 -3.54 8.79
C HIS A 78 -11.66 -2.40 9.14
N THR A 79 -10.60 -2.25 8.35
CA THR A 79 -9.62 -1.20 8.59
C THR A 79 -9.05 -0.68 7.27
N GLY A 80 -9.08 0.63 7.09
CA GLY A 80 -8.57 1.23 5.88
C GLY A 80 -7.07 1.47 5.93
N VAL A 81 -6.34 0.85 5.02
CA VAL A 81 -4.89 1.00 4.97
C VAL A 81 -4.48 2.09 3.99
N ASP A 82 -3.68 3.04 4.47
CA ASP A 82 -3.21 4.13 3.65
C ASP A 82 -1.70 4.05 3.45
N SER A 83 -1.28 3.25 2.47
CA SER A 83 0.13 3.06 2.18
C SER A 83 0.54 3.79 0.90
N LEU A 84 1.81 3.65 0.53
CA LEU A 84 2.32 4.30 -0.67
C LEU A 84 3.18 3.33 -1.49
N CYS A 85 2.77 3.07 -2.73
CA CYS A 85 3.51 2.16 -3.60
C CYS A 85 4.63 2.90 -4.31
N ASN A 86 5.74 3.13 -3.61
CA ASN A 86 6.87 3.83 -4.18
C ASN A 86 7.61 2.96 -5.20
N PHE A 87 8.31 3.60 -6.12
CA PHE A 87 9.06 2.89 -7.14
C PHE A 87 10.45 3.50 -7.33
N SER A 88 11.30 2.79 -8.08
CA SER A 88 12.66 3.26 -8.33
C SER A 88 12.65 4.52 -9.18
N PRO A 89 13.71 5.34 -9.09
CA PRO A 89 13.83 6.59 -9.85
C PRO A 89 14.10 6.33 -11.32
N LEU A 90 14.75 5.22 -11.62
CA LEU A 90 15.07 4.86 -12.99
C LEU A 90 13.81 4.72 -13.84
N ALA A 91 12.81 4.03 -13.29
CA ALA A 91 11.55 3.83 -14.00
C ALA A 91 10.88 5.16 -14.32
N ARG A 92 9.71 5.09 -14.96
CA ARG A 92 8.98 6.29 -15.34
C ARG A 92 7.65 5.93 -15.99
N ARG A 93 7.65 4.87 -16.79
CA ARG A 93 6.44 4.42 -17.48
C ARG A 93 5.67 3.40 -16.63
N VAL A 94 5.46 3.74 -15.36
CA VAL A 94 4.73 2.85 -14.46
C VAL A 94 3.33 3.39 -14.19
N ASP A 95 2.33 2.81 -14.83
CA ASP A 95 0.95 3.24 -14.66
C ASP A 95 0.39 2.75 -13.33
N ARG A 96 -0.61 3.45 -12.82
CA ARG A 96 -1.24 3.09 -11.55
C ARG A 96 -1.88 1.72 -11.63
N VAL A 97 -2.53 1.43 -12.76
CA VAL A 97 -3.18 0.15 -12.96
C VAL A 97 -2.20 -1.00 -12.81
N ALA A 98 -0.92 -0.72 -13.08
CA ALA A 98 0.12 -1.75 -12.97
C ALA A 98 0.18 -2.33 -11.57
N ILE A 99 0.33 -1.46 -10.57
CA ILE A 99 0.40 -1.91 -9.19
C ILE A 99 -0.93 -2.48 -8.73
N TYR A 100 -2.01 -2.12 -9.41
CA TYR A 100 -3.34 -2.60 -9.07
C TYR A 100 -3.58 -3.98 -9.65
N GLU A 101 -3.20 -4.17 -10.91
CA GLU A 101 -3.39 -5.43 -11.60
C GLU A 101 -2.52 -6.53 -10.98
N GLU A 102 -1.22 -6.23 -10.82
CA GLU A 102 -0.29 -7.20 -10.25
C GLU A 102 -0.64 -7.52 -8.80
N PHE A 103 -1.08 -6.51 -8.06
CA PHE A 103 -1.45 -6.69 -6.66
C PHE A 103 -2.67 -7.60 -6.52
N LEU A 104 -3.57 -7.53 -7.49
CA LEU A 104 -4.78 -8.34 -7.48
C LEU A 104 -4.46 -9.78 -7.87
N ARG A 105 -3.46 -9.96 -8.71
CA ARG A 105 -3.05 -11.29 -9.15
C ARG A 105 -2.42 -12.09 -8.03
N MET A 106 -1.80 -11.38 -7.08
CA MET A 106 -1.16 -12.03 -5.95
C MET A 106 -2.11 -12.13 -4.76
N THR A 107 -3.11 -11.26 -4.72
CA THR A 107 -4.08 -11.27 -3.63
C THR A 107 -5.34 -12.06 -4.01
N HIS A 108 -5.18 -12.99 -4.95
CA HIS A 108 -6.30 -13.82 -5.39
C HIS A 108 -7.49 -12.96 -5.78
N ASN A 109 -7.33 -12.18 -6.85
CA ASN A 109 -8.40 -11.31 -7.32
C ASN A 109 -8.78 -10.29 -6.27
N GLY A 110 -7.82 -9.90 -5.43
CA GLY A 110 -8.07 -8.94 -4.39
C GLY A 110 -9.04 -9.46 -3.34
N THR A 111 -8.70 -10.60 -2.74
CA THR A 111 -9.55 -11.20 -1.72
C THR A 111 -8.75 -11.51 -0.45
N GLN A 112 -7.57 -12.08 -0.63
CA GLN A 112 -6.71 -12.44 0.49
C GLN A 112 -5.28 -11.97 0.25
N LEU A 113 -4.81 -11.06 1.10
CA LEU A 113 -3.46 -10.53 1.00
C LEU A 113 -2.51 -11.31 1.90
N LEU A 114 -1.89 -12.35 1.34
CA LEU A 114 -0.95 -13.17 2.09
C LEU A 114 -1.64 -13.84 3.28
N ASN A 115 -1.79 -13.09 4.37
CA ASN A 115 -2.43 -13.61 5.58
C ASN A 115 -3.45 -12.63 6.12
N PHE A 116 -4.16 -11.96 5.21
CA PHE A 116 -5.17 -10.98 5.60
C PHE A 116 -6.25 -10.85 4.54
N THR A 117 -7.45 -11.31 4.85
CA THR A 117 -8.56 -11.25 3.91
C THR A 117 -9.11 -9.83 3.82
N LEU A 118 -9.08 -9.27 2.61
CA LEU A 118 -9.58 -7.92 2.38
C LEU A 118 -10.46 -7.86 1.14
N ASP A 119 -11.29 -6.83 1.06
CA ASP A 119 -12.20 -6.66 -0.08
C ASP A 119 -11.43 -6.29 -1.34
N ARG A 120 -12.07 -6.47 -2.49
CA ARG A 120 -11.46 -6.14 -3.77
C ARG A 120 -11.83 -4.73 -4.21
N LYS A 121 -13.11 -4.39 -4.09
CA LYS A 121 -13.60 -3.07 -4.47
C LYS A 121 -12.86 -1.98 -3.70
N SER A 122 -12.52 -2.27 -2.45
CA SER A 122 -11.82 -1.32 -1.61
C SER A 122 -10.40 -1.10 -2.11
N VAL A 123 -9.81 -2.12 -2.71
CA VAL A 123 -8.47 -2.05 -3.24
C VAL A 123 -8.38 -1.08 -4.41
N PHE A 124 -7.36 -0.22 -4.40
CA PHE A 124 -7.18 0.75 -5.46
C PHE A 124 -5.85 1.49 -5.30
N VAL A 125 -5.31 1.98 -6.41
CA VAL A 125 -4.05 2.71 -6.38
C VAL A 125 -4.07 3.90 -7.34
N ASP A 126 -3.94 5.10 -6.80
CA ASP A 126 -3.95 6.31 -7.61
C ASP A 126 -2.69 7.13 -7.38
N SER A 127 -2.44 8.10 -8.27
CA SER A 127 -1.27 8.95 -8.18
C SER A 127 -1.36 9.86 -6.96
N GLY A 128 -0.46 9.66 -6.01
CA GLY A 128 -0.46 10.46 -4.80
C GLY A 128 -0.42 11.95 -5.09
N PRO A 129 0.64 12.45 -5.75
CA PRO A 129 0.75 13.87 -6.09
C PRO A 129 -0.34 14.35 -7.02
N SER A 130 -1.21 15.20 -6.51
CA SER A 130 -2.32 15.74 -7.31
C SER A 130 -2.67 17.15 -6.87
N SER A 131 -2.92 17.32 -5.57
CA SER A 131 -3.26 18.62 -5.02
C SER A 131 -3.11 18.64 -3.51
N GLY A 132 -2.46 19.67 -2.99
CA GLY A 132 -2.26 19.78 -1.56
C GLY A 132 -0.88 19.32 -1.12
N GLY A 1 19.67 13.21 -8.83
CA GLY A 1 21.10 12.88 -8.58
C GLY A 1 21.91 14.07 -8.13
N SER A 2 23.19 13.85 -7.82
CA SER A 2 24.07 14.92 -7.37
C SER A 2 23.66 15.42 -5.99
N SER A 3 22.53 16.12 -5.93
CA SER A 3 22.04 16.65 -4.67
C SER A 3 20.71 16.01 -4.30
N GLY A 4 19.68 16.27 -5.11
CA GLY A 4 18.37 15.71 -4.84
C GLY A 4 17.43 16.71 -4.19
N SER A 5 17.19 16.53 -2.89
CA SER A 5 16.30 17.42 -2.14
C SER A 5 14.88 17.35 -2.68
N SER A 6 14.64 18.06 -3.78
CA SER A 6 13.32 18.09 -4.39
C SER A 6 12.95 16.72 -4.96
N GLY A 7 11.74 16.60 -5.49
CA GLY A 7 11.30 15.34 -6.05
C GLY A 7 10.24 15.53 -7.13
N SER A 8 10.60 16.25 -8.19
CA SER A 8 9.68 16.50 -9.29
C SER A 8 9.83 15.43 -10.37
N SER A 9 11.07 15.11 -10.72
CA SER A 9 11.33 14.09 -11.74
C SER A 9 12.23 12.98 -11.18
N SER A 10 11.91 12.53 -9.97
CA SER A 10 12.68 11.47 -9.33
C SER A 10 11.76 10.45 -8.66
N SER A 11 11.62 9.28 -9.28
CA SER A 11 10.77 8.23 -8.76
C SER A 11 9.31 8.68 -8.69
N GLN A 12 8.43 7.76 -8.36
CA GLN A 12 7.00 8.05 -8.27
C GLN A 12 6.39 7.44 -7.02
N HIS A 13 5.33 8.05 -6.52
CA HIS A 13 4.64 7.57 -5.33
C HIS A 13 3.16 7.32 -5.61
N PHE A 14 2.78 6.04 -5.72
CA PHE A 14 1.40 5.68 -5.99
C PHE A 14 0.66 5.38 -4.68
N ASN A 15 -0.23 6.28 -4.31
CA ASN A 15 -1.02 6.12 -3.08
C ASN A 15 -1.76 4.78 -3.07
N LEU A 16 -1.35 3.90 -2.16
CA LEU A 16 -1.97 2.58 -2.05
C LEU A 16 -2.99 2.58 -0.91
N ASN A 17 -4.20 2.14 -1.23
CA ASN A 17 -5.26 2.08 -0.24
C ASN A 17 -6.20 0.90 -0.49
N PHE A 18 -6.58 0.21 0.57
CA PHE A 18 -7.47 -0.94 0.47
C PHE A 18 -7.94 -1.39 1.85
N THR A 19 -9.26 -1.49 2.01
CA THR A 19 -9.85 -1.90 3.29
C THR A 19 -9.60 -3.38 3.55
N ILE A 20 -9.10 -3.68 4.75
CA ILE A 20 -8.83 -5.06 5.14
C ILE A 20 -9.85 -5.57 6.16
N THR A 21 -10.81 -6.35 5.70
CA THR A 21 -11.84 -6.90 6.57
C THR A 21 -11.24 -7.77 7.67
N ASN A 22 -10.04 -8.30 7.41
CA ASN A 22 -9.36 -9.14 8.38
C ASN A 22 -8.51 -8.31 9.32
N LEU A 23 -9.12 -7.31 9.95
CA LEU A 23 -8.42 -6.45 10.88
C LEU A 23 -9.39 -5.50 11.59
N PRO A 24 -9.84 -5.87 12.80
CA PRO A 24 -10.77 -5.06 13.59
C PRO A 24 -10.14 -3.76 14.08
N TYR A 25 -10.81 -2.65 13.83
CA TYR A 25 -10.31 -1.34 14.25
C TYR A 25 -10.61 -1.09 15.72
N SER A 26 -9.56 -0.93 16.51
CA SER A 26 -9.70 -0.69 17.94
C SER A 26 -8.91 0.54 18.36
N GLN A 27 -9.02 0.91 19.64
CA GLN A 27 -8.31 2.06 20.17
C GLN A 27 -6.80 1.89 20.02
N ASP A 28 -6.34 0.64 20.07
CA ASP A 28 -4.92 0.35 19.94
C ASP A 28 -4.40 0.81 18.59
N ILE A 29 -5.10 0.42 17.52
CA ILE A 29 -4.70 0.80 16.17
C ILE A 29 -4.78 2.31 15.97
N ALA A 30 -5.58 2.98 16.79
CA ALA A 30 -5.75 4.43 16.71
C ALA A 30 -4.86 5.15 17.71
N GLN A 31 -3.69 4.55 17.99
CA GLN A 31 -2.75 5.13 18.93
C GLN A 31 -1.38 4.48 18.80
N PRO A 32 -0.44 5.14 18.08
CA PRO A 32 0.91 4.61 17.88
C PRO A 32 1.56 4.17 19.19
N SER A 33 1.12 4.75 20.30
CA SER A 33 1.67 4.41 21.62
C SER A 33 1.54 2.92 21.89
N THR A 34 0.52 2.31 21.31
CA THR A 34 0.29 0.87 21.50
C THR A 34 1.13 0.05 20.54
N THR A 35 1.24 -1.25 20.81
CA THR A 35 2.03 -2.14 19.97
C THR A 35 1.21 -2.61 18.76
N LYS A 36 -0.10 -2.70 18.94
CA LYS A 36 -0.99 -3.14 17.87
C LYS A 36 -0.83 -2.25 16.63
N TYR A 37 -0.46 -0.99 16.85
CA TYR A 37 -0.27 -0.04 15.76
C TYR A 37 0.93 -0.44 14.90
N GLN A 38 2.08 -0.62 15.54
CA GLN A 38 3.30 -1.00 14.83
C GLN A 38 3.22 -2.44 14.33
N GLN A 39 2.50 -3.28 15.07
CA GLN A 39 2.35 -4.68 14.71
C GLN A 39 1.72 -4.83 13.33
N THR A 40 0.47 -4.40 13.21
CA THR A 40 -0.25 -4.48 11.95
C THR A 40 0.46 -3.69 10.85
N LYS A 41 1.15 -2.62 11.26
CA LYS A 41 1.87 -1.78 10.32
C LYS A 41 3.01 -2.56 9.65
N ARG A 42 3.93 -3.06 10.46
CA ARG A 42 5.06 -3.81 9.96
C ARG A 42 4.59 -5.07 9.22
N SER A 43 3.47 -5.63 9.67
CA SER A 43 2.93 -6.83 9.06
C SER A 43 2.59 -6.60 7.58
N ILE A 44 2.00 -5.43 7.29
CA ILE A 44 1.63 -5.10 5.93
C ILE A 44 2.86 -4.73 5.10
N GLU A 45 3.70 -3.86 5.64
CA GLU A 45 4.92 -3.44 4.96
C GLU A 45 5.80 -4.63 4.61
N ASN A 46 5.90 -5.57 5.55
CA ASN A 46 6.71 -6.76 5.35
C ASN A 46 6.12 -7.66 4.27
N ALA A 47 4.82 -7.91 4.36
CA ALA A 47 4.12 -8.74 3.40
C ALA A 47 4.12 -8.10 2.00
N LEU A 48 3.95 -6.79 1.98
CA LEU A 48 3.93 -6.06 0.72
C LEU A 48 5.32 -6.00 0.08
N ASN A 49 6.34 -6.00 0.93
CA ASN A 49 7.72 -5.95 0.46
C ASN A 49 8.03 -7.13 -0.45
N GLN A 50 7.97 -8.33 0.10
CA GLN A 50 8.25 -9.55 -0.66
C GLN A 50 7.29 -9.69 -1.83
N LEU A 51 6.09 -9.12 -1.69
CA LEU A 51 5.08 -9.18 -2.74
C LEU A 51 5.61 -8.57 -4.04
N PHE A 52 6.10 -7.35 -3.96
CA PHE A 52 6.64 -6.65 -5.13
C PHE A 52 7.80 -7.44 -5.74
N ARG A 53 8.68 -7.95 -4.88
CA ARG A 53 9.83 -8.71 -5.34
C ARG A 53 9.40 -10.03 -5.98
N ASN A 54 8.16 -10.44 -5.75
CA ASN A 54 7.65 -11.68 -6.31
C ASN A 54 6.70 -11.40 -7.47
N SER A 55 6.03 -10.26 -7.43
CA SER A 55 5.09 -9.89 -8.48
C SER A 55 5.78 -9.86 -9.85
N SER A 56 5.11 -9.28 -10.83
CA SER A 56 5.66 -9.17 -12.18
C SER A 56 6.31 -7.82 -12.41
N ILE A 57 6.80 -7.22 -11.32
CA ILE A 57 7.46 -5.92 -11.40
C ILE A 57 8.49 -5.76 -10.29
N LYS A 58 9.35 -6.77 -10.15
CA LYS A 58 10.39 -6.74 -9.13
C LYS A 58 11.70 -6.20 -9.69
N SER A 59 11.60 -5.25 -10.61
CA SER A 59 12.78 -4.64 -11.22
C SER A 59 12.82 -3.15 -10.95
N TYR A 60 11.65 -2.51 -10.99
CA TYR A 60 11.56 -1.07 -10.74
C TYR A 60 10.99 -0.80 -9.36
N PHE A 61 10.10 -1.66 -8.91
CA PHE A 61 9.48 -1.52 -7.60
C PHE A 61 10.52 -1.53 -6.49
N SER A 62 10.44 -0.56 -5.60
CA SER A 62 11.39 -0.46 -4.49
C SER A 62 10.78 -1.02 -3.19
N ASP A 63 9.68 -0.40 -2.77
CA ASP A 63 9.00 -0.83 -1.55
C ASP A 63 7.74 -0.01 -1.31
N CYS A 64 7.06 -0.29 -0.20
CA CYS A 64 5.84 0.43 0.14
C CYS A 64 6.02 1.23 1.44
N GLN A 65 5.29 2.34 1.55
CA GLN A 65 5.38 3.19 2.73
C GLN A 65 4.01 3.33 3.40
N VAL A 66 3.82 2.57 4.47
CA VAL A 66 2.55 2.61 5.20
C VAL A 66 2.38 3.93 5.94
N LEU A 67 1.37 4.69 5.55
CA LEU A 67 1.09 5.98 6.17
C LEU A 67 0.35 5.80 7.50
N ALA A 68 -0.88 5.30 7.42
CA ALA A 68 -1.68 5.08 8.62
C ALA A 68 -2.91 4.24 8.31
N PHE A 69 -3.81 4.14 9.27
CA PHE A 69 -5.04 3.36 9.10
C PHE A 69 -6.27 4.23 9.32
N ARG A 70 -7.25 4.10 8.43
CA ARG A 70 -8.48 4.87 8.52
C ARG A 70 -9.62 4.02 9.08
N SER A 71 -10.67 4.68 9.57
CA SER A 71 -11.81 3.99 10.13
C SER A 71 -13.01 4.07 9.19
N VAL A 72 -13.66 2.93 8.97
CA VAL A 72 -14.83 2.87 8.09
C VAL A 72 -16.13 2.89 8.89
N SER A 73 -17.20 3.33 8.25
CA SER A 73 -18.51 3.40 8.90
C SER A 73 -19.50 2.47 8.21
N ASN A 74 -19.57 1.24 8.68
CA ASN A 74 -20.48 0.25 8.12
C ASN A 74 -20.63 -0.95 9.04
N ASN A 75 -19.55 -1.74 9.14
CA ASN A 75 -19.55 -2.93 10.00
C ASN A 75 -18.73 -2.69 11.26
N ASN A 76 -17.86 -1.69 11.23
CA ASN A 76 -17.01 -1.37 12.37
C ASN A 76 -16.07 -2.52 12.69
N ASN A 77 -15.68 -3.26 11.65
CA ASN A 77 -14.77 -4.40 11.83
C ASN A 77 -13.71 -4.42 10.72
N HIS A 78 -13.52 -3.28 10.07
CA HIS A 78 -12.53 -3.18 8.99
C HIS A 78 -11.49 -2.12 9.31
N THR A 79 -10.60 -1.86 8.36
CA THR A 79 -9.55 -0.87 8.54
C THR A 79 -9.05 -0.34 7.19
N GLY A 80 -9.28 0.95 6.96
CA GLY A 80 -8.85 1.55 5.70
C GLY A 80 -7.34 1.71 5.64
N VAL A 81 -6.69 0.87 4.84
CA VAL A 81 -5.25 0.92 4.69
C VAL A 81 -4.82 2.13 3.86
N ASP A 82 -3.80 2.84 4.34
CA ASP A 82 -3.28 4.01 3.65
C ASP A 82 -1.78 3.88 3.43
N SER A 83 -1.40 3.05 2.46
CA SER A 83 0.00 2.82 2.15
C SER A 83 0.44 3.65 0.94
N LEU A 84 1.69 3.46 0.53
CA LEU A 84 2.23 4.18 -0.61
C LEU A 84 3.10 3.27 -1.48
N CYS A 85 2.67 3.05 -2.72
CA CYS A 85 3.42 2.19 -3.63
C CYS A 85 4.65 2.92 -4.16
N ASN A 86 5.69 2.98 -3.33
CA ASN A 86 6.94 3.65 -3.70
C ASN A 86 7.67 2.87 -4.78
N PHE A 87 8.34 3.61 -5.67
CA PHE A 87 9.09 2.98 -6.76
C PHE A 87 10.48 3.59 -6.87
N SER A 88 11.26 3.11 -7.83
CA SER A 88 12.62 3.60 -8.05
C SER A 88 12.62 4.74 -9.06
N PRO A 89 13.68 5.57 -9.05
CA PRO A 89 13.80 6.69 -9.98
C PRO A 89 14.06 6.24 -11.41
N LEU A 90 14.66 5.06 -11.55
CA LEU A 90 14.97 4.52 -12.87
C LEU A 90 13.69 4.33 -13.69
N ALA A 91 12.61 3.94 -13.02
CA ALA A 91 11.33 3.74 -13.68
C ALA A 91 10.65 5.06 -14.02
N ARG A 92 9.50 4.99 -14.66
CA ARG A 92 8.75 6.17 -15.03
C ARG A 92 7.44 5.81 -15.74
N ARG A 93 7.49 4.77 -16.57
CA ARG A 93 6.32 4.32 -17.30
C ARG A 93 5.57 3.24 -16.51
N VAL A 94 5.29 3.53 -15.25
CA VAL A 94 4.57 2.60 -14.39
C VAL A 94 3.14 3.06 -14.16
N ASP A 95 2.21 2.54 -14.95
CA ASP A 95 0.80 2.90 -14.83
C ASP A 95 0.27 2.56 -13.45
N ARG A 96 -0.91 3.09 -13.13
CA ARG A 96 -1.55 2.82 -11.84
C ARG A 96 -2.14 1.43 -11.80
N VAL A 97 -2.73 1.01 -12.92
CA VAL A 97 -3.34 -0.31 -13.02
C VAL A 97 -2.30 -1.41 -12.82
N ALA A 98 -1.04 -1.10 -13.13
CA ALA A 98 0.04 -2.07 -12.99
C ALA A 98 0.08 -2.64 -11.57
N ILE A 99 0.34 -1.78 -10.60
CA ILE A 99 0.40 -2.20 -9.20
C ILE A 99 -0.96 -2.64 -8.70
N TYR A 100 -2.02 -2.09 -9.30
CA TYR A 100 -3.38 -2.42 -8.92
C TYR A 100 -3.72 -3.85 -9.33
N GLU A 101 -3.32 -4.23 -10.53
CA GLU A 101 -3.57 -5.57 -11.04
C GLU A 101 -2.58 -6.58 -10.46
N GLU A 102 -1.31 -6.20 -10.43
CA GLU A 102 -0.27 -7.07 -9.91
C GLU A 102 -0.52 -7.41 -8.45
N PHE A 103 -1.10 -6.47 -7.71
CA PHE A 103 -1.40 -6.67 -6.30
C PHE A 103 -2.61 -7.58 -6.12
N LEU A 104 -3.65 -7.33 -6.90
CA LEU A 104 -4.88 -8.12 -6.83
C LEU A 104 -4.59 -9.59 -7.11
N ARG A 105 -3.75 -9.84 -8.10
CA ARG A 105 -3.40 -11.21 -8.48
C ARG A 105 -2.77 -11.97 -7.30
N MET A 106 -1.67 -11.45 -6.78
CA MET A 106 -0.98 -12.08 -5.67
C MET A 106 -1.87 -12.15 -4.42
N THR A 107 -2.87 -11.27 -4.36
CA THR A 107 -3.77 -11.25 -3.22
C THR A 107 -5.04 -12.04 -3.50
N HIS A 108 -4.93 -13.04 -4.37
CA HIS A 108 -6.07 -13.88 -4.72
C HIS A 108 -7.24 -13.04 -5.21
N ASN A 109 -7.02 -12.30 -6.29
CA ASN A 109 -8.05 -11.45 -6.87
C ASN A 109 -8.44 -10.32 -5.90
N GLY A 110 -7.49 -9.92 -5.06
CA GLY A 110 -7.75 -8.86 -4.10
C GLY A 110 -8.72 -9.28 -3.01
N THR A 111 -8.63 -10.55 -2.60
CA THR A 111 -9.51 -11.06 -1.55
C THR A 111 -8.71 -11.57 -0.35
N GLN A 112 -7.41 -11.76 -0.53
CA GLN A 112 -6.56 -12.24 0.54
C GLN A 112 -5.10 -11.90 0.28
N LEU A 113 -4.55 -11.03 1.13
CA LEU A 113 -3.16 -10.60 1.00
C LEU A 113 -2.26 -11.41 1.92
N LEU A 114 -1.73 -12.52 1.41
CA LEU A 114 -0.85 -13.39 2.18
C LEU A 114 -1.55 -13.92 3.43
N ASN A 115 -1.58 -13.11 4.48
CA ASN A 115 -2.23 -13.50 5.73
C ASN A 115 -3.12 -12.37 6.26
N PHE A 116 -3.80 -11.68 5.33
CA PHE A 116 -4.68 -10.58 5.70
C PHE A 116 -5.81 -10.43 4.69
N THR A 117 -6.95 -11.05 4.98
CA THR A 117 -8.11 -11.00 4.10
C THR A 117 -8.60 -9.56 3.95
N LEU A 118 -8.75 -9.11 2.71
CA LEU A 118 -9.21 -7.76 2.43
C LEU A 118 -10.11 -7.74 1.20
N ASP A 119 -10.92 -6.68 1.10
CA ASP A 119 -11.84 -6.53 -0.03
C ASP A 119 -11.09 -6.24 -1.32
N ARG A 120 -11.75 -6.46 -2.46
CA ARG A 120 -11.15 -6.23 -3.75
C ARG A 120 -11.52 -4.85 -4.28
N LYS A 121 -12.82 -4.58 -4.33
CA LYS A 121 -13.31 -3.28 -4.81
C LYS A 121 -12.78 -2.14 -3.96
N SER A 122 -12.57 -2.42 -2.67
CA SER A 122 -12.08 -1.41 -1.75
C SER A 122 -10.72 -0.89 -2.19
N VAL A 123 -9.93 -1.76 -2.84
CA VAL A 123 -8.61 -1.37 -3.31
C VAL A 123 -8.68 -0.20 -4.27
N PHE A 124 -7.66 0.65 -4.25
CA PHE A 124 -7.61 1.81 -5.12
C PHE A 124 -6.24 2.48 -5.08
N VAL A 125 -5.64 2.66 -6.24
CA VAL A 125 -4.32 3.29 -6.34
C VAL A 125 -4.35 4.46 -7.30
N ASP A 126 -3.90 5.62 -6.83
CA ASP A 126 -3.88 6.83 -7.65
C ASP A 126 -2.52 7.52 -7.58
N SER A 127 -2.37 8.60 -8.33
CA SER A 127 -1.12 9.36 -8.35
C SER A 127 -0.91 10.08 -7.02
N GLY A 128 0.11 9.63 -6.28
CA GLY A 128 0.41 10.23 -5.00
C GLY A 128 0.95 11.65 -5.12
N PRO A 129 2.03 11.86 -5.90
CA PRO A 129 2.62 13.19 -6.08
C PRO A 129 1.66 14.18 -6.73
N SER A 130 1.20 13.85 -7.93
CA SER A 130 0.27 14.71 -8.66
C SER A 130 0.97 15.99 -9.13
N SER A 131 1.40 16.81 -8.18
CA SER A 131 2.10 18.05 -8.50
C SER A 131 1.12 19.07 -9.11
N GLY A 132 0.62 18.76 -10.29
CA GLY A 132 -0.31 19.65 -10.95
C GLY A 132 0.38 20.87 -11.55
N GLY A 1 10.81 21.20 -4.13
CA GLY A 1 10.85 21.54 -2.69
C GLY A 1 12.26 21.79 -2.19
N SER A 2 12.72 20.96 -1.25
CA SER A 2 14.06 21.09 -0.70
C SER A 2 15.05 20.20 -1.44
N SER A 3 16.32 20.59 -1.42
CA SER A 3 17.36 19.83 -2.09
C SER A 3 17.55 18.45 -1.44
N GLY A 4 17.98 18.45 -0.17
CA GLY A 4 18.18 17.21 0.53
C GLY A 4 19.25 16.34 -0.10
N SER A 5 18.86 15.13 -0.51
CA SER A 5 19.79 14.21 -1.14
C SER A 5 19.74 14.33 -2.66
N SER A 6 18.59 14.01 -3.24
CA SER A 6 18.40 14.09 -4.69
C SER A 6 17.76 15.42 -5.08
N GLY A 7 17.91 15.79 -6.35
CA GLY A 7 17.33 17.03 -6.83
C GLY A 7 15.82 16.98 -6.89
N SER A 8 15.27 16.71 -8.08
CA SER A 8 13.83 16.64 -8.25
C SER A 8 13.46 15.56 -9.26
N SER A 9 12.19 15.17 -9.26
CA SER A 9 11.71 14.14 -10.18
C SER A 9 12.45 12.82 -9.96
N SER A 10 12.57 12.41 -8.70
CA SER A 10 13.25 11.18 -8.36
C SER A 10 12.24 10.08 -8.03
N SER A 11 12.10 9.12 -8.93
CA SER A 11 11.18 8.01 -8.73
C SER A 11 9.75 8.52 -8.54
N GLN A 12 8.79 7.60 -8.61
CA GLN A 12 7.39 7.96 -8.45
C GLN A 12 6.82 7.38 -7.16
N HIS A 13 5.67 7.90 -6.73
CA HIS A 13 5.04 7.44 -5.51
C HIS A 13 3.52 7.29 -5.70
N PHE A 14 3.09 6.08 -6.02
CA PHE A 14 1.67 5.80 -6.23
C PHE A 14 0.97 5.52 -4.91
N ASN A 15 0.07 6.42 -4.52
CA ASN A 15 -0.67 6.27 -3.27
C ASN A 15 -1.36 4.91 -3.19
N LEU A 16 -0.99 4.13 -2.18
CA LEU A 16 -1.57 2.80 -1.99
C LEU A 16 -2.69 2.84 -0.95
N ASN A 17 -3.82 2.22 -1.27
CA ASN A 17 -4.96 2.19 -0.37
C ASN A 17 -5.76 0.90 -0.52
N PHE A 18 -6.16 0.33 0.61
CA PHE A 18 -6.94 -0.91 0.61
C PHE A 18 -7.32 -1.31 2.03
N THR A 19 -8.63 -1.47 2.26
CA THR A 19 -9.12 -1.84 3.58
C THR A 19 -8.87 -3.33 3.85
N ILE A 20 -8.33 -3.61 5.04
CA ILE A 20 -8.04 -4.98 5.43
C ILE A 20 -9.12 -5.53 6.36
N THR A 21 -10.07 -6.27 5.80
CA THR A 21 -11.16 -6.85 6.58
C THR A 21 -10.62 -7.67 7.74
N ASN A 22 -9.40 -8.18 7.60
CA ASN A 22 -8.78 -8.97 8.65
C ASN A 22 -8.04 -8.08 9.65
N LEU A 23 -8.73 -7.07 10.16
CA LEU A 23 -8.14 -6.14 11.12
C LEU A 23 -9.19 -5.18 11.65
N PRO A 24 -9.88 -5.55 12.74
CA PRO A 24 -10.93 -4.71 13.34
C PRO A 24 -10.36 -3.41 13.90
N TYR A 25 -10.95 -2.29 13.49
CA TYR A 25 -10.50 -0.98 13.94
C TYR A 25 -10.72 -0.83 15.45
N SER A 26 -9.65 -1.06 16.22
CA SER A 26 -9.72 -0.95 17.67
C SER A 26 -9.05 0.34 18.14
N GLN A 27 -9.25 0.66 19.42
CA GLN A 27 -8.66 1.87 20.00
C GLN A 27 -7.14 1.85 19.88
N ASP A 28 -6.57 0.65 19.85
CA ASP A 28 -5.12 0.50 19.73
C ASP A 28 -4.64 0.95 18.36
N ILE A 29 -5.34 0.52 17.31
CA ILE A 29 -4.98 0.88 15.95
C ILE A 29 -5.21 2.37 15.69
N ALA A 30 -6.16 2.95 16.42
CA ALA A 30 -6.48 4.37 16.27
C ALA A 30 -5.39 5.25 16.88
N GLN A 31 -4.45 4.64 17.60
CA GLN A 31 -3.37 5.37 18.22
C GLN A 31 -2.01 4.82 17.80
N PRO A 32 -1.25 5.56 16.98
CA PRO A 32 0.07 5.13 16.50
C PRO A 32 1.10 5.06 17.63
N SER A 33 0.84 4.21 18.61
CA SER A 33 1.74 4.04 19.75
C SER A 33 1.33 2.85 20.60
N THR A 34 0.82 1.80 19.94
CA THR A 34 0.39 0.60 20.64
C THR A 34 1.02 -0.64 20.01
N THR A 35 0.62 -1.81 20.51
CA THR A 35 1.14 -3.07 20.00
C THR A 35 0.38 -3.51 18.74
N LYS A 36 -0.94 -3.55 18.84
CA LYS A 36 -1.77 -3.97 17.71
C LYS A 36 -1.52 -3.08 16.49
N TYR A 37 -1.13 -1.83 16.74
CA TYR A 37 -0.87 -0.88 15.66
C TYR A 37 0.49 -1.15 15.04
N GLN A 38 1.52 -1.30 15.87
CA GLN A 38 2.87 -1.56 15.39
C GLN A 38 2.98 -2.96 14.81
N GLN A 39 2.19 -3.88 15.36
CA GLN A 39 2.20 -5.27 14.90
C GLN A 39 1.51 -5.40 13.54
N THR A 40 0.39 -4.70 13.38
CA THR A 40 -0.36 -4.75 12.13
C THR A 40 0.37 -3.99 11.03
N LYS A 41 0.83 -2.80 11.34
CA LYS A 41 1.55 -1.98 10.38
C LYS A 41 2.78 -2.70 9.85
N ARG A 42 3.58 -3.25 10.76
CA ARG A 42 4.79 -3.96 10.40
C ARG A 42 4.46 -5.18 9.55
N SER A 43 3.29 -5.76 9.79
CA SER A 43 2.85 -6.95 9.04
C SER A 43 2.53 -6.59 7.60
N ILE A 44 1.87 -5.44 7.41
CA ILE A 44 1.49 -5.00 6.08
C ILE A 44 2.72 -4.56 5.28
N GLU A 45 3.56 -3.73 5.89
CA GLU A 45 4.77 -3.25 5.24
C GLU A 45 5.68 -4.41 4.85
N ASN A 46 5.82 -5.38 5.75
CA ASN A 46 6.66 -6.54 5.49
C ASN A 46 6.04 -7.43 4.42
N ALA A 47 4.76 -7.75 4.59
CA ALA A 47 4.06 -8.60 3.64
C ALA A 47 3.98 -7.94 2.26
N LEU A 48 3.94 -6.61 2.25
CA LEU A 48 3.85 -5.86 1.00
C LEU A 48 5.20 -5.90 0.27
N ASN A 49 6.28 -5.93 1.02
CA ASN A 49 7.62 -5.97 0.45
C ASN A 49 7.83 -7.25 -0.35
N GLN A 50 7.31 -8.36 0.17
CA GLN A 50 7.44 -9.65 -0.48
C GLN A 50 6.70 -9.67 -1.82
N LEU A 51 5.40 -9.33 -1.77
CA LEU A 51 4.58 -9.31 -2.97
C LEU A 51 5.24 -8.52 -4.09
N PHE A 52 5.89 -7.43 -3.75
CA PHE A 52 6.58 -6.60 -4.74
C PHE A 52 7.65 -7.40 -5.48
N ARG A 53 8.47 -8.12 -4.73
CA ARG A 53 9.53 -8.93 -5.32
C ARG A 53 8.98 -10.20 -5.97
N ASN A 54 7.69 -10.45 -5.78
CA ASN A 54 7.05 -11.63 -6.35
C ASN A 54 6.28 -11.28 -7.61
N SER A 55 5.80 -10.04 -7.69
CA SER A 55 5.04 -9.57 -8.85
C SER A 55 5.93 -9.52 -10.09
N SER A 56 5.32 -9.17 -11.22
CA SER A 56 6.05 -9.08 -12.48
C SER A 56 6.79 -7.75 -12.59
N ILE A 57 6.33 -6.75 -11.84
CA ILE A 57 6.94 -5.43 -11.87
C ILE A 57 7.99 -5.29 -10.76
N LYS A 58 8.83 -6.31 -10.62
CA LYS A 58 9.87 -6.32 -9.60
C LYS A 58 11.20 -5.82 -10.18
N SER A 59 11.12 -4.82 -11.05
CA SER A 59 12.31 -4.25 -11.66
C SER A 59 12.67 -2.91 -11.03
N TYR A 60 11.68 -2.06 -10.84
CA TYR A 60 11.89 -0.74 -10.24
C TYR A 60 11.28 -0.67 -8.84
N PHE A 61 10.24 -1.47 -8.60
CA PHE A 61 9.58 -1.50 -7.30
C PHE A 61 10.57 -1.78 -6.18
N SER A 62 10.57 -0.92 -5.17
CA SER A 62 11.48 -1.09 -4.03
C SER A 62 10.71 -1.56 -2.80
N ASP A 63 9.83 -0.70 -2.28
CA ASP A 63 9.05 -1.04 -1.11
C ASP A 63 7.86 -0.08 -0.96
N CYS A 64 7.10 -0.25 0.12
CA CYS A 64 5.94 0.60 0.38
C CYS A 64 6.16 1.45 1.63
N GLN A 65 5.33 2.47 1.79
CA GLN A 65 5.44 3.36 2.94
C GLN A 65 4.07 3.57 3.58
N VAL A 66 3.80 2.81 4.64
CA VAL A 66 2.52 2.91 5.35
C VAL A 66 2.40 4.25 6.07
N LEU A 67 1.53 5.11 5.58
CA LEU A 67 1.32 6.43 6.18
C LEU A 67 0.49 6.32 7.44
N ALA A 68 -0.72 5.78 7.32
CA ALA A 68 -1.61 5.61 8.47
C ALA A 68 -2.81 4.75 8.10
N PHE A 69 -3.70 4.55 9.07
CA PHE A 69 -4.90 3.76 8.86
C PHE A 69 -6.15 4.64 8.81
N ARG A 70 -7.29 4.02 8.54
CA ARG A 70 -8.55 4.75 8.47
C ARG A 70 -9.71 3.89 8.94
N SER A 71 -10.78 4.53 9.40
CA SER A 71 -11.95 3.81 9.89
C SER A 71 -12.96 3.61 8.77
N VAL A 72 -14.08 2.96 9.09
CA VAL A 72 -15.12 2.70 8.10
C VAL A 72 -16.51 2.73 8.75
N SER A 73 -17.44 3.42 8.10
CA SER A 73 -18.80 3.53 8.62
C SER A 73 -19.47 2.15 8.68
N ASN A 74 -19.83 1.63 7.51
CA ASN A 74 -20.47 0.32 7.43
C ASN A 74 -19.58 -0.76 8.03
N ASN A 75 -20.04 -1.38 9.11
CA ASN A 75 -19.28 -2.42 9.77
C ASN A 75 -17.96 -1.88 10.31
N ASN A 76 -17.76 -2.00 11.62
CA ASN A 76 -16.55 -1.51 12.26
C ASN A 76 -15.55 -2.65 12.48
N ASN A 77 -15.61 -3.66 11.60
CA ASN A 77 -14.71 -4.80 11.69
C ASN A 77 -13.63 -4.74 10.62
N HIS A 78 -13.44 -3.57 10.02
CA HIS A 78 -12.44 -3.39 8.99
C HIS A 78 -11.53 -2.21 9.30
N THR A 79 -10.57 -1.94 8.42
CA THR A 79 -9.64 -0.83 8.61
C THR A 79 -9.00 -0.42 7.29
N GLY A 80 -9.10 0.86 6.97
CA GLY A 80 -8.52 1.36 5.72
C GLY A 80 -7.03 1.63 5.84
N VAL A 81 -6.27 1.17 4.85
CA VAL A 81 -4.83 1.36 4.85
C VAL A 81 -4.42 2.49 3.91
N ASP A 82 -3.48 3.31 4.36
CA ASP A 82 -2.99 4.43 3.56
C ASP A 82 -1.49 4.32 3.35
N SER A 83 -1.08 3.44 2.45
CA SER A 83 0.33 3.23 2.15
C SER A 83 0.74 3.97 0.88
N LEU A 84 2.00 3.81 0.49
CA LEU A 84 2.51 4.46 -0.71
C LEU A 84 3.36 3.48 -1.53
N CYS A 85 2.94 3.24 -2.76
CA CYS A 85 3.65 2.34 -3.65
C CYS A 85 4.95 2.99 -4.15
N ASN A 86 5.99 2.92 -3.33
CA ASN A 86 7.28 3.51 -3.69
C ASN A 86 7.95 2.73 -4.82
N PHE A 87 8.57 3.47 -5.74
CA PHE A 87 9.26 2.86 -6.87
C PHE A 87 10.67 3.43 -7.03
N SER A 88 11.36 2.99 -8.07
CA SER A 88 12.72 3.46 -8.33
C SER A 88 12.70 4.66 -9.28
N PRO A 89 13.84 5.38 -9.39
CA PRO A 89 13.94 6.55 -10.27
C PRO A 89 13.96 6.17 -11.74
N LEU A 90 14.55 5.02 -12.05
CA LEU A 90 14.62 4.54 -13.43
C LEU A 90 13.24 4.36 -14.03
N ALA A 91 12.26 4.02 -13.18
CA ALA A 91 10.90 3.83 -13.62
C ALA A 91 10.33 5.09 -14.25
N ARG A 92 9.20 4.96 -14.94
CA ARG A 92 8.57 6.10 -15.59
C ARG A 92 7.29 5.67 -16.30
N ARG A 93 7.32 4.49 -16.92
CA ARG A 93 6.16 3.96 -17.62
C ARG A 93 5.34 3.04 -16.72
N VAL A 94 5.09 3.50 -15.49
CA VAL A 94 4.32 2.72 -14.53
C VAL A 94 2.99 3.40 -14.22
N ASP A 95 1.90 2.69 -14.47
CA ASP A 95 0.56 3.22 -14.21
C ASP A 95 0.00 2.68 -12.90
N ARG A 96 -0.99 3.38 -12.37
CA ARG A 96 -1.61 2.98 -11.11
C ARG A 96 -2.29 1.62 -11.26
N VAL A 97 -2.78 1.33 -12.45
CA VAL A 97 -3.45 0.06 -12.72
C VAL A 97 -2.47 -1.12 -12.60
N ALA A 98 -1.20 -0.85 -12.89
CA ALA A 98 -0.17 -1.88 -12.83
C ALA A 98 -0.07 -2.46 -11.41
N ILE A 99 0.30 -1.62 -10.46
CA ILE A 99 0.43 -2.05 -9.07
C ILE A 99 -0.92 -2.49 -8.50
N TYR A 100 -2.01 -2.06 -9.14
CA TYR A 100 -3.34 -2.42 -8.69
C TYR A 100 -3.74 -3.80 -9.20
N GLU A 101 -3.49 -4.05 -10.48
CA GLU A 101 -3.83 -5.33 -11.09
C GLU A 101 -2.89 -6.44 -10.62
N GLU A 102 -1.66 -6.07 -10.27
CA GLU A 102 -0.67 -7.02 -9.81
C GLU A 102 -0.84 -7.30 -8.32
N PHE A 103 -1.30 -6.31 -7.58
CA PHE A 103 -1.50 -6.44 -6.15
C PHE A 103 -2.76 -7.26 -5.83
N LEU A 104 -3.73 -7.19 -6.74
CA LEU A 104 -4.99 -7.93 -6.56
C LEU A 104 -4.86 -9.37 -7.04
N ARG A 105 -4.14 -9.55 -8.15
CA ARG A 105 -3.94 -10.88 -8.72
C ARG A 105 -3.20 -11.80 -7.74
N MET A 106 -2.08 -11.32 -7.23
CA MET A 106 -1.28 -12.09 -6.29
C MET A 106 -2.05 -12.36 -5.00
N THR A 107 -3.02 -11.50 -4.70
CA THR A 107 -3.82 -11.65 -3.49
C THR A 107 -5.14 -12.34 -3.80
N HIS A 108 -5.15 -13.20 -4.81
CA HIS A 108 -6.35 -13.92 -5.21
C HIS A 108 -7.51 -12.96 -5.44
N ASN A 109 -7.32 -12.04 -6.38
CA ASN A 109 -8.35 -11.06 -6.70
C ASN A 109 -8.64 -10.17 -5.48
N GLY A 110 -7.60 -9.85 -4.73
CA GLY A 110 -7.77 -9.01 -3.55
C GLY A 110 -8.68 -9.65 -2.53
N THR A 111 -8.21 -10.71 -1.90
CA THR A 111 -8.99 -11.41 -0.88
C THR A 111 -8.12 -11.87 0.27
N GLN A 112 -6.97 -12.47 -0.05
CA GLN A 112 -6.05 -12.96 0.97
C GLN A 112 -4.63 -12.44 0.74
N LEU A 113 -4.26 -11.39 1.45
CA LEU A 113 -2.92 -10.81 1.33
C LEU A 113 -1.94 -11.54 2.24
N LEU A 114 -1.37 -12.63 1.73
CA LEU A 114 -0.42 -13.43 2.49
C LEU A 114 -1.04 -13.99 3.76
N ASN A 115 -1.11 -13.15 4.80
CA ASN A 115 -1.69 -13.56 6.07
C ASN A 115 -2.67 -12.51 6.59
N PHE A 116 -3.31 -11.81 5.67
CA PHE A 116 -4.26 -10.77 6.03
C PHE A 116 -5.35 -10.64 4.96
N THR A 117 -6.49 -11.27 5.21
CA THR A 117 -7.61 -11.22 4.27
C THR A 117 -8.16 -9.81 4.14
N LEU A 118 -8.18 -9.29 2.93
CA LEU A 118 -8.69 -7.94 2.67
C LEU A 118 -9.59 -7.91 1.44
N ASP A 119 -10.43 -6.88 1.36
CA ASP A 119 -11.35 -6.74 0.24
C ASP A 119 -10.62 -6.32 -1.02
N ARG A 120 -11.30 -6.41 -2.17
CA ARG A 120 -10.72 -6.03 -3.45
C ARG A 120 -11.29 -4.71 -3.93
N LYS A 121 -12.61 -4.59 -3.92
CA LYS A 121 -13.28 -3.37 -4.37
C LYS A 121 -12.80 -2.16 -3.57
N SER A 122 -12.44 -2.39 -2.31
CA SER A 122 -11.95 -1.32 -1.45
C SER A 122 -10.57 -0.86 -1.89
N VAL A 123 -9.79 -1.77 -2.45
CA VAL A 123 -8.45 -1.46 -2.91
C VAL A 123 -8.48 -0.38 -3.99
N PHE A 124 -7.49 0.50 -3.97
CA PHE A 124 -7.40 1.58 -4.94
C PHE A 124 -6.06 2.31 -4.83
N VAL A 125 -5.43 2.54 -5.97
CA VAL A 125 -4.13 3.23 -6.00
C VAL A 125 -4.13 4.34 -7.03
N ASP A 126 -3.62 5.50 -6.65
CA ASP A 126 -3.56 6.66 -7.55
C ASP A 126 -2.13 7.17 -7.67
N SER A 127 -1.94 8.15 -8.55
CA SER A 127 -0.61 8.74 -8.77
C SER A 127 -0.34 9.84 -7.76
N GLY A 128 0.61 9.60 -6.87
CA GLY A 128 0.96 10.60 -5.86
C GLY A 128 1.61 11.83 -6.47
N PRO A 129 2.45 12.54 -5.69
CA PRO A 129 3.13 13.74 -6.17
C PRO A 129 4.20 13.44 -7.22
N SER A 130 4.12 14.11 -8.35
CA SER A 130 5.08 13.91 -9.43
C SER A 130 5.68 15.25 -9.88
N SER A 131 6.98 15.42 -9.62
CA SER A 131 7.66 16.64 -10.00
C SER A 131 7.05 17.85 -9.31
N GLY A 132 7.71 18.36 -8.28
CA GLY A 132 7.20 19.50 -7.57
C GLY A 132 8.20 20.05 -6.57
N GLY A 1 17.53 12.96 5.64
CA GLY A 1 16.90 14.30 5.79
C GLY A 1 15.54 14.39 5.11
N SER A 2 15.35 13.59 4.07
CA SER A 2 14.09 13.58 3.34
C SER A 2 13.81 14.95 2.72
N SER A 3 14.87 15.66 2.36
CA SER A 3 14.74 16.98 1.76
C SER A 3 15.32 17.01 0.35
N GLY A 4 16.46 16.34 0.17
CA GLY A 4 17.09 16.29 -1.13
C GLY A 4 17.56 14.90 -1.49
N SER A 5 17.04 14.37 -2.60
CA SER A 5 17.41 13.03 -3.05
C SER A 5 18.56 13.11 -4.07
N SER A 6 18.48 14.07 -4.97
CA SER A 6 19.52 14.25 -5.99
C SER A 6 19.27 15.53 -6.79
N GLY A 7 18.08 15.65 -7.35
CA GLY A 7 17.74 16.83 -8.13
C GLY A 7 16.80 16.51 -9.27
N SER A 8 16.97 15.33 -9.87
CA SER A 8 16.13 14.92 -10.98
C SER A 8 14.77 14.42 -10.48
N SER A 9 13.74 14.66 -11.28
CA SER A 9 12.38 14.23 -10.92
C SER A 9 11.91 13.08 -11.81
N SER A 10 12.66 11.98 -11.77
CA SER A 10 12.32 10.81 -12.57
C SER A 10 11.75 9.69 -11.69
N SER A 11 11.08 10.09 -10.61
CA SER A 11 10.48 9.12 -9.69
C SER A 11 8.97 9.03 -9.92
N GLN A 12 8.32 8.21 -9.10
CA GLN A 12 6.87 8.03 -9.20
C GLN A 12 6.30 7.49 -7.90
N HIS A 13 5.22 8.11 -7.44
CA HIS A 13 4.56 7.70 -6.20
C HIS A 13 3.08 7.45 -6.42
N PHE A 14 2.65 6.21 -6.23
CA PHE A 14 1.25 5.85 -6.41
C PHE A 14 0.57 5.56 -5.07
N ASN A 15 -0.34 6.45 -4.67
CA ASN A 15 -1.05 6.30 -3.41
C ASN A 15 -1.76 4.95 -3.33
N LEU A 16 -1.27 4.09 -2.43
CA LEU A 16 -1.85 2.77 -2.25
C LEU A 16 -2.99 2.81 -1.23
N ASN A 17 -4.08 2.14 -1.55
CA ASN A 17 -5.24 2.09 -0.66
C ASN A 17 -6.06 0.82 -0.86
N PHE A 18 -6.54 0.26 0.24
CA PHE A 18 -7.35 -0.96 0.20
C PHE A 18 -7.79 -1.35 1.61
N THR A 19 -9.10 -1.33 1.84
CA THR A 19 -9.65 -1.68 3.14
C THR A 19 -9.48 -3.17 3.44
N ILE A 20 -9.02 -3.46 4.65
CA ILE A 20 -8.82 -4.84 5.08
C ILE A 20 -9.90 -5.26 6.07
N THR A 21 -10.80 -6.14 5.62
CA THR A 21 -11.88 -6.62 6.45
C THR A 21 -11.36 -7.51 7.58
N ASN A 22 -10.25 -8.20 7.32
CA ASN A 22 -9.66 -9.09 8.33
C ASN A 22 -8.84 -8.30 9.35
N LEU A 23 -8.74 -6.98 9.17
CA LEU A 23 -8.00 -6.14 10.08
C LEU A 23 -8.94 -5.36 11.00
N PRO A 24 -9.26 -5.93 12.17
CA PRO A 24 -10.15 -5.28 13.15
C PRO A 24 -9.53 -4.03 13.75
N TYR A 25 -10.14 -2.88 13.50
CA TYR A 25 -9.66 -1.61 14.02
C TYR A 25 -10.07 -1.42 15.47
N SER A 26 -9.11 -1.12 16.33
CA SER A 26 -9.38 -0.91 17.75
C SER A 26 -8.63 0.32 18.26
N GLN A 27 -8.81 0.62 19.55
CA GLN A 27 -8.17 1.76 20.16
C GLN A 27 -6.64 1.65 20.07
N ASP A 28 -6.15 0.41 20.07
CA ASP A 28 -4.72 0.16 19.98
C ASP A 28 -4.16 0.66 18.65
N ILE A 29 -4.85 0.34 17.56
CA ILE A 29 -4.44 0.75 16.23
C ILE A 29 -4.53 2.27 16.06
N ALA A 30 -5.22 2.92 16.99
CA ALA A 30 -5.38 4.38 16.93
C ALA A 30 -4.26 5.09 17.68
N GLN A 31 -3.66 4.39 18.64
CA GLN A 31 -2.57 4.97 19.44
C GLN A 31 -1.31 4.11 19.33
N PRO A 32 -0.21 4.68 18.80
CA PRO A 32 1.07 3.96 18.65
C PRO A 32 1.57 3.40 19.98
N SER A 33 1.10 3.96 21.07
CA SER A 33 1.51 3.53 22.41
C SER A 33 1.29 2.02 22.58
N THR A 34 0.32 1.47 21.87
CA THR A 34 0.02 0.05 21.95
C THR A 34 0.92 -0.75 21.01
N THR A 35 0.95 -2.06 21.21
CA THR A 35 1.77 -2.94 20.38
C THR A 35 1.05 -3.30 19.09
N LYS A 36 -0.28 -3.36 19.14
CA LYS A 36 -1.09 -3.69 17.98
C LYS A 36 -0.83 -2.72 16.83
N TYR A 37 -0.44 -1.49 17.17
CA TYR A 37 -0.16 -0.46 16.17
C TYR A 37 1.18 -0.72 15.50
N GLN A 38 2.14 -1.22 16.27
CA GLN A 38 3.48 -1.50 15.75
C GLN A 38 3.50 -2.86 15.05
N GLN A 39 2.79 -3.83 15.62
CA GLN A 39 2.74 -5.17 15.06
C GLN A 39 1.94 -5.18 13.76
N THR A 40 0.77 -4.56 13.78
CA THR A 40 -0.08 -4.50 12.60
C THR A 40 0.58 -3.71 11.49
N LYS A 41 1.12 -2.55 11.83
CA LYS A 41 1.80 -1.69 10.86
C LYS A 41 2.94 -2.43 10.18
N ARG A 42 3.74 -3.13 10.97
CA ARG A 42 4.87 -3.88 10.44
C ARG A 42 4.40 -5.11 9.66
N SER A 43 3.27 -5.66 10.06
CA SER A 43 2.71 -6.84 9.40
C SER A 43 2.38 -6.53 7.95
N ILE A 44 1.74 -5.39 7.71
CA ILE A 44 1.36 -4.99 6.36
C ILE A 44 2.59 -4.61 5.54
N GLU A 45 3.47 -3.80 6.12
CA GLU A 45 4.68 -3.36 5.45
C GLU A 45 5.54 -4.56 5.07
N ASN A 46 5.57 -5.57 5.93
CA ASN A 46 6.35 -6.78 5.68
C ASN A 46 5.72 -7.62 4.58
N ALA A 47 4.41 -7.80 4.67
CA ALA A 47 3.69 -8.59 3.68
C ALA A 47 3.80 -7.99 2.29
N LEU A 48 3.81 -6.65 2.23
CA LEU A 48 3.92 -5.95 0.95
C LEU A 48 5.33 -6.08 0.38
N ASN A 49 6.31 -6.21 1.26
CA ASN A 49 7.70 -6.35 0.84
C ASN A 49 7.89 -7.57 -0.04
N GLN A 50 7.57 -8.74 0.49
CA GLN A 50 7.71 -9.99 -0.26
C GLN A 50 6.85 -9.96 -1.52
N LEU A 51 5.73 -9.26 -1.46
CA LEU A 51 4.83 -9.17 -2.59
C LEU A 51 5.53 -8.53 -3.80
N PHE A 52 6.12 -7.35 -3.57
CA PHE A 52 6.82 -6.64 -4.64
C PHE A 52 7.99 -7.47 -5.18
N ARG A 53 8.71 -8.12 -4.27
CA ARG A 53 9.85 -8.94 -4.65
C ARG A 53 9.41 -10.10 -5.56
N ASN A 54 8.18 -10.55 -5.36
CA ASN A 54 7.64 -11.66 -6.15
C ASN A 54 6.85 -11.14 -7.35
N SER A 55 6.30 -9.94 -7.22
CA SER A 55 5.51 -9.33 -8.29
C SER A 55 6.33 -9.21 -9.57
N SER A 56 5.65 -9.18 -10.71
CA SER A 56 6.31 -9.08 -12.00
C SER A 56 7.16 -7.80 -12.08
N ILE A 57 6.74 -6.78 -11.33
CA ILE A 57 7.47 -5.51 -11.32
C ILE A 57 8.47 -5.47 -10.16
N LYS A 58 9.23 -6.56 -10.01
CA LYS A 58 10.22 -6.64 -8.95
C LYS A 58 11.58 -6.12 -9.41
N SER A 59 11.56 -4.97 -10.08
CA SER A 59 12.78 -4.35 -10.58
C SER A 59 12.74 -2.84 -10.38
N TYR A 60 11.62 -2.23 -10.76
CA TYR A 60 11.45 -0.79 -10.62
C TYR A 60 10.81 -0.45 -9.27
N PHE A 61 10.00 -1.37 -8.76
CA PHE A 61 9.33 -1.18 -7.48
C PHE A 61 10.34 -1.16 -6.33
N SER A 62 10.75 0.04 -5.94
CA SER A 62 11.71 0.20 -4.84
C SER A 62 11.17 -0.39 -3.55
N ASP A 63 10.10 0.21 -3.04
CA ASP A 63 9.49 -0.26 -1.80
C ASP A 63 8.12 0.41 -1.59
N CYS A 64 7.54 0.20 -0.41
CA CYS A 64 6.26 0.79 -0.07
C CYS A 64 6.32 1.51 1.27
N GLN A 65 5.44 2.49 1.44
CA GLN A 65 5.39 3.27 2.68
C GLN A 65 3.96 3.40 3.18
N VAL A 66 3.72 2.94 4.40
CA VAL A 66 2.39 3.01 5.00
C VAL A 66 2.15 4.37 5.64
N LEU A 67 1.18 5.11 5.10
CA LEU A 67 0.84 6.42 5.63
C LEU A 67 0.08 6.31 6.95
N ALA A 68 -1.13 5.77 6.88
CA ALA A 68 -1.96 5.60 8.06
C ALA A 68 -3.18 4.73 7.76
N PHE A 69 -3.92 4.38 8.81
CA PHE A 69 -5.11 3.55 8.65
C PHE A 69 -6.37 4.38 8.80
N ARG A 70 -7.31 4.20 7.88
CA ARG A 70 -8.57 4.95 7.91
C ARG A 70 -9.64 4.15 8.64
N SER A 71 -10.01 4.62 9.83
CA SER A 71 -11.03 3.95 10.63
C SER A 71 -12.42 4.20 10.06
N VAL A 72 -12.95 3.19 9.36
CA VAL A 72 -14.27 3.30 8.76
C VAL A 72 -15.36 3.42 9.82
N SER A 73 -16.33 4.29 9.56
CA SER A 73 -17.43 4.51 10.50
C SER A 73 -18.55 3.50 10.28
N ASN A 74 -18.66 3.00 9.05
CA ASN A 74 -19.69 2.03 8.72
C ASN A 74 -19.58 0.80 9.60
N ASN A 75 -18.36 0.32 9.81
CA ASN A 75 -18.13 -0.85 10.64
C ASN A 75 -16.86 -0.69 11.47
N ASN A 76 -16.81 -1.36 12.62
CA ASN A 76 -15.66 -1.29 13.50
C ASN A 76 -14.76 -2.51 13.33
N ASN A 77 -14.78 -3.08 12.13
CA ASN A 77 -13.96 -4.26 11.83
C ASN A 77 -13.02 -3.98 10.67
N HIS A 78 -13.52 -3.30 9.65
CA HIS A 78 -12.73 -2.97 8.47
C HIS A 78 -11.70 -1.89 8.79
N THR A 79 -10.83 -1.60 7.84
CA THR A 79 -9.80 -0.58 8.01
C THR A 79 -9.22 -0.15 6.68
N GLY A 80 -9.53 1.07 6.27
CA GLY A 80 -9.02 1.59 5.01
C GLY A 80 -7.54 1.84 5.04
N VAL A 81 -6.77 0.98 4.38
CA VAL A 81 -5.32 1.12 4.34
C VAL A 81 -4.91 2.32 3.49
N ASP A 82 -3.87 3.03 3.94
CA ASP A 82 -3.37 4.19 3.22
C ASP A 82 -1.86 4.09 3.04
N SER A 83 -1.44 3.27 2.09
CA SER A 83 -0.01 3.08 1.81
C SER A 83 0.42 3.85 0.57
N LEU A 84 1.69 3.72 0.22
CA LEU A 84 2.24 4.43 -0.93
C LEU A 84 3.16 3.51 -1.74
N CYS A 85 2.79 3.26 -3.00
CA CYS A 85 3.60 2.41 -3.87
C CYS A 85 4.86 3.12 -4.31
N ASN A 86 5.87 3.12 -3.45
CA ASN A 86 7.13 3.79 -3.74
C ASN A 86 7.87 3.09 -4.88
N PHE A 87 8.19 3.84 -5.93
CA PHE A 87 8.90 3.29 -7.09
C PHE A 87 10.27 3.95 -7.24
N SER A 88 11.18 3.24 -7.89
CA SER A 88 12.53 3.76 -8.11
C SER A 88 12.53 4.80 -9.23
N PRO A 89 13.56 5.66 -9.27
CA PRO A 89 13.68 6.70 -10.29
C PRO A 89 13.93 6.13 -11.69
N LEU A 90 14.31 4.85 -11.74
CA LEU A 90 14.57 4.19 -13.01
C LEU A 90 13.28 4.00 -13.81
N ALA A 91 12.19 3.75 -13.10
CA ALA A 91 10.90 3.54 -13.75
C ALA A 91 10.51 4.76 -14.60
N ARG A 92 9.36 4.66 -15.26
CA ARG A 92 8.87 5.74 -16.11
C ARG A 92 7.54 5.37 -16.77
N ARG A 93 7.43 4.11 -17.17
CA ARG A 93 6.21 3.64 -17.82
C ARG A 93 5.31 2.89 -16.84
N VAL A 94 5.34 3.30 -15.58
CA VAL A 94 4.52 2.66 -14.55
C VAL A 94 3.13 3.29 -14.48
N ASP A 95 2.12 2.46 -14.30
CA ASP A 95 0.74 2.94 -14.22
C ASP A 95 0.05 2.40 -12.97
N ARG A 96 -0.98 3.11 -12.52
CA ARG A 96 -1.72 2.71 -11.33
C ARG A 96 -2.34 1.33 -11.52
N VAL A 97 -2.66 1.01 -12.77
CA VAL A 97 -3.26 -0.29 -13.08
C VAL A 97 -2.26 -1.43 -12.87
N ALA A 98 -0.98 -1.13 -13.06
CA ALA A 98 0.08 -2.12 -12.88
C ALA A 98 0.10 -2.64 -11.45
N ILE A 99 0.38 -1.75 -10.51
CA ILE A 99 0.45 -2.12 -9.10
C ILE A 99 -0.91 -2.59 -8.59
N TYR A 100 -1.98 -2.15 -9.26
CA TYR A 100 -3.33 -2.52 -8.88
C TYR A 100 -3.64 -3.96 -9.29
N GLU A 101 -3.25 -4.33 -10.50
CA GLU A 101 -3.49 -5.67 -11.01
C GLU A 101 -2.54 -6.68 -10.38
N GLU A 102 -1.25 -6.38 -10.43
CA GLU A 102 -0.23 -7.26 -9.86
C GLU A 102 -0.48 -7.52 -8.38
N PHE A 103 -1.10 -6.55 -7.71
CA PHE A 103 -1.38 -6.68 -6.28
C PHE A 103 -2.59 -7.59 -6.04
N LEU A 104 -3.73 -7.23 -6.61
CA LEU A 104 -4.95 -8.02 -6.45
C LEU A 104 -4.74 -9.46 -6.91
N ARG A 105 -4.00 -9.64 -8.00
CA ARG A 105 -3.73 -10.96 -8.54
C ARG A 105 -2.91 -11.80 -7.56
N MET A 106 -2.11 -11.13 -6.73
CA MET A 106 -1.27 -11.82 -5.76
C MET A 106 -2.03 -12.06 -4.45
N THR A 107 -3.03 -11.21 -4.17
CA THR A 107 -3.81 -11.34 -2.95
C THR A 107 -5.07 -12.16 -3.20
N HIS A 108 -4.93 -13.25 -3.94
CA HIS A 108 -6.06 -14.13 -4.24
C HIS A 108 -7.20 -13.34 -4.89
N ASN A 109 -6.87 -12.60 -5.95
CA ASN A 109 -7.86 -11.80 -6.66
C ASN A 109 -8.46 -10.73 -5.75
N GLY A 110 -7.61 -10.01 -5.05
CA GLY A 110 -8.07 -8.96 -4.16
C GLY A 110 -9.00 -9.47 -3.08
N THR A 111 -8.68 -10.63 -2.52
CA THR A 111 -9.51 -11.23 -1.48
C THR A 111 -8.69 -11.51 -0.22
N GLN A 112 -7.45 -11.94 -0.41
CA GLN A 112 -6.58 -12.25 0.73
C GLN A 112 -5.13 -11.86 0.44
N LEU A 113 -4.62 -10.92 1.22
CA LEU A 113 -3.24 -10.45 1.05
C LEU A 113 -2.30 -11.20 1.99
N LEU A 114 -1.73 -12.29 1.48
CA LEU A 114 -0.81 -13.11 2.27
C LEU A 114 -1.51 -13.70 3.50
N ASN A 115 -1.66 -12.87 4.53
CA ASN A 115 -2.31 -13.31 5.76
C ASN A 115 -3.33 -12.27 6.24
N PHE A 116 -4.11 -11.74 5.30
CA PHE A 116 -5.12 -10.73 5.62
C PHE A 116 -6.19 -10.67 4.54
N THR A 117 -7.41 -11.05 4.91
CA THR A 117 -8.53 -11.03 3.98
C THR A 117 -9.06 -9.62 3.78
N LEU A 118 -8.98 -9.13 2.54
CA LEU A 118 -9.44 -7.79 2.22
C LEU A 118 -10.26 -7.79 0.93
N ASP A 119 -11.07 -6.76 0.74
CA ASP A 119 -11.91 -6.65 -0.44
C ASP A 119 -11.11 -6.12 -1.63
N ARG A 120 -11.44 -6.61 -2.82
CA ARG A 120 -10.75 -6.18 -4.04
C ARG A 120 -11.26 -4.82 -4.50
N LYS A 121 -12.57 -4.67 -4.53
CA LYS A 121 -13.19 -3.42 -4.96
C LYS A 121 -12.73 -2.26 -4.08
N SER A 122 -12.49 -2.56 -2.79
CA SER A 122 -12.05 -1.54 -1.85
C SER A 122 -10.68 -0.99 -2.25
N VAL A 123 -9.84 -1.85 -2.83
CA VAL A 123 -8.51 -1.44 -3.26
C VAL A 123 -8.58 -0.32 -4.29
N PHE A 124 -7.56 0.52 -4.31
CA PHE A 124 -7.50 1.64 -5.24
C PHE A 124 -6.17 2.35 -5.15
N VAL A 125 -5.55 2.61 -6.30
CA VAL A 125 -4.27 3.28 -6.35
C VAL A 125 -4.29 4.45 -7.33
N ASP A 126 -4.10 5.66 -6.81
CA ASP A 126 -4.10 6.86 -7.64
C ASP A 126 -2.69 7.44 -7.77
N SER A 127 -2.54 8.42 -8.66
CA SER A 127 -1.25 9.04 -8.89
C SER A 127 -0.88 9.97 -7.73
N GLY A 128 0.00 9.50 -6.86
CA GLY A 128 0.42 10.30 -5.72
C GLY A 128 -0.73 10.69 -4.81
N PRO A 129 -0.45 11.00 -3.53
CA PRO A 129 -1.48 11.39 -2.57
C PRO A 129 -2.11 12.74 -2.91
N SER A 130 -1.28 13.78 -2.96
CA SER A 130 -1.75 15.12 -3.27
C SER A 130 -2.76 15.60 -2.23
N SER A 131 -2.25 16.25 -1.18
CA SER A 131 -3.10 16.76 -0.11
C SER A 131 -3.17 18.28 -0.16
N GLY A 132 -4.33 18.83 0.19
CA GLY A 132 -4.50 20.27 0.20
C GLY A 132 -5.79 20.70 0.84
N GLY A 1 9.68 17.02 -40.17
CA GLY A 1 8.48 17.01 -39.28
C GLY A 1 8.67 17.86 -38.04
N SER A 2 7.78 17.69 -37.06
CA SER A 2 7.86 18.43 -35.82
C SER A 2 7.59 17.53 -34.62
N SER A 3 8.30 17.78 -33.53
CA SER A 3 8.15 17.00 -32.31
C SER A 3 8.95 17.59 -31.17
N GLY A 4 8.44 17.42 -29.95
CA GLY A 4 9.13 17.94 -28.77
C GLY A 4 10.18 16.99 -28.24
N SER A 5 10.41 17.04 -26.93
CA SER A 5 11.40 16.17 -26.30
C SER A 5 11.09 16.00 -24.82
N SER A 6 11.78 15.06 -24.19
CA SER A 6 11.59 14.78 -22.77
C SER A 6 12.83 14.18 -22.15
N GLY A 7 13.50 14.95 -21.29
CA GLY A 7 14.71 14.46 -20.64
C GLY A 7 14.42 13.47 -19.53
N SER A 8 15.19 13.57 -18.45
CA SER A 8 15.01 12.68 -17.30
C SER A 8 13.82 13.11 -16.46
N SER A 9 13.57 12.39 -15.37
CA SER A 9 12.47 12.70 -14.47
C SER A 9 12.68 12.07 -13.10
N SER A 10 11.92 12.53 -12.11
CA SER A 10 12.02 12.01 -10.76
C SER A 10 11.20 10.74 -10.60
N SER A 11 11.32 10.10 -9.44
CA SER A 11 10.58 8.86 -9.16
C SER A 11 9.08 9.13 -9.14
N GLN A 12 8.31 8.08 -8.84
CA GLN A 12 6.85 8.21 -8.78
C GLN A 12 6.29 7.54 -7.53
N HIS A 13 5.22 8.11 -7.00
CA HIS A 13 4.60 7.57 -5.79
C HIS A 13 3.10 7.36 -6.01
N PHE A 14 2.69 6.10 -6.08
CA PHE A 14 1.28 5.77 -6.28
C PHE A 14 0.60 5.48 -4.94
N ASN A 15 -0.39 6.29 -4.61
CA ASN A 15 -1.13 6.13 -3.36
C ASN A 15 -1.79 4.75 -3.27
N LEU A 16 -1.40 3.97 -2.28
CA LEU A 16 -1.96 2.64 -2.08
C LEU A 16 -3.06 2.66 -1.03
N ASN A 17 -4.22 2.11 -1.37
CA ASN A 17 -5.35 2.09 -0.45
C ASN A 17 -6.19 0.83 -0.63
N PHE A 18 -6.56 0.21 0.49
CA PHE A 18 -7.37 -1.00 0.46
C PHE A 18 -7.82 -1.37 1.87
N THR A 19 -9.12 -1.33 2.11
CA THR A 19 -9.68 -1.65 3.42
C THR A 19 -9.73 -3.15 3.65
N ILE A 20 -9.26 -3.57 4.81
CA ILE A 20 -9.25 -4.99 5.18
C ILE A 20 -10.47 -5.35 6.02
N THR A 21 -11.15 -6.42 5.65
CA THR A 21 -12.34 -6.87 6.37
C THR A 21 -12.00 -7.97 7.36
N ASN A 22 -10.78 -7.91 7.90
CA ASN A 22 -10.32 -8.90 8.87
C ASN A 22 -9.39 -8.27 9.90
N LEU A 23 -9.61 -6.99 10.17
CA LEU A 23 -8.78 -6.26 11.13
C LEU A 23 -9.64 -5.26 11.92
N PRO A 24 -9.94 -5.57 13.20
CA PRO A 24 -10.74 -4.68 14.04
C PRO A 24 -10.02 -3.38 14.38
N TYR A 25 -10.78 -2.29 14.43
CA TYR A 25 -10.21 -0.98 14.73
C TYR A 25 -10.51 -0.58 16.18
N SER A 26 -9.46 -0.32 16.94
CA SER A 26 -9.61 0.07 18.34
C SER A 26 -8.83 1.35 18.63
N GLN A 27 -8.94 1.84 19.86
CA GLN A 27 -8.25 3.05 20.27
C GLN A 27 -6.73 2.88 20.15
N ASP A 28 -6.27 1.65 20.35
CA ASP A 28 -4.84 1.35 20.27
C ASP A 28 -4.29 1.68 18.88
N ILE A 29 -4.99 1.21 17.85
CA ILE A 29 -4.57 1.45 16.48
C ILE A 29 -4.52 2.96 16.18
N ALA A 30 -5.35 3.72 16.88
CA ALA A 30 -5.39 5.17 16.69
C ALA A 30 -4.09 5.82 17.16
N GLN A 31 -3.34 5.12 18.00
CA GLN A 31 -2.08 5.65 18.52
C GLN A 31 -0.94 4.67 18.28
N PRO A 32 0.03 5.05 17.42
CA PRO A 32 1.18 4.19 17.11
C PRO A 32 1.91 3.71 18.36
N SER A 33 1.77 4.45 19.45
CA SER A 33 2.41 4.11 20.71
C SER A 33 2.04 2.68 21.13
N THR A 34 0.85 2.25 20.75
CA THR A 34 0.38 0.91 21.11
C THR A 34 1.08 -0.15 20.25
N THR A 35 1.01 -1.40 20.71
CA THR A 35 1.63 -2.50 19.99
C THR A 35 0.74 -3.01 18.86
N LYS A 36 -0.57 -2.87 19.04
CA LYS A 36 -1.54 -3.31 18.04
C LYS A 36 -1.31 -2.60 16.71
N TYR A 37 -0.80 -1.37 16.78
CA TYR A 37 -0.53 -0.58 15.58
C TYR A 37 0.80 -1.00 14.94
N GLN A 38 1.86 -1.00 15.74
CA GLN A 38 3.18 -1.37 15.25
C GLN A 38 3.18 -2.80 14.72
N GLN A 39 2.33 -3.65 15.31
CA GLN A 39 2.23 -5.05 14.90
C GLN A 39 1.64 -5.16 13.49
N THR A 40 0.40 -4.75 13.35
CA THR A 40 -0.29 -4.81 12.06
C THR A 40 0.43 -3.94 11.03
N LYS A 41 1.04 -2.86 11.50
CA LYS A 41 1.76 -1.95 10.62
C LYS A 41 2.99 -2.62 10.01
N ARG A 42 3.58 -3.55 10.78
CA ARG A 42 4.76 -4.27 10.32
C ARG A 42 4.38 -5.45 9.44
N SER A 43 3.32 -6.14 9.83
CA SER A 43 2.85 -7.30 9.08
C SER A 43 2.49 -6.91 7.64
N ILE A 44 1.81 -5.78 7.51
CA ILE A 44 1.39 -5.29 6.20
C ILE A 44 2.60 -4.81 5.38
N GLU A 45 3.47 -4.04 6.03
CA GLU A 45 4.66 -3.52 5.37
C GLU A 45 5.55 -4.65 4.88
N ASN A 46 5.67 -5.71 5.69
CA ASN A 46 6.49 -6.86 5.33
C ASN A 46 5.83 -7.67 4.23
N ALA A 47 4.50 -7.78 4.30
CA ALA A 47 3.74 -8.54 3.30
C ALA A 47 3.78 -7.84 1.95
N LEU A 48 3.77 -6.52 1.97
CA LEU A 48 3.78 -5.72 0.74
C LEU A 48 5.16 -5.79 0.08
N ASN A 49 6.20 -5.92 0.90
CA ASN A 49 7.57 -5.99 0.40
C ASN A 49 7.75 -7.20 -0.52
N GLN A 50 7.52 -8.39 0.03
CA GLN A 50 7.66 -9.62 -0.73
C GLN A 50 6.74 -9.63 -1.95
N LEU A 51 5.60 -8.95 -1.83
CA LEU A 51 4.64 -8.87 -2.92
C LEU A 51 5.25 -8.21 -4.14
N PHE A 52 6.10 -7.22 -3.92
CA PHE A 52 6.75 -6.51 -5.01
C PHE A 52 7.89 -7.33 -5.60
N ARG A 53 8.65 -7.98 -4.73
CA ARG A 53 9.78 -8.80 -5.17
C ARG A 53 9.30 -10.01 -5.95
N ASN A 54 8.07 -10.45 -5.68
CA ASN A 54 7.50 -11.62 -6.36
C ASN A 54 6.79 -11.20 -7.64
N SER A 55 6.26 -9.97 -7.66
CA SER A 55 5.55 -9.46 -8.83
C SER A 55 6.51 -9.28 -10.01
N SER A 56 5.93 -9.18 -11.20
CA SER A 56 6.72 -9.01 -12.41
C SER A 56 7.54 -7.73 -12.35
N ILE A 57 7.06 -6.75 -11.59
CA ILE A 57 7.74 -5.47 -11.43
C ILE A 57 8.67 -5.49 -10.22
N LYS A 58 9.44 -6.56 -10.08
CA LYS A 58 10.36 -6.69 -8.97
C LYS A 58 11.75 -6.15 -9.35
N SER A 59 11.77 -4.94 -9.88
CA SER A 59 13.02 -4.30 -10.28
C SER A 59 13.00 -2.81 -9.96
N TYR A 60 11.91 -2.14 -10.33
CA TYR A 60 11.76 -0.71 -10.09
C TYR A 60 11.11 -0.46 -8.73
N PHE A 61 10.16 -1.31 -8.36
CA PHE A 61 9.46 -1.17 -7.08
C PHE A 61 10.44 -1.25 -5.92
N SER A 62 10.57 -0.14 -5.19
CA SER A 62 11.47 -0.07 -4.05
C SER A 62 10.82 -0.68 -2.80
N ASP A 63 9.71 -0.10 -2.37
CA ASP A 63 9.00 -0.58 -1.20
C ASP A 63 7.70 0.19 -0.99
N CYS A 64 7.00 -0.11 0.09
CA CYS A 64 5.74 0.55 0.40
C CYS A 64 5.87 1.40 1.66
N GLN A 65 5.09 2.47 1.72
CA GLN A 65 5.12 3.38 2.86
C GLN A 65 3.75 3.48 3.52
N VAL A 66 3.53 2.64 4.53
CA VAL A 66 2.25 2.63 5.25
C VAL A 66 2.05 3.91 6.05
N LEU A 67 1.16 4.77 5.58
CA LEU A 67 0.88 6.03 6.25
C LEU A 67 0.20 5.79 7.60
N ALA A 68 -1.00 5.22 7.56
CA ALA A 68 -1.75 4.94 8.77
C ALA A 68 -2.97 4.05 8.46
N PHE A 69 -3.83 3.89 9.46
CA PHE A 69 -5.03 3.07 9.30
C PHE A 69 -6.28 3.93 9.41
N ARG A 70 -7.07 3.95 8.33
CA ARG A 70 -8.29 4.73 8.30
C ARG A 70 -9.41 4.02 9.06
N SER A 71 -10.12 4.77 9.89
CA SER A 71 -11.21 4.21 10.68
C SER A 71 -12.45 4.00 9.81
N VAL A 72 -13.38 3.19 10.30
CA VAL A 72 -14.60 2.90 9.57
C VAL A 72 -15.78 2.69 10.52
N SER A 73 -16.99 2.94 10.03
CA SER A 73 -18.20 2.77 10.83
C SER A 73 -18.94 1.51 10.42
N ASN A 74 -19.13 1.33 9.12
CA ASN A 74 -19.84 0.16 8.61
C ASN A 74 -19.14 -1.13 9.03
N ASN A 75 -19.91 -2.06 9.58
CA ASN A 75 -19.37 -3.35 10.03
C ASN A 75 -18.71 -3.22 11.40
N ASN A 76 -17.81 -2.24 11.53
CA ASN A 76 -17.10 -2.01 12.78
C ASN A 76 -16.04 -3.08 13.01
N ASN A 77 -15.46 -3.56 11.91
CA ASN A 77 -14.43 -4.59 11.98
C ASN A 77 -13.51 -4.51 10.77
N HIS A 78 -13.40 -3.32 10.18
CA HIS A 78 -12.55 -3.12 9.01
C HIS A 78 -11.44 -2.12 9.32
N THR A 79 -10.61 -1.85 8.32
CA THR A 79 -9.50 -0.92 8.49
C THR A 79 -8.94 -0.49 7.13
N GLY A 80 -8.97 0.81 6.87
CA GLY A 80 -8.47 1.33 5.61
C GLY A 80 -6.95 1.42 5.59
N VAL A 81 -6.32 0.54 4.82
CA VAL A 81 -4.86 0.51 4.71
C VAL A 81 -4.37 1.63 3.79
N ASP A 82 -4.03 2.77 4.38
CA ASP A 82 -3.53 3.90 3.62
C ASP A 82 -2.01 3.81 3.46
N SER A 83 -1.58 3.11 2.42
CA SER A 83 -0.15 2.94 2.16
C SER A 83 0.28 3.74 0.92
N LEU A 84 1.55 3.62 0.56
CA LEU A 84 2.08 4.32 -0.60
C LEU A 84 2.98 3.41 -1.43
N CYS A 85 2.58 3.20 -2.69
CA CYS A 85 3.34 2.34 -3.59
C CYS A 85 4.56 3.09 -4.14
N ASN A 86 5.62 3.14 -3.35
CA ASN A 86 6.84 3.84 -3.75
C ASN A 86 7.57 3.09 -4.87
N PHE A 87 8.14 3.84 -5.80
CA PHE A 87 8.87 3.26 -6.92
C PHE A 87 10.23 3.92 -7.09
N SER A 88 10.96 3.52 -8.13
CA SER A 88 12.28 4.08 -8.39
C SER A 88 12.25 4.97 -9.64
N PRO A 89 13.14 5.97 -9.71
CA PRO A 89 13.21 6.88 -10.85
C PRO A 89 13.61 6.18 -12.14
N LEU A 90 14.23 5.01 -12.01
CA LEU A 90 14.66 4.24 -13.17
C LEU A 90 13.46 3.78 -14.00
N ALA A 91 12.31 3.63 -13.35
CA ALA A 91 11.10 3.19 -14.03
C ALA A 91 10.72 4.16 -15.15
N ARG A 92 10.09 5.26 -14.77
CA ARG A 92 9.66 6.27 -15.74
C ARG A 92 8.64 5.70 -16.72
N ARG A 93 7.94 4.65 -16.31
CA ARG A 93 6.94 4.01 -17.15
C ARG A 93 5.98 3.17 -16.32
N VAL A 94 5.75 3.58 -15.07
CA VAL A 94 4.84 2.86 -14.19
C VAL A 94 3.49 3.54 -14.11
N ASP A 95 2.44 2.75 -13.89
CA ASP A 95 1.09 3.28 -13.80
C ASP A 95 0.36 2.70 -12.60
N ARG A 96 -0.69 3.37 -12.15
CA ARG A 96 -1.47 2.92 -11.01
C ARG A 96 -2.12 1.57 -11.29
N VAL A 97 -2.52 1.37 -12.55
CA VAL A 97 -3.15 0.12 -12.96
C VAL A 97 -2.18 -1.05 -12.85
N ALA A 98 -0.90 -0.77 -13.04
CA ALA A 98 0.14 -1.80 -12.97
C ALA A 98 0.21 -2.40 -11.57
N ILE A 99 0.40 -1.54 -10.58
CA ILE A 99 0.50 -1.99 -9.19
C ILE A 99 -0.82 -2.57 -8.71
N TYR A 100 -1.92 -2.15 -9.33
CA TYR A 100 -3.25 -2.63 -8.96
C TYR A 100 -3.48 -4.05 -9.50
N GLU A 101 -3.09 -4.26 -10.76
CA GLU A 101 -3.26 -5.56 -11.40
C GLU A 101 -2.38 -6.62 -10.74
N GLU A 102 -1.08 -6.34 -10.66
CA GLU A 102 -0.13 -7.27 -10.07
C GLU A 102 -0.51 -7.60 -8.62
N PHE A 103 -1.07 -6.62 -7.92
CA PHE A 103 -1.48 -6.80 -6.53
C PHE A 103 -2.62 -7.81 -6.44
N LEU A 104 -3.61 -7.65 -7.31
CA LEU A 104 -4.77 -8.55 -7.32
C LEU A 104 -4.36 -9.98 -7.65
N ARG A 105 -3.39 -10.12 -8.55
CA ARG A 105 -2.91 -11.44 -8.97
C ARG A 105 -2.21 -12.15 -7.81
N MET A 106 -1.55 -11.38 -6.95
CA MET A 106 -0.84 -11.95 -5.81
C MET A 106 -1.75 -12.10 -4.60
N THR A 107 -2.81 -11.28 -4.56
CA THR A 107 -3.75 -11.33 -3.45
C THR A 107 -4.96 -12.20 -3.78
N HIS A 108 -4.77 -13.16 -4.69
CA HIS A 108 -5.84 -14.06 -5.09
C HIS A 108 -7.09 -13.29 -5.49
N ASN A 109 -7.09 -12.75 -6.71
CA ASN A 109 -8.23 -11.99 -7.21
C ASN A 109 -8.57 -10.84 -6.27
N GLY A 110 -7.56 -10.33 -5.57
CA GLY A 110 -7.78 -9.23 -4.66
C GLY A 110 -8.77 -9.58 -3.56
N THR A 111 -8.39 -10.52 -2.69
CA THR A 111 -9.25 -10.95 -1.61
C THR A 111 -8.43 -11.32 -0.37
N GLN A 112 -7.36 -12.07 -0.58
CA GLN A 112 -6.51 -12.49 0.53
C GLN A 112 -5.07 -12.03 0.32
N LEU A 113 -4.69 -10.94 0.98
CA LEU A 113 -3.34 -10.40 0.87
C LEU A 113 -2.34 -11.32 1.56
N LEU A 114 -1.79 -12.27 0.80
CA LEU A 114 -0.83 -13.22 1.33
C LEU A 114 -1.45 -14.08 2.43
N ASN A 115 -1.56 -13.53 3.63
CA ASN A 115 -2.15 -14.27 4.75
C ASN A 115 -3.44 -13.59 5.22
N PHE A 116 -3.45 -12.26 5.16
CA PHE A 116 -4.63 -11.50 5.59
C PHE A 116 -5.73 -11.56 4.54
N THR A 117 -6.96 -11.28 4.96
CA THR A 117 -8.11 -11.31 4.06
C THR A 117 -8.75 -9.92 3.97
N LEU A 118 -8.68 -9.32 2.79
CA LEU A 118 -9.25 -8.00 2.58
C LEU A 118 -10.18 -7.99 1.37
N ASP A 119 -11.03 -6.97 1.29
CA ASP A 119 -11.98 -6.84 0.19
C ASP A 119 -11.28 -6.41 -1.10
N ARG A 120 -12.03 -6.42 -2.20
CA ARG A 120 -11.48 -6.04 -3.49
C ARG A 120 -11.99 -4.65 -3.90
N LYS A 121 -13.30 -4.47 -3.83
CA LYS A 121 -13.92 -3.19 -4.19
C LYS A 121 -13.25 -2.03 -3.46
N SER A 122 -12.72 -2.32 -2.27
CA SER A 122 -12.05 -1.31 -1.47
C SER A 122 -10.65 -1.02 -2.00
N VAL A 123 -10.05 -2.03 -2.61
CA VAL A 123 -8.70 -1.89 -3.18
C VAL A 123 -8.68 -0.86 -4.29
N PHE A 124 -7.66 0.00 -4.27
CA PHE A 124 -7.53 1.04 -5.28
C PHE A 124 -6.20 1.79 -5.11
N VAL A 125 -5.65 2.25 -6.23
CA VAL A 125 -4.39 2.98 -6.21
C VAL A 125 -4.37 4.07 -7.28
N ASP A 126 -3.84 5.24 -6.92
CA ASP A 126 -3.77 6.36 -7.84
C ASP A 126 -2.33 6.85 -7.98
N SER A 127 -2.16 7.96 -8.68
CA SER A 127 -0.83 8.53 -8.89
C SER A 127 -0.58 9.69 -7.93
N GLY A 128 -0.16 9.36 -6.72
CA GLY A 128 0.11 10.38 -5.71
C GLY A 128 -1.10 11.24 -5.41
N PRO A 129 -0.95 12.27 -4.56
CA PRO A 129 -2.04 13.16 -4.19
C PRO A 129 -2.37 14.17 -5.28
N SER A 130 -3.27 15.10 -4.99
CA SER A 130 -3.68 16.12 -5.94
C SER A 130 -4.25 15.50 -7.21
N SER A 131 -4.71 14.25 -7.11
CA SER A 131 -5.28 13.55 -8.25
C SER A 131 -4.33 13.56 -9.44
N GLY A 132 -3.03 13.61 -9.15
CA GLY A 132 -2.04 13.62 -10.20
C GLY A 132 -0.63 13.69 -9.67
N GLY A 1 6.86 23.89 3.22
CA GLY A 1 7.00 22.57 2.54
C GLY A 1 7.53 21.50 3.46
N SER A 2 6.67 20.58 3.87
CA SER A 2 7.07 19.48 4.76
C SER A 2 7.69 18.34 3.96
N SER A 3 8.78 18.63 3.27
CA SER A 3 9.49 17.62 2.47
C SER A 3 10.83 18.15 1.99
N GLY A 4 10.83 19.36 1.46
CA GLY A 4 12.06 19.96 0.96
C GLY A 4 12.69 19.13 -0.13
N SER A 5 11.94 18.89 -1.21
CA SER A 5 12.45 18.12 -2.34
C SER A 5 13.56 18.86 -3.07
N SER A 6 14.80 18.49 -2.79
CA SER A 6 15.96 19.12 -3.43
C SER A 6 16.75 18.12 -4.25
N GLY A 7 16.06 17.14 -4.82
CA GLY A 7 16.71 16.12 -5.62
C GLY A 7 15.90 15.71 -6.82
N SER A 8 16.29 16.17 -8.00
CA SER A 8 15.58 15.83 -9.22
C SER A 8 15.74 14.36 -9.57
N SER A 9 14.93 13.52 -8.94
CA SER A 9 14.99 12.08 -9.18
C SER A 9 13.92 11.66 -10.20
N SER A 10 12.83 12.42 -10.27
CA SER A 10 11.75 12.12 -11.19
C SER A 10 11.06 10.81 -10.81
N SER A 11 10.94 10.56 -9.51
CA SER A 11 10.30 9.34 -9.03
C SER A 11 8.78 9.43 -9.16
N GLN A 12 8.08 8.43 -8.64
CA GLN A 12 6.63 8.39 -8.71
C GLN A 12 6.05 7.75 -7.46
N HIS A 13 5.03 8.38 -6.89
CA HIS A 13 4.37 7.87 -5.69
C HIS A 13 2.93 7.48 -6.00
N PHE A 14 2.62 6.20 -5.80
CA PHE A 14 1.28 5.69 -6.05
C PHE A 14 0.54 5.40 -4.74
N ASN A 15 -0.45 6.23 -4.42
CA ASN A 15 -1.22 6.07 -3.20
C ASN A 15 -1.88 4.68 -3.14
N LEU A 16 -1.35 3.83 -2.28
CA LEU A 16 -1.87 2.47 -2.13
C LEU A 16 -2.97 2.45 -1.07
N ASN A 17 -4.14 1.94 -1.42
CA ASN A 17 -5.25 1.88 -0.49
C ASN A 17 -6.08 0.62 -0.71
N PHE A 18 -6.53 0.02 0.39
CA PHE A 18 -7.34 -1.19 0.34
C PHE A 18 -7.76 -1.63 1.75
N THR A 19 -9.05 -1.54 2.03
CA THR A 19 -9.57 -1.92 3.34
C THR A 19 -9.45 -3.41 3.58
N ILE A 20 -8.96 -3.77 4.77
CA ILE A 20 -8.78 -5.17 5.12
C ILE A 20 -9.89 -5.63 6.06
N THR A 21 -10.89 -6.33 5.52
CA THR A 21 -12.01 -6.81 6.30
C THR A 21 -11.53 -7.63 7.51
N ASN A 22 -10.37 -8.26 7.35
CA ASN A 22 -9.80 -9.08 8.42
C ASN A 22 -8.82 -8.27 9.26
N LEU A 23 -9.21 -7.04 9.60
CA LEU A 23 -8.37 -6.16 10.41
C LEU A 23 -9.22 -5.19 11.22
N PRO A 24 -9.57 -5.57 12.46
CA PRO A 24 -10.38 -4.72 13.34
C PRO A 24 -9.64 -3.48 13.81
N TYR A 25 -10.35 -2.36 13.95
CA TYR A 25 -9.75 -1.12 14.39
C TYR A 25 -10.11 -0.83 15.84
N SER A 26 -9.09 -0.54 16.65
CA SER A 26 -9.30 -0.25 18.07
C SER A 26 -8.54 1.01 18.47
N GLN A 27 -8.66 1.38 19.74
CA GLN A 27 -7.98 2.56 20.26
C GLN A 27 -6.48 2.44 20.10
N ASP A 28 -5.99 1.20 20.17
CA ASP A 28 -4.56 0.95 20.03
C ASP A 28 -4.06 1.31 18.63
N ILE A 29 -4.80 0.86 17.62
CA ILE A 29 -4.44 1.15 16.24
C ILE A 29 -4.55 2.63 15.92
N ALA A 30 -5.22 3.37 16.80
CA ALA A 30 -5.40 4.81 16.60
C ALA A 30 -4.16 5.59 17.05
N GLN A 31 -3.39 5.01 17.97
CA GLN A 31 -2.18 5.65 18.46
C GLN A 31 -0.95 4.79 18.18
N PRO A 32 0.16 5.43 17.74
CA PRO A 32 1.40 4.71 17.42
C PRO A 32 2.15 4.25 18.67
N SER A 33 1.63 4.59 19.84
CA SER A 33 2.26 4.20 21.10
C SER A 33 1.67 2.91 21.65
N THR A 34 1.27 2.01 20.74
CA THR A 34 0.69 0.74 21.15
C THR A 34 1.22 -0.39 20.26
N THR A 35 1.50 -1.53 20.87
CA THR A 35 2.00 -2.69 20.14
C THR A 35 1.04 -3.09 19.03
N LYS A 36 -0.25 -3.02 19.32
CA LYS A 36 -1.28 -3.37 18.34
C LYS A 36 -1.17 -2.50 17.09
N TYR A 37 -0.66 -1.29 17.27
CA TYR A 37 -0.49 -0.36 16.14
C TYR A 37 0.69 -0.78 15.27
N GLN A 38 1.87 -0.81 15.86
CA GLN A 38 3.08 -1.19 15.13
C GLN A 38 2.96 -2.61 14.57
N GLN A 39 2.21 -3.45 15.28
CA GLN A 39 2.01 -4.83 14.86
C GLN A 39 1.37 -4.90 13.47
N THR A 40 0.25 -4.19 13.31
CA THR A 40 -0.46 -4.18 12.04
C THR A 40 0.42 -3.59 10.93
N LYS A 41 1.10 -2.50 11.24
CA LYS A 41 1.98 -1.85 10.27
C LYS A 41 3.08 -2.79 9.80
N ARG A 42 3.84 -3.32 10.75
CA ARG A 42 4.93 -4.24 10.44
C ARG A 42 4.41 -5.47 9.70
N SER A 43 3.24 -5.95 10.11
CA SER A 43 2.64 -7.12 9.49
C SER A 43 2.38 -6.88 8.00
N ILE A 44 1.73 -5.76 7.69
CA ILE A 44 1.43 -5.42 6.31
C ILE A 44 2.68 -5.01 5.55
N GLU A 45 3.48 -4.14 6.16
CA GLU A 45 4.72 -3.67 5.54
C GLU A 45 5.63 -4.85 5.20
N ASN A 46 5.53 -5.92 5.98
CA ASN A 46 6.35 -7.10 5.77
C ASN A 46 5.75 -7.97 4.66
N ALA A 47 4.44 -8.18 4.71
CA ALA A 47 3.76 -8.99 3.73
C ALA A 47 3.78 -8.31 2.35
N LEU A 48 3.65 -6.99 2.34
CA LEU A 48 3.66 -6.24 1.10
C LEU A 48 5.05 -6.19 0.49
N ASN A 49 6.07 -6.22 1.35
CA ASN A 49 7.45 -6.19 0.90
C ASN A 49 7.75 -7.37 -0.02
N GLN A 50 7.54 -8.58 0.48
CA GLN A 50 7.79 -9.79 -0.30
C GLN A 50 6.88 -9.85 -1.52
N LEU A 51 5.72 -9.22 -1.41
CA LEU A 51 4.75 -9.21 -2.52
C LEU A 51 5.32 -8.50 -3.73
N PHE A 52 6.19 -7.52 -3.50
CA PHE A 52 6.80 -6.76 -4.58
C PHE A 52 7.92 -7.55 -5.24
N ARG A 53 8.90 -7.99 -4.44
CA ARG A 53 10.02 -8.75 -4.95
C ARG A 53 9.55 -10.00 -5.69
N ASN A 54 8.35 -10.46 -5.38
CA ASN A 54 7.79 -11.64 -6.01
C ASN A 54 7.04 -11.26 -7.29
N SER A 55 6.49 -10.06 -7.33
CA SER A 55 5.75 -9.58 -8.48
C SER A 55 6.64 -9.51 -9.71
N SER A 56 6.04 -9.31 -10.88
CA SER A 56 6.78 -9.21 -12.12
C SER A 56 7.58 -7.92 -12.20
N ILE A 57 7.10 -6.89 -11.49
CA ILE A 57 7.76 -5.60 -11.47
C ILE A 57 8.70 -5.49 -10.28
N LYS A 58 9.50 -6.53 -10.05
CA LYS A 58 10.44 -6.55 -8.95
C LYS A 58 11.79 -5.97 -9.38
N SER A 59 11.76 -4.76 -9.94
CA SER A 59 12.98 -4.11 -10.38
C SER A 59 12.97 -2.62 -10.02
N TYR A 60 11.89 -1.94 -10.40
CA TYR A 60 11.76 -0.52 -10.12
C TYR A 60 11.09 -0.30 -8.76
N PHE A 61 10.24 -1.23 -8.36
CA PHE A 61 9.55 -1.14 -7.08
C PHE A 61 10.54 -1.03 -5.93
N SER A 62 10.63 0.16 -5.34
CA SER A 62 11.54 0.40 -4.22
C SER A 62 10.99 -0.19 -2.94
N ASP A 63 9.82 0.30 -2.52
CA ASP A 63 9.18 -0.18 -1.30
C ASP A 63 7.83 0.49 -1.10
N CYS A 64 7.12 0.08 -0.05
CA CYS A 64 5.81 0.64 0.27
C CYS A 64 5.86 1.46 1.55
N GLN A 65 5.47 2.73 1.45
CA GLN A 65 5.46 3.62 2.61
C GLN A 65 4.08 3.68 3.24
N VAL A 66 3.90 2.95 4.34
CA VAL A 66 2.62 2.91 5.04
C VAL A 66 2.38 4.23 5.79
N LEU A 67 1.45 5.03 5.28
CA LEU A 67 1.12 6.31 5.89
C LEU A 67 0.42 6.10 7.23
N ALA A 68 -0.78 5.52 7.18
CA ALA A 68 -1.56 5.27 8.39
C ALA A 68 -2.76 4.38 8.08
N PHE A 69 -3.59 4.14 9.10
CA PHE A 69 -4.77 3.31 8.95
C PHE A 69 -6.05 4.14 9.11
N ARG A 70 -7.01 3.91 8.24
CA ARG A 70 -8.28 4.64 8.29
C ARG A 70 -9.28 3.93 9.19
N SER A 71 -9.91 4.68 10.07
CA SER A 71 -10.89 4.11 11.00
C SER A 71 -12.28 4.12 10.37
N VAL A 72 -12.80 2.92 10.09
CA VAL A 72 -14.13 2.79 9.48
C VAL A 72 -15.22 3.14 10.49
N SER A 73 -16.47 3.05 10.04
CA SER A 73 -17.61 3.36 10.90
C SER A 73 -18.75 2.38 10.66
N ASN A 74 -19.67 2.30 11.61
CA ASN A 74 -20.81 1.41 11.50
C ASN A 74 -20.37 -0.05 11.40
N ASN A 75 -19.27 -0.37 12.09
CA ASN A 75 -18.74 -1.73 12.07
C ASN A 75 -17.54 -1.86 13.01
N ASN A 76 -16.54 -1.01 12.79
CA ASN A 76 -15.33 -1.02 13.61
C ASN A 76 -14.64 -2.37 13.53
N ASN A 77 -14.83 -3.07 12.41
CA ASN A 77 -14.21 -4.39 12.20
C ASN A 77 -13.18 -4.34 11.07
N HIS A 78 -13.31 -3.35 10.19
CA HIS A 78 -12.39 -3.21 9.07
C HIS A 78 -11.40 -2.08 9.33
N THR A 79 -10.40 -1.96 8.45
CA THR A 79 -9.39 -0.92 8.58
C THR A 79 -8.85 -0.51 7.22
N GLY A 80 -9.18 0.70 6.81
CA GLY A 80 -8.72 1.20 5.51
C GLY A 80 -7.22 1.39 5.48
N VAL A 81 -6.53 0.58 4.68
CA VAL A 81 -5.08 0.68 4.55
C VAL A 81 -4.68 1.90 3.74
N ASP A 82 -3.70 2.65 4.25
CA ASP A 82 -3.21 3.84 3.57
C ASP A 82 -1.71 3.71 3.31
N SER A 83 -1.36 2.96 2.28
CA SER A 83 0.03 2.75 1.92
C SER A 83 0.41 3.58 0.70
N LEU A 84 1.69 3.53 0.34
CA LEU A 84 2.20 4.29 -0.81
C LEU A 84 3.12 3.42 -1.67
N CYS A 85 2.59 2.95 -2.80
CA CYS A 85 3.37 2.12 -3.71
C CYS A 85 4.50 2.93 -4.34
N ASN A 86 5.56 3.17 -3.56
CA ASN A 86 6.69 3.93 -4.03
C ASN A 86 7.49 3.17 -5.09
N PHE A 87 8.05 3.89 -6.05
CA PHE A 87 8.83 3.28 -7.11
C PHE A 87 10.14 4.03 -7.33
N SER A 88 11.17 3.30 -7.74
CA SER A 88 12.48 3.89 -7.98
C SER A 88 12.40 5.03 -9.00
N PRO A 89 13.34 5.99 -8.93
CA PRO A 89 13.36 7.13 -9.85
C PRO A 89 13.48 6.70 -11.30
N LEU A 90 14.17 5.57 -11.53
CA LEU A 90 14.36 5.05 -12.88
C LEU A 90 13.02 4.78 -13.55
N ALA A 91 12.02 4.41 -12.75
CA ALA A 91 10.69 4.13 -13.26
C ALA A 91 10.03 5.38 -13.83
N ARG A 92 9.42 5.24 -15.00
CA ARG A 92 8.75 6.37 -15.64
C ARG A 92 7.69 5.88 -16.62
N ARG A 93 7.03 4.78 -16.27
CA ARG A 93 5.99 4.21 -17.12
C ARG A 93 5.22 3.14 -16.37
N VAL A 94 5.06 3.33 -15.06
CA VAL A 94 4.34 2.36 -14.24
C VAL A 94 2.90 2.81 -14.02
N ASP A 95 2.01 2.44 -14.94
CA ASP A 95 0.61 2.80 -14.84
C ASP A 95 -0.01 2.25 -13.56
N ARG A 96 -1.09 2.89 -13.11
CA ARG A 96 -1.78 2.46 -11.90
C ARG A 96 -2.25 1.02 -12.01
N VAL A 97 -2.65 0.62 -13.22
CA VAL A 97 -3.13 -0.74 -13.46
C VAL A 97 -2.03 -1.76 -13.20
N ALA A 98 -0.78 -1.34 -13.42
CA ALA A 98 0.36 -2.22 -13.21
C ALA A 98 0.43 -2.71 -11.77
N ILE A 99 0.54 -1.77 -10.83
CA ILE A 99 0.61 -2.11 -9.41
C ILE A 99 -0.73 -2.62 -8.91
N TYR A 100 -1.80 -2.25 -9.61
CA TYR A 100 -3.14 -2.68 -9.23
C TYR A 100 -3.38 -4.14 -9.62
N GLU A 101 -2.92 -4.51 -10.82
CA GLU A 101 -3.08 -5.87 -11.31
C GLU A 101 -2.12 -6.82 -10.61
N GLU A 102 -0.88 -6.38 -10.41
CA GLU A 102 0.14 -7.19 -9.76
C GLU A 102 -0.30 -7.59 -8.35
N PHE A 103 -0.98 -6.67 -7.67
CA PHE A 103 -1.45 -6.93 -6.31
C PHE A 103 -2.62 -7.91 -6.32
N LEU A 104 -3.59 -7.65 -7.19
CA LEU A 104 -4.77 -8.51 -7.31
C LEU A 104 -4.37 -9.93 -7.67
N ARG A 105 -3.43 -10.07 -8.60
CA ARG A 105 -2.97 -11.38 -9.04
C ARG A 105 -2.39 -12.19 -7.87
N MET A 106 -1.61 -11.53 -7.04
CA MET A 106 -0.99 -12.18 -5.89
C MET A 106 -1.99 -12.36 -4.75
N THR A 107 -2.96 -11.46 -4.68
CA THR A 107 -3.98 -11.52 -3.63
C THR A 107 -5.25 -12.20 -4.13
N HIS A 108 -5.10 -13.08 -5.12
CA HIS A 108 -6.22 -13.81 -5.69
C HIS A 108 -7.35 -12.86 -6.08
N ASN A 109 -7.20 -12.20 -7.23
CA ASN A 109 -8.21 -11.26 -7.72
C ASN A 109 -8.57 -10.24 -6.65
N GLY A 110 -7.64 -9.98 -5.74
CA GLY A 110 -7.87 -9.03 -4.68
C GLY A 110 -8.95 -9.49 -3.71
N THR A 111 -8.63 -10.50 -2.91
CA THR A 111 -9.58 -11.04 -1.94
C THR A 111 -8.88 -11.37 -0.63
N GLN A 112 -7.73 -12.05 -0.73
CA GLN A 112 -6.98 -12.44 0.45
C GLN A 112 -5.50 -12.13 0.28
N LEU A 113 -4.96 -11.28 1.16
CA LEU A 113 -3.56 -10.90 1.10
C LEU A 113 -2.73 -11.77 2.03
N LEU A 114 -2.19 -12.86 1.49
CA LEU A 114 -1.38 -13.79 2.27
C LEU A 114 -2.18 -14.39 3.42
N ASN A 115 -2.30 -13.63 4.51
CA ASN A 115 -3.04 -14.10 5.68
C ASN A 115 -4.01 -13.02 6.16
N PHE A 116 -4.49 -12.20 5.23
CA PHE A 116 -5.43 -11.13 5.56
C PHE A 116 -6.49 -10.99 4.47
N THR A 117 -7.71 -11.38 4.80
CA THR A 117 -8.82 -11.29 3.86
C THR A 117 -9.30 -9.85 3.70
N LEU A 118 -9.15 -9.31 2.50
CA LEU A 118 -9.57 -7.94 2.22
C LEU A 118 -10.45 -7.89 0.98
N ASP A 119 -11.22 -6.79 0.85
CA ASP A 119 -12.11 -6.62 -0.29
C ASP A 119 -11.39 -6.01 -1.47
N ARG A 120 -11.96 -6.18 -2.66
CA ARG A 120 -11.36 -5.64 -3.88
C ARG A 120 -11.89 -4.24 -4.17
N LYS A 121 -13.19 -4.05 -3.99
CA LYS A 121 -13.82 -2.76 -4.22
C LYS A 121 -13.16 -1.66 -3.38
N SER A 122 -12.72 -2.04 -2.19
CA SER A 122 -12.06 -1.09 -1.29
C SER A 122 -10.67 -0.73 -1.80
N VAL A 123 -10.04 -1.67 -2.50
CA VAL A 123 -8.71 -1.44 -3.05
C VAL A 123 -8.72 -0.31 -4.07
N PHE A 124 -7.64 0.45 -4.10
CA PHE A 124 -7.51 1.56 -5.04
C PHE A 124 -6.10 2.13 -5.02
N VAL A 125 -5.50 2.25 -6.20
CA VAL A 125 -4.14 2.78 -6.32
C VAL A 125 -4.08 3.90 -7.36
N ASP A 126 -3.83 5.12 -6.89
CA ASP A 126 -3.74 6.26 -7.78
C ASP A 126 -2.40 6.99 -7.61
N SER A 127 -2.06 7.80 -8.61
CA SER A 127 -0.79 8.54 -8.57
C SER A 127 -0.89 9.72 -7.62
N GLY A 128 -0.52 9.48 -6.35
CA GLY A 128 -0.57 10.53 -5.35
C GLY A 128 -1.96 11.13 -5.20
N PRO A 129 -2.12 12.14 -4.34
CA PRO A 129 -3.41 12.79 -4.11
C PRO A 129 -3.78 13.76 -5.22
N SER A 130 -2.83 14.63 -5.59
CA SER A 130 -3.05 15.61 -6.64
C SER A 130 -1.85 16.52 -6.80
N SER A 131 -1.46 16.78 -8.04
CA SER A 131 -0.31 17.63 -8.33
C SER A 131 -0.76 19.07 -8.57
N GLY A 132 0.20 19.97 -8.74
CA GLY A 132 -0.11 21.36 -8.97
C GLY A 132 1.02 22.10 -9.69
N GLY A 1 27.86 23.25 -27.94
CA GLY A 1 26.59 23.64 -27.26
C GLY A 1 25.55 22.53 -27.27
N SER A 2 25.98 21.32 -26.93
CA SER A 2 25.09 20.17 -26.91
C SER A 2 25.43 19.25 -25.74
N SER A 3 24.45 18.45 -25.33
CA SER A 3 24.63 17.53 -24.22
C SER A 3 23.99 16.18 -24.52
N GLY A 4 24.72 15.34 -25.25
CA GLY A 4 24.20 14.02 -25.60
C GLY A 4 24.00 13.14 -24.38
N SER A 5 25.05 13.01 -23.57
CA SER A 5 24.98 12.18 -22.37
C SER A 5 23.93 12.71 -21.40
N SER A 6 23.30 11.81 -20.67
CA SER A 6 22.26 12.19 -19.70
C SER A 6 21.98 11.05 -18.73
N GLY A 7 21.84 11.39 -17.46
CA GLY A 7 21.56 10.38 -16.45
C GLY A 7 20.96 10.97 -15.19
N SER A 8 19.63 10.99 -15.12
CA SER A 8 18.93 11.53 -13.97
C SER A 8 18.33 10.42 -13.12
N SER A 9 17.58 10.79 -12.10
CA SER A 9 16.95 9.82 -11.21
C SER A 9 15.69 10.40 -10.58
N SER A 10 14.53 9.96 -11.04
CA SER A 10 13.26 10.45 -10.52
C SER A 10 12.34 9.27 -10.18
N SER A 11 11.76 9.31 -8.98
CA SER A 11 10.85 8.26 -8.55
C SER A 11 9.40 8.75 -8.57
N GLN A 12 8.47 7.80 -8.58
CA GLN A 12 7.04 8.12 -8.60
C GLN A 12 6.33 7.54 -7.39
N HIS A 13 5.25 8.20 -6.97
CA HIS A 13 4.48 7.75 -5.82
C HIS A 13 3.06 7.36 -6.23
N PHE A 14 2.60 6.21 -5.76
CA PHE A 14 1.26 5.72 -6.07
C PHE A 14 0.48 5.43 -4.79
N ASN A 15 -0.45 6.32 -4.46
CA ASN A 15 -1.27 6.17 -3.26
C ASN A 15 -1.94 4.80 -3.22
N LEU A 16 -1.51 3.96 -2.27
CA LEU A 16 -2.07 2.62 -2.12
C LEU A 16 -3.11 2.60 -1.01
N ASN A 17 -4.36 2.33 -1.37
CA ASN A 17 -5.44 2.29 -0.40
C ASN A 17 -6.27 1.02 -0.56
N PHE A 18 -6.67 0.44 0.57
CA PHE A 18 -7.47 -0.78 0.58
C PHE A 18 -7.82 -1.20 2.01
N THR A 19 -9.10 -1.41 2.26
CA THR A 19 -9.56 -1.79 3.59
C THR A 19 -9.46 -3.30 3.80
N ILE A 20 -9.01 -3.71 4.98
CA ILE A 20 -8.87 -5.12 5.32
C ILE A 20 -9.95 -5.56 6.30
N THR A 21 -10.62 -6.65 5.97
CA THR A 21 -11.69 -7.18 6.82
C THR A 21 -11.16 -8.28 7.75
N ASN A 22 -9.85 -8.29 7.96
CA ASN A 22 -9.24 -9.29 8.82
C ASN A 22 -8.66 -8.65 10.08
N LEU A 23 -8.22 -7.40 9.94
CA LEU A 23 -7.64 -6.67 11.07
C LEU A 23 -8.71 -5.86 11.79
N PRO A 24 -9.16 -6.32 12.98
CA PRO A 24 -10.19 -5.62 13.76
C PRO A 24 -9.70 -4.29 14.30
N TYR A 25 -10.51 -3.25 14.09
CA TYR A 25 -10.17 -1.90 14.54
C TYR A 25 -10.11 -1.85 16.07
N SER A 26 -9.33 -0.91 16.59
CA SER A 26 -9.19 -0.75 18.03
C SER A 26 -8.61 0.62 18.38
N GLN A 27 -8.76 1.03 19.63
CA GLN A 27 -8.25 2.31 20.08
C GLN A 27 -6.73 2.40 19.90
N ASP A 28 -6.07 1.25 20.00
CA ASP A 28 -4.62 1.20 19.84
C ASP A 28 -4.22 1.46 18.39
N ILE A 29 -4.96 0.86 17.47
CA ILE A 29 -4.69 1.03 16.04
C ILE A 29 -4.87 2.49 15.60
N ALA A 30 -5.55 3.28 16.43
CA ALA A 30 -5.78 4.68 16.13
C ALA A 30 -4.76 5.57 16.82
N GLN A 31 -3.57 5.03 17.07
CA GLN A 31 -2.50 5.77 17.72
C GLN A 31 -1.20 4.99 17.68
N PRO A 32 -0.21 5.46 16.88
CA PRO A 32 1.09 4.79 16.75
C PRO A 32 1.76 4.56 18.10
N SER A 33 1.36 5.35 19.11
CA SER A 33 1.94 5.22 20.44
C SER A 33 1.79 3.80 20.98
N THR A 34 0.68 3.16 20.62
CA THR A 34 0.41 1.80 21.06
C THR A 34 1.24 0.79 20.28
N THR A 35 1.33 -0.44 20.79
CA THR A 35 2.09 -1.49 20.13
C THR A 35 1.27 -2.16 19.03
N LYS A 36 -0.05 -2.18 19.21
CA LYS A 36 -0.94 -2.79 18.23
C LYS A 36 -0.78 -2.14 16.86
N TYR A 37 -0.42 -0.86 16.86
CA TYR A 37 -0.23 -0.12 15.62
C TYR A 37 1.04 -0.56 14.90
N GLN A 38 2.17 -0.50 15.61
CA GLN A 38 3.45 -0.91 15.05
C GLN A 38 3.44 -2.37 14.67
N GLN A 39 2.80 -3.19 15.50
CA GLN A 39 2.71 -4.63 15.25
C GLN A 39 2.02 -4.91 13.92
N THR A 40 0.78 -4.42 13.79
CA THR A 40 0.02 -4.62 12.56
C THR A 40 0.68 -3.93 11.39
N LYS A 41 1.22 -2.74 11.64
CA LYS A 41 1.89 -1.96 10.60
C LYS A 41 3.07 -2.74 10.01
N ARG A 42 3.77 -3.47 10.87
CA ARG A 42 4.93 -4.26 10.45
C ARG A 42 4.48 -5.47 9.63
N SER A 43 3.39 -6.10 10.05
CA SER A 43 2.87 -7.27 9.34
C SER A 43 2.48 -6.92 7.91
N ILE A 44 1.78 -5.80 7.75
CA ILE A 44 1.34 -5.36 6.43
C ILE A 44 2.54 -4.95 5.58
N GLU A 45 3.50 -4.26 6.20
CA GLU A 45 4.69 -3.82 5.50
C GLU A 45 5.55 -5.00 5.07
N ASN A 46 5.49 -6.07 5.84
CA ASN A 46 6.26 -7.28 5.55
C ASN A 46 5.63 -8.07 4.41
N ALA A 47 4.32 -8.26 4.48
CA ALA A 47 3.58 -8.99 3.45
C ALA A 47 3.70 -8.29 2.10
N LEU A 48 3.57 -6.97 2.11
CA LEU A 48 3.65 -6.19 0.87
C LEU A 48 5.06 -6.21 0.30
N ASN A 49 6.06 -6.27 1.19
CA ASN A 49 7.45 -6.30 0.77
C ASN A 49 7.71 -7.46 -0.19
N GLN A 50 7.55 -8.69 0.30
CA GLN A 50 7.77 -9.87 -0.52
C GLN A 50 6.87 -9.85 -1.76
N LEU A 51 5.73 -9.18 -1.64
CA LEU A 51 4.78 -9.09 -2.75
C LEU A 51 5.44 -8.44 -3.97
N PHE A 52 6.32 -7.48 -3.73
CA PHE A 52 7.02 -6.78 -4.80
C PHE A 52 8.09 -7.68 -5.41
N ARG A 53 8.89 -8.31 -4.55
CA ARG A 53 9.95 -9.19 -5.00
C ARG A 53 9.41 -10.28 -5.92
N ASN A 54 8.14 -10.61 -5.76
CA ASN A 54 7.50 -11.64 -6.57
C ASN A 54 6.58 -11.02 -7.62
N SER A 55 6.24 -9.74 -7.45
CA SER A 55 5.38 -9.05 -8.39
C SER A 55 5.92 -9.15 -9.82
N SER A 56 5.03 -8.95 -10.80
CA SER A 56 5.42 -9.02 -12.20
C SER A 56 6.40 -7.91 -12.55
N ILE A 57 6.34 -6.83 -11.78
CA ILE A 57 7.23 -5.68 -12.01
C ILE A 57 8.34 -5.65 -10.98
N LYS A 58 9.03 -6.77 -10.82
CA LYS A 58 10.12 -6.87 -9.86
C LYS A 58 11.44 -6.39 -10.46
N SER A 59 11.41 -5.20 -11.05
CA SER A 59 12.60 -4.62 -11.66
C SER A 59 12.60 -3.10 -11.53
N TYR A 60 11.80 -2.59 -10.60
CA TYR A 60 11.71 -1.14 -10.36
C TYR A 60 11.09 -0.85 -9.00
N PHE A 61 10.02 -1.58 -8.69
CA PHE A 61 9.32 -1.41 -7.42
C PHE A 61 10.29 -1.51 -6.24
N SER A 62 10.36 -0.45 -5.45
CA SER A 62 11.24 -0.41 -4.29
C SER A 62 10.54 -0.95 -3.05
N ASP A 63 9.46 -0.29 -2.66
CA ASP A 63 8.69 -0.70 -1.48
C ASP A 63 7.48 0.23 -1.27
N CYS A 64 6.74 -0.03 -0.20
CA CYS A 64 5.56 0.77 0.11
C CYS A 64 5.78 1.57 1.39
N GLN A 65 4.89 2.52 1.65
CA GLN A 65 4.98 3.35 2.85
C GLN A 65 3.62 3.47 3.52
N VAL A 66 3.41 2.67 4.56
CA VAL A 66 2.15 2.69 5.29
C VAL A 66 1.98 4.02 6.04
N LEU A 67 1.15 4.89 5.48
CA LEU A 67 0.90 6.20 6.09
C LEU A 67 0.12 6.05 7.40
N ALA A 68 -1.04 5.41 7.31
CA ALA A 68 -1.88 5.19 8.48
C ALA A 68 -3.09 4.34 8.14
N PHE A 69 -4.00 4.18 9.11
CA PHE A 69 -5.21 3.39 8.90
C PHE A 69 -6.45 4.29 8.91
N ARG A 70 -7.57 3.72 8.48
CA ARG A 70 -8.83 4.46 8.43
C ARG A 70 -9.94 3.69 9.14
N SER A 71 -10.79 4.41 9.86
CA SER A 71 -11.90 3.80 10.57
C SER A 71 -13.08 3.55 9.65
N VAL A 72 -13.83 2.47 9.93
CA VAL A 72 -14.98 2.12 9.12
C VAL A 72 -16.27 2.27 9.92
N SER A 73 -17.36 2.62 9.23
CA SER A 73 -18.65 2.80 9.87
C SER A 73 -19.50 1.54 9.76
N ASN A 74 -20.65 1.53 10.42
CA ASN A 74 -21.54 0.38 10.40
C ASN A 74 -20.90 -0.83 11.07
N ASN A 75 -19.99 -1.49 10.35
CA ASN A 75 -19.30 -2.65 10.88
C ASN A 75 -17.93 -2.28 11.43
N ASN A 76 -17.77 -2.44 12.74
CA ASN A 76 -16.51 -2.10 13.40
C ASN A 76 -15.61 -3.33 13.49
N ASN A 77 -15.46 -4.04 12.37
CA ASN A 77 -14.62 -5.23 12.32
C ASN A 77 -13.62 -5.15 11.17
N HIS A 78 -13.36 -3.94 10.68
CA HIS A 78 -12.43 -3.74 9.59
C HIS A 78 -11.48 -2.58 9.89
N THR A 79 -10.57 -2.32 8.96
CA THR A 79 -9.60 -1.23 9.13
C THR A 79 -9.01 -0.81 7.79
N GLY A 80 -9.13 0.48 7.47
CA GLY A 80 -8.62 0.98 6.22
C GLY A 80 -7.10 1.08 6.22
N VAL A 81 -6.50 0.93 5.05
CA VAL A 81 -5.05 1.01 4.93
C VAL A 81 -4.62 2.12 3.97
N ASP A 82 -3.82 3.05 4.47
CA ASP A 82 -3.33 4.16 3.66
C ASP A 82 -1.84 4.01 3.39
N SER A 83 -1.50 3.20 2.40
CA SER A 83 -0.12 2.96 2.03
C SER A 83 0.28 3.76 0.80
N LEU A 84 1.55 3.71 0.45
CA LEU A 84 2.06 4.43 -0.71
C LEU A 84 2.96 3.54 -1.57
N CYS A 85 2.49 3.17 -2.74
CA CYS A 85 3.26 2.33 -3.65
C CYS A 85 4.48 3.08 -4.17
N ASN A 86 5.50 3.21 -3.33
CA ASN A 86 6.72 3.91 -3.70
C ASN A 86 7.52 3.12 -4.73
N PHE A 87 8.17 3.85 -5.64
CA PHE A 87 8.98 3.22 -6.68
C PHE A 87 10.37 3.85 -6.73
N SER A 88 11.37 3.02 -7.02
CA SER A 88 12.75 3.50 -7.11
C SER A 88 12.90 4.53 -8.22
N PRO A 89 13.92 5.41 -8.11
CA PRO A 89 14.17 6.45 -9.12
C PRO A 89 14.35 5.87 -10.52
N LEU A 90 14.83 4.63 -10.58
CA LEU A 90 15.05 3.96 -11.85
C LEU A 90 13.72 3.66 -12.54
N ALA A 91 12.66 3.50 -11.75
CA ALA A 91 11.34 3.20 -12.29
C ALA A 91 10.89 4.27 -13.28
N ARG A 92 10.11 3.86 -14.28
CA ARG A 92 9.62 4.77 -15.29
C ARG A 92 8.52 4.13 -16.13
N ARG A 93 7.61 4.95 -16.64
CA ARG A 93 6.51 4.46 -17.45
C ARG A 93 5.60 3.53 -16.64
N VAL A 94 5.43 3.86 -15.36
CA VAL A 94 4.58 3.06 -14.48
C VAL A 94 3.24 3.74 -14.25
N ASP A 95 2.16 3.04 -14.57
CA ASP A 95 0.81 3.57 -14.39
C ASP A 95 0.20 3.05 -13.09
N ARG A 96 -0.97 3.60 -12.75
CA ARG A 96 -1.67 3.19 -11.53
C ARG A 96 -2.27 1.80 -11.69
N VAL A 97 -2.71 1.48 -12.91
CA VAL A 97 -3.30 0.18 -13.19
C VAL A 97 -2.26 -0.93 -13.06
N ALA A 98 -1.01 -0.60 -13.33
CA ALA A 98 0.08 -1.57 -13.26
C ALA A 98 0.19 -2.17 -11.86
N ILE A 99 0.43 -1.31 -10.86
CA ILE A 99 0.55 -1.75 -9.49
C ILE A 99 -0.76 -2.36 -8.99
N TYR A 100 -1.86 -1.93 -9.57
CA TYR A 100 -3.18 -2.43 -9.19
C TYR A 100 -3.38 -3.86 -9.68
N GLU A 101 -3.02 -4.11 -10.94
CA GLU A 101 -3.17 -5.44 -11.52
C GLU A 101 -2.25 -6.45 -10.83
N GLU A 102 -0.96 -6.14 -10.77
CA GLU A 102 0.01 -7.03 -10.15
C GLU A 102 -0.33 -7.28 -8.69
N PHE A 103 -1.00 -6.31 -8.06
CA PHE A 103 -1.38 -6.44 -6.65
C PHE A 103 -2.56 -7.39 -6.49
N LEU A 104 -3.43 -7.41 -7.50
CA LEU A 104 -4.61 -8.27 -7.46
C LEU A 104 -4.26 -9.71 -7.83
N ARG A 105 -3.24 -9.88 -8.65
CA ARG A 105 -2.79 -11.20 -9.07
C ARG A 105 -2.18 -11.97 -7.92
N MET A 106 -1.46 -11.26 -7.04
CA MET A 106 -0.81 -11.88 -5.90
C MET A 106 -1.77 -12.02 -4.73
N THR A 107 -2.80 -11.18 -4.70
CA THR A 107 -3.79 -11.22 -3.63
C THR A 107 -5.00 -12.07 -4.02
N HIS A 108 -4.81 -12.98 -4.97
CA HIS A 108 -5.88 -13.86 -5.42
C HIS A 108 -7.13 -13.06 -5.80
N ASN A 109 -7.13 -12.51 -7.01
CA ASN A 109 -8.26 -11.71 -7.50
C ASN A 109 -8.60 -10.60 -6.52
N GLY A 110 -7.62 -10.15 -5.76
CA GLY A 110 -7.83 -9.10 -4.79
C GLY A 110 -8.85 -9.48 -3.72
N THR A 111 -8.41 -10.30 -2.77
CA THR A 111 -9.29 -10.74 -1.70
C THR A 111 -8.49 -11.15 -0.46
N GLN A 112 -7.41 -11.89 -0.69
CA GLN A 112 -6.57 -12.36 0.41
C GLN A 112 -5.11 -11.95 0.20
N LEU A 113 -4.70 -10.89 0.88
CA LEU A 113 -3.33 -10.39 0.77
C LEU A 113 -2.39 -11.28 1.59
N LEU A 114 -1.86 -12.31 0.93
CA LEU A 114 -0.94 -13.24 1.58
C LEU A 114 -1.63 -13.96 2.74
N ASN A 115 -1.73 -13.28 3.88
CA ASN A 115 -2.36 -13.87 5.06
C ASN A 115 -3.60 -13.06 5.47
N PHE A 116 -3.53 -11.74 5.28
CA PHE A 116 -4.64 -10.86 5.63
C PHE A 116 -5.72 -10.87 4.55
N THR A 117 -6.96 -11.08 4.95
CA THR A 117 -8.08 -11.09 4.01
C THR A 117 -8.71 -9.72 3.90
N LEU A 118 -8.63 -9.12 2.72
CA LEU A 118 -9.20 -7.80 2.49
C LEU A 118 -10.16 -7.81 1.30
N ASP A 119 -11.03 -6.81 1.25
CA ASP A 119 -12.00 -6.70 0.16
C ASP A 119 -11.33 -6.37 -1.16
N ARG A 120 -12.13 -6.07 -2.18
CA ARG A 120 -11.61 -5.74 -3.50
C ARG A 120 -12.06 -4.35 -3.92
N LYS A 121 -13.33 -4.03 -3.68
CA LYS A 121 -13.88 -2.73 -4.04
C LYS A 121 -13.09 -1.61 -3.37
N SER A 122 -12.71 -1.83 -2.12
CA SER A 122 -11.96 -0.83 -1.38
C SER A 122 -10.58 -0.61 -2.00
N VAL A 123 -10.04 -1.66 -2.62
CA VAL A 123 -8.73 -1.58 -3.25
C VAL A 123 -8.73 -0.58 -4.41
N PHE A 124 -7.75 0.31 -4.40
CA PHE A 124 -7.64 1.33 -5.44
C PHE A 124 -6.35 2.13 -5.28
N VAL A 125 -5.57 2.21 -6.36
CA VAL A 125 -4.31 2.93 -6.33
C VAL A 125 -4.32 4.10 -7.30
N ASP A 126 -3.94 5.28 -6.83
CA ASP A 126 -3.91 6.48 -7.66
C ASP A 126 -2.48 7.00 -7.80
N SER A 127 -2.26 7.85 -8.80
CA SER A 127 -0.93 8.41 -9.04
C SER A 127 -0.67 9.60 -8.12
N GLY A 128 -0.40 9.31 -6.86
CA GLY A 128 -0.14 10.36 -5.89
C GLY A 128 -1.27 11.36 -5.78
N PRO A 129 -1.34 12.12 -4.66
CA PRO A 129 -2.39 13.11 -4.45
C PRO A 129 -2.32 14.26 -5.45
N SER A 130 -3.34 14.36 -6.30
CA SER A 130 -3.39 15.42 -7.31
C SER A 130 -4.82 15.65 -7.79
N SER A 131 -5.39 14.63 -8.42
CA SER A 131 -6.75 14.72 -8.93
C SER A 131 -6.84 15.69 -10.11
N GLY A 132 -6.62 16.97 -9.83
CA GLY A 132 -6.68 17.97 -10.87
C GLY A 132 -5.32 18.24 -11.49
N GLY A 1 30.18 7.13 1.84
CA GLY A 1 28.98 6.50 1.22
C GLY A 1 27.70 6.89 1.91
N SER A 2 27.44 8.20 1.96
CA SER A 2 26.23 8.71 2.60
C SER A 2 25.63 9.85 1.79
N SER A 3 26.48 10.80 1.39
CA SER A 3 26.03 11.95 0.59
C SER A 3 25.42 11.50 -0.72
N GLY A 4 24.10 11.53 -0.81
CA GLY A 4 23.42 11.13 -2.02
C GLY A 4 21.96 11.51 -2.04
N SER A 5 21.69 12.79 -2.27
CA SER A 5 20.32 13.30 -2.30
C SER A 5 20.09 14.17 -3.53
N SER A 6 20.83 15.28 -3.62
CA SER A 6 20.70 16.19 -4.74
C SER A 6 21.13 15.51 -6.05
N GLY A 7 20.28 15.62 -7.06
CA GLY A 7 20.58 15.02 -8.35
C GLY A 7 19.71 13.82 -8.64
N SER A 8 18.40 13.98 -8.46
CA SER A 8 17.46 12.90 -8.71
C SER A 8 16.17 13.43 -9.32
N SER A 9 15.48 12.59 -10.09
CA SER A 9 14.24 12.98 -10.73
C SER A 9 13.62 11.80 -11.49
N SER A 10 12.48 12.04 -12.12
CA SER A 10 11.79 11.00 -12.88
C SER A 10 11.29 9.90 -11.96
N SER A 11 10.72 10.29 -10.83
CA SER A 11 10.19 9.34 -9.86
C SER A 11 8.70 9.12 -10.07
N GLN A 12 8.10 8.28 -9.23
CA GLN A 12 6.67 7.99 -9.33
C GLN A 12 6.14 7.43 -8.02
N HIS A 13 5.01 7.99 -7.55
CA HIS A 13 4.39 7.55 -6.32
C HIS A 13 2.90 7.28 -6.53
N PHE A 14 2.50 6.03 -6.33
CA PHE A 14 1.11 5.64 -6.50
C PHE A 14 0.43 5.40 -5.15
N ASN A 15 -0.50 6.29 -4.80
CA ASN A 15 -1.21 6.17 -3.53
C ASN A 15 -1.89 4.81 -3.41
N LEU A 16 -1.38 3.97 -2.52
CA LEU A 16 -1.93 2.64 -2.31
C LEU A 16 -2.91 2.63 -1.15
N ASN A 17 -4.12 2.12 -1.40
CA ASN A 17 -5.15 2.06 -0.37
C ASN A 17 -6.04 0.83 -0.56
N PHE A 18 -6.42 0.22 0.55
CA PHE A 18 -7.28 -0.97 0.52
C PHE A 18 -7.65 -1.41 1.93
N THR A 19 -8.94 -1.34 2.25
CA THR A 19 -9.42 -1.72 3.57
C THR A 19 -9.23 -3.21 3.81
N ILE A 20 -8.65 -3.54 4.96
CA ILE A 20 -8.40 -4.93 5.33
C ILE A 20 -9.40 -5.40 6.39
N THR A 21 -10.48 -6.04 5.93
CA THR A 21 -11.50 -6.55 6.84
C THR A 21 -10.91 -7.48 7.90
N ASN A 22 -9.80 -8.12 7.55
CA ASN A 22 -9.13 -9.04 8.47
C ASN A 22 -8.45 -8.29 9.61
N LEU A 23 -8.27 -6.98 9.43
CA LEU A 23 -7.63 -6.16 10.45
C LEU A 23 -8.61 -5.16 11.05
N PRO A 24 -9.29 -5.52 12.15
CA PRO A 24 -10.26 -4.64 12.81
C PRO A 24 -9.62 -3.34 13.28
N TYR A 25 -10.45 -2.33 13.55
CA TYR A 25 -9.97 -1.04 14.01
C TYR A 25 -10.47 -0.74 15.42
N SER A 26 -9.62 -1.01 16.41
CA SER A 26 -9.97 -0.77 17.80
C SER A 26 -9.40 0.56 18.29
N GLN A 27 -9.59 0.85 19.57
CA GLN A 27 -9.10 2.09 20.15
C GLN A 27 -7.58 2.08 20.28
N ASP A 28 -7.01 0.88 20.43
CA ASP A 28 -5.57 0.73 20.56
C ASP A 28 -4.86 1.27 19.32
N ILE A 29 -5.30 0.85 18.15
CA ILE A 29 -4.71 1.29 16.89
C ILE A 29 -4.74 2.81 16.79
N ALA A 30 -5.74 3.43 17.41
CA ALA A 30 -5.88 4.87 17.38
C ALA A 30 -4.66 5.56 17.98
N GLN A 31 -3.90 4.83 18.79
CA GLN A 31 -2.70 5.37 19.42
C GLN A 31 -1.49 4.47 19.16
N PRO A 32 -0.44 5.01 18.51
CA PRO A 32 0.77 4.24 18.21
C PRO A 32 1.38 3.61 19.45
N SER A 33 1.09 4.19 20.61
CA SER A 33 1.62 3.69 21.88
C SER A 33 1.27 2.21 22.08
N THR A 34 0.15 1.79 21.50
CA THR A 34 -0.29 0.40 21.62
C THR A 34 0.59 -0.52 20.79
N THR A 35 0.57 -1.81 21.12
CA THR A 35 1.36 -2.80 20.40
C THR A 35 0.67 -3.26 19.13
N LYS A 36 -0.67 -3.19 19.14
CA LYS A 36 -1.46 -3.60 17.99
C LYS A 36 -1.15 -2.72 16.79
N TYR A 37 -1.02 -1.42 17.02
CA TYR A 37 -0.72 -0.47 15.97
C TYR A 37 0.62 -0.79 15.31
N GLN A 38 1.66 -0.93 16.13
CA GLN A 38 3.00 -1.23 15.63
C GLN A 38 3.08 -2.66 15.11
N GLN A 39 2.34 -3.56 15.73
CA GLN A 39 2.33 -4.97 15.33
C GLN A 39 1.88 -5.11 13.89
N THR A 40 0.64 -4.70 13.61
CA THR A 40 0.09 -4.79 12.27
C THR A 40 0.90 -3.96 11.28
N LYS A 41 1.46 -2.85 11.76
CA LYS A 41 2.27 -1.97 10.92
C LYS A 41 3.44 -2.73 10.31
N ARG A 42 4.10 -3.55 11.11
CA ARG A 42 5.24 -4.33 10.65
C ARG A 42 4.79 -5.54 9.85
N SER A 43 3.61 -6.06 10.16
CA SER A 43 3.05 -7.21 9.47
C SER A 43 2.75 -6.89 8.02
N ILE A 44 2.09 -5.76 7.79
CA ILE A 44 1.74 -5.33 6.44
C ILE A 44 2.98 -4.88 5.66
N GLU A 45 3.81 -4.06 6.29
CA GLU A 45 5.03 -3.57 5.66
C GLU A 45 5.93 -4.72 5.26
N ASN A 46 5.88 -5.81 6.02
CA ASN A 46 6.70 -6.98 5.74
C ASN A 46 6.06 -7.83 4.63
N ALA A 47 4.74 -7.91 4.63
CA ALA A 47 4.01 -8.69 3.64
C ALA A 47 4.05 -8.00 2.28
N LEU A 48 4.05 -6.67 2.30
CA LEU A 48 4.08 -5.89 1.06
C LEU A 48 5.45 -5.99 0.38
N ASN A 49 6.51 -5.98 1.19
CA ASN A 49 7.86 -6.06 0.68
C ASN A 49 8.06 -7.33 -0.14
N GLN A 50 7.85 -8.47 0.49
CA GLN A 50 8.01 -9.76 -0.18
C GLN A 50 7.05 -9.88 -1.36
N LEU A 51 5.90 -9.22 -1.25
CA LEU A 51 4.90 -9.25 -2.32
C LEU A 51 5.41 -8.55 -3.57
N PHE A 52 6.25 -7.55 -3.37
CA PHE A 52 6.81 -6.79 -4.48
C PHE A 52 7.91 -7.59 -5.20
N ARG A 53 8.66 -8.36 -4.43
CA ARG A 53 9.73 -9.19 -4.99
C ARG A 53 9.17 -10.42 -5.68
N ASN A 54 7.90 -10.72 -5.46
CA ASN A 54 7.26 -11.87 -6.07
C ASN A 54 6.25 -11.45 -7.13
N SER A 55 6.52 -10.31 -7.77
CA SER A 55 5.65 -9.79 -8.81
C SER A 55 6.39 -9.60 -10.12
N SER A 56 5.66 -9.33 -11.20
CA SER A 56 6.26 -9.13 -12.50
C SER A 56 7.02 -7.81 -12.56
N ILE A 57 6.58 -6.85 -11.75
CA ILE A 57 7.22 -5.53 -11.70
C ILE A 57 8.27 -5.47 -10.61
N LYS A 58 9.08 -6.52 -10.50
CA LYS A 58 10.13 -6.59 -9.49
C LYS A 58 11.46 -6.10 -10.05
N SER A 59 11.41 -4.98 -10.76
CA SER A 59 12.62 -4.41 -11.36
C SER A 59 12.80 -2.96 -10.95
N TYR A 60 11.72 -2.20 -10.95
CA TYR A 60 11.76 -0.79 -10.58
C TYR A 60 11.14 -0.57 -9.21
N PHE A 61 10.17 -1.40 -8.86
CA PHE A 61 9.49 -1.28 -7.56
C PHE A 61 10.49 -1.38 -6.42
N SER A 62 10.45 -0.39 -5.52
CA SER A 62 11.36 -0.36 -4.38
C SER A 62 10.66 -0.89 -3.13
N ASP A 63 9.64 -0.17 -2.68
CA ASP A 63 8.89 -0.57 -1.50
C ASP A 63 7.64 0.28 -1.33
N CYS A 64 6.94 0.09 -0.21
CA CYS A 64 5.72 0.83 0.07
C CYS A 64 5.89 1.70 1.31
N GLN A 65 5.04 2.73 1.43
CA GLN A 65 5.10 3.63 2.57
C GLN A 65 3.76 3.68 3.28
N VAL A 66 3.63 2.89 4.34
CA VAL A 66 2.40 2.84 5.12
C VAL A 66 2.18 4.14 5.88
N LEU A 67 1.35 5.01 5.31
CA LEU A 67 1.05 6.30 5.93
C LEU A 67 0.39 6.10 7.29
N ALA A 68 -0.80 5.52 7.28
CA ALA A 68 -1.54 5.28 8.52
C ALA A 68 -2.73 4.36 8.27
N PHE A 69 -3.49 4.09 9.32
CA PHE A 69 -4.67 3.23 9.22
C PHE A 69 -5.96 4.03 9.41
N ARG A 70 -6.95 3.75 8.58
CA ARG A 70 -8.22 4.44 8.64
C ARG A 70 -9.29 3.56 9.30
N SER A 71 -10.30 4.19 9.87
CA SER A 71 -11.38 3.47 10.54
C SER A 71 -12.70 3.66 9.79
N VAL A 72 -13.18 2.59 9.15
CA VAL A 72 -14.43 2.65 8.40
C VAL A 72 -15.62 2.83 9.34
N SER A 73 -16.66 3.49 8.85
CA SER A 73 -17.87 3.72 9.63
C SER A 73 -19.05 2.95 9.07
N ASN A 74 -19.11 1.66 9.38
CA ASN A 74 -20.20 0.81 8.91
C ASN A 74 -20.28 -0.48 9.72
N ASN A 75 -19.25 -1.31 9.60
CA ASN A 75 -19.21 -2.58 10.32
C ASN A 75 -18.33 -2.45 11.58
N ASN A 76 -17.38 -1.52 11.54
CA ASN A 76 -16.49 -1.30 12.68
C ASN A 76 -15.61 -2.53 12.92
N ASN A 77 -15.32 -3.26 11.85
CA ASN A 77 -14.48 -4.45 11.95
C ASN A 77 -13.47 -4.50 10.81
N HIS A 78 -13.15 -3.33 10.25
CA HIS A 78 -12.19 -3.25 9.17
C HIS A 78 -11.16 -2.15 9.43
N THR A 79 -10.36 -1.83 8.43
CA THR A 79 -9.35 -0.79 8.56
C THR A 79 -8.83 -0.35 7.19
N GLY A 80 -9.07 0.91 6.85
CA GLY A 80 -8.63 1.44 5.58
C GLY A 80 -7.13 1.68 5.54
N VAL A 81 -6.43 0.91 4.71
CA VAL A 81 -4.98 1.04 4.59
C VAL A 81 -4.61 2.26 3.75
N ASP A 82 -3.63 3.02 4.24
CA ASP A 82 -3.17 4.21 3.53
C ASP A 82 -1.67 4.13 3.27
N SER A 83 -1.30 3.41 2.21
CA SER A 83 0.10 3.24 1.85
C SER A 83 0.45 3.99 0.57
N LEU A 84 1.70 3.90 0.15
CA LEU A 84 2.16 4.57 -1.06
C LEU A 84 3.07 3.67 -1.88
N CYS A 85 2.59 3.23 -3.04
CA CYS A 85 3.38 2.37 -3.92
C CYS A 85 4.60 3.12 -4.45
N ASN A 86 5.63 3.23 -3.62
CA ASN A 86 6.85 3.94 -4.00
C ASN A 86 7.61 3.19 -5.10
N PHE A 87 8.15 3.94 -6.05
CA PHE A 87 8.91 3.37 -7.15
C PHE A 87 10.26 4.06 -7.31
N SER A 88 11.15 3.42 -8.05
CA SER A 88 12.48 3.98 -8.27
C SER A 88 12.47 5.00 -9.41
N PRO A 89 13.34 6.01 -9.34
CA PRO A 89 13.42 7.06 -10.37
C PRO A 89 13.73 6.50 -11.74
N LEU A 90 14.41 5.35 -11.77
CA LEU A 90 14.77 4.70 -13.03
C LEU A 90 13.54 4.39 -13.86
N ALA A 91 12.43 4.10 -13.18
CA ALA A 91 11.18 3.78 -13.87
C ALA A 91 10.57 5.02 -14.51
N ARG A 92 9.41 4.86 -15.13
CA ARG A 92 8.72 5.97 -15.78
C ARG A 92 7.44 5.48 -16.45
N ARG A 93 7.47 4.27 -16.99
CA ARG A 93 6.31 3.70 -17.66
C ARG A 93 5.49 2.84 -16.70
N VAL A 94 5.39 3.28 -15.45
CA VAL A 94 4.63 2.55 -14.44
C VAL A 94 3.25 3.16 -14.25
N ASP A 95 2.22 2.46 -14.70
CA ASP A 95 0.85 2.93 -14.58
C ASP A 95 0.16 2.31 -13.37
N ARG A 96 -0.93 2.94 -12.93
CA ARG A 96 -1.67 2.46 -11.78
C ARG A 96 -2.16 1.03 -12.01
N VAL A 97 -2.55 0.73 -13.25
CA VAL A 97 -3.03 -0.60 -13.60
C VAL A 97 -1.97 -1.66 -13.33
N ALA A 98 -0.70 -1.27 -13.46
CA ALA A 98 0.41 -2.18 -13.23
C ALA A 98 0.41 -2.70 -11.80
N ILE A 99 0.57 -1.80 -10.85
CA ILE A 99 0.59 -2.17 -9.44
C ILE A 99 -0.78 -2.67 -8.97
N TYR A 100 -1.81 -2.36 -9.75
CA TYR A 100 -3.17 -2.77 -9.43
C TYR A 100 -3.41 -4.22 -9.84
N GLU A 101 -2.93 -4.58 -11.03
CA GLU A 101 -3.10 -5.94 -11.54
C GLU A 101 -2.09 -6.89 -10.91
N GLU A 102 -0.92 -6.36 -10.56
CA GLU A 102 0.13 -7.16 -9.96
C GLU A 102 -0.19 -7.49 -8.51
N PHE A 103 -0.88 -6.57 -7.84
CA PHE A 103 -1.24 -6.75 -6.44
C PHE A 103 -2.43 -7.71 -6.31
N LEU A 104 -3.47 -7.47 -7.11
CA LEU A 104 -4.66 -8.31 -7.08
C LEU A 104 -4.32 -9.74 -7.48
N ARG A 105 -3.44 -9.89 -8.47
CA ARG A 105 -3.04 -11.21 -8.95
C ARG A 105 -2.39 -12.01 -7.84
N MET A 106 -1.63 -11.32 -6.98
CA MET A 106 -0.94 -11.98 -5.87
C MET A 106 -1.89 -12.19 -4.70
N THR A 107 -2.87 -11.31 -4.57
CA THR A 107 -3.84 -11.40 -3.48
C THR A 107 -5.10 -12.13 -3.94
N HIS A 108 -4.97 -12.94 -4.99
CA HIS A 108 -6.11 -13.70 -5.51
C HIS A 108 -7.28 -12.78 -5.82
N ASN A 109 -7.15 -11.99 -6.88
CA ASN A 109 -8.20 -11.06 -7.30
C ASN A 109 -8.55 -10.10 -6.17
N GLY A 110 -7.55 -9.75 -5.36
CA GLY A 110 -7.77 -8.83 -4.26
C GLY A 110 -8.81 -9.34 -3.28
N THR A 111 -8.45 -10.39 -2.55
CA THR A 111 -9.37 -10.98 -1.57
C THR A 111 -8.65 -11.28 -0.27
N GLN A 112 -7.46 -11.87 -0.37
CA GLN A 112 -6.68 -12.22 0.81
C GLN A 112 -5.19 -11.96 0.57
N LEU A 113 -4.68 -10.89 1.17
CA LEU A 113 -3.27 -10.54 1.03
C LEU A 113 -2.41 -11.40 1.94
N LEU A 114 -1.84 -12.46 1.37
CA LEU A 114 -0.99 -13.39 2.13
C LEU A 114 -1.78 -14.04 3.25
N ASN A 115 -1.96 -13.33 4.35
CA ASN A 115 -2.70 -13.85 5.50
C ASN A 115 -3.64 -12.80 6.06
N PHE A 116 -4.22 -11.99 5.18
CA PHE A 116 -5.14 -10.94 5.59
C PHE A 116 -6.26 -10.77 4.58
N THR A 117 -7.46 -11.21 4.94
CA THR A 117 -8.62 -11.11 4.06
C THR A 117 -9.08 -9.66 3.95
N LEU A 118 -8.96 -9.09 2.75
CA LEU A 118 -9.38 -7.71 2.52
C LEU A 118 -10.29 -7.62 1.31
N ASP A 119 -11.05 -6.52 1.22
CA ASP A 119 -11.97 -6.31 0.12
C ASP A 119 -11.24 -5.81 -1.12
N ARG A 120 -11.88 -5.94 -2.28
CA ARG A 120 -11.29 -5.50 -3.54
C ARG A 120 -11.81 -4.12 -3.92
N LYS A 121 -13.11 -3.91 -3.74
CA LYS A 121 -13.74 -2.63 -4.08
C LYS A 121 -13.11 -1.49 -3.28
N SER A 122 -12.68 -1.81 -2.06
CA SER A 122 -12.05 -0.81 -1.20
C SER A 122 -10.68 -0.42 -1.71
N VAL A 123 -10.04 -1.32 -2.46
CA VAL A 123 -8.72 -1.07 -3.02
C VAL A 123 -8.73 0.18 -3.90
N PHE A 124 -7.58 0.83 -4.00
CA PHE A 124 -7.44 2.04 -4.81
C PHE A 124 -5.99 2.43 -4.96
N VAL A 125 -5.50 2.41 -6.19
CA VAL A 125 -4.11 2.77 -6.47
C VAL A 125 -4.04 3.94 -7.45
N ASP A 126 -4.24 5.14 -6.93
CA ASP A 126 -4.20 6.35 -7.75
C ASP A 126 -2.82 7.02 -7.66
N SER A 127 -2.41 7.65 -8.76
CA SER A 127 -1.13 8.34 -8.81
C SER A 127 -1.16 9.60 -7.95
N GLY A 128 -0.64 9.49 -6.74
CA GLY A 128 -0.61 10.62 -5.83
C GLY A 128 -1.99 11.23 -5.62
N PRO A 129 -2.13 12.57 -5.74
CA PRO A 129 -3.42 13.25 -5.56
C PRO A 129 -4.41 12.89 -6.65
N SER A 130 -3.98 12.97 -7.90
CA SER A 130 -4.82 12.66 -9.04
C SER A 130 -6.09 13.53 -9.03
N SER A 131 -5.94 14.77 -8.59
CA SER A 131 -7.07 15.70 -8.54
C SER A 131 -7.35 16.30 -9.91
N GLY A 132 -8.00 15.51 -10.77
CA GLY A 132 -8.32 15.98 -12.11
C GLY A 132 -9.55 15.31 -12.68
N GLY A 1 29.96 22.15 -12.31
CA GLY A 1 28.57 22.28 -11.80
C GLY A 1 27.93 20.94 -11.50
N SER A 2 27.28 20.36 -12.51
CA SER A 2 26.63 19.06 -12.34
C SER A 2 27.65 17.96 -12.07
N SER A 3 27.37 17.14 -11.06
CA SER A 3 28.27 16.05 -10.70
C SER A 3 27.65 14.70 -11.05
N GLY A 4 26.32 14.64 -10.97
CA GLY A 4 25.63 13.40 -11.28
C GLY A 4 24.35 13.63 -12.07
N SER A 5 24.43 14.46 -13.09
CA SER A 5 23.27 14.77 -13.93
C SER A 5 22.16 15.40 -13.10
N SER A 6 21.06 15.74 -13.76
CA SER A 6 19.92 16.35 -13.08
C SER A 6 18.84 15.32 -12.81
N GLY A 7 17.72 15.78 -12.24
CA GLY A 7 16.62 14.87 -11.93
C GLY A 7 15.40 15.61 -11.42
N SER A 8 15.58 16.48 -10.44
CA SER A 8 14.49 17.24 -9.86
C SER A 8 13.54 16.35 -9.09
N SER A 9 12.81 15.50 -9.83
CA SER A 9 11.85 14.59 -9.21
C SER A 9 12.04 13.17 -9.75
N SER A 10 12.68 12.32 -8.94
CA SER A 10 12.94 10.94 -9.33
C SER A 10 11.89 10.01 -8.72
N SER A 11 11.71 8.85 -9.34
CA SER A 11 10.74 7.87 -8.87
C SER A 11 9.33 8.45 -8.86
N GLN A 12 8.37 7.62 -8.45
CA GLN A 12 6.98 8.05 -8.40
C GLN A 12 6.27 7.46 -7.18
N HIS A 13 5.07 7.97 -6.89
CA HIS A 13 4.30 7.49 -5.74
C HIS A 13 2.83 7.31 -6.11
N PHE A 14 2.29 6.13 -5.82
CA PHE A 14 0.89 5.84 -6.11
C PHE A 14 0.13 5.55 -4.82
N ASN A 15 -0.75 6.48 -4.44
CA ASN A 15 -1.54 6.33 -3.22
C ASN A 15 -2.24 4.98 -3.16
N LEU A 16 -1.72 4.08 -2.32
CA LEU A 16 -2.30 2.75 -2.18
C LEU A 16 -3.44 2.76 -1.16
N ASN A 17 -4.52 2.05 -1.48
CA ASN A 17 -5.68 1.98 -0.60
C ASN A 17 -6.45 0.67 -0.78
N PHE A 18 -6.81 0.05 0.34
CA PHE A 18 -7.56 -1.20 0.31
C PHE A 18 -7.91 -1.65 1.72
N THR A 19 -9.20 -1.63 2.04
CA THR A 19 -9.68 -2.04 3.35
C THR A 19 -9.62 -3.55 3.53
N ILE A 20 -9.19 -3.98 4.71
CA ILE A 20 -9.09 -5.40 5.02
C ILE A 20 -10.28 -5.87 5.86
N THR A 21 -10.70 -7.12 5.65
CA THR A 21 -11.83 -7.68 6.39
C THR A 21 -11.35 -8.72 7.38
N ASN A 22 -10.16 -8.52 7.93
CA ASN A 22 -9.58 -9.44 8.90
C ASN A 22 -8.60 -8.72 9.81
N LEU A 23 -8.84 -7.44 10.06
CA LEU A 23 -7.99 -6.64 10.92
C LEU A 23 -8.81 -5.76 11.85
N PRO A 24 -9.09 -6.24 13.08
CA PRO A 24 -9.87 -5.48 14.06
C PRO A 24 -9.20 -4.18 14.46
N TYR A 25 -9.94 -3.08 14.35
CA TYR A 25 -9.42 -1.76 14.70
C TYR A 25 -9.60 -1.49 16.19
N SER A 26 -8.78 -0.58 16.71
CA SER A 26 -8.84 -0.23 18.13
C SER A 26 -8.15 1.10 18.39
N GLN A 27 -8.27 1.60 19.61
CA GLN A 27 -7.64 2.87 19.99
C GLN A 27 -6.13 2.80 19.82
N ASP A 28 -5.57 1.61 20.00
CA ASP A 28 -4.13 1.42 19.86
C ASP A 28 -3.67 1.76 18.46
N ILE A 29 -4.43 1.32 17.46
CA ILE A 29 -4.10 1.59 16.08
C ILE A 29 -4.15 3.08 15.76
N ALA A 30 -4.79 3.85 16.64
CA ALA A 30 -4.91 5.29 16.45
C ALA A 30 -3.81 6.04 17.20
N GLN A 31 -2.72 5.34 17.53
CA GLN A 31 -1.60 5.94 18.24
C GLN A 31 -0.34 5.08 18.11
N PRO A 32 0.70 5.60 17.46
CA PRO A 32 1.97 4.86 17.27
C PRO A 32 2.60 4.45 18.60
N SER A 33 2.20 5.12 19.68
CA SER A 33 2.73 4.83 21.00
C SER A 33 2.42 3.39 21.42
N THR A 34 1.28 2.88 20.96
CA THR A 34 0.87 1.51 21.29
C THR A 34 1.63 0.49 20.45
N THR A 35 1.55 -0.77 20.85
CA THR A 35 2.24 -1.85 20.15
C THR A 35 1.41 -2.32 18.95
N LYS A 36 0.10 -2.36 19.12
CA LYS A 36 -0.81 -2.79 18.06
C LYS A 36 -0.58 -2.01 16.78
N TYR A 37 -0.12 -0.77 16.93
CA TYR A 37 0.15 0.09 15.78
C TYR A 37 1.31 -0.44 14.96
N GLN A 38 2.47 -0.56 15.60
CA GLN A 38 3.67 -1.06 14.93
C GLN A 38 3.48 -2.50 14.47
N GLN A 39 2.76 -3.27 15.27
CA GLN A 39 2.50 -4.67 14.95
C GLN A 39 1.75 -4.80 13.62
N THR A 40 0.64 -4.08 13.50
CA THR A 40 -0.16 -4.10 12.29
C THR A 40 0.53 -3.35 11.16
N LYS A 41 1.17 -2.23 11.51
CA LYS A 41 1.89 -1.42 10.53
C LYS A 41 3.08 -2.18 9.94
N ARG A 42 3.69 -3.02 10.76
CA ARG A 42 4.83 -3.81 10.33
C ARG A 42 4.38 -5.06 9.58
N SER A 43 3.23 -5.60 9.97
CA SER A 43 2.69 -6.80 9.32
C SER A 43 2.42 -6.54 7.84
N ILE A 44 1.61 -5.52 7.56
CA ILE A 44 1.28 -5.18 6.18
C ILE A 44 2.52 -4.77 5.40
N GLU A 45 3.38 -3.99 6.05
CA GLU A 45 4.61 -3.52 5.42
C GLU A 45 5.48 -4.70 5.00
N ASN A 46 5.38 -5.80 5.75
CA ASN A 46 6.15 -7.00 5.47
C ASN A 46 5.54 -7.77 4.31
N ALA A 47 4.22 -7.85 4.29
CA ALA A 47 3.51 -8.56 3.23
C ALA A 47 3.68 -7.85 1.89
N LEU A 48 3.55 -6.53 1.90
CA LEU A 48 3.69 -5.74 0.68
C LEU A 48 5.10 -5.88 0.11
N ASN A 49 6.09 -5.90 0.99
CA ASN A 49 7.48 -6.03 0.57
C ASN A 49 7.71 -7.36 -0.13
N GLN A 50 6.99 -8.38 0.30
CA GLN A 50 7.12 -9.72 -0.27
C GLN A 50 6.31 -9.82 -1.57
N LEU A 51 5.30 -8.97 -1.71
CA LEU A 51 4.45 -8.97 -2.90
C LEU A 51 5.16 -8.27 -4.06
N PHE A 52 5.91 -7.21 -3.75
CA PHE A 52 6.62 -6.46 -4.76
C PHE A 52 7.76 -7.29 -5.36
N ARG A 53 8.58 -7.85 -4.49
CA ARG A 53 9.71 -8.67 -4.93
C ARG A 53 9.24 -9.84 -5.79
N ASN A 54 7.98 -10.24 -5.61
CA ASN A 54 7.42 -11.35 -6.38
C ASN A 54 6.56 -10.84 -7.53
N SER A 55 6.03 -9.63 -7.39
CA SER A 55 5.19 -9.04 -8.42
C SER A 55 5.92 -8.99 -9.76
N SER A 56 5.15 -8.82 -10.84
CA SER A 56 5.72 -8.76 -12.18
C SER A 56 6.73 -7.62 -12.29
N ILE A 57 6.62 -6.64 -11.40
CA ILE A 57 7.52 -5.50 -11.41
C ILE A 57 8.44 -5.53 -10.19
N LYS A 58 9.15 -6.63 -10.03
CA LYS A 58 10.07 -6.81 -8.90
C LYS A 58 11.47 -6.32 -9.26
N SER A 59 11.56 -5.40 -10.21
CA SER A 59 12.85 -4.86 -10.63
C SER A 59 12.83 -3.33 -10.64
N TYR A 60 11.87 -2.76 -9.90
CA TYR A 60 11.74 -1.31 -9.83
C TYR A 60 11.10 -0.90 -8.50
N PHE A 61 10.04 -1.59 -8.12
CA PHE A 61 9.33 -1.30 -6.87
C PHE A 61 10.29 -1.35 -5.68
N SER A 62 10.47 -0.20 -5.03
CA SER A 62 11.35 -0.09 -3.89
C SER A 62 10.70 -0.69 -2.64
N ASP A 63 9.72 0.03 -2.10
CA ASP A 63 9.02 -0.42 -0.90
C ASP A 63 7.67 0.28 -0.77
N CYS A 64 6.99 0.02 0.35
CA CYS A 64 5.69 0.63 0.60
C CYS A 64 5.73 1.55 1.81
N GLN A 65 5.03 2.67 1.73
CA GLN A 65 5.00 3.64 2.82
C GLN A 65 3.59 3.74 3.41
N VAL A 66 3.33 2.98 4.46
CA VAL A 66 2.03 2.98 5.11
C VAL A 66 1.79 4.31 5.83
N LEU A 67 0.79 5.06 5.36
CA LEU A 67 0.46 6.34 5.96
C LEU A 67 -0.24 6.15 7.30
N ALA A 68 -1.45 5.59 7.26
CA ALA A 68 -2.23 5.35 8.47
C ALA A 68 -3.33 4.33 8.23
N PHE A 69 -4.22 4.19 9.20
CA PHE A 69 -5.33 3.25 9.10
C PHE A 69 -6.67 3.96 9.25
N ARG A 70 -7.59 3.68 8.32
CA ARG A 70 -8.91 4.30 8.35
C ARG A 70 -9.91 3.40 9.08
N SER A 71 -10.41 3.89 10.21
CA SER A 71 -11.38 3.14 11.01
C SER A 71 -12.78 3.27 10.42
N VAL A 72 -13.29 2.17 9.88
CA VAL A 72 -14.62 2.15 9.28
C VAL A 72 -15.70 2.26 10.36
N SER A 73 -16.74 3.03 10.06
CA SER A 73 -17.85 3.23 11.01
C SER A 73 -18.97 2.23 10.73
N ASN A 74 -19.09 1.81 9.47
CA ASN A 74 -20.13 0.86 9.08
C ASN A 74 -20.03 -0.42 9.89
N ASN A 75 -18.80 -0.83 10.20
CA ASN A 75 -18.58 -2.04 10.98
C ASN A 75 -17.26 -1.96 11.74
N ASN A 76 -17.32 -2.23 13.04
CA ASN A 76 -16.13 -2.19 13.89
C ASN A 76 -15.35 -3.49 13.79
N ASN A 77 -14.64 -3.66 12.68
CA ASN A 77 -13.84 -4.86 12.45
C ASN A 77 -12.85 -4.65 11.32
N HIS A 78 -13.31 -4.04 10.23
CA HIS A 78 -12.46 -3.79 9.08
C HIS A 78 -11.57 -2.57 9.32
N THR A 79 -10.70 -2.29 8.35
CA THR A 79 -9.79 -1.16 8.47
C THR A 79 -9.23 -0.78 7.10
N GLY A 80 -9.24 0.53 6.80
CA GLY A 80 -8.73 0.99 5.53
C GLY A 80 -7.22 1.14 5.53
N VAL A 81 -6.56 0.39 4.64
CA VAL A 81 -5.11 0.42 4.54
C VAL A 81 -4.65 1.53 3.60
N ASP A 82 -4.36 2.70 4.17
CA ASP A 82 -3.90 3.84 3.38
C ASP A 82 -2.37 3.82 3.25
N SER A 83 -1.88 3.12 2.24
CA SER A 83 -0.45 3.02 2.01
C SER A 83 -0.03 3.80 0.78
N LEU A 84 1.26 3.74 0.44
CA LEU A 84 1.79 4.45 -0.71
C LEU A 84 2.77 3.57 -1.49
N CYS A 85 2.45 3.31 -2.76
CA CYS A 85 3.30 2.49 -3.60
C CYS A 85 4.60 3.21 -3.93
N ASN A 86 5.57 3.12 -3.02
CA ASN A 86 6.86 3.78 -3.21
C ASN A 86 7.69 3.05 -4.27
N PHE A 87 8.19 3.81 -5.24
CA PHE A 87 9.00 3.24 -6.32
C PHE A 87 10.40 3.82 -6.30
N SER A 88 11.28 3.27 -7.14
CA SER A 88 12.66 3.74 -7.23
C SER A 88 12.87 4.60 -8.47
N PRO A 89 13.99 5.32 -8.54
CA PRO A 89 14.29 6.19 -9.68
C PRO A 89 14.46 5.41 -10.98
N LEU A 90 14.97 4.18 -10.86
CA LEU A 90 15.18 3.33 -12.03
C LEU A 90 13.85 2.97 -12.69
N ALA A 91 12.77 2.99 -11.90
CA ALA A 91 11.45 2.67 -12.41
C ALA A 91 11.07 3.58 -13.58
N ARG A 92 10.36 3.02 -14.54
CA ARG A 92 9.94 3.76 -15.72
C ARG A 92 8.58 4.42 -15.49
N ARG A 93 7.92 4.84 -16.57
CA ARG A 93 6.63 5.49 -16.47
C ARG A 93 5.56 4.51 -15.98
N VAL A 94 5.62 4.17 -14.69
CA VAL A 94 4.66 3.24 -14.11
C VAL A 94 3.27 3.86 -14.02
N ASP A 95 2.25 3.01 -14.07
CA ASP A 95 0.87 3.48 -14.00
C ASP A 95 0.13 2.81 -12.84
N ARG A 96 -0.96 3.44 -12.40
CA ARG A 96 -1.75 2.92 -11.30
C ARG A 96 -2.28 1.52 -11.61
N VAL A 97 -2.50 1.25 -12.90
CA VAL A 97 -2.99 -0.05 -13.33
C VAL A 97 -1.95 -1.14 -13.13
N ALA A 98 -0.68 -0.75 -13.19
CA ALA A 98 0.42 -1.69 -13.01
C ALA A 98 0.41 -2.28 -11.61
N ILE A 99 0.60 -1.42 -10.61
CA ILE A 99 0.62 -1.86 -9.22
C ILE A 99 -0.75 -2.39 -8.79
N TYR A 100 -1.80 -2.00 -9.51
CA TYR A 100 -3.15 -2.44 -9.20
C TYR A 100 -3.41 -3.83 -9.75
N GLU A 101 -2.98 -4.07 -10.99
CA GLU A 101 -3.17 -5.36 -11.64
C GLU A 101 -2.32 -6.44 -10.98
N GLU A 102 -1.03 -6.14 -10.80
CA GLU A 102 -0.12 -7.10 -10.18
C GLU A 102 -0.58 -7.46 -8.76
N PHE A 103 -1.05 -6.46 -8.03
CA PHE A 103 -1.51 -6.68 -6.66
C PHE A 103 -2.70 -7.64 -6.65
N LEU A 104 -3.51 -7.61 -7.70
CA LEU A 104 -4.68 -8.48 -7.80
C LEU A 104 -4.26 -9.89 -8.20
N ARG A 105 -3.17 -9.99 -8.95
CA ARG A 105 -2.68 -11.28 -9.41
C ARG A 105 -2.08 -12.08 -8.25
N MET A 106 -1.54 -11.37 -7.27
CA MET A 106 -0.94 -12.00 -6.10
C MET A 106 -1.96 -12.18 -4.98
N THR A 107 -3.00 -11.35 -4.99
CA THR A 107 -4.03 -11.42 -3.97
C THR A 107 -5.22 -12.25 -4.44
N HIS A 108 -4.97 -13.15 -5.39
CA HIS A 108 -6.02 -14.02 -5.93
C HIS A 108 -7.23 -13.20 -6.38
N ASN A 109 -7.05 -12.41 -7.42
CA ASN A 109 -8.12 -11.57 -7.94
C ASN A 109 -8.62 -10.59 -6.88
N GLY A 110 -7.71 -10.18 -6.00
CA GLY A 110 -8.07 -9.25 -4.94
C GLY A 110 -9.07 -9.83 -3.98
N THR A 111 -8.58 -10.58 -3.00
CA THR A 111 -9.45 -11.20 -1.99
C THR A 111 -8.67 -11.51 -0.73
N GLN A 112 -7.49 -12.10 -0.88
CA GLN A 112 -6.66 -12.46 0.26
C GLN A 112 -5.20 -12.03 0.03
N LEU A 113 -4.75 -11.06 0.82
CA LEU A 113 -3.39 -10.55 0.71
C LEU A 113 -2.44 -11.37 1.59
N LEU A 114 -1.80 -12.37 0.99
CA LEU A 114 -0.87 -13.22 1.72
C LEU A 114 -1.58 -13.97 2.85
N ASN A 115 -1.79 -13.29 3.97
CA ASN A 115 -2.46 -13.89 5.11
C ASN A 115 -3.50 -12.94 5.69
N PHE A 116 -4.13 -12.16 4.82
CA PHE A 116 -5.16 -11.22 5.24
C PHE A 116 -6.25 -11.09 4.19
N THR A 117 -7.47 -11.46 4.54
CA THR A 117 -8.60 -11.38 3.62
C THR A 117 -9.14 -9.96 3.54
N LEU A 118 -9.04 -9.37 2.35
CA LEU A 118 -9.53 -8.00 2.14
C LEU A 118 -10.45 -7.94 0.93
N ASP A 119 -11.26 -6.87 0.87
CA ASP A 119 -12.21 -6.69 -0.23
C ASP A 119 -11.49 -6.20 -1.49
N ARG A 120 -12.10 -6.45 -2.64
CA ARG A 120 -11.53 -6.03 -3.92
C ARG A 120 -11.99 -4.61 -4.27
N LYS A 121 -13.29 -4.37 -4.16
CA LYS A 121 -13.86 -3.06 -4.46
C LYS A 121 -13.21 -1.98 -3.62
N SER A 122 -12.84 -2.33 -2.39
CA SER A 122 -12.20 -1.39 -1.48
C SER A 122 -10.81 -1.00 -1.98
N VAL A 123 -10.16 -1.94 -2.65
CA VAL A 123 -8.82 -1.70 -3.19
C VAL A 123 -8.85 -0.62 -4.26
N PHE A 124 -7.86 0.26 -4.23
CA PHE A 124 -7.76 1.35 -5.21
C PHE A 124 -6.43 2.07 -5.08
N VAL A 125 -5.80 2.35 -6.23
CA VAL A 125 -4.51 3.03 -6.24
C VAL A 125 -4.52 4.18 -7.25
N ASP A 126 -4.21 5.38 -6.77
CA ASP A 126 -4.18 6.56 -7.64
C ASP A 126 -2.75 7.10 -7.75
N SER A 127 -2.53 7.95 -8.76
CA SER A 127 -1.21 8.54 -8.98
C SER A 127 -1.01 9.75 -8.09
N GLY A 128 0.01 9.68 -7.23
CA GLY A 128 0.29 10.78 -6.33
C GLY A 128 0.75 12.03 -7.06
N PRO A 129 1.90 11.99 -7.73
CA PRO A 129 2.43 13.13 -8.48
C PRO A 129 1.59 13.47 -9.71
N SER A 130 2.13 14.31 -10.58
CA SER A 130 1.43 14.71 -11.79
C SER A 130 0.09 15.38 -11.46
N SER A 131 -0.51 16.02 -12.47
CA SER A 131 -1.78 16.70 -12.28
C SER A 131 -2.58 16.71 -13.58
N GLY A 132 -3.90 16.55 -13.45
CA GLY A 132 -4.75 16.54 -14.62
C GLY A 132 -6.16 16.09 -14.31
N GLY A 1 19.62 10.04 7.70
CA GLY A 1 19.67 9.59 6.30
C GLY A 1 20.25 10.64 5.37
N SER A 2 19.39 11.45 4.76
CA SER A 2 19.83 12.50 3.85
C SER A 2 19.44 13.88 4.38
N SER A 3 18.24 13.98 4.95
CA SER A 3 17.75 15.24 5.49
C SER A 3 17.50 16.25 4.39
N GLY A 4 18.57 16.75 3.78
CA GLY A 4 18.44 17.72 2.71
C GLY A 4 19.00 17.21 1.39
N SER A 5 18.23 16.42 0.68
CA SER A 5 18.66 15.87 -0.60
C SER A 5 18.17 16.73 -1.75
N SER A 6 18.50 16.32 -2.97
CA SER A 6 18.08 17.06 -4.17
C SER A 6 17.50 16.11 -5.21
N GLY A 7 17.00 16.68 -6.29
CA GLY A 7 16.41 15.87 -7.35
C GLY A 7 15.00 15.42 -7.04
N SER A 8 14.02 16.03 -7.69
CA SER A 8 12.62 15.68 -7.47
C SER A 8 11.84 15.68 -8.78
N SER A 9 12.48 15.21 -9.84
CA SER A 9 11.86 15.15 -11.15
C SER A 9 11.55 13.71 -11.56
N SER A 10 12.38 12.79 -11.09
CA SER A 10 12.21 11.37 -11.40
C SER A 10 11.38 10.69 -10.32
N SER A 11 11.27 9.35 -10.41
CA SER A 11 10.51 8.58 -9.45
C SER A 11 9.04 8.99 -9.45
N GLN A 12 8.17 8.09 -9.02
CA GLN A 12 6.74 8.36 -8.97
C GLN A 12 6.11 7.75 -7.72
N HIS A 13 4.98 8.31 -7.30
CA HIS A 13 4.28 7.82 -6.13
C HIS A 13 2.82 7.50 -6.46
N PHE A 14 2.42 6.25 -6.24
CA PHE A 14 1.06 5.82 -6.53
C PHE A 14 0.30 5.55 -5.23
N ASN A 15 -0.62 6.45 -4.89
CA ASN A 15 -1.42 6.32 -3.68
C ASN A 15 -2.08 4.94 -3.59
N LEU A 16 -1.63 4.14 -2.63
CA LEU A 16 -2.17 2.80 -2.43
C LEU A 16 -3.24 2.82 -1.34
N ASN A 17 -4.41 2.29 -1.65
CA ASN A 17 -5.50 2.26 -0.68
C ASN A 17 -6.32 0.98 -0.82
N PHE A 18 -6.76 0.45 0.32
CA PHE A 18 -7.55 -0.77 0.34
C PHE A 18 -7.94 -1.14 1.78
N THR A 19 -9.23 -1.21 2.05
CA THR A 19 -9.72 -1.54 3.38
C THR A 19 -9.56 -3.02 3.67
N ILE A 20 -9.11 -3.33 4.89
CA ILE A 20 -8.91 -4.71 5.30
C ILE A 20 -10.00 -5.16 6.28
N THR A 21 -10.76 -6.18 5.88
CA THR A 21 -11.84 -6.70 6.72
C THR A 21 -11.29 -7.54 7.87
N ASN A 22 -10.09 -8.08 7.68
CA ASN A 22 -9.45 -8.90 8.70
C ASN A 22 -8.54 -8.05 9.60
N LEU A 23 -9.06 -6.89 10.02
CA LEU A 23 -8.31 -5.99 10.88
C LEU A 23 -9.25 -4.99 11.57
N PRO A 24 -9.76 -5.36 12.76
CA PRO A 24 -10.67 -4.50 13.51
C PRO A 24 -9.98 -3.22 14.01
N TYR A 25 -10.58 -2.07 13.70
CA TYR A 25 -10.04 -0.79 14.11
C TYR A 25 -10.34 -0.51 15.57
N SER A 26 -9.42 -0.90 16.46
CA SER A 26 -9.59 -0.69 17.89
C SER A 26 -8.62 0.36 18.41
N GLN A 27 -8.73 0.67 19.69
CA GLN A 27 -7.85 1.66 20.30
C GLN A 27 -6.39 1.24 20.19
N ASP A 28 -6.14 -0.06 20.17
CA ASP A 28 -4.79 -0.59 20.06
C ASP A 28 -4.14 -0.14 18.75
N ILE A 29 -4.97 0.06 17.72
CA ILE A 29 -4.46 0.49 16.42
C ILE A 29 -4.42 2.02 16.32
N ALA A 30 -4.59 2.70 17.45
CA ALA A 30 -4.57 4.15 17.47
C ALA A 30 -3.54 4.67 18.48
N GLN A 31 -2.58 3.83 18.83
CA GLN A 31 -1.55 4.20 19.79
C GLN A 31 -0.30 3.32 19.62
N PRO A 32 0.80 3.89 19.09
CA PRO A 32 2.04 3.14 18.87
C PRO A 32 2.54 2.46 20.13
N SER A 33 2.11 2.97 21.29
CA SER A 33 2.51 2.40 22.57
C SER A 33 2.14 0.92 22.67
N THR A 34 1.08 0.54 21.96
CA THR A 34 0.61 -0.84 21.96
C THR A 34 1.34 -1.66 20.90
N THR A 35 1.23 -2.98 21.01
CA THR A 35 1.88 -3.88 20.07
C THR A 35 1.04 -4.07 18.81
N LYS A 36 -0.28 -3.97 18.96
CA LYS A 36 -1.19 -4.13 17.84
C LYS A 36 -0.90 -3.12 16.74
N TYR A 37 -0.55 -1.89 17.14
CA TYR A 37 -0.25 -0.83 16.19
C TYR A 37 1.07 -1.11 15.48
N GLN A 38 2.09 -1.47 16.25
CA GLN A 38 3.41 -1.75 15.69
C GLN A 38 3.40 -3.06 14.91
N GLN A 39 2.56 -3.99 15.34
CA GLN A 39 2.44 -5.29 14.67
C GLN A 39 1.76 -5.15 13.31
N THR A 40 0.54 -4.62 13.32
CA THR A 40 -0.22 -4.44 12.10
C THR A 40 0.54 -3.57 11.10
N LYS A 41 1.16 -2.51 11.59
CA LYS A 41 1.92 -1.61 10.74
C LYS A 41 3.06 -2.34 10.04
N ARG A 42 3.85 -3.07 10.82
CA ARG A 42 4.98 -3.83 10.28
C ARG A 42 4.49 -4.97 9.39
N SER A 43 3.37 -5.57 9.77
CA SER A 43 2.80 -6.68 9.01
C SER A 43 2.44 -6.24 7.60
N ILE A 44 1.74 -5.11 7.49
CA ILE A 44 1.34 -4.58 6.19
C ILE A 44 2.54 -4.09 5.40
N GLU A 45 3.36 -3.26 6.03
CA GLU A 45 4.55 -2.71 5.39
C GLU A 45 5.50 -3.83 4.95
N ASN A 46 5.60 -4.86 5.78
CA ASN A 46 6.48 -5.99 5.48
C ASN A 46 5.87 -6.86 4.37
N ALA A 47 4.56 -7.05 4.42
CA ALA A 47 3.87 -7.86 3.43
C ALA A 47 3.91 -7.19 2.05
N LEU A 48 3.77 -5.86 2.03
CA LEU A 48 3.80 -5.11 0.79
C LEU A 48 5.16 -5.20 0.12
N ASN A 49 6.21 -4.95 0.89
CA ASN A 49 7.57 -5.00 0.36
C ASN A 49 7.92 -6.41 -0.11
N GLN A 50 7.33 -7.42 0.54
CA GLN A 50 7.57 -8.80 0.18
C GLN A 50 6.77 -9.19 -1.06
N LEU A 51 5.62 -8.54 -1.24
CA LEU A 51 4.76 -8.82 -2.38
C LEU A 51 5.39 -8.29 -3.68
N PHE A 52 5.98 -7.10 -3.59
CA PHE A 52 6.61 -6.49 -4.75
C PHE A 52 7.81 -7.31 -5.23
N ARG A 53 8.63 -7.76 -4.28
CA ARG A 53 9.80 -8.57 -4.61
C ARG A 53 9.41 -9.81 -5.39
N ASN A 54 8.19 -10.29 -5.17
CA ASN A 54 7.70 -11.48 -5.86
C ASN A 54 6.85 -11.10 -7.08
N SER A 55 6.28 -9.89 -7.05
CA SER A 55 5.45 -9.40 -8.14
C SER A 55 6.19 -9.49 -9.47
N SER A 56 5.44 -9.31 -10.56
CA SER A 56 6.03 -9.37 -11.90
C SER A 56 7.03 -8.23 -12.11
N ILE A 57 6.77 -7.10 -11.46
CA ILE A 57 7.65 -5.94 -11.57
C ILE A 57 8.63 -5.88 -10.42
N LYS A 58 9.25 -7.00 -10.12
CA LYS A 58 10.22 -7.08 -9.02
C LYS A 58 11.60 -6.59 -9.48
N SER A 59 11.65 -5.34 -9.92
CA SER A 59 12.90 -4.74 -10.39
C SER A 59 12.90 -3.23 -10.18
N TYR A 60 11.80 -2.59 -10.58
CA TYR A 60 11.67 -1.15 -10.45
C TYR A 60 10.95 -0.79 -9.15
N PHE A 61 10.05 -1.67 -8.71
CA PHE A 61 9.31 -1.43 -7.48
C PHE A 61 10.24 -1.29 -6.29
N SER A 62 10.26 -0.09 -5.70
CA SER A 62 11.11 0.18 -4.56
C SER A 62 10.48 -0.34 -3.28
N ASP A 63 9.37 0.28 -2.86
CA ASP A 63 8.67 -0.13 -1.65
C ASP A 63 7.41 0.72 -1.45
N CYS A 64 6.68 0.42 -0.38
CA CYS A 64 5.45 1.15 -0.08
C CYS A 64 5.63 2.04 1.14
N GLN A 65 4.79 3.05 1.26
CA GLN A 65 4.87 3.99 2.38
C GLN A 65 3.53 4.06 3.11
N VAL A 66 3.41 3.30 4.19
CA VAL A 66 2.19 3.27 4.98
C VAL A 66 1.96 4.61 5.69
N LEU A 67 1.03 5.40 5.17
CA LEU A 67 0.73 6.70 5.75
C LEU A 67 -0.02 6.55 7.07
N ALA A 68 -1.20 5.94 7.01
CA ALA A 68 -2.02 5.72 8.21
C ALA A 68 -3.26 4.91 7.89
N PHE A 69 -4.02 4.57 8.93
CA PHE A 69 -5.23 3.78 8.76
C PHE A 69 -6.46 4.67 8.82
N ARG A 70 -7.41 4.42 7.93
CA ARG A 70 -8.65 5.20 7.87
C ARG A 70 -9.80 4.44 8.53
N SER A 71 -10.15 4.85 9.75
CA SER A 71 -11.23 4.20 10.49
C SER A 71 -12.54 4.29 9.72
N VAL A 72 -13.44 3.34 9.98
CA VAL A 72 -14.73 3.30 9.31
C VAL A 72 -15.87 3.35 10.32
N SER A 73 -16.96 4.01 9.94
CA SER A 73 -18.13 4.13 10.81
C SER A 73 -19.12 3.00 10.56
N ASN A 74 -19.22 2.57 9.30
CA ASN A 74 -20.13 1.49 8.92
C ASN A 74 -19.79 0.22 9.67
N ASN A 75 -18.64 -0.37 9.33
CA ASN A 75 -18.20 -1.61 9.97
C ASN A 75 -16.85 -1.40 10.65
N ASN A 76 -16.89 -1.17 11.96
CA ASN A 76 -15.68 -0.97 12.74
C ASN A 76 -14.69 -2.12 12.56
N ASN A 77 -15.22 -3.30 12.27
CA ASN A 77 -14.40 -4.49 12.07
C ASN A 77 -13.38 -4.26 10.94
N HIS A 78 -13.75 -3.40 9.99
CA HIS A 78 -12.87 -3.10 8.87
C HIS A 78 -11.93 -1.93 9.20
N THR A 79 -10.92 -1.73 8.36
CA THR A 79 -9.97 -0.65 8.56
C THR A 79 -9.33 -0.24 7.23
N GLY A 80 -9.46 1.04 6.88
CA GLY A 80 -8.90 1.53 5.65
C GLY A 80 -7.40 1.67 5.71
N VAL A 81 -6.71 1.21 4.66
CA VAL A 81 -5.26 1.29 4.60
C VAL A 81 -4.81 2.42 3.67
N ASP A 82 -3.98 3.31 4.21
CA ASP A 82 -3.47 4.44 3.43
C ASP A 82 -1.99 4.27 3.15
N SER A 83 -1.66 3.53 2.10
CA SER A 83 -0.28 3.29 1.71
C SER A 83 0.09 4.02 0.43
N LEU A 84 1.36 4.00 0.07
CA LEU A 84 1.83 4.67 -1.14
C LEU A 84 2.77 3.76 -1.93
N CYS A 85 2.32 3.32 -3.10
CA CYS A 85 3.12 2.46 -3.96
C CYS A 85 4.29 3.24 -4.56
N ASN A 86 5.31 3.51 -3.75
CA ASN A 86 6.48 4.26 -4.20
C ASN A 86 7.32 3.43 -5.16
N PHE A 87 8.07 4.12 -6.01
CA PHE A 87 8.93 3.43 -6.98
C PHE A 87 10.25 4.18 -7.14
N SER A 88 11.28 3.46 -7.58
CA SER A 88 12.60 4.06 -7.78
C SER A 88 12.55 5.14 -8.85
N PRO A 89 13.61 5.96 -8.94
CA PRO A 89 13.68 7.05 -9.94
C PRO A 89 13.80 6.52 -11.36
N LEU A 90 14.61 5.47 -11.53
CA LEU A 90 14.81 4.87 -12.84
C LEU A 90 13.49 4.37 -13.42
N ALA A 91 12.56 4.01 -12.55
CA ALA A 91 11.25 3.51 -12.98
C ALA A 91 10.54 4.54 -13.85
N ARG A 92 10.59 4.34 -15.16
CA ARG A 92 9.95 5.24 -16.11
C ARG A 92 8.89 4.51 -16.93
N ARG A 93 8.27 3.50 -16.32
CA ARG A 93 7.24 2.72 -17.00
C ARG A 93 6.44 1.90 -15.99
N VAL A 94 5.64 2.58 -15.18
CA VAL A 94 4.81 1.92 -14.18
C VAL A 94 3.41 2.51 -14.14
N ASP A 95 2.46 1.82 -14.77
CA ASP A 95 1.08 2.27 -14.81
C ASP A 95 0.36 1.96 -13.50
N ARG A 96 -0.72 2.68 -13.25
CA ARG A 96 -1.50 2.48 -12.02
C ARG A 96 -2.16 1.11 -12.01
N VAL A 97 -2.50 0.60 -13.20
CA VAL A 97 -3.13 -0.70 -13.33
C VAL A 97 -2.12 -1.83 -13.08
N ALA A 98 -0.85 -1.55 -13.36
CA ALA A 98 0.20 -2.55 -13.17
C ALA A 98 0.25 -3.03 -11.72
N ILE A 99 0.47 -2.10 -10.80
CA ILE A 99 0.53 -2.44 -9.38
C ILE A 99 -0.82 -2.92 -8.87
N TYR A 100 -1.88 -2.52 -9.55
CA TYR A 100 -3.23 -2.91 -9.16
C TYR A 100 -3.51 -4.36 -9.55
N GLU A 101 -3.11 -4.74 -10.75
CA GLU A 101 -3.31 -6.10 -11.24
C GLU A 101 -2.35 -7.07 -10.57
N GLU A 102 -1.08 -6.69 -10.49
CA GLU A 102 -0.06 -7.54 -9.87
C GLU A 102 -0.36 -7.76 -8.39
N PHE A 103 -1.00 -6.77 -7.76
CA PHE A 103 -1.34 -6.87 -6.35
C PHE A 103 -2.53 -7.81 -6.14
N LEU A 104 -3.51 -7.74 -7.02
CA LEU A 104 -4.69 -8.58 -6.94
C LEU A 104 -4.37 -10.03 -7.28
N ARG A 105 -3.42 -10.21 -8.19
CA ARG A 105 -3.01 -11.55 -8.62
C ARG A 105 -2.34 -12.31 -7.47
N MET A 106 -1.61 -11.58 -6.63
CA MET A 106 -0.92 -12.17 -5.50
C MET A 106 -1.83 -12.30 -4.29
N THR A 107 -2.89 -11.49 -4.25
CA THR A 107 -3.84 -11.51 -3.15
C THR A 107 -5.05 -12.37 -3.50
N HIS A 108 -4.83 -13.43 -4.28
CA HIS A 108 -5.90 -14.33 -4.67
C HIS A 108 -7.02 -13.57 -5.39
N ASN A 109 -6.66 -12.89 -6.48
CA ASN A 109 -7.63 -12.13 -7.26
C ASN A 109 -8.25 -11.02 -6.42
N GLY A 110 -7.43 -10.37 -5.60
CA GLY A 110 -7.92 -9.30 -4.75
C GLY A 110 -8.93 -9.78 -3.73
N THR A 111 -8.44 -10.43 -2.68
CA THR A 111 -9.30 -10.95 -1.62
C THR A 111 -8.53 -11.12 -0.32
N GLN A 112 -7.35 -11.71 -0.41
CA GLN A 112 -6.51 -11.95 0.76
C GLN A 112 -5.04 -11.60 0.48
N LEU A 113 -4.54 -10.59 1.16
CA LEU A 113 -3.16 -10.16 1.00
C LEU A 113 -2.23 -10.98 1.88
N LEU A 114 -1.65 -12.04 1.32
CA LEU A 114 -0.76 -12.91 2.06
C LEU A 114 -1.47 -13.59 3.23
N ASN A 115 -1.63 -12.85 4.32
CA ASN A 115 -2.30 -13.38 5.50
C ASN A 115 -3.32 -12.38 6.05
N PHE A 116 -4.07 -11.75 5.14
CA PHE A 116 -5.08 -10.78 5.54
C PHE A 116 -6.18 -10.67 4.47
N THR A 117 -7.40 -11.02 4.86
CA THR A 117 -8.54 -10.96 3.95
C THR A 117 -9.09 -9.55 3.85
N LEU A 118 -8.96 -8.94 2.68
CA LEU A 118 -9.45 -7.59 2.45
C LEU A 118 -10.35 -7.52 1.22
N ASP A 119 -11.17 -6.49 1.15
CA ASP A 119 -12.08 -6.30 0.02
C ASP A 119 -11.31 -6.08 -1.28
N ARG A 120 -12.04 -6.03 -2.38
CA ARG A 120 -11.43 -5.82 -3.70
C ARG A 120 -11.82 -4.47 -4.26
N LYS A 121 -13.12 -4.18 -4.26
CA LYS A 121 -13.63 -2.92 -4.79
C LYS A 121 -13.03 -1.74 -4.03
N SER A 122 -12.87 -1.89 -2.72
CA SER A 122 -12.30 -0.85 -1.89
C SER A 122 -10.90 -0.48 -2.35
N VAL A 123 -10.19 -1.44 -2.91
CA VAL A 123 -8.84 -1.23 -3.40
C VAL A 123 -8.82 -0.21 -4.54
N PHE A 124 -7.82 0.66 -4.53
CA PHE A 124 -7.69 1.68 -5.56
C PHE A 124 -6.31 2.32 -5.53
N VAL A 125 -5.63 2.31 -6.67
CA VAL A 125 -4.29 2.89 -6.76
C VAL A 125 -4.22 3.91 -7.90
N ASP A 126 -3.93 5.16 -7.55
CA ASP A 126 -3.83 6.23 -8.54
C ASP A 126 -2.51 6.98 -8.39
N SER A 127 -2.16 7.76 -9.40
CA SER A 127 -0.93 8.53 -9.39
C SER A 127 -1.05 9.74 -8.46
N GLY A 128 -0.32 9.70 -7.35
CA GLY A 128 -0.38 10.80 -6.39
C GLY A 128 0.05 12.12 -7.01
N PRO A 129 1.29 12.57 -6.74
CA PRO A 129 1.80 13.84 -7.29
C PRO A 129 2.08 13.76 -8.78
N SER A 130 2.00 12.56 -9.34
CA SER A 130 2.25 12.36 -10.77
C SER A 130 3.71 12.63 -11.11
N SER A 131 4.18 12.03 -12.20
CA SER A 131 5.56 12.21 -12.63
C SER A 131 5.78 13.63 -13.16
N GLY A 132 5.85 14.60 -12.25
CA GLY A 132 6.06 15.98 -12.64
C GLY A 132 4.91 16.88 -12.22
#